data_5N2K
#
_entry.id   5N2K
#
_cell.length_a   85.250
_cell.length_b   172.540
_cell.length_c   138.159
_cell.angle_alpha   90.00
_cell.angle_beta   106.16
_cell.angle_gamma   90.00
#
_symmetry.space_group_name_H-M   'P 1 21 1'
#
loop_
_entity.id
_entity.type
_entity.pdbx_description
1 polymer 'Briakinumab FAb light chain'
2 polymer 'Briakinumab FAb heavy chain'
3 polymer 'Briakinumab FAb light chain'
4 polymer 'Briakinumab FAb heavy chain'
5 non-polymer 1,2-ETHANEDIOL
6 water water
#
loop_
_entity_poly.entity_id
_entity_poly.type
_entity_poly.pdbx_seq_one_letter_code
_entity_poly.pdbx_strand_id
1 'polypeptide(L)'
;MGILPSPGMPALLSLVSLLSVLLMGCVAQSVLTQPPSVSGAPGQRVTISCSGSRSNIGSNTVKWYQQLPGTAPKLLIYYN
DQRPSGVPDRFSGSKSGTSASLAITGLQAEDEADYYCQSYDRYTHPALLFGTGTKVTVLGQPKAAPSVTLFPPSSEELQA
NKATLVCLISDFYPGAVTVAWKADSSPVKAGVETTTPSKQSNNKYAASSYLSLTPEQWKSHRSYSCQVTHEGSTVEKTVA
PTECS
;
A,C,E,I,K,M,O
2 'polypeptide(L)'
;MGILPSPGMPALLSLVSLLSVLLMGCVAQVQLVESGGGVVQPGRSLRLSCAASGFTFSSYGMHWVRQAPGKGLEWVAFIR
YDGSNKYYADSVKGRFTISRDNSKNTLYLQMNSLRAEDTAVYYCKTHGSHDNWGQGTMVTVSSASTKGPSVFPLAPSSKS
TSGGTAALGCLVKDYFPEPVTVSWNSGALTSGVHTFPAVLQSSGLYSLSSVVTVPSSSLGTQTYICNVNHKPSNTKVDKK
VEPKSCDKGTSGLVPRGSGGSGGSGLNDIFEAQKIEWHEGRTKHHHHHH
;
B,D,F,H,L,N,P
3 'polypeptide(L)'
;MGILPSPGMPALLSLVSLLSVLLMGCVA(PCA)SVLTQPPSVSGAPGQRVTISCSGSRSNIGSNTVKWYQQLPGTAPKLL
IYYNDQRPSGVPDRFSGSKSGTSASLAITGLQAEDEADYYCQSYDRYTHPALLFGTGTKVTVLGQPKAAPSVTLFPPSSE
ELQANKATLVCLISDFYPGAVTVAWKADSSPVKAGVETTTPSKQSNNKYAASSYLSLTPEQWKSHRSYSCQVTHEGSTVE
KTVAPTECS
;
G
4 'polypeptide(L)'
;MGILPSPGMPALLSLVSLLSVLLMGCVA(PCA)VQLVESGGGVVQPGRSLRLSCAASGFTFSSYGMHWVRQAPGKGLEWV
AFIRYDGSNKYYADSVKGRFTISRDNSKNTLYLQMNSLRAEDTAVYYCKTHGSHDNWGQGTMVTVSSASTKGPSVFPLAP
SSKSTSGGTAALGCLVKDYFPEPVTVSWNSGALTSGVHTFPAVLQSSGLYSLSSVVTVPSSSLGTQTYICNVNHKPSNTK
VDKKVEPKSCDKGTSGLVPRGSGGSGGSGLNDIFEAQKIEWHEGRTKHHHHHH
;
J
#
# COMPACT_ATOMS: atom_id res chain seq x y z
N GLN A 29 -31.57 49.36 50.37
CA GLN A 29 -31.14 49.79 51.73
C GLN A 29 -30.29 48.70 52.38
N SER A 30 -30.92 47.55 52.67
CA SER A 30 -30.19 46.43 53.25
C SER A 30 -29.31 45.76 52.19
N VAL A 31 -28.13 45.34 52.60
CA VAL A 31 -27.14 44.75 51.69
C VAL A 31 -26.84 43.33 52.14
N LEU A 32 -26.79 42.42 51.18
CA LEU A 32 -26.33 41.05 51.41
C LEU A 32 -24.91 40.96 50.86
N THR A 33 -23.93 40.94 51.76
CA THR A 33 -22.54 41.02 51.35
C THR A 33 -22.03 39.64 50.94
N GLN A 34 -21.46 39.58 49.75
CA GLN A 34 -20.79 38.39 49.23
C GLN A 34 -19.33 38.72 48.95
N PRO A 35 -18.45 37.72 48.94
CA PRO A 35 -17.07 37.97 48.53
C PRO A 35 -16.99 38.29 47.05
N PRO A 36 -16.19 39.28 46.66
CA PRO A 36 -16.13 39.62 45.22
C PRO A 36 -15.62 38.47 44.37
N SER A 37 -14.66 37.70 44.87
CA SER A 37 -14.00 36.66 44.09
C SER A 37 -13.71 35.45 44.96
N VAL A 38 -14.02 34.26 44.43
CA VAL A 38 -13.59 33.00 45.03
C VAL A 38 -13.06 32.15 43.89
N SER A 39 -12.07 31.32 44.19
CA SER A 39 -11.43 30.54 43.15
C SER A 39 -10.97 29.20 43.70
N GLY A 40 -10.88 28.23 42.81
CA GLY A 40 -10.36 26.92 43.14
C GLY A 40 -10.04 26.18 41.87
N ALA A 41 -9.17 25.19 41.99
CA ALA A 41 -8.81 24.38 40.85
C ALA A 41 -9.93 23.40 40.53
N PRO A 42 -9.97 22.86 39.33
CA PRO A 42 -10.97 21.83 39.01
C PRO A 42 -10.89 20.69 40.01
N GLY A 43 -12.07 20.29 40.51
CA GLY A 43 -12.16 19.23 41.49
C GLY A 43 -12.09 19.69 42.93
N GLN A 44 -11.76 20.94 43.19
CA GLN A 44 -11.69 21.47 44.55
C GLN A 44 -13.06 21.97 45.00
N ARG A 45 -13.18 22.18 46.30
CA ARG A 45 -14.40 22.67 46.93
C ARG A 45 -14.23 24.14 47.28
N VAL A 46 -15.22 24.95 46.89
CA VAL A 46 -15.24 26.36 47.24
C VAL A 46 -16.58 26.68 47.87
N THR A 47 -16.60 27.72 48.69
CA THR A 47 -17.82 28.19 49.33
C THR A 47 -17.96 29.69 49.11
N ILE A 48 -19.21 30.13 48.97
CA ILE A 48 -19.54 31.53 48.76
C ILE A 48 -20.45 31.96 49.89
N SER A 49 -20.00 32.94 50.67
CA SER A 49 -20.76 33.43 51.81
C SER A 49 -21.70 34.56 51.38
N CYS A 50 -22.78 34.71 52.14
CA CYS A 50 -23.81 35.73 51.90
C CYS A 50 -24.24 36.22 53.27
N SER A 51 -23.71 37.38 53.69
CA SER A 51 -23.94 37.90 55.02
C SER A 51 -25.04 38.95 55.00
N GLY A 52 -26.03 38.79 55.88
CA GLY A 52 -27.13 39.72 56.00
C GLY A 52 -27.32 40.13 57.45
N SER A 53 -28.59 40.35 57.80
CA SER A 53 -28.97 40.76 59.15
C SER A 53 -30.12 39.89 59.63
N ARG A 54 -30.53 40.13 60.88
CA ARG A 54 -31.66 39.38 61.44
C ARG A 54 -32.93 39.62 60.65
N SER A 55 -33.10 40.83 60.10
CA SER A 55 -34.33 41.16 59.41
C SER A 55 -34.49 40.36 58.13
N ASN A 56 -33.41 40.19 57.36
CA ASN A 56 -33.53 39.52 56.07
C ASN A 56 -33.16 38.04 56.19
N ILE A 57 -31.88 37.71 56.04
CA ILE A 57 -31.48 36.29 56.03
C ILE A 57 -31.89 35.61 57.34
N GLY A 58 -31.83 36.35 58.44
CA GLY A 58 -32.22 35.78 59.72
C GLY A 58 -33.70 35.44 59.82
N SER A 59 -34.53 36.02 58.95
CA SER A 59 -35.97 35.84 59.02
C SER A 59 -36.59 35.36 57.72
N ASN A 60 -35.79 35.06 56.69
CA ASN A 60 -36.33 34.67 55.40
C ASN A 60 -35.45 33.60 54.76
N THR A 61 -36.01 32.93 53.75
CA THR A 61 -35.26 31.94 52.99
C THR A 61 -34.35 32.62 51.98
N VAL A 62 -33.41 31.85 51.46
CA VAL A 62 -32.37 32.36 50.56
C VAL A 62 -32.40 31.58 49.26
N LYS A 63 -32.24 32.28 48.16
CA LYS A 63 -32.03 31.70 46.85
C LYS A 63 -30.60 31.98 46.38
N TRP A 64 -30.12 31.15 45.46
CA TRP A 64 -28.83 31.37 44.81
C TRP A 64 -29.04 31.29 43.31
N TYR A 65 -28.40 32.21 42.59
CA TYR A 65 -28.49 32.27 41.14
C TYR A 65 -27.11 32.18 40.52
N GLN A 66 -27.05 31.52 39.37
CA GLN A 66 -25.84 31.47 38.55
C GLN A 66 -26.08 32.31 37.30
N GLN A 67 -25.10 33.15 36.96
CA GLN A 67 -25.20 33.99 35.77
C GLN A 67 -23.93 33.84 34.94
N LEU A 68 -24.09 33.33 33.73
CA LEU A 68 -23.03 33.27 32.75
C LEU A 68 -22.99 34.56 31.93
N PRO A 69 -21.89 34.84 31.25
CA PRO A 69 -21.79 36.08 30.48
C PRO A 69 -22.93 36.22 29.47
N GLY A 70 -23.56 37.38 29.46
CA GLY A 70 -24.55 37.72 28.45
C GLY A 70 -25.87 36.99 28.56
N THR A 71 -26.16 36.36 29.70
CA THR A 71 -27.42 35.65 29.88
C THR A 71 -28.03 36.01 31.22
N ALA A 72 -29.32 35.72 31.36
CA ALA A 72 -30.03 36.02 32.59
C ALA A 72 -29.62 35.06 33.70
N PRO A 73 -29.76 35.48 34.95
CA PRO A 73 -29.45 34.56 36.06
C PRO A 73 -30.28 33.28 35.97
N LYS A 74 -29.72 32.21 36.51
CA LYS A 74 -30.34 30.89 36.50
C LYS A 74 -30.43 30.39 37.94
N LEU A 75 -31.60 29.90 38.32
CA LEU A 75 -31.82 29.47 39.69
C LEU A 75 -31.02 28.20 39.99
N LEU A 76 -30.19 28.27 41.03
CA LEU A 76 -29.43 27.11 41.53
C LEU A 76 -30.04 26.52 42.80
N ILE A 77 -30.38 27.37 43.75
CA ILE A 77 -30.88 26.94 45.07
C ILE A 77 -32.08 27.79 45.43
N TYR A 78 -33.10 27.15 46.00
CA TYR A 78 -34.23 27.86 46.60
C TYR A 78 -34.55 27.22 47.94
N TYR A 79 -35.30 27.94 48.76
CA TYR A 79 -35.59 27.51 50.13
C TYR A 79 -34.32 27.09 50.85
N ASN A 80 -33.28 27.91 50.72
CA ASN A 80 -32.02 27.72 51.44
C ASN A 80 -31.16 26.61 50.86
N ASP A 81 -31.76 25.45 50.54
CA ASP A 81 -30.97 24.30 50.14
C ASP A 81 -31.66 23.40 49.13
N GLN A 82 -32.74 23.83 48.49
CA GLN A 82 -33.41 22.99 47.50
C GLN A 82 -32.84 23.27 46.11
N ARG A 83 -32.59 22.20 45.39
CA ARG A 83 -32.07 22.28 44.03
C ARG A 83 -33.21 22.08 43.04
N PRO A 84 -33.42 22.98 42.08
CA PRO A 84 -34.38 22.68 41.01
C PRO A 84 -33.94 21.48 40.20
N SER A 85 -34.87 20.91 39.46
CA SER A 85 -34.56 19.81 38.56
C SER A 85 -33.49 20.24 37.56
N GLY A 86 -32.44 19.44 37.44
CA GLY A 86 -31.39 19.69 36.47
C GLY A 86 -30.16 20.37 37.03
N VAL A 87 -30.18 20.78 38.29
CA VAL A 87 -29.03 21.40 38.93
C VAL A 87 -28.19 20.29 39.55
N PRO A 88 -26.90 20.18 39.23
CA PRO A 88 -26.09 19.10 39.81
C PRO A 88 -26.02 19.21 41.32
N ASP A 89 -25.94 18.06 41.99
CA ASP A 89 -25.92 18.04 43.44
C ASP A 89 -24.59 18.53 44.02
N ARG A 90 -23.61 18.89 43.18
CA ARG A 90 -22.41 19.50 43.72
C ARG A 90 -22.64 20.94 44.15
N PHE A 91 -23.79 21.52 43.80
CA PHE A 91 -24.21 22.81 44.34
C PHE A 91 -25.08 22.57 45.57
N SER A 92 -24.61 23.00 46.73
CA SER A 92 -25.33 22.81 47.98
C SER A 92 -25.44 24.13 48.71
N GLY A 93 -26.64 24.44 49.21
CA GLY A 93 -26.88 25.67 49.93
C GLY A 93 -27.09 25.39 51.40
N SER A 94 -26.78 26.39 52.22
CA SER A 94 -26.99 26.29 53.66
C SER A 94 -27.24 27.68 54.20
N LYS A 95 -27.82 27.73 55.40
CA LYS A 95 -28.14 28.99 56.05
C LYS A 95 -28.01 28.77 57.55
N SER A 96 -27.51 29.79 58.25
CA SER A 96 -27.36 29.72 59.70
C SER A 96 -27.30 31.15 60.23
N GLY A 97 -28.24 31.49 61.11
CA GLY A 97 -28.26 32.84 61.65
C GLY A 97 -28.54 33.84 60.56
N THR A 98 -27.67 34.85 60.45
CA THR A 98 -27.83 35.93 59.49
C THR A 98 -26.98 35.72 58.24
N SER A 99 -26.46 34.51 58.02
CA SER A 99 -25.58 34.24 56.89
C SER A 99 -26.04 32.99 56.16
N ALA A 100 -25.84 32.99 54.85
CA ALA A 100 -26.08 31.83 54.00
C ALA A 100 -24.80 31.50 53.26
N SER A 101 -24.73 30.29 52.73
CA SER A 101 -23.53 29.82 52.05
C SER A 101 -23.89 28.92 50.88
N LEU A 102 -23.19 29.10 49.78
CA LEU A 102 -23.26 28.21 48.62
C LEU A 102 -21.93 27.48 48.51
N ALA A 103 -21.98 26.15 48.52
CA ALA A 103 -20.80 25.33 48.37
C ALA A 103 -20.82 24.65 47.00
N ILE A 104 -19.68 24.65 46.33
CA ILE A 104 -19.50 23.93 45.07
C ILE A 104 -18.41 22.91 45.29
N THR A 105 -18.79 21.64 45.36
CA THR A 105 -17.86 20.56 45.68
C THR A 105 -17.45 19.89 44.36
N GLY A 106 -16.19 20.08 43.99
CA GLY A 106 -15.70 19.53 42.74
C GLY A 106 -15.89 20.49 41.59
N LEU A 107 -15.22 21.63 41.66
CA LEU A 107 -15.35 22.65 40.62
C LEU A 107 -15.11 22.05 39.24
N GLN A 108 -15.96 22.43 38.30
CA GLN A 108 -15.78 22.11 36.90
C GLN A 108 -15.68 23.41 36.12
N ALA A 109 -15.00 23.34 34.96
CA ALA A 109 -14.77 24.54 34.17
C ALA A 109 -16.05 25.33 33.94
N GLU A 110 -17.16 24.63 33.69
CA GLU A 110 -18.42 25.31 33.40
C GLU A 110 -18.93 26.12 34.58
N ASP A 111 -18.39 25.89 35.79
CA ASP A 111 -18.85 26.60 36.97
C ASP A 111 -18.31 28.01 37.07
N GLU A 112 -17.34 28.37 36.23
CA GLU A 112 -16.82 29.74 36.23
C GLU A 112 -17.93 30.69 35.78
N ALA A 113 -18.40 31.52 36.71
CA ALA A 113 -19.54 32.39 36.47
C ALA A 113 -19.71 33.30 37.67
N ASP A 114 -20.71 34.18 37.59
CA ASP A 114 -21.09 35.02 38.71
C ASP A 114 -22.22 34.34 39.48
N TYR A 115 -22.20 34.49 40.80
CA TYR A 115 -23.18 33.86 41.67
C TYR A 115 -23.77 34.93 42.59
N TYR A 116 -25.09 34.93 42.71
CA TYR A 116 -25.82 35.89 43.52
C TYR A 116 -26.73 35.15 44.49
N CYS A 117 -26.67 35.54 45.76
CA CYS A 117 -27.71 35.13 46.70
C CYS A 117 -28.87 36.10 46.63
N GLN A 118 -30.04 35.63 47.06
CA GLN A 118 -31.23 36.47 47.07
C GLN A 118 -32.10 36.07 48.25
N SER A 119 -32.63 37.08 48.95
CA SER A 119 -33.50 36.85 50.09
C SER A 119 -34.51 38.00 50.15
N TYR A 120 -35.25 38.06 51.25
CA TYR A 120 -36.24 39.11 51.47
C TYR A 120 -35.94 39.78 52.81
N ASP A 121 -36.56 40.93 53.06
N ASP A 121 -36.60 40.91 53.05
CA ASP A 121 -36.21 41.75 54.22
CA ASP A 121 -36.47 41.68 54.27
C ASP A 121 -37.19 41.62 55.38
C ASP A 121 -37.85 41.89 54.85
N ARG A 122 -38.49 41.57 55.11
N ARG A 122 -37.98 41.68 56.18
CA ARG A 122 -39.49 41.53 56.17
CA ARG A 122 -39.25 41.97 56.83
C ARG A 122 -40.23 40.19 56.12
C ARG A 122 -39.62 43.43 56.72
N TYR A 123 -41.37 40.12 56.80
N TYR A 123 -38.66 44.29 56.38
CA TYR A 123 -42.15 38.89 56.86
CA TYR A 123 -38.94 45.70 56.10
C TYR A 123 -43.22 38.92 55.78
C TYR A 123 -39.29 45.95 54.64
N THR A 124 -43.17 37.95 54.87
N THR A 124 -39.00 44.98 53.75
CA THR A 124 -44.15 37.85 53.79
CA THR A 124 -39.33 45.07 52.32
C THR A 124 -44.11 39.10 52.91
C THR A 124 -39.61 43.64 51.85
N HIS A 125 -42.90 39.60 52.65
N HIS A 125 -40.80 43.14 52.20
CA HIS A 125 -42.69 40.79 51.85
CA HIS A 125 -41.11 41.72 52.13
C HIS A 125 -42.13 40.41 50.48
C HIS A 125 -41.03 41.18 50.70
N PRO A 126 -42.41 41.18 49.41
N PRO A 126 -42.02 41.38 49.83
CA PRO A 126 -42.02 40.73 48.07
CA PRO A 126 -41.93 40.78 48.48
C PRO A 126 -40.76 41.36 47.50
C PRO A 126 -40.74 41.29 47.69
N ALA A 127 -40.27 42.49 48.01
CA ALA A 127 -39.09 43.08 47.40
C ALA A 127 -37.90 42.13 47.51
N LEU A 128 -37.17 41.98 46.40
CA LEU A 128 -36.03 41.06 46.35
C LEU A 128 -34.75 41.79 46.74
N LEU A 129 -33.96 41.16 47.61
CA LEU A 129 -32.64 41.65 47.97
C LEU A 129 -31.61 40.73 47.33
N PHE A 130 -30.82 41.25 46.40
CA PHE A 130 -29.76 40.49 45.78
C PHE A 130 -28.44 40.81 46.43
N GLY A 131 -27.60 39.78 46.60
CA GLY A 131 -26.27 39.98 47.13
C GLY A 131 -25.38 40.73 46.15
N THR A 132 -24.23 41.17 46.66
CA THR A 132 -23.30 41.96 45.87
C THR A 132 -22.69 41.18 44.71
N GLY A 133 -22.79 39.85 44.73
CA GLY A 133 -22.31 39.03 43.64
C GLY A 133 -20.90 38.51 43.83
N THR A 134 -20.66 37.26 43.41
CA THR A 134 -19.35 36.65 43.52
C THR A 134 -18.94 36.06 42.18
N LYS A 135 -17.74 36.40 41.74
CA LYS A 135 -17.13 35.81 40.56
C LYS A 135 -16.38 34.54 40.98
N VAL A 136 -16.79 33.41 40.45
CA VAL A 136 -16.11 32.13 40.69
C VAL A 136 -15.18 31.89 39.51
N THR A 137 -13.89 31.74 39.79
CA THR A 137 -12.89 31.39 38.79
C THR A 137 -12.42 29.96 39.02
N VAL A 138 -12.44 29.16 37.96
CA VAL A 138 -11.86 27.83 37.99
C VAL A 138 -10.44 27.97 37.48
N LEU A 139 -9.47 27.85 38.39
CA LEU A 139 -8.07 28.17 38.12
C LEU A 139 -7.47 27.32 37.02
N GLY A 140 -7.23 27.93 35.86
CA GLY A 140 -6.58 27.27 34.75
C GLY A 140 -5.11 27.64 34.59
N GLN A 141 -4.57 28.43 35.51
CA GLN A 141 -3.16 28.81 35.50
C GLN A 141 -2.81 29.36 36.88
N PRO A 142 -1.52 29.47 37.20
CA PRO A 142 -1.16 29.99 38.52
C PRO A 142 -1.66 31.41 38.70
N LYS A 143 -1.91 31.77 39.96
CA LYS A 143 -2.34 33.13 40.26
C LYS A 143 -1.23 34.09 39.91
N ALA A 144 -1.60 35.24 39.34
CA ALA A 144 -0.65 36.25 38.88
C ALA A 144 -1.06 37.60 39.41
N ALA A 145 -0.13 38.30 40.05
CA ALA A 145 -0.41 39.63 40.56
C ALA A 145 -0.44 40.65 39.42
N PRO A 146 -1.21 41.72 39.58
CA PRO A 146 -1.30 42.71 38.50
C PRO A 146 -0.07 43.59 38.40
N SER A 147 0.25 43.97 37.17
CA SER A 147 1.25 44.99 36.90
C SER A 147 0.51 46.32 36.76
N VAL A 148 0.88 47.29 37.60
CA VAL A 148 0.22 48.57 37.67
C VAL A 148 1.13 49.63 37.07
N THR A 149 0.55 50.47 36.20
CA THR A 149 1.26 51.61 35.63
C THR A 149 0.36 52.82 35.79
N LEU A 150 0.85 53.83 36.51
CA LEU A 150 0.08 55.04 36.81
C LEU A 150 0.70 56.21 36.06
N PHE A 151 -0.09 56.82 35.16
CA PHE A 151 0.39 57.98 34.42
C PHE A 151 -0.22 59.26 34.98
N PRO A 152 0.55 60.32 35.16
CA PRO A 152 -0.02 61.59 35.60
C PRO A 152 -0.72 62.30 34.45
N PRO A 153 -1.41 63.40 34.73
CA PRO A 153 -1.98 64.19 33.64
C PRO A 153 -0.88 64.79 32.78
N SER A 154 -1.06 64.72 31.47
CA SER A 154 -0.08 65.26 30.54
C SER A 154 -0.14 66.79 30.54
N SER A 155 0.95 67.40 30.06
CA SER A 155 1.01 68.85 29.99
C SER A 155 -0.07 69.39 29.06
N GLU A 156 -0.30 68.75 27.92
CA GLU A 156 -1.31 69.23 26.99
C GLU A 156 -2.69 69.26 27.64
N GLU A 157 -3.03 68.22 28.41
CA GLU A 157 -4.35 68.18 29.03
C GLU A 157 -4.50 69.27 30.09
N LEU A 158 -3.48 69.45 30.93
CA LEU A 158 -3.53 70.50 31.94
C LEU A 158 -3.63 71.88 31.29
N GLN A 159 -3.00 72.07 30.13
CA GLN A 159 -3.17 73.32 29.40
C GLN A 159 -4.62 73.53 28.98
N ALA A 160 -5.36 72.45 28.75
CA ALA A 160 -6.77 72.53 28.44
C ALA A 160 -7.65 72.59 29.68
N ASN A 161 -7.05 72.82 30.85
CA ASN A 161 -7.80 72.94 32.11
C ASN A 161 -8.50 71.64 32.46
N LYS A 162 -7.84 70.53 32.16
CA LYS A 162 -8.34 69.20 32.48
C LYS A 162 -7.21 68.37 33.06
N ALA A 163 -7.57 67.33 33.82
CA ALA A 163 -6.58 66.48 34.47
C ALA A 163 -7.16 65.09 34.63
N THR A 164 -6.48 64.08 34.06
CA THR A 164 -6.88 62.69 34.20
C THR A 164 -5.69 61.85 34.63
N LEU A 165 -5.88 61.10 35.71
CA LEU A 165 -4.92 60.10 36.16
C LEU A 165 -5.31 58.75 35.56
N VAL A 166 -4.35 58.08 34.93
CA VAL A 166 -4.60 56.83 34.21
C VAL A 166 -3.86 55.72 34.93
N CYS A 167 -4.63 54.78 35.50
CA CYS A 167 -4.08 53.61 36.19
C CYS A 167 -4.38 52.38 35.35
N LEU A 168 -3.34 51.80 34.77
CA LEU A 168 -3.46 50.66 33.87
C LEU A 168 -3.03 49.39 34.61
N ILE A 169 -3.88 48.38 34.57
CA ILE A 169 -3.70 47.15 35.32
C ILE A 169 -3.71 46.00 34.35
N SER A 170 -2.69 45.15 34.39
CA SER A 170 -2.53 44.11 33.38
C SER A 170 -1.87 42.88 33.97
N ASP A 171 -2.07 41.76 33.28
CA ASP A 171 -1.37 40.51 33.57
C ASP A 171 -1.69 39.99 34.97
N PHE A 172 -2.98 39.99 35.32
CA PHE A 172 -3.41 39.42 36.59
C PHE A 172 -4.43 38.32 36.35
N TYR A 173 -4.44 37.36 37.27
CA TYR A 173 -5.30 36.21 37.24
C TYR A 173 -5.47 35.75 38.69
N PRO A 174 -6.71 35.47 39.15
CA PRO A 174 -7.98 35.59 38.44
C PRO A 174 -8.31 37.03 38.05
N GLY A 175 -9.27 37.19 37.15
CA GLY A 175 -9.64 38.50 36.65
C GLY A 175 -10.58 39.25 37.57
N ALA A 176 -10.10 39.59 38.76
CA ALA A 176 -10.91 40.31 39.74
C ALA A 176 -9.98 41.21 40.55
N VAL A 177 -10.24 42.52 40.52
CA VAL A 177 -9.46 43.49 41.24
C VAL A 177 -10.38 44.56 41.81
N THR A 178 -9.94 45.20 42.89
CA THR A 178 -10.59 46.37 43.45
C THR A 178 -9.59 47.51 43.46
N VAL A 179 -10.00 48.65 42.92
CA VAL A 179 -9.14 49.82 42.76
C VAL A 179 -9.56 50.88 43.77
N ALA A 180 -8.58 51.41 44.50
CA ALA A 180 -8.79 52.49 45.45
C ALA A 180 -7.83 53.61 45.12
N TRP A 181 -8.35 54.83 45.03
CA TRP A 181 -7.54 56.00 44.77
C TRP A 181 -7.31 56.78 46.05
N LYS A 182 -6.12 57.37 46.17
CA LYS A 182 -5.74 58.13 47.36
C LYS A 182 -5.18 59.47 46.94
N ALA A 183 -5.70 60.55 47.56
CA ALA A 183 -5.10 61.86 47.44
C ALA A 183 -4.19 62.04 48.63
N ASP A 184 -2.87 62.08 48.38
CA ASP A 184 -1.89 61.95 49.44
C ASP A 184 -2.13 60.64 50.17
N SER A 185 -2.79 60.70 51.34
CA SER A 185 -3.18 59.51 52.08
C SER A 185 -4.67 59.37 52.26
N SER A 186 -5.46 60.36 51.84
CA SER A 186 -6.91 60.34 52.02
C SER A 186 -7.58 59.66 50.83
N PRO A 187 -8.65 58.89 51.08
CA PRO A 187 -9.32 58.22 49.96
C PRO A 187 -10.07 59.21 49.09
N VAL A 188 -10.17 58.86 47.81
CA VAL A 188 -10.82 59.70 46.81
C VAL A 188 -12.07 58.97 46.33
N LYS A 189 -13.22 59.66 46.41
CA LYS A 189 -14.51 59.10 46.01
C LYS A 189 -14.93 59.57 44.63
N ALA A 190 -14.91 60.87 44.39
CA ALA A 190 -15.44 61.43 43.15
C ALA A 190 -14.42 61.38 42.03
N GLY A 191 -14.91 61.20 40.81
CA GLY A 191 -14.08 61.24 39.62
C GLY A 191 -13.49 59.93 39.18
N VAL A 192 -13.85 58.82 39.82
CA VAL A 192 -13.25 57.52 39.54
C VAL A 192 -14.10 56.79 38.51
N GLU A 193 -13.43 56.25 37.49
CA GLU A 193 -14.09 55.44 36.46
C GLU A 193 -13.21 54.23 36.20
N THR A 194 -13.74 53.04 36.46
CA THR A 194 -13.00 51.80 36.37
C THR A 194 -13.71 50.82 35.45
N THR A 195 -12.93 50.16 34.59
CA THR A 195 -13.48 49.15 33.69
C THR A 195 -13.58 47.81 34.41
N THR A 196 -14.41 46.93 33.85
CA THR A 196 -14.44 45.56 34.32
C THR A 196 -13.26 44.79 33.72
N PRO A 197 -12.70 43.83 34.43
CA PRO A 197 -11.57 43.06 33.90
C PRO A 197 -11.94 42.39 32.57
N SER A 198 -11.00 42.41 31.63
CA SER A 198 -11.16 41.76 30.34
C SER A 198 -9.94 40.90 30.06
N LYS A 199 -10.17 39.73 29.45
CA LYS A 199 -9.07 38.81 29.21
C LYS A 199 -8.18 39.37 28.10
N GLN A 200 -6.87 39.34 28.33
CA GLN A 200 -5.90 39.83 27.36
C GLN A 200 -5.64 38.79 26.28
N SER A 201 -4.77 39.14 25.34
CA SER A 201 -4.38 38.18 24.31
C SER A 201 -3.54 37.05 24.89
N ASN A 202 -2.77 37.33 25.94
CA ASN A 202 -2.00 36.31 26.63
C ASN A 202 -2.81 35.56 27.67
N ASN A 203 -4.14 35.71 27.66
CA ASN A 203 -5.09 34.98 28.50
C ASN A 203 -5.05 35.40 29.97
N LYS A 204 -4.27 36.41 30.33
CA LYS A 204 -4.42 37.06 31.61
C LYS A 204 -5.43 38.20 31.46
N TYR A 205 -5.71 38.90 32.56
CA TYR A 205 -6.75 39.92 32.57
C TYR A 205 -6.16 41.32 32.72
N ALA A 206 -6.89 42.30 32.20
CA ALA A 206 -6.49 43.68 32.24
C ALA A 206 -7.67 44.55 32.63
N ALA A 207 -7.36 45.68 33.27
CA ALA A 207 -8.36 46.66 33.64
C ALA A 207 -7.70 48.02 33.67
N SER A 208 -8.51 49.06 33.64
CA SER A 208 -8.03 50.43 33.68
C SER A 208 -8.95 51.24 34.58
N SER A 209 -8.35 52.17 35.32
CA SER A 209 -9.09 53.06 36.20
C SER A 209 -8.64 54.49 35.92
N TYR A 210 -9.61 55.39 35.81
CA TYR A 210 -9.35 56.79 35.51
C TYR A 210 -9.88 57.66 36.64
N LEU A 211 -9.06 58.60 37.09
CA LEU A 211 -9.46 59.58 38.10
C LEU A 211 -9.46 60.96 37.46
N SER A 212 -10.64 61.52 37.28
CA SER A 212 -10.80 62.85 36.67
C SER A 212 -10.65 63.90 37.74
N LEU A 213 -9.72 64.83 37.55
CA LEU A 213 -9.43 65.90 38.49
C LEU A 213 -9.40 67.24 37.76
N THR A 214 -9.53 68.31 38.52
CA THR A 214 -9.23 69.62 37.99
C THR A 214 -7.73 69.88 38.09
N PRO A 215 -7.18 70.75 37.25
CA PRO A 215 -5.76 71.08 37.38
C PRO A 215 -5.38 71.53 38.78
N GLU A 216 -6.30 72.16 39.49
CA GLU A 216 -6.00 72.66 40.83
C GLU A 216 -5.89 71.51 41.83
N GLN A 217 -6.79 70.53 41.73
CA GLN A 217 -6.71 69.37 42.61
C GLN A 217 -5.43 68.58 42.36
N TRP A 218 -5.05 68.44 41.09
CA TRP A 218 -3.84 67.69 40.75
C TRP A 218 -2.58 68.37 41.26
N LYS A 219 -2.57 69.70 41.37
CA LYS A 219 -1.38 70.41 41.80
C LYS A 219 -1.44 70.86 43.25
N SER A 220 -2.58 70.68 43.92
CA SER A 220 -2.75 71.05 45.32
C SER A 220 -2.43 69.91 46.26
N HIS A 221 -2.07 68.75 45.73
CA HIS A 221 -1.69 67.60 46.54
C HIS A 221 -0.29 67.17 46.11
N ARG A 222 0.46 66.60 47.04
CA ARG A 222 1.82 66.19 46.73
C ARG A 222 1.86 64.91 45.90
N SER A 223 0.84 64.08 46.01
CA SER A 223 0.85 62.83 45.27
C SER A 223 -0.56 62.26 45.21
N TYR A 224 -0.77 61.40 44.22
CA TYR A 224 -1.97 60.60 44.08
C TYR A 224 -1.52 59.15 43.90
N SER A 225 -2.30 58.22 44.44
CA SER A 225 -1.93 56.81 44.43
C SER A 225 -3.07 55.97 43.90
N CYS A 226 -2.73 54.96 43.11
CA CYS A 226 -3.67 53.96 42.62
C CYS A 226 -3.34 52.67 43.36
N GLN A 227 -4.27 52.21 44.19
CA GLN A 227 -4.09 50.99 44.97
C GLN A 227 -4.94 49.89 44.36
N VAL A 228 -4.30 48.82 43.92
CA VAL A 228 -4.97 47.69 43.27
C VAL A 228 -4.86 46.49 44.18
N THR A 229 -5.99 46.01 44.67
CA THR A 229 -6.04 44.84 45.54
C THR A 229 -6.43 43.64 44.71
N HIS A 230 -5.59 42.59 44.77
CA HIS A 230 -5.82 41.37 44.01
C HIS A 230 -5.53 40.19 44.91
N GLU A 231 -6.54 39.36 45.16
CA GLU A 231 -6.40 38.16 45.98
C GLU A 231 -5.75 38.50 47.31
N GLY A 232 -6.27 39.56 47.95
CA GLY A 232 -5.82 39.97 49.27
C GLY A 232 -4.54 40.78 49.30
N SER A 233 -3.76 40.80 48.23
CA SER A 233 -2.52 41.55 48.18
C SER A 233 -2.72 42.85 47.39
N THR A 234 -2.12 43.93 47.88
CA THR A 234 -2.28 45.24 47.29
C THR A 234 -1.01 45.65 46.55
N VAL A 235 -1.18 46.20 45.36
CA VAL A 235 -0.08 46.78 44.58
C VAL A 235 -0.39 48.26 44.41
N GLU A 236 0.51 49.11 44.89
CA GLU A 236 0.30 50.56 44.90
C GLU A 236 1.30 51.25 43.98
N LYS A 237 0.80 52.22 43.23
CA LYS A 237 1.64 53.11 42.42
C LYS A 237 1.26 54.54 42.73
N THR A 238 2.28 55.38 42.91
CA THR A 238 2.09 56.78 43.31
C THR A 238 2.74 57.69 42.27
N VAL A 239 2.11 58.84 42.05
CA VAL A 239 2.62 59.84 41.12
C VAL A 239 2.51 61.21 41.76
N ALA A 240 3.44 62.09 41.42
CA ALA A 240 3.52 63.42 42.01
C ALA A 240 3.55 64.49 40.92
N PRO A 241 3.01 65.69 41.20
CA PRO A 241 3.05 66.75 40.18
C PRO A 241 4.43 67.33 39.93
N THR A 242 5.29 67.38 40.94
CA THR A 242 6.57 68.06 40.77
C THR A 242 7.44 67.37 39.73
N GLU A 243 7.54 66.04 39.80
CA GLU A 243 8.42 65.31 38.90
C GLU A 243 8.05 65.58 37.45
N CYS A 244 9.00 66.13 36.70
CA CYS A 244 8.80 66.44 35.28
C CYS A 244 9.72 65.61 34.41
N GLN B 29 -44.16 25.15 28.37
CA GLN B 29 -42.87 25.82 28.03
C GLN B 29 -42.90 27.30 28.40
N VAL B 30 -42.46 27.61 29.62
CA VAL B 30 -42.45 28.98 30.09
C VAL B 30 -41.55 29.82 29.19
N GLN B 31 -42.02 31.01 28.84
CA GLN B 31 -41.30 31.90 27.95
C GLN B 31 -41.61 33.34 28.31
N LEU B 32 -40.55 34.14 28.52
CA LEU B 32 -40.68 35.56 28.82
C LEU B 32 -39.81 36.34 27.85
N VAL B 33 -40.38 37.35 27.20
CA VAL B 33 -39.70 38.12 26.18
C VAL B 33 -39.89 39.60 26.51
N GLU B 34 -38.81 40.27 26.89
CA GLU B 34 -38.85 41.70 27.15
C GLU B 34 -38.69 42.50 25.86
N SER B 35 -39.27 43.69 25.84
CA SER B 35 -39.15 44.59 24.71
C SER B 35 -39.39 46.01 25.20
N GLY B 36 -39.15 46.98 24.32
CA GLY B 36 -39.33 48.38 24.62
C GLY B 36 -38.07 49.12 25.02
N GLY B 37 -36.95 48.41 25.14
CA GLY B 37 -35.69 49.04 25.47
C GLY B 37 -35.10 49.76 24.28
N GLY B 38 -34.00 50.46 24.53
CA GLY B 38 -33.31 51.17 23.47
C GLY B 38 -32.47 52.31 24.02
N VAL B 39 -32.08 53.20 23.11
CA VAL B 39 -31.27 54.36 23.44
C VAL B 39 -32.18 55.58 23.57
N VAL B 40 -32.05 56.29 24.69
CA VAL B 40 -32.88 57.46 24.96
CA VAL B 40 -32.87 57.47 24.96
C VAL B 40 -32.04 58.47 25.72
N GLN B 41 -32.42 59.72 25.62
CA GLN B 41 -31.77 60.80 26.35
C GLN B 41 -32.35 60.94 27.75
N PRO B 42 -31.59 61.47 28.70
CA PRO B 42 -32.12 61.67 30.05
C PRO B 42 -33.38 62.52 30.04
N GLY B 43 -34.28 62.23 30.99
CA GLY B 43 -35.50 62.98 31.13
C GLY B 43 -36.67 62.50 30.28
N ARG B 44 -36.43 61.61 29.33
CA ARG B 44 -37.51 61.13 28.47
C ARG B 44 -38.10 59.84 29.03
N SER B 45 -39.18 59.39 28.40
CA SER B 45 -39.96 58.26 28.89
C SER B 45 -39.78 57.05 27.99
N LEU B 46 -39.98 55.87 28.59
CA LEU B 46 -39.87 54.61 27.88
C LEU B 46 -40.80 53.61 28.55
N ARG B 47 -41.44 52.75 27.75
CA ARG B 47 -42.38 51.76 28.27
C ARG B 47 -41.86 50.38 27.87
N LEU B 48 -41.52 49.57 28.87
CA LEU B 48 -41.06 48.21 28.62
C LEU B 48 -42.22 47.24 28.69
N SER B 49 -42.09 46.15 27.95
CA SER B 49 -43.11 45.10 27.90
C SER B 49 -42.45 43.74 28.08
N CYS B 50 -43.22 42.80 28.63
CA CYS B 50 -42.75 41.43 28.86
C CYS B 50 -43.89 40.51 28.48
N ALA B 51 -43.78 39.85 27.32
CA ALA B 51 -44.80 38.92 26.85
C ALA B 51 -44.55 37.56 27.48
N ALA B 52 -45.56 37.04 28.18
CA ALA B 52 -45.45 35.76 28.88
C ALA B 52 -46.29 34.71 28.18
N SER B 53 -45.84 33.46 28.28
CA SER B 53 -46.56 32.34 27.68
C SER B 53 -46.06 31.05 28.32
N GLY B 54 -46.85 29.99 28.16
CA GLY B 54 -46.51 28.70 28.71
C GLY B 54 -46.94 28.47 30.14
N PHE B 55 -47.59 29.45 30.78
CA PHE B 55 -48.05 29.30 32.15
C PHE B 55 -49.16 30.31 32.39
N THR B 56 -49.86 30.13 33.51
CA THR B 56 -50.96 31.01 33.89
C THR B 56 -50.39 32.31 34.42
N PHE B 57 -50.21 33.27 33.51
CA PHE B 57 -49.61 34.55 33.89
C PHE B 57 -50.40 35.24 35.00
N SER B 58 -51.74 35.19 34.92
CA SER B 58 -52.59 35.89 35.87
C SER B 58 -52.48 35.33 37.28
N SER B 59 -51.87 34.16 37.47
CA SER B 59 -51.76 33.53 38.78
C SER B 59 -50.45 33.85 39.49
N TYR B 60 -49.52 34.53 38.83
CA TYR B 60 -48.20 34.78 39.36
C TYR B 60 -47.94 36.27 39.50
N GLY B 61 -47.36 36.66 40.63
CA GLY B 61 -46.76 37.97 40.72
C GLY B 61 -45.54 38.07 39.83
N MET B 62 -45.20 39.30 39.45
CA MET B 62 -44.14 39.54 38.49
C MET B 62 -43.20 40.61 39.00
N HIS B 63 -41.92 40.44 38.68
CA HIS B 63 -40.86 41.36 39.07
C HIS B 63 -40.21 41.97 37.83
N TRP B 64 -39.68 43.18 38.00
CA TRP B 64 -38.68 43.72 37.11
C TRP B 64 -37.36 43.78 37.87
N VAL B 65 -36.30 43.25 37.26
CA VAL B 65 -34.96 43.28 37.83
C VAL B 65 -34.01 43.79 36.77
N ARG B 66 -33.11 44.68 37.15
CA ARG B 66 -32.18 45.29 36.21
C ARG B 66 -30.74 45.04 36.65
N GLN B 67 -29.83 45.20 35.69
CA GLN B 67 -28.41 44.96 35.93
C GLN B 67 -27.63 45.91 35.03
N ALA B 68 -26.99 46.90 35.64
CA ALA B 68 -26.13 47.79 34.87
C ALA B 68 -24.91 47.00 34.37
N PRO B 69 -24.33 47.41 33.24
CA PRO B 69 -23.18 46.67 32.69
C PRO B 69 -22.08 46.47 33.71
N GLY B 70 -21.71 45.22 33.97
CA GLY B 70 -20.63 44.91 34.89
C GLY B 70 -20.98 45.01 36.36
N LYS B 71 -22.24 45.26 36.69
CA LYS B 71 -22.68 45.44 38.07
C LYS B 71 -23.60 44.28 38.47
N GLY B 72 -24.09 44.36 39.71
CA GLY B 72 -24.93 43.31 40.25
C GLY B 72 -26.39 43.48 39.88
N LEU B 73 -27.19 42.53 40.35
CA LEU B 73 -28.63 42.56 40.13
C LEU B 73 -29.28 43.53 41.10
N GLU B 74 -30.26 44.29 40.60
CA GLU B 74 -31.00 45.24 41.42
C GLU B 74 -32.48 45.06 41.16
N TRP B 75 -33.22 44.69 42.21
CA TRP B 75 -34.66 44.62 42.10
C TRP B 75 -35.25 46.00 41.82
N VAL B 76 -36.24 46.04 40.94
CA VAL B 76 -36.84 47.29 40.50
C VAL B 76 -38.27 47.44 41.03
N ALA B 77 -39.14 46.48 40.72
CA ALA B 77 -40.54 46.62 41.08
C ALA B 77 -41.21 45.25 41.09
N PHE B 78 -42.37 45.19 41.74
CA PHE B 78 -43.14 43.96 41.84
C PHE B 78 -44.63 44.31 41.78
N ILE B 79 -45.40 43.41 41.18
CA ILE B 79 -46.85 43.57 41.08
C ILE B 79 -47.51 42.24 41.41
N ARG B 80 -48.58 42.29 42.20
CA ARG B 80 -49.29 41.08 42.57
C ARG B 80 -49.95 40.44 41.34
N TYR B 81 -50.36 39.19 41.51
CA TYR B 81 -50.96 38.43 40.41
C TYR B 81 -52.12 39.17 39.78
N ASP B 82 -52.91 39.88 40.59
CA ASP B 82 -54.10 40.57 40.10
C ASP B 82 -53.89 42.07 39.92
N GLY B 83 -52.67 42.57 40.16
CA GLY B 83 -52.41 43.99 40.04
C GLY B 83 -52.93 44.83 41.18
N SER B 84 -53.35 44.21 42.28
CA SER B 84 -53.94 44.95 43.38
C SER B 84 -52.91 45.73 44.19
N ASN B 85 -51.66 45.27 44.21
CA ASN B 85 -50.61 45.94 44.96
C ASN B 85 -49.34 46.00 44.13
N LYS B 86 -48.59 47.09 44.31
CA LYS B 86 -47.37 47.34 43.58
C LYS B 86 -46.29 47.80 44.54
N TYR B 87 -45.07 47.35 44.31
CA TYR B 87 -43.92 47.66 45.15
C TYR B 87 -42.78 48.16 44.27
N TYR B 88 -42.05 49.14 44.78
CA TYR B 88 -40.98 49.77 44.01
C TYR B 88 -39.75 49.95 44.90
N ALA B 89 -38.59 49.92 44.27
CA ALA B 89 -37.36 50.31 44.95
C ALA B 89 -37.31 51.83 45.07
N ASP B 90 -36.66 52.29 46.14
CA ASP B 90 -36.57 53.74 46.39
C ASP B 90 -35.92 54.47 45.21
N SER B 91 -34.99 53.82 44.53
CA SER B 91 -34.28 54.48 43.43
C SER B 91 -35.17 54.78 42.23
N VAL B 92 -36.32 54.13 42.12
CA VAL B 92 -37.23 54.34 41.00
C VAL B 92 -38.60 54.82 41.44
N LYS B 93 -38.86 54.88 42.74
CA LYS B 93 -40.17 55.25 43.24
C LYS B 93 -40.55 56.64 42.71
N GLY B 94 -41.79 56.76 42.24
CA GLY B 94 -42.29 58.01 41.69
C GLY B 94 -41.96 58.24 40.23
N ARG B 95 -40.98 57.54 39.67
CA ARG B 95 -40.62 57.67 38.27
C ARG B 95 -41.04 56.47 37.42
N PHE B 96 -40.95 55.27 37.96
CA PHE B 96 -41.38 54.07 37.25
C PHE B 96 -42.75 53.65 37.75
N THR B 97 -43.51 53.00 36.86
CA THR B 97 -44.81 52.44 37.19
C THR B 97 -44.90 51.05 36.60
N ILE B 98 -45.18 50.06 37.45
CA ILE B 98 -45.37 48.69 37.00
C ILE B 98 -46.86 48.45 36.82
N SER B 99 -47.20 47.70 35.77
CA SER B 99 -48.59 47.36 35.51
C SER B 99 -48.62 46.05 34.74
N ARG B 100 -49.82 45.50 34.59
CA ARG B 100 -49.98 44.22 33.93
C ARG B 100 -51.38 44.15 33.34
N ASP B 101 -51.50 43.46 32.21
CA ASP B 101 -52.77 43.21 31.54
C ASP B 101 -52.92 41.69 31.44
N ASN B 102 -53.68 41.10 32.36
CA ASN B 102 -53.78 39.65 32.42
C ASN B 102 -54.50 39.08 31.20
N SER B 103 -55.41 39.85 30.61
CA SER B 103 -56.06 39.41 29.38
C SER B 103 -55.07 39.32 28.22
N LYS B 104 -53.98 40.09 28.28
CA LYS B 104 -52.95 40.12 27.26
C LYS B 104 -51.70 39.32 27.63
N ASN B 105 -51.60 38.82 28.87
CA ASN B 105 -50.44 38.07 29.33
C ASN B 105 -49.16 38.86 29.10
N THR B 106 -49.19 40.15 29.48
CA THR B 106 -48.07 41.04 29.29
C THR B 106 -47.84 41.86 30.55
N LEU B 107 -46.58 42.05 30.91
CA LEU B 107 -46.18 42.89 32.02
C LEU B 107 -45.53 44.16 31.45
N TYR B 108 -45.76 45.28 32.11
CA TYR B 108 -45.29 46.57 31.65
C TYR B 108 -44.46 47.27 32.72
N LEU B 109 -43.54 48.11 32.27
CA LEU B 109 -42.80 49.01 33.16
C LEU B 109 -42.74 50.37 32.46
N GLN B 110 -43.54 51.31 32.94
CA GLN B 110 -43.50 52.67 32.44
C GLN B 110 -42.37 53.41 33.15
N MET B 111 -41.37 53.86 32.40
CA MET B 111 -40.21 54.53 32.96
C MET B 111 -40.23 55.97 32.49
N ASN B 112 -40.39 56.90 33.43
CA ASN B 112 -40.43 58.32 33.16
C ASN B 112 -39.24 58.99 33.83
N SER B 113 -38.91 60.18 33.33
CA SER B 113 -37.80 60.96 33.88
C SER B 113 -36.54 60.11 34.03
N LEU B 114 -36.17 59.43 32.95
CA LEU B 114 -35.03 58.53 32.98
C LEU B 114 -33.74 59.29 33.22
N ARG B 115 -32.81 58.63 33.92
CA ARG B 115 -31.51 59.19 34.25
C ARG B 115 -30.42 58.26 33.75
N ALA B 116 -29.19 58.77 33.75
CA ALA B 116 -28.06 57.96 33.28
C ALA B 116 -27.90 56.71 34.13
N GLU B 117 -28.15 56.81 35.44
CA GLU B 117 -28.00 55.66 36.33
C GLU B 117 -29.06 54.59 36.10
N ASP B 118 -30.05 54.85 35.25
CA ASP B 118 -31.04 53.83 34.90
C ASP B 118 -30.55 52.93 33.77
N THR B 119 -29.40 53.25 33.17
CA THR B 119 -28.84 52.41 32.12
C THR B 119 -28.58 51.01 32.65
N ALA B 120 -29.19 50.01 32.03
CA ALA B 120 -29.07 48.64 32.51
C ALA B 120 -29.85 47.74 31.58
N VAL B 121 -29.58 46.43 31.69
CA VAL B 121 -30.46 45.42 31.12
C VAL B 121 -31.61 45.21 32.09
N TYR B 122 -32.84 45.25 31.58
CA TYR B 122 -34.02 45.12 32.41
C TYR B 122 -34.65 43.75 32.17
N TYR B 123 -34.72 42.95 33.23
CA TYR B 123 -35.26 41.61 33.18
C TYR B 123 -36.66 41.57 33.77
N CYS B 124 -37.53 40.74 33.20
N CYS B 124 -37.46 40.65 33.25
CA CYS B 124 -38.80 40.43 33.83
CA CYS B 124 -38.79 40.35 33.73
C CYS B 124 -38.72 39.02 34.40
C CYS B 124 -38.75 38.97 34.38
N LYS B 125 -39.23 38.88 35.62
CA LYS B 125 -39.09 37.66 36.41
C LYS B 125 -40.39 37.30 37.09
N THR B 126 -40.73 36.02 37.09
CA THR B 126 -41.90 35.54 37.80
C THR B 126 -41.62 35.46 39.30
N HIS B 127 -42.70 35.51 40.08
CA HIS B 127 -42.61 35.46 41.53
C HIS B 127 -42.97 34.05 41.99
N GLY B 128 -42.04 33.39 42.66
CA GLY B 128 -42.27 32.05 43.15
C GLY B 128 -40.97 31.36 43.47
N SER B 129 -41.11 30.14 44.01
CA SER B 129 -39.92 29.34 44.33
C SER B 129 -39.16 28.96 43.06
N HIS B 130 -39.87 28.40 42.07
CA HIS B 130 -39.31 28.08 40.77
C HIS B 130 -39.67 29.24 39.83
N ASP B 131 -38.78 30.21 39.74
CA ASP B 131 -39.03 31.40 38.93
C ASP B 131 -38.37 31.26 37.56
N ASN B 132 -38.77 32.15 36.66
CA ASN B 132 -38.22 32.19 35.31
C ASN B 132 -37.91 33.64 34.95
N TRP B 133 -36.84 33.82 34.18
CA TRP B 133 -36.41 35.13 33.72
C TRP B 133 -36.51 35.20 32.21
N GLY B 134 -36.67 36.41 31.69
CA GLY B 134 -36.53 36.65 30.27
C GLY B 134 -35.08 36.93 29.91
N GLN B 135 -34.85 37.08 28.61
CA GLN B 135 -33.51 37.37 28.12
C GLN B 135 -33.07 38.79 28.46
N GLY B 136 -34.01 39.67 28.77
CA GLY B 136 -33.70 41.04 29.11
C GLY B 136 -33.75 41.97 27.90
N THR B 137 -33.92 43.26 28.21
CA THR B 137 -33.90 44.29 27.18
C THR B 137 -32.99 45.42 27.66
N MET B 138 -32.13 45.90 26.77
CA MET B 138 -31.14 46.89 27.15
C MET B 138 -31.72 48.28 27.09
N VAL B 139 -31.47 49.07 28.13
CA VAL B 139 -31.89 50.46 28.19
C VAL B 139 -30.65 51.31 28.40
N THR B 140 -30.43 52.25 27.49
CA THR B 140 -29.30 53.16 27.55
C THR B 140 -29.83 54.59 27.64
N VAL B 141 -29.57 55.23 28.77
CA VAL B 141 -29.96 56.62 28.99
C VAL B 141 -28.70 57.46 28.90
N SER B 142 -28.57 58.22 27.82
CA SER B 142 -27.35 58.99 27.61
C SER B 142 -27.64 60.15 26.67
N SER B 143 -27.04 61.30 26.97
CA SER B 143 -27.10 62.47 26.09
C SER B 143 -25.81 62.61 25.28
N ALA B 144 -25.26 61.52 24.78
CA ALA B 144 -23.99 61.56 24.07
C ALA B 144 -24.22 61.48 22.57
N SER B 145 -23.51 62.33 21.84
CA SER B 145 -23.54 62.39 20.38
C SER B 145 -22.15 62.14 19.83
N THR B 146 -22.09 61.91 18.51
CA THR B 146 -20.82 61.67 17.85
C THR B 146 -19.80 62.73 18.24
N LYS B 147 -18.66 62.27 18.75
CA LYS B 147 -17.61 63.19 19.19
C LYS B 147 -16.27 62.51 18.97
N GLY B 148 -15.33 63.26 18.38
CA GLY B 148 -13.99 62.75 18.19
C GLY B 148 -13.21 62.79 19.48
N PRO B 149 -12.19 61.94 19.60
CA PRO B 149 -11.42 61.89 20.84
C PRO B 149 -10.38 63.00 20.93
N SER B 150 -10.04 63.35 22.16
CA SER B 150 -8.89 64.19 22.44
C SER B 150 -7.75 63.28 22.83
N VAL B 151 -6.67 63.30 22.05
CA VAL B 151 -5.54 62.41 22.26
C VAL B 151 -4.47 63.16 23.04
N PHE B 152 -3.99 62.54 24.11
CA PHE B 152 -2.96 63.13 24.94
C PHE B 152 -1.83 62.13 25.14
N PRO B 153 -0.57 62.59 25.17
CA PRO B 153 0.54 61.65 25.34
C PRO B 153 0.72 61.26 26.79
N LEU B 154 1.08 60.00 27.00
CA LEU B 154 1.41 59.47 28.32
C LEU B 154 2.92 59.27 28.34
N ALA B 155 3.64 60.35 28.69
CA ALA B 155 5.08 60.34 28.58
C ALA B 155 5.71 59.34 29.55
N PRO B 156 6.82 58.72 29.17
CA PRO B 156 7.51 57.81 30.09
C PRO B 156 8.31 58.56 31.14
N SER B 157 8.35 57.98 32.34
CA SER B 157 9.10 58.56 33.45
C SER B 157 10.22 57.64 33.89
N GLY B 164 15.59 47.85 32.33
CA GLY B 164 15.65 48.88 31.30
C GLY B 164 14.45 48.85 30.38
N THR B 165 13.27 49.00 30.98
CA THR B 165 12.00 48.91 30.26
C THR B 165 11.08 50.01 30.78
N ALA B 166 10.74 50.95 29.91
CA ALA B 166 9.92 52.10 30.27
C ALA B 166 8.66 52.08 29.43
N ALA B 167 7.58 52.61 30.00
CA ALA B 167 6.25 52.45 29.45
C ALA B 167 5.66 53.81 29.13
N LEU B 168 5.17 53.95 27.90
CA LEU B 168 4.60 55.19 27.41
C LEU B 168 3.36 54.87 26.60
N GLY B 169 2.48 55.85 26.45
CA GLY B 169 1.27 55.63 25.71
C GLY B 169 0.60 56.93 25.34
N CYS B 170 -0.64 56.80 24.89
N CYS B 170 -0.66 56.83 24.92
CA CYS B 170 -1.53 57.91 24.59
CA CYS B 170 -1.44 58.05 24.67
C CYS B 170 -2.82 57.73 25.36
C CYS B 170 -2.89 57.82 25.03
N LEU B 171 -3.48 58.83 25.67
CA LEU B 171 -4.82 58.79 26.23
C LEU B 171 -5.83 59.25 25.19
N VAL B 172 -6.72 58.35 24.79
CA VAL B 172 -7.78 58.66 23.83
C VAL B 172 -9.02 58.96 24.65
N LYS B 173 -9.35 60.25 24.78
CA LYS B 173 -10.29 60.72 25.80
C LYS B 173 -11.58 61.21 25.17
N ASP B 174 -12.71 60.80 25.75
CA ASP B 174 -14.02 61.36 25.46
C ASP B 174 -14.38 61.29 23.97
N TYR B 175 -14.78 60.11 23.51
CA TYR B 175 -15.26 59.94 22.15
C TYR B 175 -16.54 59.11 22.17
N PHE B 176 -17.27 59.19 21.06
CA PHE B 176 -18.52 58.44 20.92
C PHE B 176 -18.85 58.38 19.44
N PRO B 177 -19.30 57.23 18.91
CA PRO B 177 -19.40 55.91 19.55
C PRO B 177 -18.14 55.11 19.34
N GLU B 178 -18.14 53.85 19.78
CA GLU B 178 -17.07 52.94 19.42
C GLU B 178 -17.12 52.68 17.92
N PRO B 179 -16.00 52.20 17.33
CA PRO B 179 -14.70 51.91 17.93
C PRO B 179 -13.65 52.96 17.63
N VAL B 180 -12.49 52.79 18.27
CA VAL B 180 -11.30 53.58 17.99
C VAL B 180 -10.17 52.62 17.68
N THR B 181 -9.40 52.94 16.64
CA THR B 181 -8.22 52.16 16.27
C THR B 181 -6.97 52.95 16.65
N VAL B 182 -6.04 52.28 17.32
CA VAL B 182 -4.78 52.89 17.74
C VAL B 182 -3.63 52.02 17.22
N SER B 183 -2.72 52.65 16.50
CA SER B 183 -1.48 52.02 16.07
C SER B 183 -0.31 52.89 16.51
N TRP B 184 0.89 52.33 16.44
CA TRP B 184 2.10 53.04 16.83
C TRP B 184 3.07 53.08 15.65
N ASN B 185 3.55 54.27 15.32
CA ASN B 185 4.49 54.46 14.22
C ASN B 185 3.92 53.91 12.92
N SER B 186 2.64 54.19 12.67
CA SER B 186 1.94 53.75 11.46
C SER B 186 1.97 52.24 11.30
N GLY B 187 1.97 51.52 12.43
CA GLY B 187 1.96 50.08 12.41
C GLY B 187 3.32 49.41 12.48
N ALA B 188 4.40 50.19 12.34
CA ALA B 188 5.73 49.60 12.40
C ALA B 188 6.12 49.16 13.79
N LEU B 189 5.47 49.69 14.83
CA LEU B 189 5.76 49.34 16.21
C LEU B 189 4.57 48.55 16.76
N THR B 190 4.69 47.23 16.75
CA THR B 190 3.66 46.34 17.29
C THR B 190 4.13 45.54 18.51
N SER B 191 5.44 45.41 18.73
CA SER B 191 5.94 44.64 19.85
C SER B 191 5.72 45.40 21.15
N GLY B 192 5.15 44.71 22.15
CA GLY B 192 4.92 45.32 23.44
C GLY B 192 3.80 46.34 23.48
N VAL B 193 2.92 46.35 22.48
CA VAL B 193 1.80 47.28 22.45
C VAL B 193 0.60 46.64 23.14
N HIS B 194 -0.02 47.40 24.03
CA HIS B 194 -1.24 46.95 24.71
C HIS B 194 -2.25 48.09 24.67
N THR B 195 -3.28 47.95 23.84
CA THR B 195 -4.39 48.90 23.81
C THR B 195 -5.48 48.37 24.74
N PHE B 196 -5.76 49.12 25.80
CA PHE B 196 -6.71 48.67 26.79
C PHE B 196 -8.15 48.90 26.31
N PRO B 197 -9.08 48.05 26.75
CA PRO B 197 -10.49 48.31 26.44
C PRO B 197 -10.94 49.65 26.99
N ALA B 198 -11.84 50.29 26.28
CA ALA B 198 -12.34 51.60 26.67
C ALA B 198 -13.20 51.51 27.91
N VAL B 199 -13.23 52.60 28.67
CA VAL B 199 -14.14 52.74 29.80
C VAL B 199 -15.34 53.54 29.32
N LEU B 200 -16.53 53.07 29.65
CA LEU B 200 -17.77 53.78 29.33
C LEU B 200 -18.12 54.65 30.52
N GLN B 201 -17.93 55.96 30.36
CA GLN B 201 -18.15 56.91 31.42
C GLN B 201 -19.65 57.15 31.64
N SER B 202 -19.98 57.70 32.82
CA SER B 202 -21.36 58.00 33.12
C SER B 202 -21.97 58.96 32.10
N SER B 203 -21.16 59.84 31.51
CA SER B 203 -21.63 60.76 30.48
C SER B 203 -21.99 60.06 29.18
N GLY B 204 -21.69 58.78 29.05
CA GLY B 204 -21.96 58.05 27.83
C GLY B 204 -20.83 58.11 26.82
N LEU B 205 -19.73 58.78 27.15
CA LEU B 205 -18.57 58.86 26.27
C LEU B 205 -17.56 57.80 26.65
N TYR B 206 -16.70 57.48 25.70
CA TYR B 206 -15.68 56.45 25.87
C TYR B 206 -14.31 57.08 26.05
N SER B 207 -13.42 56.33 26.71
CA SER B 207 -12.03 56.71 26.85
C SER B 207 -11.22 55.44 26.96
N LEU B 208 -10.11 55.37 26.22
CA LEU B 208 -9.20 54.24 26.32
C LEU B 208 -7.78 54.76 26.35
N SER B 209 -6.86 53.84 26.64
CA SER B 209 -5.43 54.15 26.66
C SER B 209 -4.70 53.04 25.94
N SER B 210 -3.65 53.41 25.22
CA SER B 210 -2.77 52.48 24.55
C SER B 210 -1.35 52.73 25.04
N VAL B 211 -0.70 51.68 25.53
CA VAL B 211 0.64 51.81 26.07
C VAL B 211 1.55 50.84 25.33
N VAL B 212 2.83 51.20 25.26
CA VAL B 212 3.87 50.38 24.67
C VAL B 212 5.04 50.32 25.64
N THR B 213 5.55 49.12 25.87
CA THR B 213 6.72 48.90 26.72
C THR B 213 7.94 48.84 25.82
N VAL B 214 8.86 49.78 25.99
CA VAL B 214 10.03 49.90 25.13
C VAL B 214 11.27 49.98 26.02
N PRO B 215 12.44 49.66 25.47
CA PRO B 215 13.67 49.76 26.27
C PRO B 215 13.99 51.21 26.61
N SER B 216 14.42 51.43 27.85
CA SER B 216 14.75 52.78 28.30
C SER B 216 15.90 53.39 27.53
N SER B 217 16.71 52.57 26.85
CA SER B 217 17.87 53.11 26.14
C SER B 217 17.45 53.83 24.86
N SER B 218 16.42 53.33 24.18
CA SER B 218 15.96 53.94 22.94
C SER B 218 15.02 55.12 23.17
N LEU B 219 14.91 55.62 24.41
CA LEU B 219 13.98 56.70 24.69
C LEU B 219 14.47 58.03 24.15
N GLY B 220 15.79 58.19 23.99
CA GLY B 220 16.35 59.44 23.51
C GLY B 220 16.54 59.47 22.01
N THR B 221 16.66 58.30 21.38
CA THR B 221 16.90 58.19 19.95
C THR B 221 15.62 57.90 19.16
N GLN B 222 14.83 56.94 19.61
CA GLN B 222 13.64 56.54 18.87
C GLN B 222 12.49 57.52 19.11
N THR B 223 11.66 57.67 18.07
CA THR B 223 10.48 58.53 18.13
C THR B 223 9.24 57.65 18.12
N TYR B 224 8.29 57.95 19.00
CA TYR B 224 7.09 57.12 19.18
C TYR B 224 5.87 57.97 18.90
N ILE B 225 5.14 57.61 17.84
CA ILE B 225 3.89 58.26 17.46
C ILE B 225 2.76 57.24 17.55
N CYS B 226 1.70 57.60 18.26
CA CYS B 226 0.49 56.79 18.30
C CYS B 226 -0.50 57.38 17.29
N ASN B 227 -1.07 56.50 16.47
CA ASN B 227 -1.95 56.90 15.37
C ASN B 227 -3.39 56.56 15.76
N VAL B 228 -4.18 57.58 16.05
CA VAL B 228 -5.57 57.40 16.48
C VAL B 228 -6.50 57.73 15.33
N ASN B 229 -7.50 56.89 15.13
CA ASN B 229 -8.51 57.08 14.10
C ASN B 229 -9.89 56.83 14.69
N HIS B 230 -10.79 57.80 14.54
CA HIS B 230 -12.17 57.66 14.98
C HIS B 230 -13.03 57.92 13.75
N LYS B 231 -13.39 56.83 13.07
CA LYS B 231 -14.13 56.95 11.81
C LYS B 231 -15.48 57.65 11.97
N PRO B 232 -16.28 57.38 13.00
CA PRO B 232 -17.58 58.05 13.11
C PRO B 232 -17.50 59.58 13.08
N SER B 233 -16.43 60.16 13.62
CA SER B 233 -16.25 61.61 13.61
C SER B 233 -15.23 62.06 12.58
N ASN B 234 -14.70 61.14 11.77
CA ASN B 234 -13.68 61.46 10.78
C ASN B 234 -12.47 62.11 11.44
N THR B 235 -12.09 61.61 12.61
CA THR B 235 -10.96 62.11 13.36
C THR B 235 -9.79 61.13 13.22
N LYS B 236 -8.67 61.63 12.71
CA LYS B 236 -7.43 60.85 12.65
C LYS B 236 -6.33 61.74 13.22
N VAL B 237 -5.68 61.26 14.28
CA VAL B 237 -4.70 62.06 15.01
C VAL B 237 -3.40 61.28 15.11
N ASP B 238 -2.28 61.97 14.96
CA ASP B 238 -0.95 61.41 15.13
C ASP B 238 -0.26 62.22 16.22
N LYS B 239 -0.13 61.62 17.41
CA LYS B 239 0.43 62.31 18.56
C LYS B 239 1.82 61.76 18.87
N LYS B 240 2.78 62.66 19.05
CA LYS B 240 4.14 62.28 19.39
C LYS B 240 4.29 62.25 20.91
N VAL B 241 4.85 61.17 21.42
CA VAL B 241 5.06 60.97 22.85
C VAL B 241 6.54 61.15 23.12
N GLU B 242 6.88 62.19 23.88
CA GLU B 242 8.27 62.52 24.18
C GLU B 242 8.51 62.46 25.69
N PRO B 243 9.74 62.21 26.12
CA PRO B 243 10.02 62.15 27.55
C PRO B 243 9.70 63.48 28.24
N LYS B 244 9.21 63.39 29.46
CA LYS B 244 8.88 64.59 30.23
C LYS B 244 10.15 65.32 30.64
N SER B 245 10.23 66.61 30.33
CA SER B 245 11.38 67.43 30.68
C SER B 245 10.89 68.81 31.09
N CYS B 246 11.43 69.32 32.20
CA CYS B 246 11.06 70.64 32.69
C CYS B 246 11.56 71.73 31.76
N SER C 30 18.66 -13.67 -49.20
CA SER C 30 18.79 -12.54 -50.12
C SER C 30 17.45 -11.81 -50.26
N VAL C 31 17.52 -10.49 -50.34
CA VAL C 31 16.34 -9.65 -50.42
C VAL C 31 16.35 -8.88 -51.75
N LEU C 32 15.20 -8.83 -52.41
CA LEU C 32 15.01 -8.02 -53.60
C LEU C 32 14.24 -6.77 -53.19
N THR C 33 14.93 -5.63 -53.13
CA THR C 33 14.33 -4.42 -52.60
C THR C 33 13.48 -3.72 -53.65
N GLN C 34 12.26 -3.39 -53.29
CA GLN C 34 11.34 -2.61 -54.10
C GLN C 34 10.96 -1.33 -53.38
N PRO C 35 10.55 -0.30 -54.12
CA PRO C 35 10.03 0.89 -53.46
C PRO C 35 8.73 0.57 -52.75
N PRO C 36 8.52 1.08 -51.53
CA PRO C 36 7.25 0.76 -50.84
C PRO C 36 6.04 1.27 -51.58
N SER C 37 6.13 2.46 -52.18
CA SER C 37 4.99 3.11 -52.80
C SER C 37 5.41 3.84 -54.06
N VAL C 38 4.62 3.70 -55.12
CA VAL C 38 4.75 4.49 -56.32
C VAL C 38 3.35 4.93 -56.71
N SER C 39 3.23 6.14 -57.26
CA SER C 39 1.93 6.69 -57.55
C SER C 39 1.98 7.55 -58.80
N GLY C 40 0.82 7.68 -59.45
CA GLY C 40 0.69 8.54 -60.61
C GLY C 40 -0.77 8.78 -60.90
N ALA C 41 -1.03 9.85 -61.63
CA ALA C 41 -2.39 10.17 -62.01
C ALA C 41 -2.86 9.25 -63.13
N PRO C 42 -4.16 9.13 -63.34
CA PRO C 42 -4.66 8.33 -64.47
C PRO C 42 -4.03 8.79 -65.77
N GLY C 43 -3.53 7.83 -66.55
CA GLY C 43 -2.89 8.13 -67.81
C GLY C 43 -1.40 8.38 -67.71
N GLN C 44 -0.86 8.51 -66.50
CA GLN C 44 0.57 8.75 -66.33
C GLN C 44 1.32 7.42 -66.29
N ARG C 45 2.64 7.52 -66.45
CA ARG C 45 3.53 6.37 -66.48
C ARG C 45 4.30 6.29 -65.17
N VAL C 46 4.35 5.09 -64.58
CA VAL C 46 5.14 4.85 -63.38
C VAL C 46 6.00 3.62 -63.62
N THR C 47 7.12 3.55 -62.89
CA THR C 47 8.02 2.41 -62.96
C THR C 47 8.37 1.96 -61.55
N ILE C 48 8.55 0.64 -61.41
CA ILE C 48 8.82 0.01 -60.11
C ILE C 48 10.15 -0.72 -60.21
N SER C 49 11.10 -0.35 -59.35
CA SER C 49 12.42 -0.95 -59.36
C SER C 49 12.44 -2.20 -58.48
N CYS C 50 13.38 -3.09 -58.80
CA CYS C 50 13.58 -4.34 -58.07
C CYS C 50 15.08 -4.60 -58.02
N SER C 51 15.71 -4.27 -56.90
CA SER C 51 17.16 -4.32 -56.77
C SER C 51 17.59 -5.61 -56.09
N GLY C 52 18.51 -6.33 -56.73
CA GLY C 52 19.05 -7.57 -56.20
C GLY C 52 20.57 -7.53 -56.19
N SER C 53 21.15 -8.70 -56.45
CA SER C 53 22.60 -8.87 -56.45
C SER C 53 23.01 -9.64 -57.70
N ARG C 54 24.32 -9.80 -57.89
CA ARG C 54 24.83 -10.56 -59.03
C ARG C 54 24.36 -12.01 -58.99
N SER C 55 24.23 -12.58 -57.79
CA SER C 55 23.87 -13.99 -57.68
C SER C 55 22.44 -14.24 -58.15
N ASN C 56 21.50 -13.36 -57.79
CA ASN C 56 20.11 -13.58 -58.13
C ASN C 56 19.72 -12.88 -59.44
N ILE C 57 19.31 -11.61 -59.37
CA ILE C 57 18.83 -10.93 -60.57
C ILE C 57 19.91 -10.88 -61.64
N GLY C 58 21.17 -10.72 -61.22
CA GLY C 58 22.27 -10.67 -62.17
C GLY C 58 22.49 -11.95 -62.94
N SER C 59 21.97 -13.07 -62.44
CA SER C 59 22.21 -14.38 -63.04
C SER C 59 20.92 -15.13 -63.38
N ASN C 60 19.76 -14.52 -63.21
CA ASN C 60 18.49 -15.19 -63.45
C ASN C 60 17.49 -14.22 -64.04
N THR C 61 16.43 -14.77 -64.62
CA THR C 61 15.33 -13.96 -65.15
C THR C 61 14.42 -13.51 -64.00
N VAL C 62 13.57 -12.54 -64.31
CA VAL C 62 12.71 -11.91 -63.31
C VAL C 62 11.26 -12.03 -63.76
N LYS C 63 10.39 -12.33 -62.80
CA LYS C 63 8.95 -12.30 -62.97
C LYS C 63 8.35 -11.13 -62.20
N TRP C 64 7.15 -10.72 -62.61
CA TRP C 64 6.40 -9.71 -61.88
C TRP C 64 4.99 -10.21 -61.65
N TYR C 65 4.48 -9.98 -60.44
CA TYR C 65 3.16 -10.41 -60.04
C TYR C 65 2.33 -9.22 -59.60
N GLN C 66 1.04 -9.26 -59.89
CA GLN C 66 0.07 -8.28 -59.40
C GLN C 66 -0.82 -8.96 -58.39
N GLN C 67 -1.06 -8.30 -57.26
CA GLN C 67 -1.91 -8.84 -56.21
C GLN C 67 -2.93 -7.78 -55.82
N LEU C 68 -4.20 -8.09 -56.02
CA LEU C 68 -5.30 -7.27 -55.54
C LEU C 68 -5.68 -7.67 -54.12
N PRO C 69 -6.41 -6.82 -53.41
CA PRO C 69 -6.75 -7.15 -52.02
C PRO C 69 -7.49 -8.48 -51.91
N GLY C 70 -7.01 -9.34 -51.01
CA GLY C 70 -7.71 -10.57 -50.69
C GLY C 70 -7.68 -11.64 -51.75
N THR C 71 -6.77 -11.56 -52.72
CA THR C 71 -6.67 -12.56 -53.77
C THR C 71 -5.21 -12.95 -53.98
N ALA C 72 -5.01 -14.07 -54.64
CA ALA C 72 -3.67 -14.56 -54.90
C ALA C 72 -2.96 -13.70 -55.94
N PRO C 73 -1.63 -13.66 -55.93
CA PRO C 73 -0.90 -12.91 -56.95
C PRO C 73 -1.22 -13.40 -58.36
N LYS C 74 -1.05 -12.50 -59.32
CA LYS C 74 -1.32 -12.77 -60.73
C LYS C 74 -0.07 -12.44 -61.54
N LEU C 75 0.34 -13.37 -62.40
CA LEU C 75 1.55 -13.18 -63.19
C LEU C 75 1.34 -12.09 -64.23
N LEU C 76 2.21 -11.08 -64.21
CA LEU C 76 2.21 -10.01 -65.21
C LEU C 76 3.33 -10.17 -66.23
N ILE C 77 4.55 -10.46 -65.76
CA ILE C 77 5.73 -10.52 -66.60
C ILE C 77 6.51 -11.77 -66.23
N TYR C 78 7.04 -12.45 -67.25
CA TYR C 78 7.99 -13.52 -67.06
C TYR C 78 9.11 -13.35 -68.09
N TYR C 79 10.25 -13.99 -67.83
CA TYR C 79 11.42 -13.85 -68.69
C TYR C 79 11.78 -12.38 -68.85
N ASN C 80 11.70 -11.63 -67.75
CA ASN C 80 12.13 -10.23 -67.68
C ASN C 80 11.11 -9.28 -68.31
N ASP C 81 10.60 -9.60 -69.50
CA ASP C 81 9.77 -8.62 -70.19
C ASP C 81 8.69 -9.24 -71.10
N GLN C 82 8.43 -10.54 -71.00
CA GLN C 82 7.38 -11.17 -71.80
C GLN C 82 6.07 -11.16 -71.04
N ARG C 83 4.98 -10.87 -71.76
CA ARG C 83 3.65 -10.81 -71.15
C ARG C 83 2.89 -12.09 -71.39
N PRO C 84 2.35 -12.75 -70.37
CA PRO C 84 1.43 -13.87 -70.61
C PRO C 84 0.19 -13.40 -71.35
N SER C 85 -0.53 -14.37 -71.91
CA SER C 85 -1.80 -14.07 -72.53
C SER C 85 -2.73 -13.43 -71.50
N GLY C 86 -3.33 -12.30 -71.86
CA GLY C 86 -4.29 -11.62 -71.02
C GLY C 86 -3.76 -10.45 -70.22
N VAL C 87 -2.46 -10.20 -70.25
CA VAL C 87 -1.87 -9.05 -69.56
C VAL C 87 -1.84 -7.89 -70.55
N PRO C 88 -2.43 -6.73 -70.22
CA PRO C 88 -2.42 -5.62 -71.16
C PRO C 88 -1.01 -5.14 -71.45
N ASP C 89 -0.81 -4.63 -72.67
CA ASP C 89 0.53 -4.24 -73.11
C ASP C 89 1.02 -2.96 -72.44
N ARG C 90 0.25 -2.34 -71.56
CA ARG C 90 0.77 -1.22 -70.79
C ARG C 90 1.70 -1.65 -69.67
N PHE C 91 1.77 -2.95 -69.38
CA PHE C 91 2.76 -3.50 -68.45
C PHE C 91 3.98 -3.96 -69.24
N SER C 92 5.12 -3.34 -68.97
CA SER C 92 6.38 -3.68 -69.62
C SER C 92 7.46 -3.91 -68.57
N GLY C 93 8.24 -4.97 -68.78
CA GLY C 93 9.32 -5.33 -67.88
C GLY C 93 10.66 -5.09 -68.53
N SER C 94 11.68 -4.85 -67.70
CA SER C 94 13.04 -4.71 -68.19
C SER C 94 14.00 -5.16 -67.11
N LYS C 95 15.23 -5.46 -67.52
CA LYS C 95 16.26 -5.91 -66.60
C LYS C 95 17.62 -5.44 -67.10
N SER C 96 18.49 -5.03 -66.18
CA SER C 96 19.83 -4.58 -66.54
C SER C 96 20.72 -4.73 -65.33
N GLY C 97 21.78 -5.51 -65.46
CA GLY C 97 22.68 -5.72 -64.34
C GLY C 97 21.98 -6.47 -63.23
N THR C 98 22.04 -5.91 -62.02
CA THR C 98 21.46 -6.51 -60.84
C THR C 98 20.09 -5.93 -60.49
N SER C 99 19.46 -5.22 -61.42
CA SER C 99 18.18 -4.56 -61.17
C SER C 99 17.18 -4.91 -62.26
N ALA C 100 15.92 -4.99 -61.87
CA ALA C 100 14.80 -5.17 -62.79
C ALA C 100 13.79 -4.05 -62.58
N SER C 101 12.94 -3.85 -63.57
CA SER C 101 11.98 -2.75 -63.53
C SER C 101 10.66 -3.16 -64.19
N LEU C 102 9.56 -2.74 -63.57
CA LEU C 102 8.22 -2.87 -64.13
C LEU C 102 7.68 -1.48 -64.42
N ALA C 103 7.30 -1.24 -65.67
CA ALA C 103 6.71 0.03 -66.07
C ALA C 103 5.22 -0.17 -66.36
N ILE C 104 4.40 0.78 -65.91
CA ILE C 104 2.98 0.81 -66.21
C ILE C 104 2.70 2.12 -66.93
N THR C 105 2.44 2.05 -68.23
CA THR C 105 2.24 3.23 -69.06
C THR C 105 0.74 3.46 -69.23
N GLY C 106 0.23 4.54 -68.63
CA GLY C 106 -1.19 4.84 -68.70
C GLY C 106 -1.97 4.22 -67.56
N LEU C 107 -1.68 4.66 -66.34
CA LEU C 107 -2.32 4.10 -65.16
C LEU C 107 -3.84 4.14 -65.28
N GLN C 108 -4.46 3.02 -64.94
CA GLN C 108 -5.92 2.91 -64.83
C GLN C 108 -6.30 2.46 -63.43
N ALA C 109 -7.54 2.75 -63.05
CA ALA C 109 -8.02 2.42 -61.71
C ALA C 109 -7.70 0.97 -61.35
N GLU C 110 -7.85 0.05 -62.31
CA GLU C 110 -7.60 -1.36 -62.04
C GLU C 110 -6.15 -1.64 -61.70
N ASP C 111 -5.24 -0.71 -62.01
CA ASP C 111 -3.83 -0.91 -61.74
C ASP C 111 -3.45 -0.63 -60.30
N GLU C 112 -4.33 -0.04 -59.50
CA GLU C 112 -4.06 0.17 -58.09
C GLU C 112 -4.01 -1.18 -57.38
N ALA C 113 -2.82 -1.57 -56.94
CA ALA C 113 -2.62 -2.90 -56.38
C ALA C 113 -1.20 -3.06 -55.86
N ASP C 114 -0.89 -4.23 -55.31
CA ASP C 114 0.47 -4.56 -54.91
C ASP C 114 1.18 -5.29 -56.03
N TYR C 115 2.48 -5.01 -56.18
CA TYR C 115 3.29 -5.61 -57.23
C TYR C 115 4.55 -6.20 -56.61
N TYR C 116 4.86 -7.44 -57.00
CA TYR C 116 6.03 -8.15 -56.48
C TYR C 116 6.88 -8.63 -57.65
N CYS C 117 8.18 -8.39 -57.58
CA CYS C 117 9.11 -9.05 -58.47
C CYS C 117 9.49 -10.41 -57.87
N GLN C 118 9.99 -11.29 -58.73
CA GLN C 118 10.38 -12.62 -58.29
C GLN C 118 11.52 -13.10 -59.16
N SER C 119 12.52 -13.71 -58.52
CA SER C 119 13.68 -14.25 -59.22
C SER C 119 14.17 -15.46 -58.43
N TYR C 120 15.35 -15.95 -58.78
CA TYR C 120 15.96 -17.09 -58.12
C TYR C 120 17.35 -16.71 -57.64
N ASP C 121 17.81 -17.39 -56.58
CA ASP C 121 19.04 -16.99 -55.91
C ASP C 121 20.28 -17.42 -56.70
N ARG C 122 20.34 -18.69 -57.10
CA ARG C 122 21.52 -19.19 -57.79
C ARG C 122 21.15 -20.00 -59.03
N TYR C 123 22.14 -20.64 -59.64
CA TYR C 123 21.98 -21.24 -60.96
C TYR C 123 21.10 -22.47 -60.88
N THR C 124 19.98 -22.45 -61.60
CA THR C 124 19.05 -23.57 -61.69
C THR C 124 18.67 -24.08 -60.30
N HIS C 125 18.12 -23.16 -59.50
CA HIS C 125 17.67 -23.48 -58.16
C HIS C 125 16.19 -23.12 -58.00
N PRO C 126 15.39 -23.98 -57.38
CA PRO C 126 13.94 -23.75 -57.36
C PRO C 126 13.45 -22.78 -56.30
N ALA C 127 14.29 -22.40 -55.34
CA ALA C 127 13.86 -21.49 -54.29
C ALA C 127 13.49 -20.12 -54.88
N LEU C 128 12.31 -19.63 -54.52
CA LEU C 128 11.79 -18.38 -55.06
C LEU C 128 12.15 -17.21 -54.15
N LEU C 129 12.66 -16.13 -54.75
CA LEU C 129 12.94 -14.89 -54.05
C LEU C 129 11.92 -13.86 -54.49
N PHE C 130 11.06 -13.44 -53.57
CA PHE C 130 10.06 -12.43 -53.83
C PHE C 130 10.54 -11.07 -53.33
N GLY C 131 10.24 -10.03 -54.09
CA GLY C 131 10.58 -8.68 -53.69
C GLY C 131 9.75 -8.23 -52.50
N THR C 132 10.17 -7.11 -51.91
CA THR C 132 9.50 -6.58 -50.73
C THR C 132 8.09 -6.08 -51.04
N GLY C 133 7.77 -5.85 -52.32
CA GLY C 133 6.44 -5.44 -52.69
C GLY C 133 6.28 -3.94 -52.81
N THR C 134 5.52 -3.50 -53.81
CA THR C 134 5.25 -2.08 -54.06
C THR C 134 3.75 -1.89 -54.20
N LYS C 135 3.21 -0.93 -53.46
CA LYS C 135 1.81 -0.53 -53.60
C LYS C 135 1.71 0.59 -54.63
N VAL C 136 0.95 0.35 -55.69
CA VAL C 136 0.71 1.34 -56.73
C VAL C 136 -0.60 2.05 -56.44
N THR C 137 -0.54 3.38 -56.32
CA THR C 137 -1.71 4.22 -56.10
C THR C 137 -1.99 5.02 -57.36
N VAL C 138 -3.25 4.99 -57.81
CA VAL C 138 -3.70 5.85 -58.89
C VAL C 138 -4.29 7.09 -58.24
N LEU C 139 -3.57 8.21 -58.34
CA LEU C 139 -3.90 9.43 -57.62
C LEU C 139 -5.26 10.00 -58.00
N GLY C 140 -6.23 9.88 -57.11
CA GLY C 140 -7.54 10.47 -57.26
C GLY C 140 -7.77 11.72 -56.44
N GLN C 141 -6.74 12.21 -55.75
CA GLN C 141 -6.82 13.42 -54.95
C GLN C 141 -5.40 13.91 -54.68
N PRO C 142 -5.23 15.16 -54.25
CA PRO C 142 -3.89 15.67 -54.01
C PRO C 142 -3.17 14.88 -52.93
N LYS C 143 -1.84 14.81 -53.05
CA LYS C 143 -1.02 14.16 -52.03
C LYS C 143 -1.10 14.94 -50.72
N ALA C 144 -1.18 14.21 -49.61
CA ALA C 144 -1.29 14.81 -48.29
C ALA C 144 -0.29 14.15 -47.36
N ALA C 145 0.50 14.97 -46.66
CA ALA C 145 1.48 14.45 -45.72
C ALA C 145 0.78 14.01 -44.42
N PRO C 146 1.33 13.04 -43.72
CA PRO C 146 0.68 12.53 -42.51
C PRO C 146 0.83 13.47 -41.32
N SER C 147 -0.23 13.50 -40.51
CA SER C 147 -0.20 14.15 -39.21
C SER C 147 0.10 13.09 -38.15
N VAL C 148 1.20 13.28 -37.42
CA VAL C 148 1.68 12.30 -36.45
C VAL C 148 1.42 12.82 -35.04
N THR C 149 0.91 11.96 -34.17
CA THR C 149 0.72 12.25 -32.76
C THR C 149 1.31 11.12 -31.96
N LEU C 150 2.30 11.42 -31.13
CA LEU C 150 3.00 10.43 -30.33
C LEU C 150 2.68 10.64 -28.86
N PHE C 151 2.07 9.63 -28.23
CA PHE C 151 1.74 9.68 -26.82
C PHE C 151 2.72 8.85 -26.00
N PRO C 152 3.22 9.35 -24.87
CA PRO C 152 4.06 8.53 -24.01
C PRO C 152 3.24 7.54 -23.21
N PRO C 153 3.88 6.62 -22.48
CA PRO C 153 3.12 5.74 -21.59
C PRO C 153 2.46 6.55 -20.49
N SER C 154 1.19 6.24 -20.23
CA SER C 154 0.47 6.95 -19.18
C SER C 154 0.96 6.52 -17.81
N SER C 155 0.69 7.37 -16.81
CA SER C 155 1.08 7.03 -15.44
C SER C 155 0.39 5.77 -14.97
N GLU C 156 -0.91 5.65 -15.27
CA GLU C 156 -1.65 4.45 -14.86
C GLU C 156 -1.05 3.19 -15.47
N GLU C 157 -0.64 3.25 -16.73
CA GLU C 157 -0.07 2.07 -17.38
C GLU C 157 1.27 1.69 -16.75
N LEU C 158 2.13 2.68 -16.50
CA LEU C 158 3.41 2.40 -15.85
C LEU C 158 3.20 1.80 -14.46
N GLN C 159 2.12 2.20 -13.77
CA GLN C 159 1.80 1.59 -12.49
C GLN C 159 1.50 0.11 -12.63
N ALA C 160 0.99 -0.32 -13.79
CA ALA C 160 0.73 -1.71 -14.07
C ALA C 160 1.97 -2.45 -14.60
N ASN C 161 3.15 -1.84 -14.51
CA ASN C 161 4.40 -2.47 -14.94
C ASN C 161 4.38 -2.76 -16.44
N LYS C 162 3.76 -1.86 -17.21
CA LYS C 162 3.73 -1.95 -18.66
C LYS C 162 3.97 -0.57 -19.25
N ALA C 163 4.42 -0.56 -20.50
CA ALA C 163 4.73 0.70 -21.18
C ALA C 163 4.51 0.53 -22.67
N THR C 164 3.63 1.36 -23.24
CA THR C 164 3.36 1.37 -24.67
C THR C 164 3.42 2.79 -25.20
N LEU C 165 4.23 2.99 -26.24
CA LEU C 165 4.26 4.24 -26.98
C LEU C 165 3.28 4.13 -28.15
N VAL C 166 2.40 5.12 -28.27
CA VAL C 166 1.34 5.12 -29.27
C VAL C 166 1.65 6.20 -30.29
N CYS C 167 1.96 5.78 -31.52
CA CYS C 167 2.23 6.70 -32.62
C CYS C 167 1.08 6.61 -33.61
N LEU C 168 0.27 7.66 -33.67
CA LEU C 168 -0.92 7.67 -34.51
C LEU C 168 -0.68 8.54 -35.74
N ILE C 169 -0.99 7.97 -36.90
CA ILE C 169 -0.72 8.59 -38.19
C ILE C 169 -2.04 8.70 -38.95
N SER C 170 -2.36 9.90 -39.43
CA SER C 170 -3.67 10.13 -40.03
C SER C 170 -3.57 11.17 -41.14
N ASP C 171 -4.58 11.16 -42.00
CA ASP C 171 -4.78 12.20 -43.02
C ASP C 171 -3.60 12.27 -43.99
N PHE C 172 -3.19 11.11 -44.49
CA PHE C 172 -2.16 11.04 -45.51
C PHE C 172 -2.67 10.30 -46.74
N TYR C 173 -2.11 10.68 -47.90
CA TYR C 173 -2.47 10.12 -49.19
C TYR C 173 -1.24 10.31 -50.05
N PRO C 174 -0.78 9.28 -50.80
CA PRO C 174 -1.30 7.90 -50.87
C PRO C 174 -1.23 7.15 -49.54
N GLY C 175 -1.96 6.05 -49.45
CA GLY C 175 -2.00 5.27 -48.23
C GLY C 175 -0.82 4.34 -48.06
N ALA C 176 0.37 4.91 -47.97
CA ALA C 176 1.59 4.12 -47.82
C ALA C 176 2.58 4.90 -46.98
N VAL C 177 2.98 4.32 -45.84
CA VAL C 177 3.94 4.95 -44.95
C VAL C 177 4.86 3.87 -44.42
N THR C 178 6.07 4.28 -44.05
CA THR C 178 7.02 3.42 -43.37
C THR C 178 7.33 4.04 -42.02
N VAL C 179 7.18 3.24 -40.96
CA VAL C 179 7.37 3.71 -39.60
C VAL C 179 8.67 3.15 -39.07
N ALA C 180 9.50 4.02 -38.51
CA ALA C 180 10.76 3.63 -37.90
C ALA C 180 10.80 4.20 -36.49
N TRP C 181 11.10 3.35 -35.52
CA TRP C 181 11.21 3.77 -34.13
C TRP C 181 12.68 3.94 -33.79
N LYS C 182 12.98 4.94 -32.97
CA LYS C 182 14.35 5.23 -32.58
C LYS C 182 14.43 5.39 -31.06
N ALA C 183 15.35 4.66 -30.45
CA ALA C 183 15.70 4.87 -29.04
C ALA C 183 16.92 5.79 -29.05
N ASP C 184 16.74 7.02 -28.59
CA ASP C 184 17.73 8.07 -28.78
C ASP C 184 17.98 8.28 -30.27
N SER C 185 19.07 7.73 -30.81
CA SER C 185 19.33 7.81 -32.24
C SER C 185 19.46 6.47 -32.95
N SER C 186 19.52 5.36 -32.22
CA SER C 186 19.67 4.05 -32.85
C SER C 186 18.30 3.41 -33.11
N PRO C 187 18.14 2.68 -34.21
CA PRO C 187 16.84 2.09 -34.52
C PRO C 187 16.42 0.98 -33.58
N VAL C 188 15.11 0.89 -33.40
CA VAL C 188 14.48 -0.12 -32.54
C VAL C 188 13.64 -1.03 -33.42
N LYS C 189 13.85 -2.34 -33.29
CA LYS C 189 13.13 -3.32 -34.08
C LYS C 189 12.20 -4.20 -33.24
N ALA C 190 12.57 -4.51 -32.01
CA ALA C 190 11.75 -5.37 -31.17
C ALA C 190 10.64 -4.58 -30.51
N GLY C 191 9.49 -5.23 -30.34
CA GLY C 191 8.36 -4.60 -29.68
C GLY C 191 7.55 -3.67 -30.54
N VAL C 192 7.81 -3.60 -31.85
CA VAL C 192 7.11 -2.70 -32.75
C VAL C 192 6.02 -3.48 -33.47
N GLU C 193 4.81 -2.93 -33.47
CA GLU C 193 3.70 -3.49 -34.24
C GLU C 193 2.94 -2.34 -34.88
N THR C 194 2.85 -2.36 -36.20
CA THR C 194 2.24 -1.30 -36.98
C THR C 194 1.10 -1.87 -37.81
N THR C 195 -0.02 -1.13 -37.86
CA THR C 195 -1.16 -1.55 -38.65
C THR C 195 -0.96 -1.14 -40.11
N THR C 196 -1.70 -1.81 -40.98
CA THR C 196 -1.71 -1.41 -42.37
C THR C 196 -2.58 -0.18 -42.56
N PRO C 197 -2.22 0.72 -43.47
CA PRO C 197 -3.06 1.91 -43.68
C PRO C 197 -4.49 1.52 -44.03
N SER C 198 -5.44 2.29 -43.50
CA SER C 198 -6.85 2.07 -43.74
C SER C 198 -7.50 3.38 -44.16
N LYS C 199 -8.43 3.30 -45.10
CA LYS C 199 -9.07 4.49 -45.63
C LYS C 199 -9.98 5.14 -44.60
N GLN C 200 -9.83 6.45 -44.43
CA GLN C 200 -10.69 7.20 -43.53
C GLN C 200 -12.03 7.51 -44.20
N SER C 201 -12.90 8.21 -43.48
CA SER C 201 -14.16 8.65 -44.06
C SER C 201 -13.94 9.75 -45.09
N ASN C 202 -12.91 10.58 -44.90
CA ASN C 202 -12.58 11.65 -45.85
C ASN C 202 -11.72 11.15 -47.01
N ASN C 203 -11.63 9.84 -47.21
CA ASN C 203 -10.94 9.19 -48.32
C ASN C 203 -9.42 9.28 -48.21
N LYS C 204 -8.88 9.85 -47.15
CA LYS C 204 -7.46 9.73 -46.85
C LYS C 204 -7.23 8.52 -45.97
N TYR C 205 -5.96 8.27 -45.62
CA TYR C 205 -5.56 7.06 -44.92
C TYR C 205 -5.08 7.37 -43.51
N ALA C 206 -5.21 6.37 -42.63
CA ALA C 206 -4.75 6.46 -41.26
C ALA C 206 -4.04 5.16 -40.89
N ALA C 207 -3.09 5.28 -39.96
CA ALA C 207 -2.37 4.12 -39.46
C ALA C 207 -1.90 4.41 -38.03
N SER C 208 -1.57 3.35 -37.31
CA SER C 208 -1.08 3.46 -35.94
C SER C 208 0.05 2.48 -35.73
N SER C 209 1.06 2.89 -34.95
CA SER C 209 2.20 2.05 -34.64
C SER C 209 2.42 2.06 -33.13
N TYR C 210 2.67 0.87 -32.57
CA TYR C 210 2.85 0.71 -31.13
C TYR C 210 4.23 0.14 -30.85
N LEU C 211 4.93 0.74 -29.89
CA LEU C 211 6.22 0.26 -29.41
C LEU C 211 6.05 -0.18 -27.96
N SER C 212 6.07 -1.49 -27.72
CA SER C 212 5.90 -2.03 -26.37
C SER C 212 7.25 -2.06 -25.66
N LEU C 213 7.31 -1.43 -24.49
CA LEU C 213 8.53 -1.36 -23.70
C LEU C 213 8.23 -1.79 -22.27
N THR C 214 9.29 -2.14 -21.56
CA THR C 214 9.18 -2.31 -20.12
C THR C 214 9.35 -0.97 -19.43
N PRO C 215 8.82 -0.82 -18.21
CA PRO C 215 9.03 0.45 -17.49
C PRO C 215 10.49 0.85 -17.39
N GLU C 216 11.41 -0.12 -17.31
CA GLU C 216 12.82 0.21 -17.21
C GLU C 216 13.36 0.70 -18.55
N GLN C 217 12.97 0.04 -19.65
CA GLN C 217 13.42 0.49 -20.97
C GLN C 217 12.88 1.88 -21.27
N TRP C 218 11.63 2.16 -20.87
CA TRP C 218 11.06 3.49 -21.08
C TRP C 218 11.82 4.55 -20.29
N LYS C 219 12.44 4.16 -19.18
CA LYS C 219 13.18 5.08 -18.32
C LYS C 219 14.69 4.97 -18.48
N SER C 220 15.17 4.07 -19.34
CA SER C 220 16.60 3.88 -19.57
C SER C 220 17.12 4.74 -20.72
N HIS C 221 16.25 5.48 -21.39
CA HIS C 221 16.63 6.34 -22.50
C HIS C 221 16.11 7.75 -22.27
N ARG C 222 16.81 8.73 -22.85
CA ARG C 222 16.42 10.12 -22.68
C ARG C 222 15.20 10.49 -23.52
N SER C 223 15.00 9.82 -24.66
CA SER C 223 13.88 10.14 -25.52
C SER C 223 13.63 9.01 -26.50
N TYR C 224 12.40 8.96 -27.01
CA TYR C 224 12.02 8.05 -28.08
C TYR C 224 11.35 8.86 -29.19
N SER C 225 11.56 8.43 -30.43
CA SER C 225 11.05 9.15 -31.60
C SER C 225 10.33 8.19 -32.53
N CYS C 226 9.22 8.65 -33.08
CA CYS C 226 8.47 7.93 -34.11
C CYS C 226 8.69 8.64 -35.43
N GLN C 227 9.36 7.97 -36.37
CA GLN C 227 9.67 8.53 -37.67
C GLN C 227 8.74 7.93 -38.72
N VAL C 228 7.97 8.79 -39.37
CA VAL C 228 7.00 8.40 -40.40
C VAL C 228 7.47 8.99 -41.72
N THR C 229 7.84 8.11 -42.65
CA THR C 229 8.28 8.52 -43.98
C THR C 229 7.13 8.35 -44.96
N HIS C 230 6.81 9.43 -45.68
CA HIS C 230 5.72 9.42 -46.64
C HIS C 230 6.16 10.16 -47.90
N GLU C 231 6.22 9.44 -49.03
CA GLU C 231 6.58 10.02 -50.32
C GLU C 231 7.93 10.75 -50.23
N GLY C 232 8.91 10.08 -49.61
CA GLY C 232 10.25 10.62 -49.50
C GLY C 232 10.45 11.61 -48.38
N SER C 233 9.38 12.17 -47.83
CA SER C 233 9.47 13.13 -46.73
C SER C 233 9.16 12.43 -45.42
N THR C 234 9.95 12.75 -44.39
CA THR C 234 9.80 12.13 -43.07
C THR C 234 9.21 13.13 -42.09
N VAL C 235 8.26 12.65 -41.29
CA VAL C 235 7.67 13.44 -40.21
C VAL C 235 8.03 12.73 -38.90
N GLU C 236 8.73 13.43 -38.03
CA GLU C 236 9.23 12.85 -36.78
C GLU C 236 8.57 13.51 -35.59
N LYS C 237 8.20 12.69 -34.61
CA LYS C 237 7.70 13.16 -33.32
C LYS C 237 8.49 12.46 -32.23
N THR C 238 8.92 13.23 -31.24
CA THR C 238 9.78 12.74 -30.17
C THR C 238 9.09 12.96 -28.82
N VAL C 239 9.30 12.00 -27.91
CA VAL C 239 8.77 12.09 -26.56
C VAL C 239 9.86 11.64 -25.60
N ALA C 240 9.88 12.24 -24.41
CA ALA C 240 10.91 11.95 -23.43
C ALA C 240 10.29 11.58 -22.09
N PRO C 241 10.94 10.69 -21.32
CA PRO C 241 10.40 10.38 -19.99
C PRO C 241 10.55 11.53 -19.01
N THR C 242 11.66 12.26 -19.07
CA THR C 242 11.95 13.34 -18.15
C THR C 242 11.34 14.67 -18.58
N GLU C 243 10.42 14.66 -19.54
CA GLU C 243 9.77 15.88 -20.01
C GLU C 243 9.01 16.55 -18.87
N CYS C 244 7.92 15.93 -18.45
CA CYS C 244 7.08 16.48 -17.38
C CYS C 244 7.52 15.95 -16.02
N GLN D 29 -8.44 -25.36 -67.73
CA GLN D 29 -9.24 -25.12 -66.50
C GLN D 29 -8.43 -25.43 -65.25
N VAL D 30 -7.19 -24.94 -65.21
CA VAL D 30 -6.32 -25.17 -64.06
C VAL D 30 -7.02 -24.72 -62.79
N GLN D 31 -6.91 -25.53 -61.74
CA GLN D 31 -7.60 -25.28 -60.49
C GLN D 31 -6.77 -25.79 -59.32
N LEU D 32 -6.51 -24.91 -58.35
CA LEU D 32 -5.81 -25.26 -57.13
C LEU D 32 -6.62 -24.77 -55.94
N VAL D 33 -6.89 -25.67 -55.00
CA VAL D 33 -7.73 -25.37 -53.84
C VAL D 33 -6.99 -25.81 -52.59
N GLU D 34 -6.58 -24.83 -51.77
CA GLU D 34 -5.95 -25.13 -50.50
C GLU D 34 -7.01 -25.39 -49.43
N SER D 35 -6.63 -26.21 -48.44
CA SER D 35 -7.51 -26.51 -47.32
C SER D 35 -6.65 -26.94 -46.14
N GLY D 36 -7.31 -27.08 -44.99
CA GLY D 36 -6.64 -27.48 -43.76
C GLY D 36 -6.28 -26.33 -42.84
N GLY D 37 -6.50 -25.09 -43.25
CA GLY D 37 -6.19 -23.96 -42.40
C GLY D 37 -7.18 -23.80 -41.27
N GLY D 38 -6.85 -22.91 -40.35
CA GLY D 38 -7.68 -22.65 -39.20
C GLY D 38 -6.85 -22.09 -38.06
N VAL D 39 -7.42 -22.16 -36.87
CA VAL D 39 -6.78 -21.67 -35.65
C VAL D 39 -6.10 -22.85 -34.95
N VAL D 40 -4.86 -22.63 -34.52
CA VAL D 40 -4.09 -23.65 -33.81
C VAL D 40 -3.22 -22.94 -32.79
N GLN D 41 -2.94 -23.64 -31.68
CA GLN D 41 -2.10 -23.04 -30.64
C GLN D 41 -0.63 -23.22 -30.97
N PRO D 42 0.23 -22.31 -30.50
CA PRO D 42 1.66 -22.46 -30.75
C PRO D 42 2.19 -23.78 -30.24
N GLY D 43 3.20 -24.31 -30.96
CA GLY D 43 3.82 -25.57 -30.61
C GLY D 43 3.15 -26.80 -31.17
N ARG D 44 1.93 -26.68 -31.69
CA ARG D 44 1.21 -27.81 -32.24
C ARG D 44 1.41 -27.89 -33.75
N SER D 45 0.89 -28.95 -34.35
CA SER D 45 1.11 -29.25 -35.75
C SER D 45 -0.17 -29.03 -36.56
N LEU D 46 0.02 -28.78 -37.86
CA LEU D 46 -1.10 -28.58 -38.78
C LEU D 46 -0.68 -29.07 -40.16
N ARG D 47 -1.62 -29.67 -40.88
CA ARG D 47 -1.36 -30.25 -42.18
C ARG D 47 -2.24 -29.57 -43.22
N LEU D 48 -1.60 -28.89 -44.17
CA LEU D 48 -2.30 -28.22 -45.26
C LEU D 48 -2.37 -29.13 -46.48
N SER D 49 -3.41 -28.91 -47.28
CA SER D 49 -3.63 -29.68 -48.50
C SER D 49 -3.91 -28.73 -49.65
N CYS D 50 -3.60 -29.19 -50.87
CA CYS D 50 -3.84 -28.44 -52.09
C CYS D 50 -4.33 -29.42 -53.14
N ALA D 51 -5.63 -29.38 -53.43
CA ALA D 51 -6.22 -30.25 -54.44
C ALA D 51 -6.05 -29.60 -55.81
N ALA D 52 -5.43 -30.34 -56.74
CA ALA D 52 -5.15 -29.84 -58.08
C ALA D 52 -6.03 -30.55 -59.11
N SER D 53 -6.36 -29.83 -60.17
CA SER D 53 -7.15 -30.38 -61.25
C SER D 53 -7.00 -29.49 -62.48
N GLY D 54 -7.37 -30.03 -63.64
CA GLY D 54 -7.28 -29.32 -64.89
C GLY D 54 -5.95 -29.40 -65.59
N PHE D 55 -4.98 -30.11 -65.03
CA PHE D 55 -3.67 -30.26 -65.65
C PHE D 55 -3.00 -31.50 -65.09
N THR D 56 -1.91 -31.91 -65.74
CA THR D 56 -1.17 -33.09 -65.32
C THR D 56 -0.33 -32.72 -64.10
N PHE D 57 -0.93 -32.91 -62.92
CA PHE D 57 -0.30 -32.52 -61.67
C PHE D 57 1.06 -33.21 -61.50
N SER D 58 1.14 -34.50 -61.86
CA SER D 58 2.36 -35.27 -61.66
C SER D 58 3.53 -34.79 -62.51
N SER D 59 3.30 -33.90 -63.48
CA SER D 59 4.36 -33.41 -64.34
C SER D 59 4.95 -32.08 -63.89
N TYR D 60 4.40 -31.47 -62.85
CA TYR D 60 4.80 -30.14 -62.41
C TYR D 60 5.35 -30.18 -60.99
N GLY D 61 6.46 -29.46 -60.77
CA GLY D 61 6.86 -29.14 -59.42
C GLY D 61 5.88 -28.19 -58.76
N MET D 62 5.85 -28.21 -57.44
CA MET D 62 4.88 -27.45 -56.67
C MET D 62 5.56 -26.68 -55.55
N HIS D 63 5.04 -25.48 -55.29
CA HIS D 63 5.54 -24.61 -54.24
C HIS D 63 4.46 -24.38 -53.18
N TRP D 64 4.92 -24.09 -51.97
CA TRP D 64 4.11 -23.44 -50.96
C TRP D 64 4.68 -22.04 -50.75
N VAL D 65 3.80 -21.03 -50.82
CA VAL D 65 4.17 -19.65 -50.59
C VAL D 65 3.17 -19.07 -49.61
N ARG D 66 3.66 -18.33 -48.62
CA ARG D 66 2.80 -17.78 -47.59
C ARG D 66 2.94 -16.27 -47.55
N GLN D 67 1.93 -15.64 -46.95
CA GLN D 67 1.88 -14.18 -46.86
C GLN D 67 1.19 -13.83 -45.56
N ALA D 68 1.95 -13.29 -44.60
CA ALA D 68 1.35 -12.84 -43.36
C ALA D 68 0.46 -11.63 -43.63
N PRO D 69 -0.58 -11.43 -42.81
CA PRO D 69 -1.49 -10.30 -43.06
C PRO D 69 -0.77 -8.97 -43.18
N GLY D 70 -0.95 -8.31 -44.33
CA GLY D 70 -0.35 -7.02 -44.57
C GLY D 70 1.12 -7.05 -44.92
N LYS D 71 1.73 -8.23 -45.08
CA LYS D 71 3.14 -8.34 -45.40
C LYS D 71 3.31 -8.92 -46.81
N GLY D 72 4.58 -9.11 -47.20
CA GLY D 72 4.91 -9.57 -48.52
C GLY D 72 4.87 -11.08 -48.66
N LEU D 73 5.15 -11.54 -49.87
CA LEU D 73 5.19 -12.96 -50.16
C LEU D 73 6.51 -13.56 -49.69
N GLU D 74 6.43 -14.77 -49.12
CA GLU D 74 7.61 -15.49 -48.64
C GLU D 74 7.52 -16.92 -49.13
N TRP D 75 8.48 -17.34 -49.95
CA TRP D 75 8.56 -18.73 -50.37
C TRP D 75 8.82 -19.63 -49.17
N VAL D 76 8.13 -20.78 -49.14
CA VAL D 76 8.17 -21.71 -48.02
C VAL D 76 8.91 -22.99 -48.40
N ALA D 77 8.44 -23.69 -49.42
CA ALA D 77 9.00 -24.99 -49.76
C ALA D 77 8.68 -25.33 -51.20
N PHE D 78 9.42 -26.30 -51.73
CA PHE D 78 9.26 -26.77 -53.10
C PHE D 78 9.51 -28.27 -53.15
N ILE D 79 8.78 -28.95 -54.03
CA ILE D 79 8.92 -30.39 -54.23
C ILE D 79 8.91 -30.68 -55.71
N ARG D 80 9.81 -31.57 -56.14
CA ARG D 80 9.89 -31.94 -57.55
C ARG D 80 8.61 -32.65 -57.99
N TYR D 81 8.44 -32.72 -59.31
CA TYR D 81 7.23 -33.32 -59.87
C TYR D 81 6.99 -34.71 -59.33
N ASP D 82 8.07 -35.48 -59.10
CA ASP D 82 7.97 -36.85 -58.64
C ASP D 82 8.23 -37.01 -57.15
N GLY D 83 8.43 -35.91 -56.42
CA GLY D 83 8.70 -35.99 -54.99
C GLY D 83 10.08 -36.46 -54.61
N SER D 84 11.01 -36.51 -55.57
CA SER D 84 12.34 -37.06 -55.30
C SER D 84 13.20 -36.09 -54.50
N ASN D 85 12.98 -34.78 -54.63
CA ASN D 85 13.77 -33.78 -53.93
C ASN D 85 12.85 -32.71 -53.38
N LYS D 86 13.24 -32.18 -52.22
CA LYS D 86 12.45 -31.18 -51.50
C LYS D 86 13.34 -30.04 -51.07
N TYR D 87 12.80 -28.83 -51.12
CA TYR D 87 13.52 -27.61 -50.76
C TYR D 87 12.69 -26.80 -49.78
N TYR D 88 13.36 -26.16 -48.82
CA TYR D 88 12.68 -25.42 -47.77
C TYR D 88 13.39 -24.09 -47.54
N ALA D 89 12.62 -23.10 -47.09
CA ALA D 89 13.17 -21.85 -46.61
C ALA D 89 13.75 -22.04 -45.22
N ASP D 90 14.79 -21.24 -44.91
CA ASP D 90 15.47 -21.37 -43.63
C ASP D 90 14.51 -21.15 -42.45
N SER D 91 13.52 -20.28 -42.62
CA SER D 91 12.60 -19.97 -41.52
C SER D 91 11.73 -21.16 -41.15
N VAL D 92 11.62 -22.16 -42.03
CA VAL D 92 10.79 -23.34 -41.79
C VAL D 92 11.60 -24.62 -41.82
N LYS D 93 12.89 -24.56 -42.14
CA LYS D 93 13.70 -25.76 -42.28
C LYS D 93 13.70 -26.58 -40.99
N GLY D 94 13.51 -27.90 -41.13
CA GLY D 94 13.48 -28.79 -39.99
C GLY D 94 12.13 -28.89 -39.31
N ARG D 95 11.23 -27.94 -39.56
CA ARG D 95 9.90 -27.90 -38.94
C ARG D 95 8.79 -28.28 -39.89
N PHE D 96 8.88 -27.86 -41.16
CA PHE D 96 7.88 -28.18 -42.16
C PHE D 96 8.37 -29.32 -43.05
N THR D 97 7.42 -30.07 -43.58
CA THR D 97 7.71 -31.15 -44.53
C THR D 97 6.71 -31.04 -45.67
N ILE D 98 7.22 -30.91 -46.89
CA ILE D 98 6.37 -30.88 -48.08
C ILE D 98 6.30 -32.27 -48.66
N SER D 99 5.11 -32.64 -49.14
CA SER D 99 4.92 -33.94 -49.75
C SER D 99 3.77 -33.84 -50.76
N ARG D 100 3.62 -34.88 -51.57
CA ARG D 100 2.62 -34.90 -52.62
C ARG D 100 2.23 -36.33 -52.93
N ASP D 101 0.98 -36.53 -53.30
CA ASP D 101 0.45 -37.83 -53.71
C ASP D 101 -0.09 -37.65 -55.13
N ASN D 102 0.70 -38.02 -56.14
CA ASN D 102 0.32 -37.78 -57.52
C ASN D 102 -0.89 -38.61 -57.92
N SER D 103 -1.09 -39.77 -57.28
CA SER D 103 -2.28 -40.56 -57.57
C SER D 103 -3.55 -39.84 -57.12
N LYS D 104 -3.43 -38.97 -56.12
CA LYS D 104 -4.55 -38.19 -55.61
C LYS D 104 -4.55 -36.75 -56.13
N ASN D 105 -3.50 -36.34 -56.84
CA ASN D 105 -3.40 -34.97 -57.35
C ASN D 105 -3.51 -33.97 -56.21
N THR D 106 -2.79 -34.22 -55.12
CA THR D 106 -2.83 -33.39 -53.93
C THR D 106 -1.42 -33.11 -53.44
N LEU D 107 -1.21 -31.87 -53.02
CA LEU D 107 0.04 -31.45 -52.40
C LEU D 107 -0.21 -31.23 -50.91
N TYR D 108 0.80 -31.55 -50.10
CA TYR D 108 0.67 -31.46 -48.66
C TYR D 108 1.79 -30.60 -48.08
N LEU D 109 1.52 -29.98 -46.94
CA LEU D 109 2.53 -29.27 -46.17
C LEU D 109 2.30 -29.63 -44.70
N GLN D 110 3.16 -30.50 -44.17
CA GLN D 110 3.10 -30.85 -42.76
C GLN D 110 3.85 -29.79 -41.95
N MET D 111 3.14 -29.11 -41.07
CA MET D 111 3.67 -28.02 -40.28
C MET D 111 3.74 -28.47 -38.83
N ASN D 112 4.95 -28.58 -38.29
CA ASN D 112 5.15 -28.99 -36.90
C ASN D 112 5.79 -27.85 -36.13
N SER D 113 5.64 -27.91 -34.80
CA SER D 113 6.18 -26.88 -33.92
C SER D 113 5.79 -25.49 -34.40
N LEU D 114 4.50 -25.30 -34.64
CA LEU D 114 4.03 -24.04 -35.18
C LEU D 114 4.30 -22.90 -34.19
N ARG D 115 4.65 -21.74 -34.74
CA ARG D 115 4.98 -20.57 -33.96
C ARG D 115 4.12 -19.40 -34.43
N ALA D 116 4.13 -18.31 -33.66
CA ALA D 116 3.32 -17.16 -34.00
C ALA D 116 3.69 -16.58 -35.36
N GLU D 117 4.98 -16.60 -35.72
CA GLU D 117 5.40 -16.02 -36.98
C GLU D 117 4.94 -16.83 -38.19
N ASP D 118 4.34 -18.00 -37.98
CA ASP D 118 3.80 -18.79 -39.08
C ASP D 118 2.38 -18.38 -39.48
N THR D 119 1.76 -17.49 -38.72
CA THR D 119 0.44 -16.99 -39.09
C THR D 119 0.51 -16.31 -40.45
N ALA D 120 -0.27 -16.82 -41.39
CA ALA D 120 -0.23 -16.30 -42.76
C ALA D 120 -1.26 -17.05 -43.60
N VAL D 121 -1.58 -16.48 -44.75
CA VAL D 121 -2.28 -17.20 -45.80
C VAL D 121 -1.24 -18.03 -46.56
N TYR D 122 -1.54 -19.31 -46.76
CA TYR D 122 -0.63 -20.23 -47.42
C TYR D 122 -1.16 -20.55 -48.82
N TYR D 123 -0.38 -20.20 -49.83
CA TYR D 123 -0.73 -20.44 -51.22
C TYR D 123 0.03 -21.62 -51.76
N CYS D 124 -0.64 -22.47 -52.53
N CYS D 124 -0.62 -22.39 -52.63
CA CYS D 124 0.04 -23.51 -53.30
CA CYS D 124 -0.05 -23.52 -53.33
C CYS D 124 0.16 -23.04 -54.74
C CYS D 124 0.12 -23.12 -54.79
N LYS D 125 1.35 -23.20 -55.30
CA LYS D 125 1.70 -22.64 -56.60
C LYS D 125 2.42 -23.67 -57.45
N THR D 126 2.07 -23.69 -58.74
CA THR D 126 2.77 -24.56 -59.68
C THR D 126 4.14 -23.97 -60.03
N HIS D 127 5.04 -24.86 -60.45
CA HIS D 127 6.39 -24.48 -60.81
C HIS D 127 6.50 -24.39 -62.32
N GLY D 128 6.83 -23.22 -62.83
CA GLY D 128 6.97 -23.03 -64.26
C GLY D 128 6.91 -21.56 -64.61
N SER D 129 7.12 -21.30 -65.90
CA SER D 129 7.04 -19.93 -66.41
C SER D 129 5.61 -19.40 -66.31
N HIS D 130 4.64 -20.17 -66.81
CA HIS D 130 3.22 -19.84 -66.68
C HIS D 130 2.70 -20.62 -65.48
N ASP D 131 2.74 -19.98 -64.32
CA ASP D 131 2.35 -20.62 -63.07
C ASP D 131 0.92 -20.26 -62.71
N ASN D 132 0.37 -21.01 -61.75
CA ASN D 132 -0.97 -20.78 -61.24
C ASN D 132 -0.94 -20.89 -59.72
N TRP D 133 -1.77 -20.07 -59.08
CA TRP D 133 -1.89 -20.03 -57.63
C TRP D 133 -3.30 -20.46 -57.23
N GLY D 134 -3.43 -20.97 -56.01
CA GLY D 134 -4.73 -21.18 -55.41
C GLY D 134 -5.21 -19.93 -54.68
N GLN D 135 -6.44 -20.00 -54.17
CA GLN D 135 -6.98 -18.89 -53.40
C GLN D 135 -6.33 -18.75 -52.04
N GLY D 136 -5.68 -19.79 -51.55
CA GLY D 136 -5.00 -19.75 -50.26
C GLY D 136 -5.88 -20.24 -49.12
N THR D 137 -5.21 -20.61 -48.04
CA THR D 137 -5.89 -21.04 -46.81
C THR D 137 -5.21 -20.33 -45.64
N MET D 138 -6.03 -19.79 -44.73
CA MET D 138 -5.51 -19.01 -43.62
C MET D 138 -5.08 -19.91 -42.47
N VAL D 139 -3.89 -19.66 -41.93
CA VAL D 139 -3.38 -20.37 -40.77
C VAL D 139 -3.11 -19.34 -39.69
N THR D 140 -3.72 -19.52 -38.53
CA THR D 140 -3.57 -18.61 -37.40
C THR D 140 -2.98 -19.38 -36.23
N VAL D 141 -1.78 -19.00 -35.81
CA VAL D 141 -1.13 -19.61 -34.66
C VAL D 141 -1.27 -18.62 -33.51
N SER D 142 -2.16 -18.92 -32.58
CA SER D 142 -2.43 -18.01 -31.47
C SER D 142 -3.08 -18.78 -30.33
N SER D 143 -2.65 -18.49 -29.10
CA SER D 143 -3.24 -19.02 -27.88
C SER D 143 -4.14 -18.00 -27.20
N ALA D 144 -4.99 -17.28 -27.94
CA ALA D 144 -5.78 -16.21 -27.38
C ALA D 144 -7.23 -16.62 -27.13
N SER D 145 -7.74 -16.22 -25.97
CA SER D 145 -9.12 -16.45 -25.54
C SER D 145 -9.83 -15.12 -25.31
N THR D 146 -11.16 -15.19 -25.21
CA THR D 146 -11.96 -14.00 -24.96
C THR D 146 -11.42 -13.23 -23.76
N LYS D 147 -11.10 -11.96 -23.96
CA LYS D 147 -10.53 -11.15 -22.90
C LYS D 147 -10.95 -9.69 -23.08
N GLY D 148 -11.34 -9.05 -21.98
CA GLY D 148 -11.70 -7.65 -22.00
C GLY D 148 -10.49 -6.73 -22.07
N PRO D 149 -10.68 -5.51 -22.55
CA PRO D 149 -9.55 -4.59 -22.72
C PRO D 149 -9.17 -3.88 -21.42
N SER D 150 -7.91 -3.48 -21.35
CA SER D 150 -7.40 -2.57 -20.32
C SER D 150 -7.32 -1.18 -20.93
N VAL D 151 -8.08 -0.24 -20.38
CA VAL D 151 -8.18 1.11 -20.91
C VAL D 151 -7.24 2.03 -20.13
N PHE D 152 -6.43 2.80 -20.84
CA PHE D 152 -5.51 3.74 -20.25
C PHE D 152 -5.69 5.11 -20.89
N PRO D 153 -5.60 6.21 -20.13
CA PRO D 153 -5.80 7.53 -20.71
C PRO D 153 -4.54 8.04 -21.40
N LEU D 154 -4.74 8.75 -22.51
CA LEU D 154 -3.68 9.41 -23.25
C LEU D 154 -3.83 10.92 -22.99
N ALA D 155 -3.26 11.38 -21.88
CA ALA D 155 -3.47 12.74 -21.44
C ALA D 155 -2.79 13.74 -22.39
N PRO D 156 -3.36 14.93 -22.56
CA PRO D 156 -2.70 15.97 -23.34
C PRO D 156 -1.59 16.63 -22.53
N SER D 157 -0.59 17.14 -23.25
CA SER D 157 0.59 17.72 -22.62
C SER D 157 0.80 19.15 -23.13
N SER D 158 1.77 19.82 -22.53
CA SER D 158 2.11 21.19 -22.90
C SER D 158 2.92 21.22 -24.19
N GLY D 164 -3.79 26.29 -30.84
CA GLY D 164 -4.84 26.23 -29.84
C GLY D 164 -5.67 24.96 -29.94
N THR D 165 -5.01 23.87 -30.31
CA THR D 165 -5.66 22.58 -30.50
C THR D 165 -4.79 21.50 -29.85
N ALA D 166 -5.38 20.78 -28.90
CA ALA D 166 -4.68 19.77 -28.13
C ALA D 166 -5.40 18.44 -28.32
N ALA D 167 -4.64 17.35 -28.27
CA ALA D 167 -5.11 16.04 -28.66
C ALA D 167 -4.97 15.08 -27.50
N LEU D 168 -6.05 14.38 -27.19
CA LEU D 168 -6.09 13.43 -26.08
C LEU D 168 -6.89 12.21 -26.53
N GLY D 169 -6.65 11.10 -25.85
CA GLY D 169 -7.33 9.87 -26.20
C GLY D 169 -7.23 8.84 -25.11
N CYS D 170 -7.58 7.60 -25.47
CA CYS D 170 -7.48 6.47 -24.57
C CYS D 170 -6.95 5.27 -25.33
N LEU D 171 -6.17 4.44 -24.63
CA LEU D 171 -5.58 3.23 -25.20
C LEU D 171 -6.41 2.04 -24.75
N VAL D 172 -7.04 1.38 -25.71
CA VAL D 172 -7.81 0.16 -25.46
C VAL D 172 -6.87 -1.00 -25.76
N LYS D 173 -6.34 -1.62 -24.72
CA LYS D 173 -5.21 -2.53 -24.84
C LYS D 173 -5.61 -3.96 -24.55
N ASP D 174 -5.15 -4.88 -25.41
CA ASP D 174 -5.23 -6.31 -25.16
C ASP D 174 -6.66 -6.78 -24.94
N TYR D 175 -7.42 -6.94 -26.03
CA TYR D 175 -8.75 -7.52 -25.96
C TYR D 175 -8.92 -8.54 -27.08
N PHE D 176 -9.92 -9.41 -26.93
CA PHE D 176 -10.21 -10.40 -27.95
C PHE D 176 -11.60 -10.96 -27.71
N PRO D 177 -12.43 -11.13 -28.76
CA PRO D 177 -12.20 -10.73 -30.14
C PRO D 177 -12.73 -9.33 -30.42
N GLU D 178 -12.61 -8.88 -31.65
CA GLU D 178 -13.27 -7.64 -32.05
C GLU D 178 -14.78 -7.84 -32.06
N PRO D 179 -15.57 -6.75 -32.03
CA PRO D 179 -15.14 -5.35 -31.96
C PRO D 179 -15.29 -4.73 -30.59
N VAL D 180 -14.80 -3.49 -30.46
CA VAL D 180 -15.02 -2.67 -29.28
C VAL D 180 -15.61 -1.35 -29.74
N THR D 181 -16.60 -0.85 -29.00
CA THR D 181 -17.23 0.43 -29.29
C THR D 181 -16.68 1.47 -28.33
N VAL D 182 -16.25 2.61 -28.89
CA VAL D 182 -15.67 3.69 -28.11
C VAL D 182 -16.45 4.96 -28.42
N SER D 183 -16.98 5.58 -27.37
CA SER D 183 -17.62 6.88 -27.47
C SER D 183 -16.96 7.82 -26.46
N TRP D 184 -17.24 9.11 -26.61
CA TRP D 184 -16.67 10.14 -25.75
C TRP D 184 -17.79 10.92 -25.10
N ASN D 185 -17.74 11.05 -23.77
CA ASN D 185 -18.76 11.78 -23.01
C ASN D 185 -20.14 11.18 -23.26
N SER D 186 -20.22 9.85 -23.29
CA SER D 186 -21.48 9.13 -23.49
C SER D 186 -22.14 9.54 -24.80
N GLY D 187 -21.32 9.78 -25.82
CA GLY D 187 -21.80 10.14 -27.14
C GLY D 187 -21.96 11.62 -27.37
N ALA D 188 -21.94 12.44 -26.32
CA ALA D 188 -22.12 13.88 -26.48
C ALA D 188 -20.97 14.53 -27.24
N LEU D 189 -19.88 13.82 -27.47
CA LEU D 189 -18.72 14.35 -28.17
C LEU D 189 -18.43 13.46 -29.38
N THR D 190 -18.62 14.03 -30.57
CA THR D 190 -18.35 13.30 -31.82
C THR D 190 -17.42 14.12 -32.72
N SER D 191 -17.51 15.44 -32.62
CA SER D 191 -16.66 16.30 -33.45
C SER D 191 -15.21 16.14 -33.05
N GLY D 192 -14.34 15.93 -34.05
CA GLY D 192 -12.92 15.76 -33.81
C GLY D 192 -12.52 14.38 -33.31
N VAL D 193 -13.45 13.44 -33.24
CA VAL D 193 -13.14 12.10 -32.76
C VAL D 193 -12.54 11.28 -33.90
N HIS D 194 -11.63 10.38 -33.55
CA HIS D 194 -11.04 9.47 -34.52
C HIS D 194 -10.61 8.21 -33.78
N THR D 195 -11.36 7.13 -33.95
CA THR D 195 -11.00 5.84 -33.40
C THR D 195 -10.23 5.04 -34.46
N PHE D 196 -8.97 4.75 -34.17
CA PHE D 196 -8.11 4.07 -35.14
C PHE D 196 -8.42 2.57 -35.19
N PRO D 197 -8.21 1.93 -36.33
CA PRO D 197 -8.36 0.47 -36.40
C PRO D 197 -7.42 -0.24 -35.45
N ALA D 198 -7.87 -1.37 -34.94
CA ALA D 198 -7.09 -2.14 -33.98
C ALA D 198 -5.91 -2.82 -34.65
N VAL D 199 -4.84 -3.00 -33.89
CA VAL D 199 -3.67 -3.75 -34.33
C VAL D 199 -3.78 -5.15 -33.77
N LEU D 200 -3.52 -6.14 -34.61
CA LEU D 200 -3.54 -7.53 -34.20
C LEU D 200 -2.14 -7.92 -33.78
N GLN D 201 -1.94 -8.12 -32.48
CA GLN D 201 -0.64 -8.41 -31.93
C GLN D 201 -0.22 -9.84 -32.28
N SER D 202 1.08 -10.10 -32.18
CA SER D 202 1.57 -11.46 -32.45
C SER D 202 0.91 -12.45 -31.51
N SER D 203 0.57 -12.02 -30.30
CA SER D 203 -0.13 -12.87 -29.34
C SER D 203 -1.57 -13.15 -29.74
N GLY D 204 -2.08 -12.48 -30.78
CA GLY D 204 -3.45 -12.66 -31.21
C GLY D 204 -4.46 -11.73 -30.55
N LEU D 205 -4.01 -10.81 -29.71
CA LEU D 205 -4.90 -9.85 -29.05
C LEU D 205 -4.91 -8.53 -29.82
N TYR D 206 -5.97 -7.77 -29.60
CA TYR D 206 -6.16 -6.49 -30.28
C TYR D 206 -5.88 -5.32 -29.36
N SER D 207 -5.50 -4.20 -29.96
CA SER D 207 -5.30 -2.94 -29.26
C SER D 207 -5.56 -1.81 -30.22
N LEU D 208 -6.32 -0.81 -29.79
CA LEU D 208 -6.58 0.38 -30.60
C LEU D 208 -6.48 1.62 -29.73
N SER D 209 -6.53 2.78 -30.38
CA SER D 209 -6.53 4.06 -29.70
C SER D 209 -7.59 4.95 -30.33
N SER D 210 -8.27 5.73 -29.48
CA SER D 210 -9.25 6.70 -29.91
C SER D 210 -8.83 8.07 -29.39
N VAL D 211 -8.72 9.04 -30.29
CA VAL D 211 -8.25 10.38 -29.95
C VAL D 211 -9.29 11.41 -30.36
N VAL D 212 -9.29 12.53 -29.65
CA VAL D 212 -10.14 13.68 -29.97
C VAL D 212 -9.26 14.92 -29.93
N THR D 213 -9.35 15.74 -30.96
CA THR D 213 -8.61 17.01 -31.04
C THR D 213 -9.52 18.12 -30.55
N VAL D 214 -9.27 18.62 -29.36
CA VAL D 214 -10.14 19.61 -28.73
C VAL D 214 -9.32 20.88 -28.52
N PRO D 215 -9.97 22.04 -28.42
CA PRO D 215 -9.24 23.27 -28.16
C PRO D 215 -8.51 23.22 -26.82
N SER D 216 -7.27 23.71 -26.82
CA SER D 216 -6.46 23.69 -25.61
C SER D 216 -7.05 24.54 -24.50
N SER D 217 -7.97 25.45 -24.83
CA SER D 217 -8.57 26.33 -23.83
C SER D 217 -9.63 25.63 -22.99
N SER D 218 -10.16 24.50 -23.46
CA SER D 218 -11.21 23.77 -22.75
C SER D 218 -10.68 22.62 -21.91
N LEU D 219 -9.36 22.44 -21.85
CA LEU D 219 -8.80 21.32 -21.08
C LEU D 219 -9.10 21.47 -19.59
N GLY D 220 -9.09 22.69 -19.09
CA GLY D 220 -9.29 22.93 -17.67
C GLY D 220 -10.76 23.02 -17.27
N THR D 221 -11.64 23.29 -18.23
CA THR D 221 -13.07 23.44 -17.97
C THR D 221 -13.86 22.19 -18.33
N GLN D 222 -13.76 21.75 -19.58
CA GLN D 222 -14.53 20.60 -20.03
C GLN D 222 -13.92 19.30 -19.51
N THR D 223 -14.78 18.31 -19.28
CA THR D 223 -14.37 17.00 -18.83
C THR D 223 -14.53 15.99 -19.96
N TYR D 224 -13.51 15.16 -20.15
CA TYR D 224 -13.47 14.22 -21.27
C TYR D 224 -13.39 12.81 -20.72
N ILE D 225 -14.43 12.03 -21.00
CA ILE D 225 -14.49 10.62 -20.63
C ILE D 225 -14.58 9.78 -21.91
N CYS D 226 -13.87 8.67 -21.91
CA CYS D 226 -13.83 7.74 -23.04
CA CYS D 226 -13.84 7.74 -23.04
C CYS D 226 -14.53 6.45 -22.61
N ASN D 227 -15.66 6.17 -23.22
CA ASN D 227 -16.49 5.01 -22.88
C ASN D 227 -16.13 3.86 -23.81
N VAL D 228 -15.48 2.83 -23.25
CA VAL D 228 -15.06 1.66 -24.00
C VAL D 228 -16.02 0.52 -23.71
N ASN D 229 -16.44 -0.18 -24.76
CA ASN D 229 -17.37 -1.30 -24.64
C ASN D 229 -16.89 -2.47 -25.47
N HIS D 230 -16.81 -3.64 -24.85
CA HIS D 230 -16.40 -4.89 -25.50
C HIS D 230 -17.54 -5.89 -25.30
N LYS D 231 -18.41 -5.99 -26.30
CA LYS D 231 -19.59 -6.84 -26.18
C LYS D 231 -19.24 -8.30 -25.89
N PRO D 232 -18.25 -8.91 -26.52
CA PRO D 232 -17.95 -10.32 -26.23
C PRO D 232 -17.62 -10.64 -24.78
N SER D 233 -16.97 -9.73 -24.05
CA SER D 233 -16.61 -9.99 -22.65
C SER D 233 -17.51 -9.27 -21.65
N ASN D 234 -18.55 -8.58 -22.11
CA ASN D 234 -19.45 -7.84 -21.22
C ASN D 234 -18.66 -6.84 -20.39
N THR D 235 -17.69 -6.18 -21.02
CA THR D 235 -16.83 -5.20 -20.37
C THR D 235 -17.28 -3.80 -20.77
N LYS D 236 -17.58 -2.98 -19.76
CA LYS D 236 -17.92 -1.58 -19.95
C LYS D 236 -17.05 -0.74 -19.04
N VAL D 237 -16.25 0.14 -19.63
CA VAL D 237 -15.29 0.95 -18.89
C VAL D 237 -15.50 2.42 -19.23
N ASP D 238 -15.43 3.28 -18.22
CA ASP D 238 -15.50 4.72 -18.38
C ASP D 238 -14.23 5.32 -17.79
N LYS D 239 -13.32 5.75 -18.67
CA LYS D 239 -12.03 6.27 -18.26
C LYS D 239 -12.00 7.77 -18.47
N LYS D 240 -11.53 8.50 -17.46
CA LYS D 240 -11.42 9.96 -17.53
C LYS D 240 -10.04 10.34 -18.02
N VAL D 241 -9.99 11.24 -19.00
CA VAL D 241 -8.74 11.73 -19.58
C VAL D 241 -8.54 13.15 -19.09
N GLU D 242 -7.53 13.37 -18.25
CA GLU D 242 -7.26 14.68 -17.70
C GLU D 242 -5.85 15.13 -18.04
N PRO D 243 -5.61 16.44 -18.10
CA PRO D 243 -4.26 16.92 -18.41
C PRO D 243 -3.25 16.47 -17.37
N LYS D 244 -2.06 16.13 -17.83
CA LYS D 244 -0.93 15.80 -16.97
C LYS D 244 -0.09 17.06 -16.81
N SER D 245 -0.07 17.62 -15.61
CA SER D 245 0.65 18.86 -15.36
C SER D 245 2.12 18.69 -15.71
N CYS D 246 2.59 19.46 -16.69
CA CYS D 246 3.97 19.41 -17.13
C CYS D 246 4.75 20.53 -16.46
N ASP D 247 5.80 20.18 -15.73
CA ASP D 247 6.55 21.13 -14.92
C ASP D 247 8.04 20.86 -15.10
N LYS D 248 8.83 21.91 -14.94
CA LYS D 248 10.28 21.85 -15.10
C LYS D 248 11.02 22.20 -13.81
N GLY D 249 10.40 21.94 -12.66
CA GLY D 249 11.02 22.23 -11.39
C GLY D 249 12.04 21.18 -10.97
N THR D 250 13.18 21.17 -11.66
CA THR D 250 14.20 20.15 -11.40
C THR D 250 15.52 20.52 -12.05
N SER D 251 15.46 21.22 -13.18
CA SER D 251 16.67 21.53 -13.94
C SER D 251 17.67 22.33 -13.13
N GLY D 252 17.20 23.11 -12.15
CA GLY D 252 18.06 24.00 -11.40
C GLY D 252 18.22 25.37 -12.02
N LEU D 253 17.53 25.66 -13.11
CA LEU D 253 17.58 26.96 -13.77
C LEU D 253 16.30 27.72 -13.50
N VAL D 254 16.39 29.05 -13.51
CA VAL D 254 15.19 29.88 -13.38
C VAL D 254 14.21 29.51 -14.49
N PRO D 255 12.91 29.33 -14.21
CA PRO D 255 12.00 28.81 -15.23
C PRO D 255 11.58 29.83 -16.27
N ARG D 256 11.75 31.13 -16.02
CA ARG D 256 11.36 32.15 -16.98
C ARG D 256 12.29 33.35 -16.93
N GLN E 29 40.56 10.32 45.93
CA GLN E 29 41.70 11.02 46.50
C GLN E 29 42.00 12.29 45.72
N SER E 30 42.26 12.14 44.42
CA SER E 30 42.46 13.30 43.56
C SER E 30 41.13 14.03 43.38
N VAL E 31 41.19 15.36 43.36
CA VAL E 31 40.00 16.20 43.28
C VAL E 31 40.05 17.01 42.01
N LEU E 32 38.93 17.06 41.30
CA LEU E 32 38.75 17.93 40.14
C LEU E 32 37.89 19.10 40.60
N THR E 33 38.51 20.27 40.77
CA THR E 33 37.83 21.41 41.35
C THR E 33 37.01 22.15 40.30
N GLN E 34 35.74 22.40 40.61
CA GLN E 34 34.86 23.19 39.79
C GLN E 34 34.38 24.41 40.58
N PRO E 35 34.00 25.48 39.91
CA PRO E 35 33.39 26.61 40.62
C PRO E 35 32.04 26.20 41.19
N PRO E 36 31.71 26.61 42.41
CA PRO E 36 30.41 26.20 42.98
C PRO E 36 29.22 26.68 42.17
N SER E 37 29.28 27.90 41.64
CA SER E 37 28.13 28.52 41.01
C SER E 37 28.56 29.30 39.78
N VAL E 38 27.78 29.16 38.70
CA VAL E 38 27.93 29.95 37.50
C VAL E 38 26.54 30.43 37.10
N SER E 39 26.46 31.64 36.55
CA SER E 39 25.16 32.21 36.23
C SER E 39 25.26 33.09 35.00
N GLY E 40 24.13 33.21 34.30
CA GLY E 40 24.04 34.09 33.16
C GLY E 40 22.59 34.29 32.79
N ALA E 41 22.35 35.38 32.05
CA ALA E 41 21.01 35.68 31.59
C ALA E 41 20.65 34.78 30.40
N PRO E 42 19.37 34.63 30.11
CA PRO E 42 18.97 33.87 28.91
C PRO E 42 19.65 34.42 27.67
N GLY E 43 20.23 33.52 26.88
CA GLY E 43 20.94 33.91 25.68
C GLY E 43 22.41 34.21 25.86
N GLN E 44 22.88 34.30 27.10
CA GLN E 44 24.29 34.57 27.36
C GLN E 44 25.10 33.29 27.36
N ARG E 45 26.41 33.46 27.29
CA ARG E 45 27.36 32.35 27.28
C ARG E 45 28.02 32.24 28.65
N VAL E 46 28.07 31.02 29.18
CA VAL E 46 28.75 30.75 30.44
C VAL E 46 29.71 29.59 30.23
N THR E 47 30.76 29.55 31.05
CA THR E 47 31.74 28.48 31.02
C THR E 47 31.97 27.96 32.43
N ILE E 48 32.25 26.67 32.51
CA ILE E 48 32.48 25.96 33.77
C ILE E 48 33.86 25.32 33.69
N SER E 49 34.74 25.72 34.60
CA SER E 49 36.09 25.18 34.62
C SER E 49 36.14 23.90 35.46
N CYS E 50 37.12 23.05 35.14
CA CYS E 50 37.34 21.78 35.82
C CYS E 50 38.84 21.58 35.92
N SER E 51 39.41 21.89 37.07
CA SER E 51 40.86 21.89 37.27
C SER E 51 41.30 20.59 37.92
N GLY E 52 42.27 19.92 37.30
CA GLY E 52 42.81 18.68 37.80
C GLY E 52 44.34 18.74 37.85
N SER E 53 44.96 17.61 37.57
CA SER E 53 46.41 17.49 37.61
C SER E 53 46.88 16.80 36.33
N ARG E 54 48.21 16.68 36.19
CA ARG E 54 48.77 16.02 35.02
C ARG E 54 48.38 14.55 34.97
N SER E 55 48.24 13.90 36.13
CA SER E 55 47.95 12.47 36.14
C SER E 55 46.55 12.18 35.60
N ASN E 56 45.57 13.00 35.95
CA ASN E 56 44.20 12.73 35.52
C ASN E 56 43.84 13.48 34.25
N ILE E 57 43.35 14.72 34.38
CA ILE E 57 42.89 15.46 33.20
C ILE E 57 44.03 15.64 32.20
N GLY E 58 45.25 15.86 32.69
CA GLY E 58 46.37 16.06 31.80
C GLY E 58 46.73 14.84 30.98
N SER E 59 46.26 13.65 31.38
CA SER E 59 46.63 12.40 30.72
C SER E 59 45.40 11.58 30.30
N ASN E 60 44.20 12.11 30.47
CA ASN E 60 42.98 11.36 30.18
C ASN E 60 41.94 12.30 29.57
N THR E 61 40.92 11.70 28.96
CA THR E 61 39.81 12.45 28.41
C THR E 61 38.84 12.85 29.53
N VAL E 62 37.96 13.79 29.20
CA VAL E 62 37.03 14.37 30.16
C VAL E 62 35.61 14.19 29.66
N LYS E 63 34.71 13.86 30.58
CA LYS E 63 33.28 13.84 30.35
C LYS E 63 32.61 14.96 31.14
N TRP E 64 31.42 15.35 30.69
CA TRP E 64 30.60 16.30 31.42
C TRP E 64 29.19 15.73 31.57
N TYR E 65 28.63 15.89 32.76
CA TYR E 65 27.30 15.40 33.09
C TYR E 65 26.40 16.54 33.53
N GLN E 66 25.13 16.44 33.19
CA GLN E 66 24.10 17.35 33.66
C GLN E 66 23.18 16.59 34.62
N GLN E 67 22.86 17.22 35.74
CA GLN E 67 21.96 16.63 36.72
C GLN E 67 20.88 17.64 37.09
N LEU E 68 19.63 17.29 36.81
CA LEU E 68 18.49 18.06 37.26
C LEU E 68 18.04 17.60 38.63
N PRO E 69 17.27 18.41 39.35
CA PRO E 69 16.87 18.03 40.71
C PRO E 69 16.14 16.69 40.73
N GLY E 70 16.60 15.80 41.61
CA GLY E 70 15.92 14.54 41.83
C GLY E 70 16.05 13.53 40.72
N THR E 71 17.02 13.70 39.82
CA THR E 71 17.21 12.77 38.72
C THR E 71 18.69 12.41 38.62
N ALA E 72 18.96 11.31 37.92
CA ALA E 72 20.32 10.84 37.75
C ALA E 72 21.08 11.74 36.78
N PRO E 73 22.41 11.79 36.87
CA PRO E 73 23.19 12.58 35.92
C PRO E 73 22.96 12.12 34.49
N LYS E 74 23.14 13.06 33.56
CA LYS E 74 22.95 12.81 32.13
C LYS E 74 24.21 13.21 31.39
N LEU E 75 24.70 12.34 30.51
CA LEU E 75 25.92 12.61 29.78
C LEU E 75 25.71 13.74 28.77
N LEU E 76 26.54 14.78 28.86
CA LEU E 76 26.54 15.88 27.91
C LEU E 76 27.70 15.80 26.92
N ILE E 77 28.90 15.53 27.42
CA ILE E 77 30.12 15.54 26.61
C ILE E 77 30.94 14.30 26.94
N TYR E 78 31.53 13.69 25.93
CA TYR E 78 32.52 12.65 26.11
C TYR E 78 33.68 12.92 25.17
N TYR E 79 34.82 12.32 25.47
CA TYR E 79 36.04 12.55 24.71
C TYR E 79 36.33 14.05 24.61
N ASN E 80 36.20 14.73 25.74
CA ASN E 80 36.55 16.15 25.88
C ASN E 80 35.51 17.08 25.25
N ASP E 81 35.03 16.76 24.04
CA ASP E 81 34.17 17.70 23.34
C ASP E 81 33.17 17.05 22.40
N GLN E 82 32.95 15.74 22.46
CA GLN E 82 31.97 15.08 21.61
C GLN E 82 30.63 15.00 22.30
N ARG E 83 29.56 15.26 21.55
CA ARG E 83 28.20 15.24 22.09
C ARG E 83 27.49 13.94 21.74
N PRO E 84 26.92 13.23 22.71
CA PRO E 84 26.04 12.10 22.38
C PRO E 84 24.81 12.58 21.63
N SER E 85 24.12 11.62 21.00
CA SER E 85 22.86 11.92 20.34
C SER E 85 21.88 12.51 21.35
N GLY E 86 21.28 13.64 20.98
CA GLY E 86 20.27 14.29 21.80
C GLY E 86 20.76 15.43 22.66
N VAL E 87 22.07 15.69 22.69
CA VAL E 87 22.62 16.81 23.44
C VAL E 87 22.65 18.03 22.52
N PRO E 88 22.04 19.16 22.88
CA PRO E 88 22.05 20.32 21.98
C PRO E 88 23.47 20.81 21.72
N ASP E 89 23.68 21.34 20.52
CA ASP E 89 25.02 21.77 20.13
C ASP E 89 25.46 23.05 20.84
N ARG E 90 24.63 23.65 21.70
CA ARG E 90 25.07 24.76 22.52
C ARG E 90 25.97 24.32 23.67
N PHE E 91 26.06 23.02 23.93
CA PHE E 91 27.01 22.49 24.89
C PHE E 91 28.29 22.10 24.15
N SER E 92 29.39 22.76 24.48
CA SER E 92 30.69 22.50 23.86
C SER E 92 31.73 22.29 24.96
N GLY E 93 32.57 21.28 24.78
CA GLY E 93 33.61 20.96 25.73
C GLY E 93 34.98 21.30 25.18
N SER E 94 35.93 21.53 26.08
CA SER E 94 37.30 21.80 25.69
C SER E 94 38.22 21.33 26.81
N LYS E 95 39.49 21.14 26.47
CA LYS E 95 40.49 20.68 27.42
C LYS E 95 41.83 21.28 27.03
N SER E 96 42.61 21.66 28.04
CA SER E 96 43.93 22.24 27.80
C SER E 96 44.78 22.04 29.05
N GLY E 97 45.88 21.31 28.91
CA GLY E 97 46.73 21.07 30.06
C GLY E 97 46.02 20.22 31.10
N THR E 98 45.99 20.74 32.33
CA THR E 98 45.38 20.04 33.46
C THR E 98 43.98 20.54 33.76
N SER E 99 43.36 21.26 32.83
CA SER E 99 42.03 21.85 33.03
C SER E 99 41.13 21.51 31.86
N ALA E 100 39.84 21.36 32.16
CA ALA E 100 38.80 21.17 31.16
C ALA E 100 37.74 22.24 31.36
N SER E 101 36.94 22.47 30.33
CA SER E 101 35.93 23.52 30.38
C SER E 101 34.69 23.09 29.61
N LEU E 102 33.52 23.41 30.17
CA LEU E 102 32.25 23.25 29.50
C LEU E 102 31.65 24.62 29.24
N ALA E 103 31.32 24.90 27.98
CA ALA E 103 30.70 26.15 27.60
C ALA E 103 29.24 25.91 27.23
N ILE E 104 28.35 26.80 27.69
CA ILE E 104 26.95 26.79 27.31
C ILE E 104 26.65 28.11 26.64
N THR E 105 26.47 28.08 25.33
CA THR E 105 26.27 29.29 24.52
C THR E 105 24.78 29.45 24.25
N GLY E 106 24.17 30.46 24.86
CA GLY E 106 22.74 30.70 24.69
C GLY E 106 21.92 29.98 25.74
N LEU E 107 22.11 30.38 27.00
CA LEU E 107 21.42 29.74 28.12
C LEU E 107 19.92 29.69 27.90
N GLN E 108 19.33 28.53 28.17
CA GLN E 108 17.88 28.36 28.19
C GLN E 108 17.47 27.91 29.59
N ALA E 109 16.20 28.15 29.93
CA ALA E 109 15.71 27.84 31.26
C ALA E 109 16.06 26.41 31.67
N GLU E 110 15.91 25.46 30.74
CA GLU E 110 16.20 24.06 31.04
C GLU E 110 17.68 23.81 31.34
N ASP E 111 18.57 24.77 31.05
CA ASP E 111 19.99 24.57 31.33
C ASP E 111 20.32 24.81 32.80
N GLU E 112 19.39 25.38 33.57
CA GLU E 112 19.59 25.56 35.00
C GLU E 112 19.66 24.20 35.68
N ALA E 113 20.83 23.84 36.19
CA ALA E 113 21.04 22.50 36.73
C ALA E 113 22.43 22.41 37.34
N ASP E 114 22.77 21.23 37.86
CA ASP E 114 24.12 20.95 38.33
C ASP E 114 24.92 20.28 37.21
N TYR E 115 26.20 20.63 37.11
CA TYR E 115 27.08 20.09 36.08
C TYR E 115 28.34 19.53 36.71
N TYR E 116 28.72 18.32 36.31
CA TYR E 116 29.89 17.63 36.84
C TYR E 116 30.80 17.21 35.70
N CYS E 117 32.09 17.49 35.84
CA CYS E 117 33.08 16.88 34.96
C CYS E 117 33.50 15.54 35.53
N GLN E 118 34.00 14.67 34.66
CA GLN E 118 34.46 13.36 35.08
C GLN E 118 35.65 12.94 34.23
N SER E 119 36.66 12.37 34.88
CA SER E 119 37.84 11.91 34.17
C SER E 119 38.38 10.68 34.91
N TYR E 120 39.58 10.26 34.53
CA TYR E 120 40.26 9.12 35.14
C TYR E 120 41.64 9.58 35.60
N ASP E 121 42.29 8.75 36.40
CA ASP E 121 43.60 9.09 36.94
C ASP E 121 44.70 8.31 36.25
N ARG E 122 44.85 7.03 36.57
CA ARG E 122 45.92 6.23 36.02
C ARG E 122 45.56 5.73 34.62
N TYR E 123 46.53 5.09 33.98
CA TYR E 123 46.39 4.67 32.59
C TYR E 123 45.48 3.45 32.51
N THR E 124 44.39 3.57 31.75
CA THR E 124 43.42 2.49 31.58
C THR E 124 42.96 1.94 32.93
N HIS E 125 42.55 2.85 33.81
CA HIS E 125 42.08 2.51 35.13
C HIS E 125 40.61 2.90 35.27
N PRO E 126 39.75 2.03 35.82
CA PRO E 126 38.32 2.30 35.77
C PRO E 126 37.79 3.26 36.83
N ALA E 127 38.58 3.58 37.85
CA ALA E 127 38.12 4.49 38.89
C ALA E 127 37.72 5.83 38.29
N LEU E 128 36.50 6.28 38.60
CA LEU E 128 35.98 7.52 38.05
C LEU E 128 36.26 8.67 39.02
N LEU E 129 36.76 9.78 38.48
CA LEU E 129 36.96 11.00 39.25
C LEU E 129 35.92 12.01 38.80
N PHE E 130 35.00 12.37 39.70
CA PHE E 130 33.99 13.37 39.42
C PHE E 130 34.41 14.71 40.01
N GLY E 131 34.11 15.79 39.28
CA GLY E 131 34.36 17.12 39.80
C GLY E 131 33.44 17.47 40.95
N THR E 132 33.77 18.56 41.63
CA THR E 132 33.01 18.98 42.80
C THR E 132 31.61 19.46 42.44
N GLY E 133 31.34 19.75 41.17
CA GLY E 133 30.00 20.15 40.75
C GLY E 133 29.79 21.65 40.69
N THR E 134 29.05 22.09 39.67
CA THR E 134 28.74 23.51 39.48
C THR E 134 27.25 23.67 39.28
N LYS E 135 26.66 24.59 40.03
CA LYS E 135 25.25 24.96 39.84
C LYS E 135 25.18 26.09 38.84
N VAL E 136 24.48 25.86 37.73
CA VAL E 136 24.26 26.89 36.71
C VAL E 136 22.90 27.50 36.95
N THR E 137 22.87 28.82 37.12
CA THR E 137 21.63 29.57 37.28
C THR E 137 21.36 30.41 36.04
N VAL E 138 20.15 30.31 35.52
CA VAL E 138 19.69 31.19 34.45
C VAL E 138 18.99 32.37 35.11
N LEU E 139 19.65 33.53 35.07
CA LEU E 139 19.21 34.71 35.81
C LEU E 139 17.85 35.22 35.36
N GLY E 140 16.83 35.03 36.20
CA GLY E 140 15.51 35.56 35.97
C GLY E 140 15.19 36.78 36.80
N GLN E 141 16.15 37.29 37.56
CA GLN E 141 15.97 38.48 38.39
C GLN E 141 17.35 39.01 38.76
N PRO E 142 17.43 40.25 39.24
CA PRO E 142 18.75 40.80 39.58
C PRO E 142 19.41 40.02 40.71
N LYS E 143 20.75 40.01 40.69
CA LYS E 143 21.51 39.37 41.74
C LYS E 143 21.31 40.08 43.08
N ALA E 144 21.19 39.29 44.14
CA ALA E 144 20.96 39.82 45.48
C ALA E 144 21.93 39.19 46.46
N ALA E 145 22.61 40.03 47.24
CA ALA E 145 23.54 39.53 48.24
C ALA E 145 22.78 39.03 49.47
N PRO E 146 23.34 38.06 50.20
CA PRO E 146 22.64 37.51 51.36
C PRO E 146 22.68 38.42 52.56
N SER E 147 21.60 38.40 53.33
CA SER E 147 21.53 39.01 54.65
C SER E 147 21.85 37.93 55.69
N VAL E 148 22.89 38.15 56.49
CA VAL E 148 23.39 37.16 57.44
C VAL E 148 23.04 37.62 58.85
N THR E 149 22.54 36.69 59.67
CA THR E 149 22.27 36.93 61.08
C THR E 149 22.87 35.78 61.88
N LEU E 150 23.80 36.10 62.77
CA LEU E 150 24.51 35.12 63.57
C LEU E 150 24.10 35.25 65.03
N PHE E 151 23.53 34.19 65.58
CA PHE E 151 23.12 34.16 66.99
C PHE E 151 24.09 33.33 67.81
N PRO E 152 24.51 33.80 68.99
CA PRO E 152 25.36 32.97 69.86
C PRO E 152 24.54 31.91 70.58
N PRO E 153 25.19 31.00 71.30
CA PRO E 153 24.45 30.06 72.12
C PRO E 153 23.69 30.79 73.22
N SER E 154 22.44 30.42 73.42
CA SER E 154 21.63 31.04 74.45
C SER E 154 22.09 30.58 75.82
N SER E 155 21.72 31.37 76.84
CA SER E 155 22.08 31.01 78.21
C SER E 155 21.44 29.68 78.60
N GLU E 156 20.18 29.47 78.22
CA GLU E 156 19.51 28.22 78.57
C GLU E 156 20.25 27.03 77.98
N GLU E 157 20.73 27.14 76.75
CA GLU E 157 21.42 26.02 76.12
C GLU E 157 22.75 25.74 76.82
N LEU E 158 23.51 26.79 77.14
CA LEU E 158 24.76 26.60 77.86
C LEU E 158 24.52 25.98 79.23
N GLN E 159 23.39 26.29 79.87
CA GLN E 159 23.04 25.64 81.12
C GLN E 159 22.83 24.14 80.94
N ALA E 160 22.40 23.73 79.74
CA ALA E 160 22.23 22.32 79.41
C ALA E 160 23.52 21.69 78.90
N ASN E 161 24.66 22.35 79.06
CA ASN E 161 25.95 21.81 78.64
C ASN E 161 25.99 21.60 77.13
N LYS E 162 25.36 22.52 76.40
CA LYS E 162 25.33 22.49 74.94
C LYS E 162 25.59 23.89 74.41
N ALA E 163 26.04 23.96 73.16
CA ALA E 163 26.35 25.22 72.52
C ALA E 163 26.14 25.08 71.01
N THR E 164 25.25 25.89 70.45
CA THR E 164 25.00 25.90 69.02
C THR E 164 25.04 27.34 68.51
N LEU E 165 25.86 27.58 67.49
CA LEU E 165 25.85 28.85 66.77
C LEU E 165 24.91 28.74 65.58
N VAL E 166 24.02 29.73 65.43
CA VAL E 166 23.00 29.72 64.39
C VAL E 166 23.31 30.84 63.40
N CYS E 167 23.66 30.48 62.17
CA CYS E 167 23.93 31.43 61.11
C CYS E 167 22.83 31.32 60.06
N LEU E 168 21.98 32.34 59.97
CA LEU E 168 20.83 32.34 59.08
C LEU E 168 21.11 33.23 57.88
N ILE E 169 20.88 32.70 56.69
CA ILE E 169 21.23 33.35 55.43
C ILE E 169 19.94 33.46 54.59
N SER E 170 19.64 34.67 54.12
CA SER E 170 18.37 34.90 53.43
C SER E 170 18.52 35.97 52.36
N ASP E 171 17.56 35.98 51.43
CA ASP E 171 17.42 37.04 50.43
C ASP E 171 18.64 37.14 49.52
N PHE E 172 19.10 35.99 49.02
CA PHE E 172 20.19 35.97 48.05
C PHE E 172 19.77 35.28 46.77
N TYR E 173 20.39 35.70 45.66
CA TYR E 173 20.13 35.19 44.33
C TYR E 173 21.41 35.42 43.54
N PRO E 174 21.93 34.41 42.82
CA PRO E 174 21.48 33.02 42.67
C PRO E 174 21.51 32.25 43.98
N GLY E 175 20.84 31.10 44.01
CA GLY E 175 20.77 30.29 45.21
C GLY E 175 21.98 29.43 45.43
N ALA E 176 23.14 30.07 45.63
CA ALA E 176 24.39 29.34 45.84
C ALA E 176 25.26 30.15 46.78
N VAL E 177 25.63 29.54 47.91
CA VAL E 177 26.48 30.19 48.89
C VAL E 177 27.46 29.17 49.43
N THR E 178 28.61 29.64 49.89
CA THR E 178 29.58 28.83 50.59
C THR E 178 29.77 29.42 51.98
N VAL E 179 29.62 28.58 53.00
CA VAL E 179 29.69 29.02 54.39
C VAL E 179 31.00 28.51 54.99
N ALA E 180 31.74 29.42 55.61
CA ALA E 180 32.97 29.08 56.31
C ALA E 180 32.89 29.59 57.73
N TRP E 181 33.18 28.72 58.69
CA TRP E 181 33.19 29.09 60.10
C TRP E 181 34.62 29.30 60.55
N LYS E 182 34.81 30.26 61.45
CA LYS E 182 36.12 30.60 61.96
C LYS E 182 36.08 30.64 63.47
N ALA E 183 36.99 29.92 64.12
CA ALA E 183 37.22 30.04 65.55
C ALA E 183 38.36 31.03 65.74
N ASP E 184 38.05 32.21 66.28
CA ASP E 184 38.99 33.32 66.25
C ASP E 184 39.35 33.63 64.81
N SER E 185 40.50 33.15 64.35
CA SER E 185 40.91 33.30 62.96
C SER E 185 41.11 31.98 62.24
N SER E 186 41.04 30.86 62.94
CA SER E 186 41.28 29.55 62.33
C SER E 186 39.98 28.96 61.81
N PRO E 187 40.00 28.29 60.65
CA PRO E 187 38.76 27.69 60.13
C PRO E 187 38.30 26.50 60.96
N VAL E 188 36.99 26.33 61.01
CA VAL E 188 36.36 25.25 61.76
C VAL E 188 35.65 24.33 60.78
N LYS E 189 35.96 23.04 60.85
CA LYS E 189 35.33 22.03 60.00
C LYS E 189 34.38 21.12 60.75
N ALA E 190 34.74 20.69 61.95
CA ALA E 190 33.90 19.79 62.73
C ALA E 190 32.73 20.53 63.35
N GLY E 191 31.61 19.82 63.52
CA GLY E 191 30.43 20.39 64.12
C GLY E 191 29.64 21.31 63.23
N VAL E 192 29.91 21.33 61.93
CA VAL E 192 29.23 22.22 60.99
C VAL E 192 28.12 21.45 60.29
N GLU E 193 26.94 22.06 60.23
CA GLU E 193 25.81 21.49 59.50
C GLU E 193 25.17 22.62 58.72
N THR E 194 25.16 22.49 57.39
CA THR E 194 24.67 23.55 56.51
C THR E 194 23.57 23.00 55.60
N THR E 195 22.50 23.76 55.45
CA THR E 195 21.42 23.35 54.57
C THR E 195 21.73 23.77 53.14
N THR E 196 21.06 23.11 52.21
CA THR E 196 21.12 23.55 50.83
C THR E 196 20.21 24.75 50.62
N PRO E 197 20.58 25.70 49.76
CA PRO E 197 19.71 26.86 49.54
C PRO E 197 18.31 26.46 49.11
N SER E 198 17.31 27.17 49.64
CA SER E 198 15.91 26.91 49.31
C SER E 198 15.23 28.23 48.94
N LYS E 199 14.35 28.17 47.94
CA LYS E 199 13.71 29.36 47.42
C LYS E 199 12.66 29.86 48.41
N GLN E 200 12.67 31.16 48.68
CA GLN E 200 11.67 31.76 49.55
C GLN E 200 10.37 32.02 48.76
N SER E 201 9.39 32.60 49.44
CA SER E 201 8.15 32.97 48.76
C SER E 201 8.37 34.11 47.78
N ASN E 202 9.33 35.00 48.07
CA ASN E 202 9.66 36.10 47.18
C ASN E 202 10.61 35.69 46.05
N ASN E 203 10.81 34.39 45.85
CA ASN E 203 11.61 33.82 44.78
C ASN E 203 13.11 34.01 44.97
N LYS E 204 13.55 34.58 46.10
CA LYS E 204 14.95 34.54 46.49
C LYS E 204 15.21 33.28 47.32
N TYR E 205 16.46 33.10 47.73
CA TYR E 205 16.89 31.90 48.42
C TYR E 205 17.26 32.15 49.87
N ALA E 206 17.13 31.10 50.69
CA ALA E 206 17.49 31.14 52.09
C ALA E 206 18.26 29.88 52.45
N ALA E 207 19.15 30.00 53.43
CA ALA E 207 19.91 28.87 53.93
C ALA E 207 20.27 29.14 55.39
N SER E 208 20.63 28.07 56.11
CA SER E 208 21.01 28.19 57.50
C SER E 208 22.20 27.26 57.76
N SER E 209 23.12 27.72 58.62
CA SER E 209 24.29 26.94 58.99
C SER E 209 24.43 26.92 60.51
N TYR E 210 24.71 25.74 61.05
CA TYR E 210 24.83 25.53 62.49
C TYR E 210 26.22 25.01 62.83
N LEU E 211 26.84 25.61 63.84
CA LEU E 211 28.12 25.14 64.36
C LEU E 211 27.92 24.66 65.79
N SER E 212 28.00 23.34 65.98
CA SER E 212 27.83 22.74 67.29
C SER E 212 29.16 22.73 68.04
N LEU E 213 29.15 23.29 69.25
CA LEU E 213 30.34 23.38 70.08
C LEU E 213 30.01 22.87 71.49
N THR E 214 31.05 22.54 72.23
CA THR E 214 30.87 22.31 73.66
C THR E 214 30.96 23.65 74.39
N PRO E 215 30.34 23.75 75.57
CA PRO E 215 30.45 25.01 76.33
C PRO E 215 31.88 25.45 76.54
N GLU E 216 32.82 24.51 76.64
CA GLU E 216 34.22 24.87 76.86
C GLU E 216 34.84 25.45 75.60
N GLN E 217 34.56 24.86 74.44
CA GLN E 217 35.08 25.38 73.18
C GLN E 217 34.52 26.77 72.90
N TRP E 218 33.23 26.98 73.22
CA TRP E 218 32.61 28.29 72.99
C TRP E 218 33.25 29.39 73.82
N LYS E 219 33.82 29.04 74.97
CA LYS E 219 34.43 30.03 75.85
C LYS E 219 35.95 30.04 75.79
N SER E 220 36.56 29.16 75.00
CA SER E 220 38.00 29.09 74.87
C SER E 220 38.52 29.95 73.73
N HIS E 221 37.63 30.61 72.98
CA HIS E 221 38.01 31.46 71.87
C HIS E 221 37.41 32.85 72.07
N ARG E 222 38.08 33.85 71.49
CA ARG E 222 37.64 35.23 71.66
C ARG E 222 36.40 35.54 70.83
N SER E 223 36.23 34.86 69.69
CA SER E 223 35.09 35.14 68.83
C SER E 223 34.90 33.99 67.85
N TYR E 224 33.68 33.91 67.31
CA TYR E 224 33.36 32.99 66.23
C TYR E 224 32.71 33.78 65.11
N SER E 225 32.99 33.39 63.87
CA SER E 225 32.53 34.12 62.70
C SER E 225 31.87 33.18 61.71
N CYS E 226 30.79 33.64 61.09
CA CYS E 226 30.13 32.94 59.99
C CYS E 226 30.39 33.74 58.73
N GLN E 227 31.16 33.16 57.81
CA GLN E 227 31.51 33.81 56.56
C GLN E 227 30.70 33.19 55.43
N VAL E 228 29.90 34.02 54.76
CA VAL E 228 29.02 33.60 53.68
C VAL E 228 29.52 34.23 52.39
N THR E 229 29.98 33.40 51.46
CA THR E 229 30.48 33.87 50.17
C THR E 229 29.39 33.67 49.12
N HIS E 230 29.06 34.76 48.42
CA HIS E 230 28.02 34.74 47.40
C HIS E 230 28.50 35.55 46.20
N GLU E 231 28.66 34.88 45.05
CA GLU E 231 29.09 35.53 43.82
C GLU E 231 30.40 36.30 44.04
N GLY E 232 31.36 35.63 44.69
CA GLY E 232 32.66 36.19 44.93
C GLY E 232 32.75 37.15 46.09
N SER E 233 31.63 37.65 46.59
CA SER E 233 31.61 38.58 47.70
C SER E 233 31.26 37.85 48.98
N THR E 234 31.97 38.18 50.06
CA THR E 234 31.80 37.53 51.35
C THR E 234 31.08 38.46 52.32
N VAL E 235 30.11 37.92 53.05
CA VAL E 235 29.42 38.63 54.11
C VAL E 235 29.73 37.91 55.41
N GLU E 236 30.35 38.63 56.35
CA GLU E 236 30.81 38.04 57.60
C GLU E 236 30.06 38.63 58.78
N LYS E 237 29.68 37.77 59.71
CA LYS E 237 29.10 38.18 60.99
C LYS E 237 29.86 37.47 62.10
N THR E 238 30.22 38.23 63.13
CA THR E 238 31.05 37.72 64.22
C THR E 238 30.30 37.85 65.54
N VAL E 239 30.51 36.88 66.42
CA VAL E 239 29.91 36.87 67.74
C VAL E 239 30.97 36.46 68.76
N ALA E 240 30.86 37.00 69.97
CA ALA E 240 31.83 36.76 71.02
C ALA E 240 31.13 36.29 72.28
N PRO E 241 31.80 35.45 73.09
CA PRO E 241 31.16 35.02 74.34
C PRO E 241 31.03 36.12 75.37
N THR E 242 32.01 37.02 75.44
CA THR E 242 31.97 38.11 76.40
C THR E 242 30.87 39.11 76.06
N GLN F 29 15.63 -0.55 24.57
CA GLN F 29 15.43 0.49 25.61
C GLN F 29 16.24 0.18 26.87
N VAL F 30 17.43 0.79 26.96
CA VAL F 30 18.26 0.62 28.15
C VAL F 30 17.47 1.00 29.39
N GLN F 31 17.58 0.17 30.42
CA GLN F 31 16.83 0.39 31.66
C GLN F 31 17.63 -0.15 32.85
N LEU F 32 17.82 0.69 33.86
CA LEU F 32 18.50 0.31 35.09
C LEU F 32 17.62 0.73 36.27
N VAL F 33 17.35 -0.21 37.17
CA VAL F 33 16.45 0.03 38.31
C VAL F 33 17.15 -0.42 39.58
N GLU F 34 17.51 0.54 40.43
CA GLU F 34 18.10 0.21 41.72
C GLU F 34 17.01 -0.10 42.75
N SER F 35 17.36 -0.94 43.71
CA SER F 35 16.45 -1.30 44.80
C SER F 35 17.27 -1.77 45.99
N GLY F 36 16.58 -1.96 47.11
CA GLY F 36 17.20 -2.41 48.34
C GLY F 36 17.55 -1.32 49.32
N GLY F 37 17.36 -0.06 48.95
CA GLY F 37 17.66 1.04 49.85
C GLY F 37 16.63 1.17 50.95
N GLY F 38 16.95 2.03 51.91
CA GLY F 38 16.07 2.26 53.03
C GLY F 38 16.86 2.80 54.22
N VAL F 39 16.25 2.69 55.40
CA VAL F 39 16.85 3.16 56.64
C VAL F 39 17.50 1.98 57.33
N VAL F 40 18.78 2.12 57.67
CA VAL F 40 19.54 1.08 58.32
C VAL F 40 20.32 1.70 59.48
N GLN F 41 20.56 0.89 60.51
CA GLN F 41 21.25 1.40 61.68
C GLN F 41 22.77 1.38 61.44
N PRO F 42 23.51 2.31 62.06
CA PRO F 42 24.97 2.28 61.90
C PRO F 42 25.55 0.95 62.36
N GLY F 43 26.60 0.52 61.66
CA GLY F 43 27.25 -0.74 61.99
C GLY F 43 26.59 -1.96 61.36
N ARG F 44 25.39 -1.82 60.83
CA ARG F 44 24.64 -2.92 60.24
C ARG F 44 24.88 -2.97 58.73
N SER F 45 24.33 -3.99 58.09
CA SER F 45 24.58 -4.27 56.68
C SER F 45 23.34 -3.98 55.83
N LEU F 46 23.59 -3.72 54.54
CA LEU F 46 22.54 -3.50 53.56
C LEU F 46 23.05 -3.95 52.20
N ARG F 47 22.17 -4.56 51.41
CA ARG F 47 22.51 -5.11 50.11
C ARG F 47 21.65 -4.45 49.05
N LEU F 48 22.30 -3.73 48.13
CA LEU F 48 21.61 -3.06 47.03
C LEU F 48 21.61 -3.94 45.78
N SER F 49 20.61 -3.73 44.93
CA SER F 49 20.47 -4.45 43.67
C SER F 49 20.19 -3.46 42.54
N CYS F 50 20.58 -3.86 41.32
CA CYS F 50 20.35 -3.04 40.12
C CYS F 50 19.93 -3.99 39.01
N ALA F 51 18.64 -3.97 38.67
CA ALA F 51 18.09 -4.81 37.61
C ALA F 51 18.28 -4.12 36.27
N ALA F 52 18.96 -4.80 35.33
CA ALA F 52 19.25 -4.24 34.02
C ALA F 52 18.44 -4.95 32.95
N SER F 53 18.11 -4.21 31.89
CA SER F 53 17.38 -4.76 30.76
C SER F 53 17.53 -3.83 29.58
N GLY F 54 17.23 -4.34 28.39
CA GLY F 54 17.33 -3.59 27.16
C GLY F 54 18.70 -3.61 26.51
N PHE F 55 19.67 -4.31 27.09
CA PHE F 55 21.00 -4.40 26.52
C PHE F 55 21.68 -5.64 27.06
N THR F 56 22.80 -6.00 26.45
CA THR F 56 23.57 -7.19 26.85
C THR F 56 24.34 -6.85 28.13
N PHE F 57 23.69 -7.09 29.27
CA PHE F 57 24.28 -6.75 30.56
C PHE F 57 25.64 -7.43 30.74
N SER F 58 25.76 -8.69 30.33
CA SER F 58 26.98 -9.45 30.52
C SER F 58 28.15 -8.91 29.73
N SER F 59 27.92 -7.98 28.80
CA SER F 59 28.98 -7.43 27.97
C SER F 59 29.55 -6.11 28.50
N TYR F 60 28.96 -5.54 29.56
CA TYR F 60 29.35 -4.23 30.04
C TYR F 60 29.83 -4.33 31.49
N GLY F 61 30.93 -3.64 31.78
CA GLY F 61 31.28 -3.36 33.15
C GLY F 61 30.28 -2.42 33.80
N MET F 62 30.20 -2.49 35.12
CA MET F 62 29.19 -1.74 35.87
C MET F 62 29.85 -0.99 37.03
N HIS F 63 29.31 0.19 37.31
CA HIS F 63 29.76 1.04 38.40
C HIS F 63 28.65 1.22 39.42
N TRP F 64 29.05 1.47 40.66
CA TRP F 64 28.19 2.07 41.66
C TRP F 64 28.72 3.48 41.94
N VAL F 65 27.82 4.46 41.88
CA VAL F 65 28.13 5.84 42.18
C VAL F 65 27.09 6.34 43.17
N ARG F 66 27.53 7.08 44.19
CA ARG F 66 26.63 7.56 45.22
C ARG F 66 26.72 9.09 45.31
N GLN F 67 25.69 9.67 45.93
CA GLN F 67 25.61 11.12 46.05
C GLN F 67 24.88 11.43 47.35
N ALA F 68 25.61 11.97 48.33
CA ALA F 68 24.97 12.38 49.56
C ALA F 68 24.04 13.57 49.29
N PRO F 69 22.96 13.72 50.07
CA PRO F 69 22.02 14.82 49.82
C PRO F 69 22.71 16.18 49.76
N GLY F 70 22.54 16.88 48.64
CA GLY F 70 23.13 18.19 48.47
C GLY F 70 24.61 18.20 48.18
N LYS F 71 25.22 17.04 47.99
CA LYS F 71 26.66 16.93 47.76
C LYS F 71 26.92 16.43 46.33
N GLY F 72 28.20 16.27 46.01
CA GLY F 72 28.60 15.88 44.69
C GLY F 72 28.59 14.37 44.49
N LEU F 73 28.91 13.96 43.27
CA LEU F 73 28.98 12.54 42.93
C LEU F 73 30.28 11.94 43.43
N GLU F 74 30.19 10.71 43.96
CA GLU F 74 31.35 9.98 44.46
C GLU F 74 31.32 8.57 43.90
N TRP F 75 32.34 8.25 43.10
CA TRP F 75 32.49 6.88 42.61
C TRP F 75 32.70 5.94 43.79
N VAL F 76 32.06 4.77 43.73
CA VAL F 76 32.08 3.80 44.83
C VAL F 76 32.85 2.55 44.44
N ALA F 77 32.43 1.87 43.37
CA ALA F 77 33.03 0.60 43.01
C ALA F 77 32.77 0.31 41.54
N PHE F 78 33.55 -0.63 41.01
CA PHE F 78 33.44 -1.06 39.63
C PHE F 78 33.69 -2.55 39.55
N ILE F 79 32.99 -3.22 38.63
CA ILE F 79 33.15 -4.66 38.41
C ILE F 79 33.20 -4.92 36.92
N ARG F 80 34.11 -5.81 36.51
CA ARG F 80 34.26 -6.14 35.11
C ARG F 80 33.01 -6.84 34.58
N TYR F 81 32.91 -6.89 33.25
CA TYR F 81 31.75 -7.50 32.59
C TYR F 81 31.51 -8.91 33.09
N ASP F 82 32.58 -9.66 33.38
CA ASP F 82 32.47 -11.05 33.80
C ASP F 82 32.65 -11.24 35.31
N GLY F 83 32.82 -10.16 36.06
CA GLY F 83 33.02 -10.26 37.49
C GLY F 83 34.40 -10.72 37.91
N SER F 84 35.36 -10.73 36.99
CA SER F 84 36.69 -11.27 37.28
C SER F 84 37.52 -10.31 38.14
N ASN F 85 37.27 -9.00 38.04
CA ASN F 85 38.03 -8.02 38.79
C ASN F 85 37.08 -6.98 39.35
N LYS F 86 37.43 -6.49 40.55
CA LYS F 86 36.60 -5.54 41.27
C LYS F 86 37.48 -4.40 41.78
N TYR F 87 36.94 -3.19 41.75
CA TYR F 87 37.65 -1.98 42.15
C TYR F 87 36.78 -1.20 43.11
N TYR F 88 37.41 -0.59 44.11
CA TYR F 88 36.69 0.12 45.16
C TYR F 88 37.38 1.44 45.44
N ALA F 89 36.58 2.42 45.86
CA ALA F 89 37.11 3.66 46.39
C ALA F 89 37.64 3.43 47.80
N ASP F 90 38.65 4.23 48.18
CA ASP F 90 39.27 4.05 49.49
C ASP F 90 38.25 4.23 50.62
N SER F 91 37.25 5.08 50.43
CA SER F 91 36.29 5.34 51.48
C SER F 91 35.41 4.12 51.78
N VAL F 92 35.37 3.14 50.87
CA VAL F 92 34.56 1.95 51.04
C VAL F 92 35.38 0.67 51.02
N LYS F 93 36.67 0.75 50.78
CA LYS F 93 37.50 -0.44 50.66
C LYS F 93 37.45 -1.26 51.94
N GLY F 94 37.27 -2.57 51.78
CA GLY F 94 37.18 -3.48 52.91
C GLY F 94 35.81 -3.59 53.53
N ARG F 95 34.91 -2.64 53.27
CA ARG F 95 33.57 -2.62 53.82
C ARG F 95 32.49 -2.96 52.80
N PHE F 96 32.64 -2.50 51.57
CA PHE F 96 31.68 -2.79 50.51
C PHE F 96 32.23 -3.88 49.59
N THR F 97 31.31 -4.65 49.00
CA THR F 97 31.66 -5.67 48.04
C THR F 97 30.70 -5.57 46.86
N ILE F 98 31.24 -5.39 45.67
CA ILE F 98 30.44 -5.34 44.46
C ILE F 98 30.42 -6.73 43.83
N SER F 99 29.26 -7.12 43.28
CA SER F 99 29.14 -8.40 42.62
C SER F 99 28.04 -8.29 41.57
N ARG F 100 27.96 -9.33 40.73
CA ARG F 100 27.00 -9.32 39.63
C ARG F 100 26.67 -10.77 39.27
N ASP F 101 25.42 -10.98 38.86
CA ASP F 101 24.95 -12.28 38.37
C ASP F 101 24.44 -12.06 36.95
N ASN F 102 25.28 -12.35 35.96
CA ASN F 102 24.91 -12.05 34.57
C ASN F 102 23.74 -12.91 34.11
N SER F 103 23.56 -14.10 34.69
CA SER F 103 22.41 -14.92 34.34
C SER F 103 21.10 -14.27 34.77
N LYS F 104 21.15 -13.43 35.81
CA LYS F 104 19.98 -12.73 36.31
C LYS F 104 19.93 -11.27 35.85
N ASN F 105 20.97 -10.78 35.20
CA ASN F 105 21.04 -9.38 34.75
C ASN F 105 20.86 -8.42 35.92
N THR F 106 21.57 -8.69 37.01
CA THR F 106 21.48 -7.89 38.22
C THR F 106 22.87 -7.59 38.75
N LEU F 107 23.07 -6.36 39.22
CA LEU F 107 24.29 -5.94 39.88
C LEU F 107 24.01 -5.75 41.37
N TYR F 108 24.99 -6.08 42.20
CA TYR F 108 24.82 -6.04 43.65
C TYR F 108 25.91 -5.18 44.29
N LEU F 109 25.57 -4.60 45.44
CA LEU F 109 26.55 -3.90 46.28
C LEU F 109 26.25 -4.29 47.72
N GLN F 110 27.09 -5.17 48.27
CA GLN F 110 26.99 -5.54 49.68
C GLN F 110 27.71 -4.51 50.52
N MET F 111 26.98 -3.82 51.40
CA MET F 111 27.53 -2.76 52.24
C MET F 111 27.48 -3.22 53.70
N ASN F 112 28.65 -3.37 54.30
CA ASN F 112 28.77 -3.78 55.70
C ASN F 112 29.39 -2.66 56.52
N SER F 113 29.16 -2.74 57.84
CA SER F 113 29.68 -1.75 58.78
C SER F 113 29.36 -0.34 58.30
N LEU F 114 28.09 -0.11 57.98
CA LEU F 114 27.66 1.17 57.44
C LEU F 114 27.83 2.28 58.47
N ARG F 115 28.15 3.47 57.97
CA ARG F 115 28.37 4.65 58.77
C ARG F 115 27.43 5.76 58.31
N ALA F 116 27.36 6.82 59.12
CA ALA F 116 26.51 7.95 58.76
C ALA F 116 26.95 8.57 57.44
N GLU F 117 28.26 8.60 57.18
CA GLU F 117 28.78 9.18 55.95
C GLU F 117 28.43 8.36 54.71
N ASP F 118 27.87 7.17 54.89
CA ASP F 118 27.43 6.36 53.76
C ASP F 118 26.02 6.71 53.30
N THR F 119 25.32 7.56 54.05
CA THR F 119 24.00 8.03 53.64
C THR F 119 24.09 8.73 52.29
N ALA F 120 23.34 8.23 51.32
CA ALA F 120 23.40 8.78 49.98
C ALA F 120 22.41 8.05 49.09
N VAL F 121 22.12 8.66 47.95
CA VAL F 121 21.48 7.95 46.85
C VAL F 121 22.56 7.17 46.11
N TYR F 122 22.31 5.90 45.87
CA TYR F 122 23.27 5.02 45.22
C TYR F 122 22.80 4.74 43.80
N TYR F 123 23.62 5.14 42.83
CA TYR F 123 23.33 4.96 41.41
C TYR F 123 24.14 3.81 40.85
N CYS F 124 23.49 2.99 40.04
CA CYS F 124 24.17 1.97 39.27
CA CYS F 124 24.13 1.93 39.26
C CYS F 124 24.33 2.45 37.84
N LYS F 125 25.53 2.25 37.29
CA LYS F 125 25.93 2.89 36.04
C LYS F 125 26.72 1.93 35.16
N THR F 126 26.43 1.96 33.86
CA THR F 126 27.20 1.18 32.90
C THR F 126 28.56 1.83 32.64
N HIS F 127 29.50 1.00 32.23
CA HIS F 127 30.87 1.44 31.95
C HIS F 127 31.06 1.59 30.45
N GLY F 128 31.39 2.80 30.02
CA GLY F 128 31.61 3.07 28.61
C GLY F 128 31.53 4.55 28.33
N SER F 129 31.82 4.89 27.06
CA SER F 129 31.73 6.28 26.63
C SER F 129 30.29 6.77 26.67
N HIS F 130 29.36 6.01 26.09
CA HIS F 130 27.93 6.30 26.15
C HIS F 130 27.34 5.45 27.29
N ASP F 131 27.30 6.03 28.49
CA ASP F 131 26.85 5.33 29.67
C ASP F 131 25.39 5.64 29.98
N ASN F 132 24.81 4.83 30.86
CA ASN F 132 23.45 5.00 31.33
C ASN F 132 23.40 4.84 32.83
N TRP F 133 22.52 5.61 33.47
CA TRP F 133 22.34 5.59 34.91
C TRP F 133 20.94 5.13 35.25
N GLY F 134 20.79 4.55 36.45
CA GLY F 134 19.49 4.28 37.01
C GLY F 134 18.95 5.49 37.76
N GLN F 135 17.72 5.34 38.25
CA GLN F 135 17.09 6.42 39.01
C GLN F 135 17.70 6.56 40.41
N GLY F 136 18.37 5.52 40.90
CA GLY F 136 19.00 5.57 42.19
C GLY F 136 18.10 5.04 43.30
N THR F 137 18.73 4.63 44.39
CA THR F 137 18.02 4.17 45.58
C THR F 137 18.64 4.84 46.80
N MET F 138 17.79 5.34 47.69
CA MET F 138 18.24 6.11 48.85
C MET F 138 18.61 5.18 49.99
N VAL F 139 19.77 5.43 50.59
CA VAL F 139 20.24 4.68 51.75
C VAL F 139 20.44 5.68 52.87
N THR F 140 19.80 5.43 54.01
CA THR F 140 19.91 6.29 55.18
C THR F 140 20.49 5.47 56.31
N VAL F 141 21.67 5.84 56.78
CA VAL F 141 22.32 5.18 57.90
C VAL F 141 22.12 6.10 59.09
N SER F 142 21.18 5.73 59.97
CA SER F 142 20.85 6.57 61.11
C SER F 142 20.14 5.73 62.16
N SER F 143 20.49 5.96 63.42
CA SER F 143 19.80 5.36 64.56
C SER F 143 18.84 6.33 65.22
N ALA F 144 18.06 7.09 64.45
CA ALA F 144 17.23 8.13 65.04
C ALA F 144 15.79 7.66 65.18
N SER F 145 15.22 7.92 66.35
CA SER F 145 13.84 7.60 66.69
C SER F 145 13.09 8.87 67.04
N THR F 146 11.77 8.76 67.14
CA THR F 146 10.91 9.88 67.47
C THR F 146 11.43 10.61 68.70
N LYS F 147 11.66 11.91 68.55
CA LYS F 147 12.18 12.74 69.62
C LYS F 147 11.61 14.15 69.50
N GLY F 148 11.15 14.70 70.61
CA GLY F 148 10.67 16.07 70.63
C GLY F 148 11.82 17.04 70.64
N PRO F 149 11.59 18.27 70.17
CA PRO F 149 12.68 19.25 70.10
C PRO F 149 12.95 19.94 71.42
N SER F 150 14.18 20.39 71.57
CA SER F 150 14.58 21.29 72.64
C SER F 150 14.57 22.71 72.07
N VAL F 151 13.73 23.57 72.63
CA VAL F 151 13.56 24.93 72.13
C VAL F 151 14.40 25.87 72.96
N PHE F 152 15.19 26.71 72.29
CA PHE F 152 16.03 27.69 72.95
C PHE F 152 15.78 29.06 72.35
N PRO F 153 15.77 30.11 73.17
CA PRO F 153 15.52 31.46 72.63
C PRO F 153 16.76 32.05 72.00
N LEU F 154 16.56 32.78 70.90
CA LEU F 154 17.63 33.52 70.22
C LEU F 154 17.39 34.99 70.53
N ALA F 155 17.96 35.45 71.64
CA ALA F 155 17.68 36.79 72.13
C ALA F 155 18.23 37.84 71.16
N PRO F 156 17.55 38.99 71.05
CA PRO F 156 18.07 40.06 70.20
C PRO F 156 19.21 40.81 70.86
N SER F 157 20.08 41.35 70.01
CA SER F 157 21.23 42.12 70.49
C SER F 157 21.13 43.58 70.03
N GLY F 164 15.11 51.45 65.31
CA GLY F 164 15.86 50.58 64.42
C GLY F 164 15.14 49.28 64.12
N THR F 165 15.92 48.23 63.86
CA THR F 165 15.38 46.92 63.50
C THR F 165 16.26 45.85 64.12
N ALA F 166 15.68 45.07 65.03
CA ALA F 166 16.40 44.05 65.76
C ALA F 166 15.73 42.70 65.50
N ALA F 167 16.54 41.64 65.52
CA ALA F 167 16.11 40.33 65.06
C ALA F 167 16.27 39.32 66.18
N LEU F 168 15.20 38.57 66.44
CA LEU F 168 15.18 37.57 67.49
C LEU F 168 14.43 36.36 66.98
N GLY F 169 14.69 35.22 67.60
CA GLY F 169 14.03 33.99 67.19
C GLY F 169 14.17 32.93 68.24
N CYS F 170 13.78 31.72 67.85
N CYS F 170 13.83 31.69 67.87
CA CYS F 170 13.92 30.52 68.65
CA CYS F 170 14.02 30.57 68.78
C CYS F 170 14.76 29.51 67.89
C CYS F 170 14.45 29.33 68.01
N LEU F 171 15.37 28.59 68.63
CA LEU F 171 16.07 27.46 68.02
C LEU F 171 15.34 26.17 68.39
N VAL F 172 14.80 25.50 67.38
CA VAL F 172 14.14 24.20 67.56
C VAL F 172 15.17 23.15 67.23
N LYS F 173 15.71 22.51 68.26
CA LYS F 173 16.93 21.71 68.15
C LYS F 173 16.62 20.22 68.32
N ASP F 174 17.20 19.41 67.43
CA ASP F 174 17.25 17.96 67.58
C ASP F 174 15.86 17.34 67.73
N TYR F 175 15.13 17.20 66.63
CA TYR F 175 13.85 16.50 66.65
C TYR F 175 13.80 15.53 65.48
N PHE F 176 12.87 14.59 65.58
CA PHE F 176 12.67 13.58 64.55
C PHE F 176 11.30 12.96 64.74
N PRO F 177 10.52 12.76 63.67
CA PRO F 177 10.74 13.16 62.28
C PRO F 177 10.14 14.53 61.99
N GLU F 178 10.21 14.96 60.74
CA GLU F 178 9.48 16.15 60.33
C GLU F 178 7.98 15.90 60.47
N PRO F 179 7.16 16.97 60.54
CA PRO F 179 7.49 18.39 60.52
C PRO F 179 7.43 19.06 61.89
N VAL F 180 7.83 20.32 61.94
CA VAL F 180 7.68 21.18 63.11
C VAL F 180 6.91 22.42 62.69
N THR F 181 5.95 22.83 63.52
CA THR F 181 5.19 24.05 63.31
C THR F 181 5.63 25.11 64.30
N VAL F 182 5.92 26.31 63.79
CA VAL F 182 6.35 27.43 64.62
C VAL F 182 5.46 28.62 64.35
N SER F 183 4.86 29.17 65.40
CA SER F 183 4.12 30.42 65.33
C SER F 183 4.66 31.36 66.39
N TRP F 184 4.29 32.64 66.27
CA TRP F 184 4.72 33.69 67.19
C TRP F 184 3.51 34.38 67.78
N ASN F 185 3.49 34.49 69.11
CA ASN F 185 2.37 35.12 69.82
C ASN F 185 1.05 34.44 69.49
N SER F 186 1.06 33.11 69.44
CA SER F 186 -0.12 32.31 69.16
C SER F 186 -0.76 32.69 67.82
N GLY F 187 0.07 33.08 66.86
CA GLY F 187 -0.42 33.49 65.56
C GLY F 187 -0.69 34.98 65.42
N ALA F 188 -0.64 35.74 66.51
CA ALA F 188 -0.89 37.17 66.44
C ALA F 188 0.26 37.95 65.83
N LEU F 189 1.42 37.31 65.63
CA LEU F 189 2.59 37.95 65.05
C LEU F 189 3.01 37.17 63.81
N THR F 190 2.72 37.71 62.63
CA THR F 190 3.08 37.10 61.37
C THR F 190 3.99 37.98 60.50
N SER F 191 3.93 39.30 60.67
CA SER F 191 4.78 40.19 59.88
C SER F 191 6.24 40.01 60.30
N GLY F 192 7.11 39.78 59.33
CA GLY F 192 8.51 39.59 59.58
C GLY F 192 8.90 38.21 60.02
N VAL F 193 7.97 37.26 60.04
CA VAL F 193 8.28 35.88 60.44
C VAL F 193 8.99 35.19 59.29
N HIS F 194 10.10 34.52 59.61
CA HIS F 194 10.80 33.67 58.65
C HIS F 194 11.22 32.40 59.37
N THR F 195 10.52 31.31 59.10
CA THR F 195 10.89 30.00 59.62
C THR F 195 11.72 29.30 58.56
N PHE F 196 12.98 29.03 58.87
CA PHE F 196 13.89 28.46 57.90
C PHE F 196 13.66 26.95 57.77
N PRO F 197 13.94 26.38 56.60
CA PRO F 197 13.88 24.93 56.46
C PRO F 197 14.86 24.25 57.40
N ALA F 198 14.49 23.05 57.86
CA ALA F 198 15.30 22.32 58.82
C ALA F 198 16.57 21.78 58.18
N VAL F 199 17.61 21.65 59.01
CA VAL F 199 18.85 21.02 58.60
C VAL F 199 18.81 19.58 59.09
N LEU F 200 19.18 18.65 58.22
CA LEU F 200 19.26 17.24 58.57
C LEU F 200 20.69 16.94 58.99
N GLN F 201 20.89 16.73 60.29
CA GLN F 201 22.21 16.50 60.84
C GLN F 201 22.69 15.08 60.55
N SER F 202 24.00 14.88 60.65
CA SER F 202 24.57 13.55 60.41
C SER F 202 23.96 12.50 61.32
N SER F 203 23.56 12.90 62.53
CA SER F 203 22.90 11.97 63.46
C SER F 203 21.51 11.57 62.99
N GLY F 204 20.99 12.20 61.95
CA GLY F 204 19.65 11.92 61.47
C GLY F 204 18.56 12.73 62.13
N LEU F 205 18.92 13.66 63.02
CA LEU F 205 17.94 14.52 63.67
C LEU F 205 17.86 15.86 62.96
N TYR F 206 16.73 16.52 63.16
CA TYR F 206 16.45 17.80 62.52
C TYR F 206 16.59 18.95 63.50
N SER F 207 16.87 20.13 62.96
CA SER F 207 16.92 21.36 63.71
C SER F 207 16.56 22.51 62.78
N LEU F 208 15.70 23.42 63.25
CA LEU F 208 15.36 24.60 62.48
C LEU F 208 15.38 25.82 63.37
N SER F 209 15.30 26.99 62.75
CA SER F 209 15.25 28.25 63.46
C SER F 209 14.17 29.13 62.83
N SER F 210 13.45 29.86 63.68
CA SER F 210 12.45 30.83 63.24
C SER F 210 12.83 32.18 63.85
N VAL F 211 12.90 33.20 63.01
CA VAL F 211 13.33 34.53 63.43
C VAL F 211 12.25 35.54 63.05
N VAL F 212 12.19 36.62 63.82
CA VAL F 212 11.28 37.73 63.59
C VAL F 212 12.09 39.02 63.68
N THR F 213 11.93 39.90 62.69
CA THR F 213 12.57 41.21 62.69
C THR F 213 11.54 42.23 63.20
N VAL F 214 11.81 42.79 64.37
CA VAL F 214 10.88 43.71 65.02
C VAL F 214 11.60 45.04 65.19
N PRO F 215 10.85 46.12 65.41
CA PRO F 215 11.51 47.41 65.71
C PRO F 215 12.21 47.36 67.06
N SER F 216 13.40 47.96 67.11
CA SER F 216 14.18 47.94 68.34
C SER F 216 13.44 48.60 69.49
N SER F 217 12.58 49.56 69.20
CA SER F 217 11.88 50.28 70.26
C SER F 217 10.91 49.39 71.02
N SER F 218 10.35 48.38 70.37
CA SER F 218 9.33 47.53 70.99
C SER F 218 9.93 46.40 71.81
N LEU F 219 11.26 46.25 71.84
CA LEU F 219 11.87 45.14 72.57
C LEU F 219 11.56 45.20 74.05
N GLY F 220 11.43 46.40 74.62
CA GLY F 220 11.21 46.56 76.04
C GLY F 220 9.77 46.61 76.48
N THR F 221 8.82 46.66 75.55
CA THR F 221 7.41 46.76 75.88
C THR F 221 6.60 45.57 75.38
N GLN F 222 6.89 45.07 74.19
CA GLN F 222 6.15 43.93 73.65
C GLN F 222 6.81 42.62 74.08
N THR F 223 5.98 41.59 74.21
CA THR F 223 6.44 40.26 74.61
C THR F 223 6.36 39.32 73.41
N TYR F 224 7.42 38.56 73.19
CA TYR F 224 7.53 37.70 72.02
C TYR F 224 7.67 36.25 72.49
N ILE F 225 6.67 35.43 72.18
CA ILE F 225 6.69 34.00 72.46
C ILE F 225 6.61 33.26 71.14
N CYS F 226 7.47 32.27 70.96
CA CYS F 226 7.42 31.38 69.81
C CYS F 226 6.74 30.09 70.25
N ASN F 227 5.74 29.66 69.49
CA ASN F 227 4.97 28.46 69.80
C ASN F 227 5.45 27.34 68.88
N VAL F 228 6.15 26.37 69.45
CA VAL F 228 6.67 25.24 68.69
C VAL F 228 5.81 24.03 69.00
N ASN F 229 5.43 23.29 67.95
CA ASN F 229 4.61 22.10 68.10
C ASN F 229 5.20 20.98 67.26
N HIS F 230 5.45 19.84 67.90
CA HIS F 230 5.95 18.65 67.22
C HIS F 230 4.99 17.52 67.52
N LYS F 231 4.01 17.34 66.63
CA LYS F 231 2.97 16.33 66.86
C LYS F 231 3.53 14.91 66.97
N PRO F 232 4.51 14.49 66.16
CA PRO F 232 5.01 13.11 66.28
C PRO F 232 5.46 12.74 67.69
N SER F 233 5.99 13.70 68.44
CA SER F 233 6.39 13.48 69.82
C SER F 233 5.41 14.06 70.82
N ASN F 234 4.29 14.63 70.34
CA ASN F 234 3.30 15.27 71.21
C ASN F 234 3.94 16.36 72.05
N THR F 235 4.86 17.11 71.44
CA THR F 235 5.58 18.18 72.11
C THR F 235 5.05 19.53 71.63
N LYS F 236 4.58 20.34 72.59
CA LYS F 236 4.17 21.72 72.32
C LYS F 236 4.85 22.60 73.35
N VAL F 237 5.67 23.55 72.88
CA VAL F 237 6.49 24.38 73.76
C VAL F 237 6.26 25.84 73.43
N ASP F 238 6.20 26.67 74.48
CA ASP F 238 6.10 28.12 74.35
C ASP F 238 7.31 28.72 75.06
N LYS F 239 8.26 29.23 74.27
CA LYS F 239 9.53 29.73 74.79
C LYS F 239 9.57 31.25 74.71
N LYS F 240 10.00 31.89 75.79
CA LYS F 240 10.10 33.34 75.83
C LYS F 240 11.47 33.83 75.42
N VAL F 241 11.48 34.79 74.51
CA VAL F 241 12.69 35.41 73.98
C VAL F 241 12.78 36.81 74.57
N GLU F 242 13.79 37.03 75.41
CA GLU F 242 13.96 38.30 76.08
C GLU F 242 15.33 38.89 75.72
N PRO F 243 15.48 40.21 75.76
CA PRO F 243 16.79 40.80 75.45
C PRO F 243 17.85 40.32 76.43
N LYS F 244 19.06 40.13 75.91
CA LYS F 244 20.19 39.68 76.72
C LYS F 244 20.89 40.86 77.39
N SER G 30 17.65 -64.49 -27.08
CA SER G 30 17.97 -64.95 -25.74
C SER G 30 17.04 -64.23 -24.76
N VAL G 31 16.63 -64.93 -23.70
CA VAL G 31 15.67 -64.40 -22.74
C VAL G 31 16.37 -64.22 -21.40
N LEU G 32 16.12 -63.08 -20.77
CA LEU G 32 16.58 -62.80 -19.42
C LEU G 32 15.39 -63.02 -18.48
N THR G 33 15.42 -64.13 -17.75
CA THR G 33 14.27 -64.51 -16.93
C THR G 33 14.29 -63.78 -15.61
N GLN G 34 13.17 -63.15 -15.27
CA GLN G 34 12.96 -62.50 -13.99
C GLN G 34 11.80 -63.16 -13.28
N PRO G 35 11.74 -63.08 -11.95
CA PRO G 35 10.56 -63.56 -11.23
C PRO G 35 9.36 -62.70 -11.55
N PRO G 36 8.18 -63.31 -11.75
CA PRO G 36 7.01 -62.48 -12.09
C PRO G 36 6.63 -61.49 -10.99
N SER G 37 6.78 -61.88 -9.73
CA SER G 37 6.31 -61.06 -8.63
C SER G 37 7.28 -61.11 -7.47
N VAL G 38 7.55 -59.95 -6.90
CA VAL G 38 8.29 -59.81 -5.66
C VAL G 38 7.52 -58.84 -4.77
N SER G 39 7.54 -59.09 -3.47
CA SER G 39 6.75 -58.27 -2.56
C SER G 39 7.46 -58.15 -1.22
N GLY G 40 7.20 -57.05 -0.53
CA GLY G 40 7.71 -56.84 0.80
C GLY G 40 6.98 -55.69 1.46
N ALA G 41 7.02 -55.68 2.77
CA ALA G 41 6.40 -54.61 3.53
C ALA G 41 7.27 -53.36 3.47
N PRO G 42 6.69 -52.18 3.74
CA PRO G 42 7.51 -50.97 3.82
C PRO G 42 8.64 -51.15 4.81
N GLY G 43 9.85 -50.78 4.40
CA GLY G 43 11.02 -50.91 5.22
C GLY G 43 11.77 -52.21 5.06
N GLN G 44 11.20 -53.20 4.37
CA GLN G 44 11.86 -54.47 4.14
C GLN G 44 12.75 -54.41 2.90
N ARG G 45 13.61 -55.42 2.77
CA ARG G 45 14.54 -55.52 1.65
C ARG G 45 14.05 -56.60 0.70
N VAL G 46 14.00 -56.28 -0.58
CA VAL G 46 13.66 -57.25 -1.61
C VAL G 46 14.72 -57.22 -2.70
N THR G 47 14.87 -58.34 -3.39
CA THR G 47 15.79 -58.45 -4.51
C THR G 47 15.10 -59.08 -5.71
N ILE G 48 15.50 -58.66 -6.90
CA ILE G 48 14.94 -59.11 -8.16
C ILE G 48 16.06 -59.72 -8.98
N SER G 49 15.92 -61.00 -9.32
CA SER G 49 16.94 -61.71 -10.08
C SER G 49 16.71 -61.54 -11.57
N CYS G 50 17.79 -61.67 -12.34
CA CYS G 50 17.77 -61.56 -13.80
C CYS G 50 18.76 -62.58 -14.33
N SER G 51 18.25 -63.74 -14.77
CA SER G 51 19.08 -64.86 -15.17
C SER G 51 19.24 -64.87 -16.69
N GLY G 52 20.48 -64.94 -17.16
CA GLY G 52 20.80 -64.99 -18.56
C GLY G 52 21.73 -66.14 -18.86
N SER G 53 22.62 -65.91 -19.83
CA SER G 53 23.58 -66.90 -20.28
C SER G 53 24.96 -66.25 -20.35
N ARG G 54 25.97 -67.06 -20.69
CA ARG G 54 27.31 -66.54 -20.84
C ARG G 54 27.40 -65.50 -21.94
N SER G 55 26.62 -65.65 -23.01
CA SER G 55 26.72 -64.73 -24.12
C SER G 55 26.23 -63.35 -23.75
N ASN G 56 25.12 -63.25 -23.01
CA ASN G 56 24.55 -61.94 -22.71
C ASN G 56 25.06 -61.41 -21.37
N ILE G 57 24.38 -61.75 -20.27
CA ILE G 57 24.76 -61.19 -18.97
C ILE G 57 26.20 -61.55 -18.64
N GLY G 58 26.64 -62.74 -19.02
CA GLY G 58 28.00 -63.15 -18.74
C GLY G 58 29.06 -62.35 -19.45
N SER G 59 28.69 -61.62 -20.51
CA SER G 59 29.66 -60.89 -21.32
C SER G 59 29.29 -59.42 -21.52
N ASN G 60 28.25 -58.92 -20.86
CA ASN G 60 27.81 -57.56 -21.08
C ASN G 60 27.34 -56.94 -19.76
N THR G 61 27.23 -55.62 -19.76
CA THR G 61 26.70 -54.91 -18.61
C THR G 61 25.18 -54.98 -18.60
N VAL G 62 24.60 -54.66 -17.45
CA VAL G 62 23.17 -54.78 -17.22
C VAL G 62 22.60 -53.44 -16.79
N LYS G 63 21.43 -53.10 -17.32
CA LYS G 63 20.65 -51.96 -16.87
C LYS G 63 19.39 -52.45 -16.17
N TRP G 64 18.84 -51.58 -15.34
CA TRP G 64 17.56 -51.83 -14.69
C TRP G 64 16.64 -50.63 -14.91
N TYR G 65 15.38 -50.91 -15.25
CA TYR G 65 14.39 -49.88 -15.51
C TYR G 65 13.22 -50.04 -14.57
N GLN G 66 12.64 -48.92 -14.16
CA GLN G 66 11.41 -48.89 -13.38
C GLN G 66 10.31 -48.35 -14.27
N GLN G 67 9.15 -49.01 -14.27
CA GLN G 67 8.01 -48.56 -15.06
C GLN G 67 6.78 -48.49 -14.17
N LEU G 68 6.24 -47.29 -14.03
CA LEU G 68 4.96 -47.09 -13.36
C LEU G 68 3.82 -47.22 -14.35
N PRO G 69 2.60 -47.43 -13.88
CA PRO G 69 1.47 -47.61 -14.80
C PRO G 69 1.33 -46.43 -15.76
N GLY G 70 1.22 -46.76 -17.05
CA GLY G 70 0.92 -45.76 -18.06
C GLY G 70 2.03 -44.79 -18.39
N THR G 71 3.27 -45.08 -18.02
CA THR G 71 4.39 -44.20 -18.31
C THR G 71 5.54 -45.01 -18.87
N ALA G 72 6.49 -44.31 -19.50
CA ALA G 72 7.63 -44.96 -20.10
C ALA G 72 8.59 -45.46 -19.01
N PRO G 73 9.39 -46.48 -19.32
CA PRO G 73 10.38 -46.96 -18.35
C PRO G 73 11.32 -45.84 -17.93
N LYS G 74 11.85 -45.98 -16.71
CA LYS G 74 12.77 -45.02 -16.12
C LYS G 74 14.04 -45.74 -15.72
N LEU G 75 15.19 -45.20 -16.12
CA LEU G 75 16.47 -45.83 -15.83
C LEU G 75 16.78 -45.74 -14.33
N LEU G 76 17.03 -46.89 -13.70
CA LEU G 76 17.45 -46.96 -12.31
C LEU G 76 18.94 -47.26 -12.17
N ILE G 77 19.44 -48.24 -12.91
CA ILE G 77 20.81 -48.70 -12.81
C ILE G 77 21.38 -48.86 -14.21
N TYR G 78 22.64 -48.45 -14.38
CA TYR G 78 23.39 -48.73 -15.59
C TYR G 78 24.78 -49.19 -15.19
N TYR G 79 25.49 -49.82 -16.13
CA TYR G 79 26.78 -50.42 -15.86
C TYR G 79 26.74 -51.27 -14.58
N ASN G 80 25.70 -52.11 -14.50
CA ASN G 80 25.56 -53.10 -13.43
C ASN G 80 25.13 -52.49 -12.11
N ASP G 81 25.75 -51.37 -11.71
CA ASP G 81 25.50 -50.84 -10.38
C ASP G 81 25.59 -49.32 -10.30
N GLN G 82 25.59 -48.60 -11.41
CA GLN G 82 25.66 -47.15 -11.37
C GLN G 82 24.26 -46.56 -11.31
N ARG G 83 24.07 -45.58 -10.43
CA ARG G 83 22.79 -44.92 -10.30
C ARG G 83 22.83 -43.56 -11.00
N PRO G 84 21.90 -43.25 -11.89
CA PRO G 84 21.82 -41.89 -12.40
C PRO G 84 21.53 -40.91 -11.28
N SER G 85 21.79 -39.63 -11.56
CA SER G 85 21.45 -38.58 -10.60
C SER G 85 19.95 -38.60 -10.31
N GLY G 86 19.61 -38.60 -9.03
CA GLY G 86 18.22 -38.55 -8.59
C GLY G 86 17.62 -39.89 -8.24
N VAL G 87 18.35 -40.98 -8.44
CA VAL G 87 17.84 -42.31 -8.08
C VAL G 87 18.28 -42.59 -6.64
N PRO G 88 17.37 -42.93 -5.73
CA PRO G 88 17.77 -43.15 -4.34
C PRO G 88 18.75 -44.31 -4.22
N ASP G 89 19.65 -44.19 -3.23
CA ASP G 89 20.66 -45.21 -3.05
C ASP G 89 20.10 -46.50 -2.46
N ARG G 90 18.80 -46.57 -2.18
CA ARG G 90 18.21 -47.84 -1.76
C ARG G 90 18.04 -48.79 -2.93
N PHE G 91 18.21 -48.32 -4.17
CA PHE G 91 18.26 -49.19 -5.34
C PHE G 91 19.72 -49.53 -5.60
N SER G 92 20.08 -50.79 -5.47
CA SER G 92 21.46 -51.23 -5.70
C SER G 92 21.44 -52.41 -6.66
N GLY G 93 22.32 -52.36 -7.66
CA GLY G 93 22.42 -53.39 -8.66
C GLY G 93 23.69 -54.19 -8.49
N SER G 94 23.66 -55.44 -8.93
CA SER G 94 24.83 -56.31 -8.89
C SER G 94 24.74 -57.31 -10.01
N LYS G 95 25.88 -57.90 -10.35
CA LYS G 95 25.97 -58.88 -11.42
C LYS G 95 27.02 -59.89 -11.05
N SER G 96 26.79 -61.14 -11.37
CA SER G 96 27.76 -62.21 -11.08
C SER G 96 27.50 -63.37 -12.02
N GLY G 97 28.50 -63.73 -12.81
CA GLY G 97 28.32 -64.82 -13.75
C GLY G 97 27.28 -64.47 -14.78
N THR G 98 26.28 -65.34 -14.94
CA THR G 98 25.23 -65.17 -15.93
C THR G 98 23.96 -64.59 -15.34
N SER G 99 24.02 -64.03 -14.14
CA SER G 99 22.85 -63.50 -13.46
C SER G 99 23.14 -62.10 -12.93
N ALA G 100 22.10 -61.27 -12.91
CA ALA G 100 22.15 -59.95 -12.30
C ALA G 100 21.04 -59.83 -11.27
N SER G 101 21.18 -58.85 -10.38
CA SER G 101 20.22 -58.70 -9.30
C SER G 101 20.04 -57.21 -9.00
N LEU G 102 18.79 -56.83 -8.74
CA LEU G 102 18.45 -55.51 -8.24
C LEU G 102 17.90 -55.67 -6.83
N ALA G 103 18.52 -54.97 -5.88
CA ALA G 103 18.07 -54.98 -4.50
C ALA G 103 17.43 -53.63 -4.17
N ILE G 104 16.32 -53.68 -3.45
CA ILE G 104 15.65 -52.50 -2.93
C ILE G 104 15.64 -52.63 -1.42
N THR G 105 16.49 -51.85 -0.75
CA THR G 105 16.68 -51.96 0.69
C THR G 105 15.84 -50.87 1.37
N GLY G 106 14.78 -51.29 2.04
CA GLY G 106 13.89 -50.35 2.67
C GLY G 106 12.79 -49.92 1.72
N LEU G 107 11.95 -50.87 1.32
CA LEU G 107 10.87 -50.57 0.39
C LEU G 107 10.04 -49.39 0.86
N GLN G 108 9.71 -48.50 -0.06
CA GLN G 108 8.77 -47.42 0.18
C GLN G 108 7.60 -47.60 -0.76
N ALA G 109 6.44 -47.07 -0.36
CA ALA G 109 5.22 -47.24 -1.15
C ALA G 109 5.43 -46.85 -2.60
N GLU G 110 6.19 -45.79 -2.86
CA GLU G 110 6.42 -45.32 -4.21
C GLU G 110 7.18 -46.33 -5.06
N ASP G 111 7.81 -47.34 -4.44
CA ASP G 111 8.59 -48.32 -5.18
C ASP G 111 7.74 -49.39 -5.85
N GLU G 112 6.44 -49.44 -5.56
CA GLU G 112 5.54 -50.39 -6.21
C GLU G 112 5.45 -50.07 -7.70
N ALA G 113 5.96 -50.97 -8.53
CA ALA G 113 6.05 -50.72 -9.97
C ALA G 113 6.56 -51.99 -10.63
N ASP G 114 6.68 -51.93 -11.96
CA ASP G 114 7.30 -52.99 -12.73
C ASP G 114 8.77 -52.69 -12.93
N TYR G 115 9.60 -53.74 -12.88
CA TYR G 115 11.04 -53.59 -13.02
C TYR G 115 11.53 -54.54 -14.11
N TYR G 116 12.36 -54.00 -15.00
CA TYR G 116 12.89 -54.77 -16.12
C TYR G 116 14.41 -54.67 -16.13
N CYS G 117 15.08 -55.81 -16.26
N CYS G 117 15.05 -55.81 -16.40
CA CYS G 117 16.51 -55.80 -16.51
CA CYS G 117 16.50 -55.91 -16.51
C CYS G 117 16.74 -55.75 -18.01
C CYS G 117 16.89 -55.98 -17.99
N GLN G 118 17.88 -55.18 -18.39
CA GLN G 118 18.25 -55.05 -19.79
C GLN G 118 19.75 -55.26 -19.96
N SER G 119 20.11 -56.01 -20.99
CA SER G 119 21.51 -56.26 -21.31
C SER G 119 21.64 -56.43 -22.82
N TYR G 120 22.81 -56.86 -23.26
CA TYR G 120 23.08 -57.13 -24.66
C TYR G 120 23.57 -58.56 -24.80
N ASP G 121 23.47 -59.11 -26.01
CA ASP G 121 23.77 -60.52 -26.19
C ASP G 121 25.19 -60.79 -26.64
N ARG G 122 25.72 -60.02 -27.58
CA ARG G 122 27.04 -60.28 -28.12
C ARG G 122 27.96 -59.10 -27.85
N TYR G 123 29.24 -59.31 -28.14
CA TYR G 123 30.26 -58.32 -27.86
C TYR G 123 30.06 -57.11 -28.77
N THR G 124 29.84 -55.95 -28.15
CA THR G 124 29.62 -54.69 -28.87
C THR G 124 28.49 -54.84 -29.88
N HIS G 125 27.36 -55.34 -29.42
CA HIS G 125 26.17 -55.51 -30.24
C HIS G 125 25.06 -54.63 -29.71
N PRO G 126 24.34 -53.90 -30.58
CA PRO G 126 23.38 -52.90 -30.08
C PRO G 126 22.00 -53.45 -29.75
N ALA G 127 21.67 -54.68 -30.15
CA ALA G 127 20.36 -55.23 -29.87
C ALA G 127 20.13 -55.32 -28.36
N LEU G 128 18.96 -54.85 -27.91
CA LEU G 128 18.64 -54.81 -26.50
C LEU G 128 17.85 -56.05 -26.08
N LEU G 129 18.27 -56.66 -24.99
CA LEU G 129 17.56 -57.79 -24.38
C LEU G 129 16.92 -57.30 -23.10
N PHE G 130 15.60 -57.27 -23.06
CA PHE G 130 14.85 -56.89 -21.87
C PHE G 130 14.40 -58.14 -21.12
N GLY G 131 14.46 -58.08 -19.80
CA GLY G 131 13.98 -59.17 -18.98
C GLY G 131 12.47 -59.28 -19.05
N THR G 132 11.97 -60.41 -18.54
CA THR G 132 10.54 -60.69 -18.58
C THR G 132 9.74 -59.75 -17.70
N GLY G 133 10.37 -59.01 -16.80
CA GLY G 133 9.68 -58.02 -15.99
C GLY G 133 9.25 -58.56 -14.64
N THR G 134 9.37 -57.74 -13.60
CA THR G 134 8.99 -58.12 -12.25
C THR G 134 8.06 -57.07 -11.68
N LYS G 135 6.92 -57.52 -11.14
CA LYS G 135 6.02 -56.63 -10.42
C LYS G 135 6.42 -56.60 -8.95
N VAL G 136 6.80 -55.42 -8.46
CA VAL G 136 7.14 -55.23 -7.05
C VAL G 136 5.92 -54.66 -6.35
N THR G 137 5.45 -55.38 -5.33
CA THR G 137 4.33 -54.93 -4.50
C THR G 137 4.86 -54.54 -3.13
N VAL G 138 4.47 -53.35 -2.68
CA VAL G 138 4.72 -52.91 -1.32
C VAL G 138 3.48 -53.28 -0.52
N LEU G 139 3.62 -54.31 0.32
CA LEU G 139 2.48 -54.92 1.00
C LEU G 139 1.74 -53.97 1.93
N GLY G 140 0.54 -53.58 1.52
CA GLY G 140 -0.33 -52.75 2.34
C GLY G 140 -1.46 -53.51 2.99
N GLN G 141 -1.49 -54.84 2.87
CA GLN G 141 -2.50 -55.67 3.49
C GLN G 141 -2.00 -57.10 3.50
N PRO G 142 -2.59 -57.98 4.30
CA PRO G 142 -2.12 -59.36 4.34
C PRO G 142 -2.26 -60.04 2.98
N LYS G 143 -1.37 -61.00 2.73
CA LYS G 143 -1.44 -61.77 1.50
C LYS G 143 -2.70 -62.63 1.48
N ALA G 144 -3.32 -62.72 0.31
CA ALA G 144 -4.55 -63.47 0.13
C ALA G 144 -4.41 -64.38 -1.09
N ALA G 145 -4.73 -65.66 -0.91
CA ALA G 145 -4.66 -66.60 -2.01
C ALA G 145 -5.85 -66.39 -2.95
N PRO G 146 -5.71 -66.71 -4.24
CA PRO G 146 -6.79 -66.44 -5.18
C PRO G 146 -7.93 -67.44 -5.05
N SER G 147 -9.14 -66.93 -5.25
CA SER G 147 -10.33 -67.75 -5.43
C SER G 147 -10.56 -67.91 -6.93
N VAL G 148 -10.55 -69.15 -7.40
CA VAL G 148 -10.63 -69.45 -8.82
C VAL G 148 -12.01 -70.04 -9.10
N THR G 149 -12.63 -69.61 -10.20
CA THR G 149 -13.89 -70.19 -10.64
C THR G 149 -13.77 -70.52 -12.13
N LEU G 150 -13.93 -71.80 -12.46
CA LEU G 150 -13.78 -72.27 -13.83
C LEU G 150 -15.14 -72.69 -14.36
N PHE G 151 -15.63 -72.01 -15.40
CA PHE G 151 -16.90 -72.30 -16.04
C PHE G 151 -16.69 -73.02 -17.37
N PRO G 152 -17.47 -74.05 -17.67
CA PRO G 152 -17.38 -74.69 -18.99
C PRO G 152 -18.08 -73.86 -20.04
N PRO G 153 -17.98 -74.23 -21.32
CA PRO G 153 -18.76 -73.53 -22.34
C PRO G 153 -20.25 -73.72 -22.13
N SER G 154 -21.00 -72.62 -22.29
CA SER G 154 -22.44 -72.68 -22.09
C SER G 154 -23.10 -73.45 -23.24
N SER G 155 -24.32 -73.93 -22.97
CA SER G 155 -25.05 -74.69 -23.98
C SER G 155 -25.34 -73.84 -25.20
N GLU G 156 -25.78 -72.59 -25.00
CA GLU G 156 -26.07 -71.71 -26.13
C GLU G 156 -24.83 -71.49 -26.99
N GLU G 157 -23.68 -71.31 -26.36
CA GLU G 157 -22.46 -71.03 -27.12
C GLU G 157 -22.04 -72.24 -27.95
N LEU G 158 -22.07 -73.44 -27.35
CA LEU G 158 -21.77 -74.64 -28.12
C LEU G 158 -22.75 -74.84 -29.26
N GLN G 159 -24.01 -74.45 -29.06
CA GLN G 159 -24.97 -74.49 -30.16
C GLN G 159 -24.58 -73.54 -31.27
N ALA G 160 -23.87 -72.45 -30.93
CA ALA G 160 -23.37 -71.50 -31.92
C ALA G 160 -22.02 -71.92 -32.49
N ASN G 161 -21.59 -73.16 -32.26
CA ASN G 161 -20.32 -73.66 -32.81
C ASN G 161 -19.13 -72.90 -32.23
N LYS G 162 -19.21 -72.54 -30.96
CA LYS G 162 -18.12 -71.88 -30.25
C LYS G 162 -17.95 -72.51 -28.87
N ALA G 163 -16.75 -72.37 -28.32
CA ALA G 163 -16.45 -72.95 -27.01
C ALA G 163 -15.39 -72.12 -26.32
N THR G 164 -15.72 -71.60 -25.15
CA THR G 164 -14.81 -70.83 -24.32
C THR G 164 -14.83 -71.34 -22.89
N LEU G 165 -13.65 -71.66 -22.36
CA LEU G 165 -13.49 -71.97 -20.95
C LEU G 165 -13.15 -70.67 -20.20
N VAL G 166 -13.90 -70.39 -19.14
CA VAL G 166 -13.76 -69.14 -18.40
C VAL G 166 -13.20 -69.49 -17.04
N CYS G 167 -11.97 -69.04 -16.77
CA CYS G 167 -11.30 -69.24 -15.48
C CYS G 167 -11.24 -67.89 -14.78
N LEU G 168 -12.01 -67.74 -13.71
CA LEU G 168 -12.12 -66.48 -12.99
C LEU G 168 -11.33 -66.56 -11.68
N ILE G 169 -10.47 -65.58 -11.47
CA ILE G 169 -9.55 -65.56 -10.34
C ILE G 169 -9.81 -64.27 -9.57
N SER G 170 -10.04 -64.38 -8.27
CA SER G 170 -10.44 -63.21 -7.49
C SER G 170 -9.90 -63.30 -6.07
N ASP G 171 -9.88 -62.14 -5.41
CA ASP G 171 -9.57 -62.04 -3.99
C ASP G 171 -8.15 -62.52 -3.68
N PHE G 172 -7.19 -62.05 -4.48
CA PHE G 172 -5.78 -62.34 -4.23
C PHE G 172 -5.00 -61.05 -4.07
N TYR G 173 -3.93 -61.14 -3.28
CA TYR G 173 -3.05 -60.03 -3.00
C TYR G 173 -1.71 -60.66 -2.66
N PRO G 174 -0.59 -60.18 -3.24
CA PRO G 174 -0.46 -59.12 -4.22
C PRO G 174 -1.16 -59.42 -5.54
N GLY G 175 -1.36 -58.39 -6.36
CA GLY G 175 -2.06 -58.55 -7.62
C GLY G 175 -1.15 -59.07 -8.73
N ALA G 176 -0.68 -60.31 -8.57
CA ALA G 176 0.19 -60.93 -9.57
C ALA G 176 -0.06 -62.43 -9.58
N VAL G 177 -0.44 -62.95 -10.75
CA VAL G 177 -0.70 -64.38 -10.91
C VAL G 177 -0.19 -64.82 -12.28
N THR G 178 0.16 -66.10 -12.38
CA THR G 178 0.50 -66.73 -13.64
C THR G 178 -0.46 -67.89 -13.87
N VAL G 179 -1.08 -67.93 -15.05
CA VAL G 179 -2.11 -68.91 -15.38
C VAL G 179 -1.55 -69.92 -16.35
N ALA G 180 -1.76 -71.20 -16.04
CA ALA G 180 -1.37 -72.30 -16.91
C ALA G 180 -2.59 -73.18 -17.16
N TRP G 181 -2.86 -73.48 -18.42
CA TRP G 181 -4.00 -74.30 -18.81
C TRP G 181 -3.58 -75.73 -19.13
N LYS G 182 -4.47 -76.66 -18.82
CA LYS G 182 -4.25 -78.08 -19.06
C LYS G 182 -5.44 -78.67 -19.79
N ALA G 183 -5.16 -79.33 -20.91
CA ALA G 183 -6.13 -80.17 -21.60
C ALA G 183 -5.88 -81.61 -21.14
N ASP G 184 -6.80 -82.15 -20.36
CA ASP G 184 -6.53 -83.40 -19.66
C ASP G 184 -5.31 -83.20 -18.76
N SER G 185 -4.15 -83.68 -19.21
CA SER G 185 -2.89 -83.47 -18.50
C SER G 185 -1.86 -82.71 -19.32
N SER G 186 -2.13 -82.43 -20.59
CA SER G 186 -1.13 -81.77 -21.43
C SER G 186 -1.27 -80.26 -21.33
N PRO G 187 -0.16 -79.52 -21.32
CA PRO G 187 -0.25 -78.06 -21.24
C PRO G 187 -0.78 -77.46 -22.54
N VAL G 188 -1.51 -76.36 -22.40
CA VAL G 188 -2.10 -75.66 -23.52
C VAL G 188 -1.49 -74.26 -23.58
N LYS G 189 -0.92 -73.91 -24.73
CA LYS G 189 -0.39 -72.57 -24.98
C LYS G 189 -1.22 -71.76 -25.95
N ALA G 190 -1.73 -72.41 -27.01
CA ALA G 190 -2.54 -71.71 -27.99
C ALA G 190 -3.96 -71.52 -27.48
N GLY G 191 -4.59 -70.42 -27.92
CA GLY G 191 -5.96 -70.13 -27.54
C GLY G 191 -6.13 -69.55 -26.15
N VAL G 192 -5.04 -69.19 -25.48
CA VAL G 192 -5.09 -68.63 -24.13
C VAL G 192 -5.04 -67.12 -24.22
N GLU G 193 -5.96 -66.45 -23.51
CA GLU G 193 -5.96 -65.00 -23.41
C GLU G 193 -6.24 -64.66 -21.95
N THR G 194 -5.30 -63.96 -21.31
CA THR G 194 -5.38 -63.66 -19.89
C THR G 194 -5.32 -62.15 -19.68
N THR G 195 -6.18 -61.66 -18.80
CA THR G 195 -6.17 -60.24 -18.46
C THR G 195 -5.15 -59.96 -17.37
N THR G 196 -4.75 -58.70 -17.28
CA THR G 196 -3.89 -58.28 -16.20
C THR G 196 -4.71 -58.10 -14.93
N PRO G 197 -4.14 -58.39 -13.76
CA PRO G 197 -4.89 -58.21 -12.52
C PRO G 197 -5.40 -56.78 -12.38
N SER G 198 -6.63 -56.65 -11.89
CA SER G 198 -7.26 -55.36 -11.68
C SER G 198 -7.82 -55.29 -10.27
N LYS G 199 -7.71 -54.12 -9.65
CA LYS G 199 -8.13 -53.96 -8.27
C LYS G 199 -9.65 -54.02 -8.16
N GLN G 200 -10.13 -54.81 -7.20
CA GLN G 200 -11.56 -54.94 -6.95
C GLN G 200 -12.06 -53.75 -6.13
N SER G 201 -13.36 -53.77 -5.81
CA SER G 201 -13.91 -52.75 -4.94
C SER G 201 -13.41 -52.90 -3.52
N ASN G 202 -13.15 -54.13 -3.08
CA ASN G 202 -12.59 -54.39 -1.75
C ASN G 202 -11.07 -54.26 -1.73
N ASN G 203 -10.46 -53.71 -2.78
CA ASN G 203 -9.03 -53.43 -2.87
C ASN G 203 -8.17 -54.67 -2.99
N LYS G 204 -8.77 -55.85 -3.14
CA LYS G 204 -8.03 -57.02 -3.58
C LYS G 204 -8.05 -57.05 -5.10
N TYR G 205 -7.38 -58.04 -5.70
CA TYR G 205 -7.22 -58.10 -7.14
C TYR G 205 -7.99 -59.28 -7.74
N ALA G 206 -8.37 -59.10 -9.01
CA ALA G 206 -9.08 -60.13 -9.75
C ALA G 206 -8.49 -60.23 -11.15
N ALA G 207 -8.58 -61.42 -11.73
CA ALA G 207 -8.13 -61.65 -13.10
C ALA G 207 -8.96 -62.77 -13.69
N SER G 208 -8.94 -62.84 -15.02
CA SER G 208 -9.68 -63.87 -15.75
C SER G 208 -8.82 -64.38 -16.89
N SER G 209 -8.94 -65.67 -17.18
CA SER G 209 -8.23 -66.31 -18.27
C SER G 209 -9.21 -67.10 -19.11
N TYR G 210 -9.10 -66.97 -20.43
CA TYR G 210 -9.99 -67.63 -21.38
C TYR G 210 -9.18 -68.57 -22.26
N LEU G 211 -9.69 -69.78 -22.42
CA LEU G 211 -9.12 -70.75 -23.35
C LEU G 211 -10.14 -70.99 -24.46
N SER G 212 -9.85 -70.47 -25.65
CA SER G 212 -10.76 -70.58 -26.77
C SER G 212 -10.57 -71.94 -27.45
N LEU G 213 -11.65 -72.70 -27.57
CA LEU G 213 -11.62 -74.01 -28.17
C LEU G 213 -12.74 -74.11 -29.22
N THR G 214 -12.59 -75.08 -30.11
CA THR G 214 -13.66 -75.45 -31.02
C THR G 214 -14.57 -76.47 -30.34
N PRO G 215 -15.82 -76.59 -30.80
CA PRO G 215 -16.71 -77.59 -30.21
C PRO G 215 -16.10 -78.98 -30.18
N GLU G 216 -15.23 -79.30 -31.13
CA GLU G 216 -14.61 -80.62 -31.17
C GLU G 216 -13.57 -80.77 -30.08
N GLN G 217 -12.76 -79.74 -29.86
CA GLN G 217 -11.74 -79.80 -28.81
C GLN G 217 -12.36 -79.93 -27.42
N TRP G 218 -13.47 -79.23 -27.19
CA TRP G 218 -14.12 -79.32 -25.88
C TRP G 218 -14.67 -80.72 -25.59
N LYS G 219 -15.01 -81.48 -26.64
CA LYS G 219 -15.58 -82.81 -26.46
C LYS G 219 -14.59 -83.93 -26.75
N SER G 220 -13.37 -83.61 -27.18
CA SER G 220 -12.36 -84.62 -27.47
C SER G 220 -11.47 -84.91 -26.28
N HIS G 221 -11.64 -84.21 -25.17
CA HIS G 221 -10.85 -84.41 -23.97
C HIS G 221 -11.76 -84.67 -22.79
N ARG G 222 -11.24 -85.43 -21.81
CA ARG G 222 -12.04 -85.78 -20.65
C ARG G 222 -12.19 -84.62 -19.67
N SER G 223 -11.20 -83.74 -19.59
CA SER G 223 -11.26 -82.63 -18.65
C SER G 223 -10.22 -81.58 -19.04
N TYR G 224 -10.47 -80.36 -18.58
CA TYR G 224 -9.52 -79.26 -18.69
C TYR G 224 -9.33 -78.63 -17.32
N SER G 225 -8.11 -78.16 -17.07
CA SER G 225 -7.77 -77.61 -15.75
C SER G 225 -7.13 -76.24 -15.91
N CYS G 226 -7.49 -75.33 -15.01
CA CYS G 226 -6.91 -73.99 -14.94
C CYS G 226 -6.04 -73.92 -13.70
N GLN G 227 -4.73 -73.76 -13.89
CA GLN G 227 -3.77 -73.71 -12.80
C GLN G 227 -3.32 -72.27 -12.61
N VAL G 228 -3.59 -71.73 -11.42
CA VAL G 228 -3.27 -70.34 -11.08
C VAL G 228 -2.21 -70.35 -9.99
N THR G 229 -1.03 -69.83 -10.31
CA THR G 229 0.08 -69.74 -9.37
C THR G 229 0.14 -68.34 -8.78
N HIS G 230 0.13 -68.26 -7.46
CA HIS G 230 0.17 -66.99 -6.75
C HIS G 230 1.16 -67.12 -5.60
N GLU G 231 2.22 -66.32 -5.64
CA GLU G 231 3.25 -66.33 -4.61
C GLU G 231 3.81 -67.73 -4.41
N GLY G 232 4.11 -68.39 -5.54
CA GLY G 232 4.70 -69.72 -5.53
C GLY G 232 3.75 -70.87 -5.33
N SER G 233 2.53 -70.60 -4.86
CA SER G 233 1.53 -71.64 -4.62
C SER G 233 0.53 -71.67 -5.77
N THR G 234 0.18 -72.88 -6.19
CA THR G 234 -0.72 -73.07 -7.33
C THR G 234 -2.09 -73.54 -6.86
N VAL G 235 -3.13 -72.95 -7.45
CA VAL G 235 -4.51 -73.36 -7.23
C VAL G 235 -5.05 -73.84 -8.57
N GLU G 236 -5.49 -75.09 -8.61
CA GLU G 236 -5.93 -75.73 -9.85
C GLU G 236 -7.43 -75.97 -9.81
N LYS G 237 -8.09 -75.72 -10.94
CA LYS G 237 -9.52 -75.98 -11.06
C LYS G 237 -9.75 -76.79 -12.34
N THR G 238 -10.56 -77.84 -12.23
CA THR G 238 -10.80 -78.76 -13.33
C THR G 238 -12.28 -78.83 -13.66
N VAL G 239 -12.59 -78.95 -14.95
CA VAL G 239 -13.96 -79.08 -15.42
C VAL G 239 -14.00 -80.15 -16.50
N ALA G 240 -15.11 -80.89 -16.54
CA ALA G 240 -15.28 -81.98 -17.49
C ALA G 240 -16.60 -81.82 -18.23
N PRO G 241 -16.67 -82.28 -19.49
CA PRO G 241 -17.94 -82.20 -20.22
C PRO G 241 -18.97 -83.21 -19.70
N GLN H 29 16.90 -29.47 -22.59
CA GLN H 29 16.52 -30.75 -21.99
C GLN H 29 16.05 -31.74 -23.05
N VAL H 30 16.34 -33.02 -22.82
CA VAL H 30 16.04 -34.05 -23.80
C VAL H 30 14.53 -34.28 -23.85
N GLN H 31 14.01 -34.43 -25.07
CA GLN H 31 12.58 -34.60 -25.29
C GLN H 31 12.39 -35.48 -26.52
N LEU H 32 11.60 -36.54 -26.37
CA LEU H 32 11.27 -37.45 -27.46
C LEU H 32 9.76 -37.60 -27.53
N VAL H 33 9.20 -37.39 -28.73
CA VAL H 33 7.76 -37.40 -28.93
C VAL H 33 7.45 -38.34 -30.08
N GLU H 34 6.82 -39.47 -29.79
CA GLU H 34 6.38 -40.39 -30.82
C GLU H 34 5.04 -39.95 -31.37
N SER H 35 4.79 -40.28 -32.64
CA SER H 35 3.52 -39.98 -33.28
C SER H 35 3.32 -40.94 -34.44
N GLY H 36 2.13 -40.90 -35.02
CA GLY H 36 1.78 -41.76 -36.13
C GLY H 36 1.01 -43.01 -35.76
N GLY H 37 0.80 -43.26 -34.46
CA GLY H 37 0.05 -44.42 -34.04
C GLY H 37 -1.44 -44.26 -34.29
N GLY H 38 -2.15 -45.37 -34.10
CA GLY H 38 -3.58 -45.37 -34.31
C GLY H 38 -4.07 -46.77 -34.62
N VAL H 39 -5.27 -46.83 -35.19
CA VAL H 39 -5.91 -48.09 -35.55
C VAL H 39 -5.62 -48.37 -37.02
N VAL H 40 -5.15 -49.59 -37.31
CA VAL H 40 -4.83 -50.01 -38.66
C VAL H 40 -5.26 -51.46 -38.82
N GLN H 41 -5.68 -51.80 -40.04
CA GLN H 41 -6.12 -53.16 -40.30
C GLN H 41 -4.93 -54.07 -40.59
N PRO H 42 -5.05 -55.36 -40.30
CA PRO H 42 -3.94 -56.28 -40.58
C PRO H 42 -3.55 -56.24 -42.05
N GLY H 43 -2.26 -56.43 -42.30
CA GLY H 43 -1.71 -56.43 -43.64
C GLY H 43 -1.38 -55.08 -44.20
N ARG H 44 -1.83 -53.99 -43.60
CA ARG H 44 -1.55 -52.66 -44.11
C ARG H 44 -0.35 -52.06 -43.38
N SER H 45 0.05 -50.87 -43.83
CA SER H 45 1.26 -50.23 -43.37
C SER H 45 0.97 -49.04 -42.47
N LEU H 46 1.96 -48.71 -41.65
CA LEU H 46 1.89 -47.57 -40.75
C LEU H 46 3.30 -47.04 -40.56
N ARG H 47 3.43 -45.72 -40.48
CA ARG H 47 4.72 -45.06 -40.36
C ARG H 47 4.73 -44.26 -39.06
N LEU H 48 5.60 -44.65 -38.14
CA LEU H 48 5.75 -43.94 -36.87
C LEU H 48 6.88 -42.93 -36.99
N SER H 49 6.77 -41.87 -36.20
CA SER H 49 7.77 -40.82 -36.17
C SER H 49 8.13 -40.51 -34.72
N CYS H 50 9.36 -40.02 -34.53
CA CYS H 50 9.86 -39.65 -33.21
C CYS H 50 10.63 -38.35 -33.36
N ALA H 51 10.03 -37.24 -32.92
CA ALA H 51 10.68 -35.94 -32.99
C ALA H 51 11.59 -35.76 -31.78
N ALA H 52 12.86 -35.49 -32.04
CA ALA H 52 13.87 -35.35 -30.98
C ALA H 52 14.29 -33.89 -30.86
N SER H 53 14.66 -33.51 -29.63
CA SER H 53 15.12 -32.15 -29.36
C SER H 53 15.84 -32.14 -28.02
N GLY H 54 16.63 -31.10 -27.81
CA GLY H 54 17.38 -30.95 -26.58
C GLY H 54 18.74 -31.61 -26.57
N PHE H 55 19.13 -32.27 -27.66
CA PHE H 55 20.43 -32.93 -27.72
C PHE H 55 20.80 -33.11 -29.19
N THR H 56 22.07 -33.47 -29.42
CA THR H 56 22.58 -33.66 -30.78
C THR H 56 22.07 -35.01 -31.27
N PHE H 57 20.91 -34.99 -31.94
CA PHE H 57 20.29 -36.21 -32.40
C PHE H 57 21.21 -37.00 -33.32
N SER H 58 21.93 -36.31 -34.21
CA SER H 58 22.78 -36.98 -35.19
C SER H 58 23.96 -37.71 -34.56
N SER H 59 24.24 -37.48 -33.29
CA SER H 59 25.37 -38.11 -32.62
C SER H 59 25.00 -39.39 -31.87
N TYR H 60 23.72 -39.72 -31.78
CA TYR H 60 23.26 -40.85 -31.00
C TYR H 60 22.56 -41.86 -31.89
N GLY H 61 22.86 -43.14 -31.67
CA GLY H 61 22.02 -44.19 -32.19
C GLY H 61 20.65 -44.19 -31.52
N MET H 62 19.68 -44.75 -32.22
CA MET H 62 18.29 -44.70 -31.77
C MET H 62 17.67 -46.09 -31.82
N HIS H 63 16.80 -46.36 -30.85
CA HIS H 63 16.09 -47.63 -30.76
C HIS H 63 14.60 -47.40 -30.91
N TRP H 64 13.91 -48.43 -31.39
CA TRP H 64 12.47 -48.57 -31.21
C TRP H 64 12.22 -49.73 -30.26
N VAL H 65 11.41 -49.49 -29.24
CA VAL H 65 11.02 -50.50 -28.27
C VAL H 65 9.51 -50.44 -28.11
N ARG H 66 8.88 -51.62 -28.09
CA ARG H 66 7.42 -51.68 -27.99
C ARG H 66 7.02 -52.52 -26.78
N GLN H 67 5.77 -52.34 -26.36
CA GLN H 67 5.23 -53.03 -25.19
C GLN H 67 3.76 -53.27 -25.43
N ALA H 68 3.39 -54.53 -25.65
CA ALA H 68 1.98 -54.87 -25.79
C ALA H 68 1.27 -54.67 -24.46
N PRO H 69 -0.04 -54.38 -24.49
CA PRO H 69 -0.76 -54.12 -23.23
C PRO H 69 -0.59 -55.23 -22.21
N GLY H 70 -0.07 -54.89 -21.03
CA GLY H 70 0.12 -55.85 -19.97
C GLY H 70 1.31 -56.78 -20.13
N LYS H 71 2.14 -56.56 -21.14
CA LYS H 71 3.29 -57.42 -21.41
C LYS H 71 4.58 -56.63 -21.16
N GLY H 72 5.71 -57.30 -21.40
CA GLY H 72 7.01 -56.72 -21.15
C GLY H 72 7.50 -55.88 -22.32
N LEU H 73 8.68 -55.31 -22.13
CA LEU H 73 9.32 -54.52 -23.17
C LEU H 73 9.97 -55.43 -24.20
N GLU H 74 9.85 -55.05 -25.47
CA GLU H 74 10.44 -55.81 -26.57
C GLU H 74 11.19 -54.87 -27.49
N TRP H 75 12.50 -55.06 -27.59
CA TRP H 75 13.29 -54.29 -28.54
C TRP H 75 12.84 -54.61 -29.96
N VAL H 76 12.75 -53.58 -30.78
CA VAL H 76 12.24 -53.69 -32.15
C VAL H 76 13.35 -53.51 -33.17
N ALA H 77 14.04 -52.36 -33.13
CA ALA H 77 15.03 -52.06 -34.14
C ALA H 77 15.99 -51.01 -33.62
N PHE H 78 17.14 -50.91 -34.28
CA PHE H 78 18.17 -49.94 -33.92
C PHE H 78 18.84 -49.43 -35.18
N ILE H 79 19.24 -48.17 -35.15
CA ILE H 79 19.93 -47.54 -36.27
C ILE H 79 21.09 -46.72 -35.72
N ARG H 80 22.24 -46.81 -36.40
CA ARG H 80 23.41 -46.07 -35.97
C ARG H 80 23.16 -44.56 -36.10
N TYR H 81 24.04 -43.80 -35.44
CA TYR H 81 23.92 -42.34 -35.44
C TYR H 81 23.83 -41.77 -36.85
N ASP H 82 24.57 -42.37 -37.79
CA ASP H 82 24.64 -41.88 -39.16
C ASP H 82 23.77 -42.68 -40.12
N GLY H 83 23.03 -43.67 -39.63
CA GLY H 83 22.20 -44.49 -40.49
C GLY H 83 22.94 -45.52 -41.31
N SER H 84 24.23 -45.75 -41.03
CA SER H 84 25.02 -46.66 -41.86
C SER H 84 24.67 -48.11 -41.61
N ASN H 85 24.18 -48.44 -40.42
CA ASN H 85 23.82 -49.81 -40.09
C ASN H 85 22.51 -49.83 -39.33
N LYS H 86 21.73 -50.88 -39.57
CA LYS H 86 20.42 -51.05 -38.97
C LYS H 86 20.30 -52.46 -38.43
N TYR H 87 19.64 -52.60 -37.28
CA TYR H 87 19.45 -53.87 -36.61
C TYR H 87 17.98 -54.06 -36.28
N TYR H 88 17.50 -55.28 -36.41
CA TYR H 88 16.09 -55.59 -36.21
C TYR H 88 15.95 -56.86 -35.39
N ALA H 89 14.87 -56.94 -34.64
CA ALA H 89 14.48 -58.19 -34.00
C ALA H 89 13.90 -59.14 -35.04
N ASP H 90 14.06 -60.43 -34.78
CA ASP H 90 13.59 -61.44 -35.74
C ASP H 90 12.10 -61.30 -36.00
N SER H 91 11.33 -60.88 -35.00
CA SER H 91 9.88 -60.80 -35.16
C SER H 91 9.45 -59.72 -36.15
N VAL H 92 10.31 -58.74 -36.44
CA VAL H 92 9.96 -57.66 -37.36
C VAL H 92 10.89 -57.54 -38.56
N LYS H 93 12.00 -58.27 -38.60
CA LYS H 93 12.94 -58.10 -39.71
C LYS H 93 12.26 -58.45 -41.03
N GLY H 94 12.52 -57.62 -42.04
CA GLY H 94 11.94 -57.80 -43.35
C GLY H 94 10.58 -57.15 -43.52
N ARG H 95 9.91 -56.83 -42.42
CA ARG H 95 8.61 -56.16 -42.45
C ARG H 95 8.71 -54.71 -42.00
N PHE H 96 9.54 -54.43 -41.00
CA PHE H 96 9.75 -53.08 -40.52
C PHE H 96 11.06 -52.55 -41.06
N THR H 97 11.12 -51.22 -41.21
CA THR H 97 12.33 -50.54 -41.67
C THR H 97 12.55 -49.33 -40.78
N ILE H 98 13.72 -49.26 -40.17
CA ILE H 98 14.08 -48.11 -39.36
C ILE H 98 14.87 -47.15 -40.24
N SER H 99 14.63 -45.86 -40.05
CA SER H 99 15.34 -44.83 -40.80
C SER H 99 15.35 -43.57 -39.96
N ARG H 100 16.13 -42.59 -40.41
CA ARG H 100 16.29 -41.36 -39.66
C ARG H 100 16.64 -40.23 -40.60
N ASP H 101 16.18 -39.03 -40.26
CA ASP H 101 16.49 -37.82 -41.00
C ASP H 101 17.16 -36.84 -40.03
N ASN H 102 18.49 -36.81 -40.06
CA ASN H 102 19.22 -35.97 -39.09
C ASN H 102 18.96 -34.49 -39.33
N SER H 103 18.63 -34.09 -40.55
CA SER H 103 18.29 -32.69 -40.81
C SER H 103 17.00 -32.30 -40.10
N LYS H 104 16.10 -33.25 -39.87
CA LYS H 104 14.84 -33.00 -39.17
C LYS H 104 14.86 -33.45 -37.72
N ASN H 105 15.92 -34.12 -37.28
CA ASN H 105 15.99 -34.64 -35.91
C ASN H 105 14.78 -35.52 -35.63
N THR H 106 14.51 -36.43 -36.57
CA THR H 106 13.36 -37.32 -36.48
C THR H 106 13.78 -38.74 -36.81
N LEU H 107 13.25 -39.69 -36.05
CA LEU H 107 13.43 -41.11 -36.29
C LEU H 107 12.13 -41.68 -36.84
N TYR H 108 12.24 -42.65 -37.75
CA TYR H 108 11.09 -43.23 -38.40
C TYR H 108 11.09 -44.74 -38.22
N LEU H 109 9.90 -45.32 -38.24
CA LEU H 109 9.74 -46.77 -38.26
C LEU H 109 8.65 -47.09 -39.28
N GLN H 110 9.05 -47.57 -40.44
CA GLN H 110 8.10 -48.00 -41.46
C GLN H 110 7.64 -49.41 -41.12
N MET H 111 6.33 -49.55 -40.89
CA MET H 111 5.74 -50.82 -40.47
C MET H 111 4.86 -51.33 -41.62
N ASN H 112 5.26 -52.46 -42.21
CA ASN H 112 4.51 -53.06 -43.30
C ASN H 112 3.99 -54.44 -42.88
N SER H 113 2.94 -54.88 -43.59
CA SER H 113 2.33 -56.18 -43.36
C SER H 113 2.04 -56.38 -41.88
N LEU H 114 1.36 -55.41 -41.29
CA LEU H 114 1.08 -55.44 -39.86
C LEU H 114 0.12 -56.57 -39.52
N ARG H 115 0.34 -57.17 -38.36
CA ARG H 115 -0.46 -58.27 -37.84
C ARG H 115 -0.89 -57.94 -36.41
N ALA H 116 -1.78 -58.78 -35.89
CA ALA H 116 -2.29 -58.57 -34.53
C ALA H 116 -1.18 -58.55 -33.48
N GLU H 117 -0.12 -59.35 -33.67
CA GLU H 117 0.94 -59.38 -32.67
C GLU H 117 1.75 -58.09 -32.61
N ASP H 118 1.53 -57.16 -33.53
CA ASP H 118 2.22 -55.88 -33.51
C ASP H 118 1.50 -54.83 -32.67
N THR H 119 0.29 -55.11 -32.21
CA THR H 119 -0.42 -54.18 -31.33
C THR H 119 0.40 -53.92 -30.08
N ALA H 120 0.75 -52.65 -29.85
CA ALA H 120 1.59 -52.29 -28.71
C ALA H 120 1.79 -50.79 -28.69
N VAL H 121 2.25 -50.29 -27.55
CA VAL H 121 2.80 -48.94 -27.46
C VAL H 121 4.23 -48.99 -27.96
N TYR H 122 4.57 -48.09 -28.88
CA TYR H 122 5.90 -48.06 -29.49
C TYR H 122 6.67 -46.87 -28.94
N TYR H 123 7.79 -47.15 -28.29
CA TYR H 123 8.64 -46.13 -27.69
C TYR H 123 9.86 -45.88 -28.56
N CYS H 124 10.35 -44.64 -28.54
N CYS H 124 10.40 -44.67 -28.42
CA CYS H 124 11.63 -44.32 -29.17
CA CYS H 124 11.60 -44.22 -29.12
C CYS H 124 12.63 -43.95 -28.09
C CYS H 124 12.66 -43.91 -28.07
N LYS H 125 13.79 -44.61 -28.15
CA LYS H 125 14.80 -44.55 -27.10
C LYS H 125 16.17 -44.25 -27.69
N THR H 126 16.92 -43.40 -27.00
CA THR H 126 18.30 -43.11 -27.39
C THR H 126 19.21 -44.26 -26.99
N HIS H 127 20.35 -44.35 -27.69
CA HIS H 127 21.33 -45.39 -27.45
C HIS H 127 22.47 -44.82 -26.63
N GLY H 128 22.68 -45.38 -25.44
CA GLY H 128 23.74 -44.92 -24.57
C GLY H 128 23.50 -45.38 -23.15
N SER H 129 24.48 -45.08 -22.30
CA SER H 129 24.37 -45.43 -20.89
C SER H 129 23.24 -44.63 -20.23
N HIS H 130 23.23 -43.31 -20.42
CA HIS H 130 22.16 -42.45 -19.93
C HIS H 130 21.18 -42.23 -21.09
N ASP H 131 20.17 -43.09 -21.16
CA ASP H 131 19.20 -43.05 -22.25
C ASP H 131 17.94 -42.28 -21.84
N ASN H 132 17.14 -41.95 -22.85
CA ASN H 132 15.87 -41.27 -22.64
C ASN H 132 14.82 -41.94 -23.51
N TRP H 133 13.59 -41.96 -22.99
CA TRP H 133 12.45 -42.55 -23.68
C TRP H 133 11.42 -41.48 -23.97
N GLY H 134 10.62 -41.71 -25.01
CA GLY H 134 9.44 -40.92 -25.26
C GLY H 134 8.24 -41.46 -24.50
N GLN H 135 7.13 -40.73 -24.60
CA GLN H 135 5.91 -41.17 -23.94
C GLN H 135 5.29 -42.38 -24.63
N GLY H 136 5.66 -42.63 -25.88
CA GLY H 136 5.14 -43.76 -26.62
C GLY H 136 3.90 -43.40 -27.43
N THR H 137 3.63 -44.22 -28.44
CA THR H 137 2.45 -44.08 -29.27
C THR H 137 1.80 -45.45 -29.44
N MET H 138 0.48 -45.48 -29.30
CA MET H 138 -0.24 -46.75 -29.33
C MET H 138 -0.55 -47.13 -30.78
N VAL H 139 -0.29 -48.39 -31.12
CA VAL H 139 -0.60 -48.95 -32.43
C VAL H 139 -1.53 -50.14 -32.22
N THR H 140 -2.68 -50.11 -32.88
CA THR H 140 -3.67 -51.18 -32.76
C THR H 140 -3.88 -51.80 -34.15
N VAL H 141 -3.53 -53.07 -34.27
CA VAL H 141 -3.72 -53.82 -35.51
C VAL H 141 -4.92 -54.73 -35.30
N SER H 142 -6.04 -54.40 -35.93
CA SER H 142 -7.27 -55.15 -35.74
C SER H 142 -8.19 -54.93 -36.92
N SER H 143 -8.86 -56.02 -37.35
CA SER H 143 -9.86 -55.96 -38.41
C SER H 143 -11.27 -55.97 -37.84
N ALA H 144 -11.50 -55.23 -36.75
CA ALA H 144 -12.79 -55.22 -36.09
C ALA H 144 -13.53 -53.93 -36.42
N SER H 145 -14.82 -54.06 -36.68
CA SER H 145 -15.72 -52.95 -36.99
C SER H 145 -16.76 -52.86 -35.88
N THR H 146 -17.48 -51.74 -35.85
CA THR H 146 -18.51 -51.60 -34.83
C THR H 146 -19.37 -52.83 -34.81
N LYS H 147 -19.42 -53.50 -33.66
CA LYS H 147 -20.11 -54.77 -33.54
C LYS H 147 -20.69 -54.88 -32.13
N GLY H 148 -21.94 -55.29 -32.04
CA GLY H 148 -22.57 -55.49 -30.76
C GLY H 148 -22.11 -56.80 -30.12
N PRO H 149 -22.21 -56.89 -28.80
CA PRO H 149 -21.74 -58.08 -28.11
C PRO H 149 -22.75 -59.22 -28.19
N SER H 150 -22.22 -60.44 -28.11
CA SER H 150 -23.04 -61.63 -27.92
C SER H 150 -23.00 -62.00 -26.44
N VAL H 151 -24.16 -61.94 -25.78
CA VAL H 151 -24.25 -62.16 -24.35
C VAL H 151 -24.67 -63.61 -24.11
N PHE H 152 -23.92 -64.31 -23.26
CA PHE H 152 -24.22 -65.68 -22.89
C PHE H 152 -24.21 -65.80 -21.37
N PRO H 153 -25.11 -66.59 -20.79
CA PRO H 153 -25.13 -66.72 -19.33
C PRO H 153 -24.05 -67.67 -18.83
N LEU H 154 -23.48 -67.33 -17.69
CA LEU H 154 -22.50 -68.17 -17.00
C LEU H 154 -23.20 -68.79 -15.80
N ALA H 155 -23.89 -69.91 -16.05
CA ALA H 155 -24.73 -70.50 -15.04
C ALA H 155 -23.88 -71.06 -13.89
N PRO H 156 -24.40 -71.02 -12.66
CA PRO H 156 -23.68 -71.63 -11.53
C PRO H 156 -23.82 -73.16 -11.56
N SER H 157 -22.68 -73.84 -11.52
CA SER H 157 -22.65 -75.29 -11.57
C SER H 157 -21.76 -75.86 -10.46
N THR H 165 -22.35 -69.30 -1.07
CA THR H 165 -22.38 -70.56 -1.80
C THR H 165 -23.09 -70.39 -3.14
N ALA H 166 -22.60 -69.45 -3.95
CA ALA H 166 -23.22 -69.16 -5.24
C ALA H 166 -22.38 -68.16 -6.00
N ALA H 167 -22.39 -68.31 -7.33
CA ALA H 167 -21.56 -67.49 -8.21
C ALA H 167 -22.12 -67.62 -9.61
N LEU H 168 -22.52 -66.50 -10.20
CA LEU H 168 -23.12 -66.49 -11.53
C LEU H 168 -22.68 -65.24 -12.26
N GLY H 169 -22.74 -65.30 -13.59
CA GLY H 169 -22.34 -64.16 -14.39
C GLY H 169 -22.84 -64.30 -15.81
N CYS H 170 -22.47 -63.31 -16.63
CA CYS H 170 -22.81 -63.28 -18.04
C CYS H 170 -21.56 -63.03 -18.85
N LEU H 171 -21.44 -63.71 -19.99
CA LEU H 171 -20.29 -63.58 -20.88
C LEU H 171 -20.65 -62.62 -21.99
N VAL H 172 -19.98 -61.46 -22.01
CA VAL H 172 -20.15 -60.46 -23.06
C VAL H 172 -19.00 -60.69 -24.04
N LYS H 173 -19.30 -61.34 -25.17
CA LYS H 173 -18.26 -61.86 -26.05
C LYS H 173 -18.26 -61.12 -27.38
N ASP H 174 -17.07 -60.78 -27.86
CA ASP H 174 -16.88 -60.26 -29.21
C ASP H 174 -17.68 -59.00 -29.48
N TYR H 175 -17.20 -57.86 -29.01
CA TYR H 175 -17.78 -56.56 -29.33
C TYR H 175 -16.66 -55.60 -29.68
N PHE H 176 -17.04 -54.50 -30.34
CA PHE H 176 -16.05 -53.50 -30.73
C PHE H 176 -16.77 -52.21 -31.08
N PRO H 177 -16.27 -51.03 -30.65
CA PRO H 177 -15.13 -50.82 -29.76
C PRO H 177 -15.54 -50.77 -28.29
N GLU H 178 -14.58 -50.55 -27.40
CA GLU H 178 -14.90 -50.30 -26.01
C GLU H 178 -15.63 -48.98 -25.87
N PRO H 179 -16.36 -48.78 -24.76
CA PRO H 179 -16.57 -49.69 -23.64
C PRO H 179 -17.93 -50.39 -23.69
N VAL H 180 -18.14 -51.31 -22.76
CA VAL H 180 -19.44 -51.96 -22.57
C VAL H 180 -19.86 -51.74 -21.12
N THR H 181 -21.12 -51.38 -20.92
CA THR H 181 -21.69 -51.20 -19.59
C THR H 181 -22.60 -52.38 -19.27
N VAL H 182 -22.39 -52.99 -18.11
CA VAL H 182 -23.19 -54.11 -17.64
C VAL H 182 -23.72 -53.78 -16.26
N SER H 183 -25.03 -53.87 -16.09
CA SER H 183 -25.68 -53.72 -14.80
C SER H 183 -26.53 -54.94 -14.53
N TRP H 184 -26.97 -55.08 -13.29
CA TRP H 184 -27.79 -56.20 -12.86
C TRP H 184 -29.09 -55.65 -12.32
N ASN H 185 -30.21 -56.11 -12.86
CA ASN H 185 -31.54 -55.64 -12.45
C ASN H 185 -31.62 -54.12 -12.54
N SER H 186 -31.05 -53.57 -13.61
CA SER H 186 -31.05 -52.13 -13.83
C SER H 186 -30.39 -51.40 -12.67
N HIS H 194 -18.74 -57.06 -9.55
CA HIS H 194 -17.39 -57.01 -10.07
C HIS H 194 -17.39 -57.20 -11.58
N THR H 195 -17.10 -56.11 -12.30
CA THR H 195 -16.96 -56.15 -13.74
C THR H 195 -15.49 -56.34 -14.10
N PHE H 196 -15.17 -57.46 -14.75
CA PHE H 196 -13.78 -57.71 -15.07
C PHE H 196 -13.36 -56.86 -16.27
N PRO H 197 -12.09 -56.47 -16.33
CA PRO H 197 -11.62 -55.76 -17.52
C PRO H 197 -11.76 -56.64 -18.76
N ALA H 198 -12.05 -56.00 -19.89
CA ALA H 198 -12.20 -56.76 -21.11
C ALA H 198 -10.82 -57.24 -21.56
N VAL H 199 -10.79 -58.41 -22.19
CA VAL H 199 -9.56 -58.93 -22.79
C VAL H 199 -9.60 -58.63 -24.27
N LEU H 200 -8.50 -58.11 -24.79
CA LEU H 200 -8.38 -57.82 -26.21
C LEU H 200 -7.75 -59.05 -26.87
N GLN H 201 -8.57 -59.81 -27.58
CA GLN H 201 -8.09 -61.03 -28.21
C GLN H 201 -7.27 -60.65 -29.44
N SER H 202 -6.43 -61.60 -29.89
CA SER H 202 -5.61 -61.34 -31.05
C SER H 202 -6.46 -60.95 -32.26
N SER H 203 -7.68 -61.46 -32.33
CA SER H 203 -8.59 -61.10 -33.42
C SER H 203 -9.00 -59.63 -33.34
N GLY H 204 -8.67 -58.94 -32.25
CA GLY H 204 -9.04 -57.56 -32.09
C GLY H 204 -10.39 -57.32 -31.47
N LEU H 205 -11.11 -58.37 -31.10
CA LEU H 205 -12.41 -58.25 -30.47
C LEU H 205 -12.28 -58.35 -28.96
N TYR H 206 -13.29 -57.81 -28.27
CA TYR H 206 -13.28 -57.79 -26.81
C TYR H 206 -14.23 -58.84 -26.26
N SER H 207 -13.92 -59.30 -25.05
CA SER H 207 -14.78 -60.22 -24.33
C SER H 207 -14.54 -60.03 -22.85
N LEU H 208 -15.62 -59.90 -22.07
CA LEU H 208 -15.50 -59.78 -20.63
C LEU H 208 -16.55 -60.66 -19.96
N SER H 209 -16.41 -60.80 -18.64
CA SER H 209 -17.37 -61.53 -17.84
C SER H 209 -17.63 -60.72 -16.57
N SER H 210 -18.89 -60.70 -16.14
CA SER H 210 -19.27 -60.05 -14.89
C SER H 210 -19.96 -61.07 -14.00
N VAL H 211 -19.44 -61.25 -12.78
CA VAL H 211 -19.96 -62.22 -11.84
C VAL H 211 -20.29 -61.49 -10.54
N VAL H 212 -21.28 -62.02 -9.82
CA VAL H 212 -21.67 -61.50 -8.51
C VAL H 212 -21.80 -62.69 -7.56
N THR H 213 -21.21 -62.56 -6.38
CA THR H 213 -21.31 -63.60 -5.37
C THR H 213 -22.41 -63.26 -4.36
N GLN H 222 -34.24 -64.70 -5.53
CA GLN H 222 -33.89 -63.45 -6.18
C GLN H 222 -33.71 -63.65 -7.67
N THR H 223 -34.02 -62.62 -8.45
CA THR H 223 -33.86 -62.65 -9.90
C THR H 223 -32.73 -61.73 -10.33
N TYR H 224 -31.84 -62.24 -11.16
CA TYR H 224 -30.66 -61.51 -11.63
C TYR H 224 -30.68 -61.43 -13.15
N ILE H 225 -30.80 -60.21 -13.67
CA ILE H 225 -30.77 -59.96 -15.11
C ILE H 225 -29.58 -59.05 -15.41
N CYS H 226 -28.65 -59.53 -16.21
CA CYS H 226 -27.47 -58.76 -16.59
C CYS H 226 -27.83 -57.89 -17.80
N ASN H 227 -27.98 -56.59 -17.56
CA ASN H 227 -28.34 -55.65 -18.61
C ASN H 227 -27.06 -55.11 -19.25
N VAL H 228 -26.81 -55.52 -20.49
CA VAL H 228 -25.62 -55.10 -21.22
C VAL H 228 -25.99 -54.03 -22.23
N ASN H 229 -25.18 -52.98 -22.30
CA ASN H 229 -25.41 -51.87 -23.22
C ASN H 229 -24.12 -51.53 -23.93
N HIS H 230 -24.15 -51.50 -25.25
CA HIS H 230 -23.01 -51.15 -26.10
C HIS H 230 -23.45 -49.98 -26.97
N LYS H 231 -23.19 -48.75 -26.50
CA LYS H 231 -23.67 -47.57 -27.21
C LYS H 231 -23.11 -47.45 -28.63
N PRO H 232 -21.84 -47.71 -28.89
CA PRO H 232 -21.33 -47.58 -30.26
C PRO H 232 -22.12 -48.39 -31.29
N SER H 233 -22.67 -49.53 -30.89
CA SER H 233 -23.49 -50.35 -31.78
C SER H 233 -24.98 -50.24 -31.48
N ASN H 234 -25.36 -49.39 -30.52
CA ASN H 234 -26.77 -49.24 -30.13
C ASN H 234 -27.37 -50.58 -29.73
N THR H 235 -26.60 -51.40 -29.03
CA THR H 235 -27.03 -52.72 -28.60
C THR H 235 -27.36 -52.69 -27.11
N LYS H 236 -28.59 -53.04 -26.77
CA LYS H 236 -29.01 -53.19 -25.37
C LYS H 236 -29.71 -54.53 -25.25
N VAL H 237 -29.14 -55.42 -24.43
CA VAL H 237 -29.65 -56.79 -24.30
C VAL H 237 -29.84 -57.08 -22.83
N ASP H 238 -30.91 -57.82 -22.51
CA ASP H 238 -31.20 -58.24 -21.13
C ASP H 238 -31.22 -59.76 -21.10
N LYS H 239 -30.19 -60.35 -20.50
CA LYS H 239 -30.02 -61.80 -20.46
C LYS H 239 -30.31 -62.33 -19.07
N LYS H 240 -31.14 -63.36 -18.99
CA LYS H 240 -31.49 -64.01 -17.73
C LYS H 240 -30.53 -65.17 -17.48
N VAL H 241 -30.01 -65.26 -16.27
CA VAL H 241 -29.07 -66.31 -15.88
C VAL H 241 -29.81 -67.29 -14.98
N GLU H 242 -29.98 -68.51 -15.48
CA GLU H 242 -30.67 -69.58 -14.76
C GLU H 242 -29.74 -70.77 -14.58
N PRO H 243 -29.97 -71.59 -13.55
CA PRO H 243 -29.10 -72.77 -13.35
C PRO H 243 -29.17 -73.75 -14.52
N GLN I 29 4.49 8.95 2.77
CA GLN I 29 5.20 7.66 2.93
C GLN I 29 5.56 7.43 4.40
N SER I 30 6.73 7.91 4.81
CA SER I 30 7.13 7.78 6.20
C SER I 30 6.27 8.67 7.09
N VAL I 31 5.93 8.15 8.27
CA VAL I 31 5.02 8.81 9.19
C VAL I 31 5.75 9.09 10.50
N LEU I 32 5.50 10.26 11.06
CA LEU I 32 5.97 10.59 12.41
C LEU I 32 4.80 10.39 13.36
N THR I 33 4.86 9.31 14.14
CA THR I 33 3.74 8.92 14.98
C THR I 33 3.72 9.72 16.28
N GLN I 34 2.57 10.31 16.57
CA GLN I 34 2.30 11.00 17.82
C GLN I 34 1.11 10.33 18.50
N PRO I 35 1.00 10.45 19.83
CA PRO I 35 -0.20 9.95 20.51
C PRO I 35 -1.41 10.78 20.11
N PRO I 36 -2.56 10.15 19.86
CA PRO I 36 -3.74 10.94 19.45
C PRO I 36 -4.19 11.94 20.49
N SER I 37 -4.10 11.59 21.78
CA SER I 37 -4.66 12.41 22.84
C SER I 37 -3.76 12.39 24.05
N VAL I 38 -3.56 13.56 24.65
CA VAL I 38 -2.88 13.70 25.93
C VAL I 38 -3.71 14.66 26.78
N SER I 39 -3.72 14.41 28.09
CA SER I 39 -4.54 15.23 28.97
C SER I 39 -3.86 15.35 30.32
N GLY I 40 -4.15 16.46 31.00
CA GLY I 40 -3.64 16.68 32.34
C GLY I 40 -4.38 17.83 32.98
N ALA I 41 -4.34 17.85 34.31
CA ALA I 41 -4.95 18.93 35.04
C ALA I 41 -4.07 20.17 34.97
N PRO I 42 -4.64 21.35 35.23
CA PRO I 42 -3.81 22.56 35.28
C PRO I 42 -2.68 22.39 36.29
N GLY I 43 -1.47 22.74 35.87
CA GLY I 43 -0.30 22.61 36.70
C GLY I 43 0.42 21.29 36.58
N GLN I 44 -0.16 20.30 35.91
CA GLN I 44 0.50 19.01 35.73
C GLN I 44 1.40 19.06 34.51
N ARG I 45 2.29 18.08 34.42
CA ARG I 45 3.25 17.99 33.34
C ARG I 45 2.82 16.89 32.37
N VAL I 46 2.82 17.21 31.08
CA VAL I 46 2.53 16.24 30.05
C VAL I 46 3.64 16.28 29.01
N THR I 47 3.82 15.15 28.32
CA THR I 47 4.79 15.04 27.25
C THR I 47 4.13 14.43 26.03
N ILE I 48 4.58 14.86 24.86
CA ILE I 48 4.06 14.41 23.58
C ILE I 48 5.22 13.81 22.80
N SER I 49 5.10 12.52 22.47
CA SER I 49 6.15 11.83 21.72
C SER I 49 5.94 11.99 20.23
N CYS I 50 7.05 11.89 19.49
CA CYS I 50 7.05 11.99 18.04
C CYS I 50 8.07 10.96 17.55
N SER I 51 7.59 9.81 17.13
CA SER I 51 8.45 8.68 16.76
C SER I 51 8.64 8.64 15.25
N GLY I 52 9.90 8.58 14.82
CA GLY I 52 10.24 8.52 13.42
C GLY I 52 11.18 7.37 13.14
N SER I 53 12.09 7.60 12.19
CA SER I 53 13.06 6.61 11.76
C SER I 53 14.45 7.25 11.69
N ARG I 54 15.45 6.44 11.35
CA ARG I 54 16.80 6.96 11.22
C ARG I 54 16.89 7.99 10.11
N SER I 55 16.11 7.82 9.04
CA SER I 55 16.21 8.73 7.90
C SER I 55 15.70 10.13 8.25
N ASN I 56 14.59 10.22 8.98
CA ASN I 56 14.02 11.53 9.26
C ASN I 56 14.49 12.08 10.60
N ILE I 57 13.77 11.79 11.69
CA ILE I 57 14.10 12.39 12.99
C ILE I 57 15.53 12.04 13.39
N GLY I 58 15.98 10.82 13.07
CA GLY I 58 17.32 10.42 13.42
C GLY I 58 18.41 11.21 12.71
N SER I 59 18.07 11.91 11.63
CA SER I 59 19.04 12.62 10.83
C SER I 59 18.70 14.10 10.63
N ASN I 60 17.64 14.60 11.26
CA ASN I 60 17.19 15.97 11.03
C ASN I 60 16.66 16.57 12.32
N THR I 61 16.56 17.90 12.31
CA THR I 61 15.99 18.62 13.43
C THR I 61 14.46 18.52 13.40
N VAL I 62 13.84 18.88 14.52
CA VAL I 62 12.40 18.74 14.71
C VAL I 62 11.83 20.08 15.10
N LYS I 63 10.66 20.40 14.53
CA LYS I 63 9.87 21.54 14.95
C LYS I 63 8.59 21.05 15.63
N TRP I 64 8.00 21.92 16.43
CA TRP I 64 6.71 21.65 17.04
C TRP I 64 5.80 22.84 16.77
N TYR I 65 4.55 22.54 16.41
CA TYR I 65 3.55 23.56 16.11
C TYR I 65 2.35 23.39 17.03
N GLN I 66 1.76 24.52 17.41
CA GLN I 66 0.50 24.55 18.15
C GLN I 66 -0.58 25.09 17.22
N GLN I 67 -1.73 24.41 17.19
CA GLN I 67 -2.85 24.84 16.37
C GLN I 67 -4.09 24.89 17.23
N LEU I 68 -4.66 26.08 17.36
CA LEU I 68 -5.96 26.25 18.01
C LEU I 68 -7.07 26.08 16.98
N PRO I 69 -8.30 25.85 17.42
CA PRO I 69 -9.40 25.65 16.47
C PRO I 69 -9.54 26.81 15.50
N GLY I 70 -9.62 26.48 14.21
CA GLY I 70 -9.91 27.47 13.18
C GLY I 70 -8.80 28.44 12.87
N THR I 71 -7.56 28.14 13.27
CA THR I 71 -6.43 29.01 12.98
C THR I 71 -5.27 28.18 12.46
N ALA I 72 -4.31 28.87 11.84
CA ALA I 72 -3.15 28.20 11.28
C ALA I 72 -2.21 27.75 12.40
N PRO I 73 -1.40 26.72 12.15
CA PRO I 73 -0.41 26.31 13.16
C PRO I 73 0.53 27.45 13.52
N LYS I 74 1.04 27.39 14.75
CA LYS I 74 1.94 28.40 15.28
C LYS I 74 3.20 27.69 15.77
N LEU I 75 4.37 28.21 15.39
CA LEU I 75 5.63 27.59 15.76
C LEU I 75 5.87 27.74 17.26
N LEU I 76 6.09 26.61 17.94
CA LEU I 76 6.46 26.58 19.35
C LEU I 76 7.94 26.30 19.55
N ILE I 77 8.47 25.31 18.83
CA ILE I 77 9.85 24.87 18.98
C ILE I 77 10.46 24.70 17.60
N TYR I 78 11.71 25.14 17.46
CA TYR I 78 12.50 24.88 16.27
C TYR I 78 13.89 24.44 16.70
N TYR I 79 14.61 23.81 15.77
N TYR I 79 14.60 23.79 15.78
CA TYR I 79 15.93 23.24 16.06
CA TYR I 79 15.93 23.24 16.05
C TYR I 79 15.89 22.39 17.33
C TYR I 79 15.90 22.38 17.32
N ASN I 80 14.92 21.47 17.37
CA ASN I 80 14.78 20.50 18.45
C ASN I 80 14.31 21.10 19.77
N ASP I 81 14.87 22.24 20.20
CA ASP I 81 14.55 22.75 21.52
C ASP I 81 14.59 24.27 21.63
N GLN I 82 14.62 25.01 20.53
CA GLN I 82 14.65 26.46 20.60
C GLN I 82 13.23 27.02 20.60
N ARG I 83 13.00 27.99 21.47
CA ARG I 83 11.71 28.66 21.57
C ARG I 83 11.78 30.00 20.87
N PRO I 84 10.86 30.31 19.95
CA PRO I 84 10.80 31.67 19.43
C PRO I 84 10.45 32.66 20.53
N SER I 85 10.72 33.93 20.25
CA SER I 85 10.35 34.98 21.20
C SER I 85 8.84 34.97 21.43
N GLY I 86 8.44 34.97 22.70
CA GLY I 86 7.04 35.01 23.06
C GLY I 86 6.44 33.67 23.41
N VAL I 87 7.18 32.58 23.24
CA VAL I 87 6.71 31.25 23.61
C VAL I 87 7.10 30.97 25.05
N PRO I 88 6.15 30.63 25.93
CA PRO I 88 6.52 30.42 27.35
C PRO I 88 7.51 29.28 27.51
N ASP I 89 8.37 29.40 28.51
CA ASP I 89 9.40 28.40 28.74
C ASP I 89 8.84 27.10 29.31
N ARG I 90 7.53 27.01 29.56
CA ARG I 90 6.96 25.73 29.97
C ARG I 90 6.83 24.76 28.80
N PHE I 91 7.03 25.22 27.56
CA PHE I 91 7.11 24.35 26.39
C PHE I 91 8.57 24.01 26.17
N SER I 92 8.93 22.73 26.33
CA SER I 92 10.30 22.30 26.17
C SER I 92 10.34 21.12 25.21
N GLY I 93 11.23 21.20 24.22
CA GLY I 93 11.37 20.15 23.23
C GLY I 93 12.69 19.42 23.42
N SER I 94 12.71 18.16 23.00
CA SER I 94 13.92 17.35 23.08
C SER I 94 13.89 16.34 21.96
N LYS I 95 15.07 15.80 21.65
CA LYS I 95 15.23 14.81 20.60
C LYS I 95 16.37 13.86 20.99
N SER I 96 16.20 12.58 20.70
CA SER I 96 17.24 11.60 20.96
C SER I 96 16.97 10.39 20.08
N GLY I 97 17.93 10.04 19.24
CA GLY I 97 17.75 8.91 18.34
C GLY I 97 16.67 9.21 17.31
N THR I 98 15.70 8.30 17.19
CA THR I 98 14.65 8.40 16.20
C THR I 98 13.36 8.97 16.77
N SER I 99 13.38 9.56 17.96
CA SER I 99 12.18 10.07 18.61
C SER I 99 12.42 11.48 19.10
N ALA I 100 11.35 12.28 19.09
CA ALA I 100 11.35 13.62 19.65
C ALA I 100 10.22 13.72 20.67
N SER I 101 10.31 14.71 21.54
CA SER I 101 9.33 14.87 22.60
C SER I 101 9.08 16.34 22.87
N LEU I 102 7.81 16.69 23.08
CA LEU I 102 7.42 18.00 23.54
C LEU I 102 6.85 17.83 24.95
N ALA I 103 7.43 18.53 25.91
CA ALA I 103 6.96 18.52 27.28
C ALA I 103 6.31 19.86 27.58
N ILE I 104 5.18 19.82 28.27
CA ILE I 104 4.50 21.02 28.75
C ILE I 104 4.46 20.88 30.26
N THR I 105 5.29 21.66 30.95
CA THR I 105 5.44 21.57 32.40
C THR I 105 4.56 22.64 33.04
N GLY I 106 3.47 22.21 33.66
CA GLY I 106 2.54 23.15 34.25
C GLY I 106 1.48 23.56 33.26
N LEU I 107 0.65 22.61 32.83
CA LEU I 107 -0.38 22.88 31.85
C LEU I 107 -1.22 24.07 32.30
N GLN I 108 -1.53 24.95 31.35
CA GLN I 108 -2.48 26.02 31.57
C GLN I 108 -3.63 25.86 30.58
N ALA I 109 -4.80 26.37 30.95
CA ALA I 109 -6.00 26.19 30.14
C ALA I 109 -5.75 26.58 28.68
N GLU I 110 -5.00 27.65 28.46
CA GLU I 110 -4.73 28.13 27.11
C GLU I 110 -3.95 27.13 26.28
N ASP I 111 -3.32 26.12 26.92
CA ASP I 111 -2.52 25.13 26.22
C ASP I 111 -3.37 24.05 25.57
N GLU I 112 -4.68 24.02 25.83
CA GLU I 112 -5.56 23.06 25.19
C GLU I 112 -5.62 23.32 23.70
N ALA I 113 -5.08 22.39 22.90
CA ALA I 113 -4.95 22.60 21.46
C ALA I 113 -4.42 21.35 20.78
N ASP I 114 -4.25 21.42 19.46
CA ASP I 114 -3.58 20.36 18.71
C ASP I 114 -2.11 20.68 18.56
N TYR I 115 -1.27 19.65 18.64
CA TYR I 115 0.17 19.81 18.55
C TYR I 115 0.73 18.87 17.49
N TYR I 116 1.58 19.41 16.62
CA TYR I 116 2.19 18.66 15.53
C TYR I 116 3.69 18.82 15.60
N CYS I 117 4.41 17.70 15.53
CA CYS I 117 5.84 17.75 15.27
C CYS I 117 6.07 17.81 13.77
N GLN I 118 7.20 18.38 13.37
CA GLN I 118 7.57 18.47 11.97
C GLN I 118 9.07 18.25 11.84
N SER I 119 9.46 17.46 10.84
CA SER I 119 10.87 17.19 10.58
C SER I 119 11.04 17.00 9.08
N TYR I 120 12.22 16.53 8.67
CA TYR I 120 12.54 16.27 7.28
C TYR I 120 13.02 14.82 7.15
N ASP I 121 13.25 14.40 5.91
N ASP I 121 13.21 14.39 5.91
CA ASP I 121 13.76 13.06 5.64
CA ASP I 121 13.52 12.99 5.64
C ASP I 121 15.00 13.15 4.76
C ASP I 121 14.97 12.74 5.22
N ARG I 122 15.86 12.14 4.87
N ARG I 122 15.67 13.76 4.72
CA ARG I 122 17.07 12.08 4.06
CA ARG I 122 17.04 13.57 4.25
C ARG I 122 16.75 11.96 2.58
C ARG I 122 17.85 14.81 4.61
N TYR I 123 15.59 11.42 2.23
N TYR I 123 19.12 14.80 4.18
CA TYR I 123 15.21 11.19 0.83
CA TYR I 123 20.06 15.85 4.54
C TYR I 123 14.14 12.14 0.35
C TYR I 123 19.82 17.08 3.67
N THR I 124 13.75 13.12 1.17
N THR I 124 19.52 18.20 4.32
CA THR I 124 12.81 14.15 0.76
CA THR I 124 19.26 19.46 3.63
C THR I 124 13.27 15.55 1.19
C THR I 124 18.16 19.29 2.59
N HIS I 125 14.46 15.67 1.77
N HIS I 125 16.99 18.83 3.07
CA HIS I 125 15.11 16.87 2.29
CA HIS I 125 15.85 18.61 2.21
C HIS I 125 14.14 18.06 2.45
C HIS I 125 14.69 19.51 2.64
N PRO I 126 13.92 18.93 1.45
N PRO I 126 13.89 20.03 1.69
CA PRO I 126 13.12 20.13 1.74
CA PRO I 126 12.84 20.99 2.07
C PRO I 126 11.67 19.83 2.09
C PRO I 126 11.50 20.35 2.41
N ALA I 127 11.18 18.65 1.73
N ALA I 127 11.21 19.19 1.84
CA ALA I 127 9.80 18.31 2.02
CA ALA I 127 9.92 18.54 2.07
C ALA I 127 9.57 18.20 3.52
C ALA I 127 9.65 18.38 3.55
N LEU I 128 8.44 18.72 3.97
CA LEU I 128 8.07 18.72 5.39
C LEU I 128 7.30 17.45 5.73
N LEU I 129 7.71 16.79 6.80
CA LEU I 129 7.00 15.64 7.36
C LEU I 129 6.34 16.11 8.64
N PHE I 130 5.01 16.13 8.66
CA PHE I 130 4.27 16.51 9.84
C PHE I 130 3.80 15.26 10.58
N GLY I 131 3.84 15.32 11.90
CA GLY I 131 3.34 14.22 12.71
C GLY I 131 1.84 14.08 12.61
N THR I 132 1.35 12.96 13.14
CA THR I 132 -0.07 12.65 13.07
C THR I 132 -0.92 13.59 13.91
N GLY I 133 -0.30 14.35 14.83
CA GLY I 133 -1.05 15.32 15.61
C GLY I 133 -1.52 14.80 16.95
N THR I 134 -1.45 15.64 17.98
CA THR I 134 -1.87 15.28 19.33
C THR I 134 -2.83 16.32 19.87
N LYS I 135 -3.96 15.88 20.39
CA LYS I 135 -4.90 16.74 21.08
C LYS I 135 -4.55 16.80 22.56
N VAL I 136 -4.22 17.99 23.06
CA VAL I 136 -3.95 18.21 24.48
C VAL I 136 -5.21 18.78 25.12
N THR I 137 -5.72 18.10 26.14
CA THR I 137 -6.85 18.58 26.92
C THR I 137 -6.38 18.97 28.31
N VAL I 138 -6.75 20.15 28.75
CA VAL I 138 -6.51 20.59 30.12
C VAL I 138 -7.78 20.26 30.91
N LEU I 139 -7.69 19.24 31.76
CA LEU I 139 -8.86 18.67 32.42
C LEU I 139 -9.60 19.66 33.31
N GLY I 140 -10.77 20.10 32.86
CA GLY I 140 -11.64 20.97 33.63
C GLY I 140 -12.84 20.27 34.23
N GLN I 141 -12.93 18.96 34.13
CA GLN I 141 -14.03 18.19 34.70
C GLN I 141 -13.58 16.73 34.78
N PRO I 142 -14.28 15.90 35.55
CA PRO I 142 -13.87 14.49 35.66
C PRO I 142 -13.96 13.79 34.31
N LYS I 143 -13.10 12.80 34.13
CA LYS I 143 -13.13 12.00 32.92
C LYS I 143 -14.40 11.18 32.85
N ALA I 144 -14.98 11.09 31.65
CA ALA I 144 -16.22 10.36 31.42
C ALA I 144 -16.04 9.47 30.21
N ALA I 145 -16.37 8.19 30.36
CA ALA I 145 -16.25 7.27 29.26
C ALA I 145 -17.39 7.48 28.27
N PRO I 146 -17.19 7.20 26.99
CA PRO I 146 -18.23 7.46 26.01
C PRO I 146 -19.36 6.44 26.06
N SER I 147 -20.56 6.93 25.78
CA SER I 147 -21.70 6.07 25.53
C SER I 147 -21.81 5.88 24.03
N VAL I 148 -21.76 4.63 23.59
CA VAL I 148 -21.75 4.30 22.18
C VAL I 148 -23.10 3.69 21.83
N THR I 149 -23.69 4.15 20.73
CA THR I 149 -24.93 3.59 20.20
C THR I 149 -24.73 3.36 18.72
N LEU I 150 -24.86 2.11 18.29
CA LEU I 150 -24.67 1.73 16.90
C LEU I 150 -26.02 1.37 16.32
N PHE I 151 -26.43 2.10 15.29
CA PHE I 151 -27.72 1.87 14.65
C PHE I 151 -27.51 1.09 13.37
N PRO I 152 -28.30 0.04 13.11
CA PRO I 152 -28.20 -0.65 11.83
C PRO I 152 -28.87 0.17 10.75
N PRO I 153 -28.77 -0.25 9.49
CA PRO I 153 -29.52 0.43 8.43
C PRO I 153 -31.02 0.28 8.66
N SER I 154 -31.74 1.38 8.47
CA SER I 154 -33.18 1.36 8.65
C SER I 154 -33.85 0.62 7.50
N SER I 155 -35.08 0.17 7.75
CA SER I 155 -35.83 -0.52 6.70
C SER I 155 -36.05 0.39 5.49
N GLU I 156 -36.36 1.67 5.73
CA GLU I 156 -36.56 2.60 4.62
C GLU I 156 -35.31 2.70 3.76
N GLU I 157 -34.14 2.75 4.39
CA GLU I 157 -32.91 2.90 3.62
C GLU I 157 -32.61 1.65 2.80
N LEU I 158 -32.77 0.47 3.40
CA LEU I 158 -32.54 -0.76 2.64
C LEU I 158 -33.49 -0.90 1.46
N GLN I 159 -34.73 -0.42 1.60
CA GLN I 159 -35.64 -0.41 0.47
C GLN I 159 -35.14 0.51 -0.63
N ALA I 160 -34.38 1.54 -0.27
CA ALA I 160 -33.75 2.43 -1.24
C ALA I 160 -32.41 1.90 -1.74
N ASN I 161 -32.10 0.62 -1.47
CA ASN I 161 -30.88 -0.02 -1.96
C ASN I 161 -29.63 0.65 -1.39
N LYS I 162 -29.71 1.08 -0.14
CA LYS I 162 -28.59 1.70 0.55
C LYS I 162 -28.50 1.14 1.97
N ALA I 163 -27.32 1.27 2.56
CA ALA I 163 -27.08 0.77 3.90
C ALA I 163 -26.00 1.63 4.55
N THR I 164 -26.35 2.27 5.67
CA THR I 164 -25.42 3.07 6.46
C THR I 164 -25.51 2.67 7.91
N LEU I 165 -24.37 2.35 8.50
CA LEU I 165 -24.25 2.14 9.92
C LEU I 165 -23.88 3.45 10.59
N VAL I 166 -24.64 3.83 11.61
CA VAL I 166 -24.47 5.09 12.31
C VAL I 166 -24.01 4.77 13.73
N CYS I 167 -22.78 5.17 14.05
CA CYS I 167 -22.21 4.97 15.38
C CYS I 167 -22.15 6.33 16.06
N LEU I 168 -22.98 6.53 17.06
CA LEU I 168 -23.08 7.79 17.78
C LEU I 168 -22.39 7.65 19.13
N ILE I 169 -21.50 8.59 19.43
CA ILE I 169 -20.65 8.56 20.61
C ILE I 169 -20.94 9.83 21.39
N SER I 170 -21.24 9.70 22.68
CA SER I 170 -21.69 10.85 23.44
C SER I 170 -21.23 10.75 24.89
N ASP I 171 -21.23 11.92 25.55
CA ASP I 171 -21.02 12.01 26.99
C ASP I 171 -19.63 11.50 27.40
N PHE I 172 -18.60 11.93 26.66
CA PHE I 172 -17.23 11.59 27.00
C PHE I 172 -16.40 12.85 27.18
N TYR I 173 -15.35 12.73 28.00
CA TYR I 173 -14.40 13.78 28.30
C TYR I 173 -13.11 13.10 28.71
N PRO I 174 -11.94 13.51 28.18
CA PRO I 174 -11.70 14.57 27.20
C PRO I 174 -12.34 14.32 25.84
N GLY I 175 -12.45 15.37 25.04
CA GLY I 175 -13.07 15.26 23.73
C GLY I 175 -12.12 14.73 22.69
N ALA I 176 -11.68 13.48 22.87
CA ALA I 176 -10.75 12.85 21.93
C ALA I 176 -11.05 11.36 21.90
N VAL I 177 -11.39 10.85 20.71
CA VAL I 177 -11.71 9.44 20.54
C VAL I 177 -11.15 8.98 19.21
N THR I 178 -10.87 7.68 19.14
CA THR I 178 -10.48 7.01 17.91
C THR I 178 -11.53 5.95 17.60
N VAL I 179 -12.05 5.97 16.37
CA VAL I 179 -13.10 5.07 15.94
C VAL I 179 -12.51 4.06 14.97
N ALA I 180 -12.77 2.78 15.21
CA ALA I 180 -12.36 1.71 14.33
C ALA I 180 -13.57 0.86 14.00
N TRP I 181 -13.77 0.59 12.71
CA TRP I 181 -14.87 -0.24 12.24
C TRP I 181 -14.36 -1.64 11.93
N LYS I 182 -15.20 -2.64 12.21
CA LYS I 182 -14.85 -4.03 12.00
C LYS I 182 -15.97 -4.75 11.27
N ALA I 183 -15.61 -5.46 10.20
CA ALA I 183 -16.50 -6.41 9.55
C ALA I 183 -16.15 -7.77 10.11
N ASP I 184 -17.07 -8.34 10.90
CA ASP I 184 -16.76 -9.51 11.72
C ASP I 184 -15.60 -9.17 12.65
N SER I 185 -14.39 -9.60 12.32
CA SER I 185 -13.20 -9.27 13.08
C SER I 185 -12.17 -8.50 12.27
N SER I 186 -12.38 -8.32 10.97
CA SER I 186 -11.42 -7.64 10.12
C SER I 186 -11.70 -6.14 10.09
N PRO I 187 -10.67 -5.30 10.09
CA PRO I 187 -10.91 -3.85 10.05
C PRO I 187 -11.46 -3.41 8.70
N VAL I 188 -12.29 -2.38 8.74
CA VAL I 188 -12.92 -1.81 7.55
C VAL I 188 -12.41 -0.39 7.39
N LYS I 189 -11.77 -0.13 6.25
CA LYS I 189 -11.22 1.18 5.94
C LYS I 189 -12.10 1.99 5.00
N ALA I 190 -12.63 1.36 3.96
CA ALA I 190 -13.41 2.07 2.95
C ALA I 190 -14.82 2.34 3.47
N GLY I 191 -15.36 3.48 3.04
CA GLY I 191 -16.71 3.87 3.40
C GLY I 191 -16.87 4.46 4.78
N VAL I 192 -15.78 4.76 5.48
CA VAL I 192 -15.83 5.26 6.85
C VAL I 192 -15.67 6.79 6.82
N GLU I 193 -16.56 7.47 7.53
CA GLU I 193 -16.48 8.92 7.70
C GLU I 193 -16.81 9.25 9.14
N THR I 194 -15.88 9.91 9.83
CA THR I 194 -16.03 10.22 11.25
C THR I 194 -15.91 11.72 11.47
N THR I 195 -16.80 12.26 12.30
CA THR I 195 -16.73 13.66 12.65
C THR I 195 -15.75 13.88 13.81
N THR I 196 -15.26 15.10 13.93
CA THR I 196 -14.44 15.43 15.08
C THR I 196 -15.34 15.68 16.30
N PRO I 197 -14.87 15.34 17.50
CA PRO I 197 -15.71 15.55 18.69
C PRO I 197 -16.15 17.00 18.81
N SER I 198 -17.41 17.18 19.18
CA SER I 198 -18.00 18.49 19.38
C SER I 198 -18.68 18.54 20.74
N LYS I 199 -18.57 19.68 21.41
CA LYS I 199 -19.08 19.81 22.77
C LYS I 199 -20.60 19.80 22.77
N GLN I 200 -21.18 19.03 23.67
CA GLN I 200 -22.62 18.96 23.82
C GLN I 200 -23.11 20.15 24.65
N SER I 201 -24.42 20.21 24.87
CA SER I 201 -24.98 21.27 25.72
C SER I 201 -24.59 21.07 27.18
N ASN I 202 -24.41 19.82 27.61
CA ASN I 202 -23.96 19.55 28.97
C ASN I 202 -22.45 19.62 29.13
N ASN I 203 -21.75 20.16 28.13
CA ASN I 203 -20.31 20.42 28.17
C ASN I 203 -19.46 19.16 28.11
N LYS I 204 -20.08 17.99 27.90
CA LYS I 204 -19.32 16.81 27.50
C LYS I 204 -19.24 16.79 25.97
N TYR I 205 -18.56 15.79 25.43
CA TYR I 205 -18.29 15.72 24.00
C TYR I 205 -19.02 14.57 23.34
N ALA I 206 -19.31 14.75 22.05
CA ALA I 206 -19.98 13.75 21.23
C ALA I 206 -19.28 13.67 19.88
N ALA I 207 -19.38 12.50 19.25
CA ALA I 207 -18.82 12.29 17.91
C ALA I 207 -19.68 11.26 17.20
N SER I 208 -19.55 11.22 15.88
CA SER I 208 -20.30 10.30 15.05
C SER I 208 -19.41 9.71 13.97
N SER I 209 -19.64 8.44 13.66
CA SER I 209 -18.92 7.73 12.62
C SER I 209 -19.92 6.99 11.73
N TYR I 210 -19.70 7.06 10.42
CA TYR I 210 -20.59 6.46 9.45
C TYR I 210 -19.84 5.42 8.62
N LEU I 211 -20.44 4.24 8.46
CA LEU I 211 -19.92 3.20 7.57
C LEU I 211 -20.95 3.00 6.46
N SER I 212 -20.62 3.49 5.26
CA SER I 212 -21.52 3.39 4.12
C SER I 212 -21.31 2.05 3.43
N LEU I 213 -22.38 1.27 3.31
CA LEU I 213 -22.33 -0.06 2.70
C LEU I 213 -23.43 -0.17 1.67
N THR I 214 -23.26 -1.13 0.77
CA THR I 214 -24.36 -1.55 -0.08
C THR I 214 -25.18 -2.61 0.65
N PRO I 215 -26.44 -2.81 0.28
CA PRO I 215 -27.22 -3.86 0.93
C PRO I 215 -26.52 -5.22 0.88
N GLU I 216 -25.77 -5.50 -0.18
CA GLU I 216 -25.11 -6.80 -0.30
C GLU I 216 -23.92 -6.88 0.67
N GLN I 217 -23.15 -5.81 0.79
CA GLN I 217 -22.06 -5.79 1.75
C GLN I 217 -22.59 -5.92 3.18
N TRP I 218 -23.72 -5.26 3.45
CA TRP I 218 -24.35 -5.36 4.78
C TRP I 218 -24.79 -6.78 5.09
N LYS I 219 -25.05 -7.58 4.05
CA LYS I 219 -25.52 -8.96 4.19
C LYS I 219 -24.41 -9.99 4.01
N SER I 220 -23.17 -9.54 3.76
CA SER I 220 -22.06 -10.45 3.51
C SER I 220 -21.28 -10.82 4.76
N HIS I 221 -21.59 -10.22 5.91
CA HIS I 221 -20.85 -10.50 7.14
C HIS I 221 -21.81 -10.85 8.28
N ARG I 222 -21.28 -11.61 9.24
CA ARG I 222 -22.08 -12.04 10.37
C ARG I 222 -22.38 -10.89 11.33
N SER I 223 -21.49 -9.91 11.40
CA SER I 223 -21.68 -8.79 12.30
C SER I 223 -20.79 -7.64 11.87
N TYR I 224 -21.16 -6.44 12.32
CA TYR I 224 -20.33 -5.24 12.19
C TYR I 224 -20.18 -4.62 13.56
N SER I 225 -19.01 -4.06 13.83
CA SER I 225 -18.71 -3.51 15.13
C SER I 225 -18.12 -2.11 14.99
N CYS I 226 -18.52 -1.24 15.91
CA CYS I 226 -17.95 0.11 16.03
C CYS I 226 -17.12 0.12 17.31
N GLN I 227 -15.81 0.26 17.15
CA GLN I 227 -14.88 0.27 18.28
C GLN I 227 -14.44 1.70 18.55
N VAL I 228 -14.73 2.19 19.75
CA VAL I 228 -14.43 3.56 20.16
C VAL I 228 -13.37 3.50 21.25
N THR I 229 -12.19 4.04 20.97
CA THR I 229 -11.09 4.08 21.93
C THR I 229 -11.05 5.47 22.56
N HIS I 230 -11.11 5.51 23.89
CA HIS I 230 -11.10 6.77 24.63
C HIS I 230 -10.16 6.61 25.81
N GLU I 231 -9.09 7.40 25.84
CA GLU I 231 -8.11 7.37 26.91
C GLU I 231 -7.58 5.95 27.12
N GLY I 232 -7.26 5.29 26.00
CA GLY I 232 -6.70 3.96 26.03
C GLY I 232 -7.70 2.83 26.20
N SER I 233 -8.93 3.12 26.63
CA SER I 233 -9.95 2.11 26.83
C SER I 233 -10.91 2.11 25.64
N THR I 234 -11.30 0.91 25.21
CA THR I 234 -12.15 0.74 24.05
C THR I 234 -13.57 0.35 24.47
N VAL I 235 -14.55 0.98 23.85
CA VAL I 235 -15.96 0.64 24.01
C VAL I 235 -16.48 0.17 22.67
N GLU I 236 -16.98 -1.07 22.62
CA GLU I 236 -17.40 -1.70 21.38
C GLU I 236 -18.90 -1.95 21.37
N LYS I 237 -19.54 -1.67 20.24
CA LYS I 237 -20.93 -2.02 20.00
C LYS I 237 -21.03 -2.76 18.68
N THR I 238 -21.79 -3.84 18.69
CA THR I 238 -21.91 -4.73 17.55
C THR I 238 -23.37 -4.83 17.11
N VAL I 239 -23.57 -4.93 15.81
CA VAL I 239 -24.90 -5.10 15.23
C VAL I 239 -24.82 -6.16 14.15
N ALA I 240 -25.90 -6.91 13.98
CA ALA I 240 -25.92 -8.00 13.02
C ALA I 240 -27.10 -7.85 12.09
N PRO I 241 -26.97 -8.28 10.82
CA PRO I 241 -28.12 -8.21 9.90
C PRO I 241 -29.21 -9.20 10.23
N THR I 242 -28.91 -10.29 10.94
CA THR I 242 -29.91 -11.28 11.30
C THR I 242 -30.73 -10.86 12.51
N VAL J 30 4.90 40.75 8.71
CA VAL J 30 4.70 39.62 7.80
C VAL J 30 3.22 39.31 7.66
N GLN J 31 2.79 39.08 6.42
CA GLN J 31 1.39 38.82 6.13
C GLN J 31 1.29 37.91 4.92
N LEU J 32 0.54 36.83 5.06
CA LEU J 32 0.29 35.89 3.97
C LEU J 32 -1.21 35.68 3.86
N VAL J 33 -1.75 35.85 2.66
CA VAL J 33 -3.19 35.78 2.42
C VAL J 33 -3.43 34.83 1.26
N GLU J 34 -4.03 33.68 1.55
CA GLU J 34 -4.41 32.74 0.51
C GLU J 34 -5.75 33.12 -0.08
N SER J 35 -5.94 32.76 -1.34
CA SER J 35 -7.20 33.00 -2.03
C SER J 35 -7.32 32.00 -3.17
N GLY J 36 -8.51 31.98 -3.79
CA GLY J 36 -8.78 31.08 -4.87
C GLY J 36 -9.53 29.82 -4.50
N GLY J 37 -9.77 29.59 -3.21
CA GLY J 37 -10.50 28.40 -2.81
C GLY J 37 -11.97 28.50 -3.14
N GLY J 38 -12.66 27.38 -3.00
CA GLY J 38 -14.06 27.29 -3.30
C GLY J 38 -14.44 25.86 -3.64
N VAL J 39 -15.59 25.73 -4.32
CA VAL J 39 -16.10 24.43 -4.73
C VAL J 39 -15.68 24.22 -6.19
N VAL J 40 -15.15 23.03 -6.47
CA VAL J 40 -14.64 22.70 -7.79
C VAL J 40 -14.94 21.24 -8.08
N GLN J 41 -15.21 20.94 -9.35
CA GLN J 41 -15.62 19.62 -9.73
C GLN J 41 -14.38 18.76 -9.96
N PRO J 42 -14.46 17.45 -9.68
CA PRO J 42 -13.33 16.58 -10.01
C PRO J 42 -13.01 16.64 -11.50
N GLY J 43 -11.72 16.54 -11.82
CA GLY J 43 -11.27 16.60 -13.19
C GLY J 43 -11.05 18.01 -13.70
N ARG J 44 -11.57 19.02 -13.01
CA ARG J 44 -11.39 20.41 -13.39
C ARG J 44 -10.21 21.01 -12.63
N SER J 45 -9.88 22.25 -12.99
CA SER J 45 -8.69 22.91 -12.46
C SER J 45 -9.08 24.02 -11.51
N LEU J 46 -8.14 24.34 -10.61
CA LEU J 46 -8.29 25.41 -9.65
C LEU J 46 -6.91 25.99 -9.37
N ARG J 47 -6.83 27.31 -9.25
CA ARG J 47 -5.57 28.01 -9.07
C ARG J 47 -5.64 28.79 -7.76
N LEU J 48 -4.80 28.42 -6.80
CA LEU J 48 -4.73 29.12 -5.53
C LEU J 48 -3.62 30.16 -5.60
N SER J 49 -3.79 31.23 -4.83
CA SER J 49 -2.82 32.32 -4.76
C SER J 49 -2.51 32.65 -3.31
N CYS J 50 -1.32 33.17 -3.08
CA CYS J 50 -0.87 33.58 -1.75
C CYS J 50 -0.13 34.90 -1.89
N ALA J 51 -0.77 35.99 -1.48
CA ALA J 51 -0.16 37.31 -1.56
C ALA J 51 0.69 37.53 -0.31
N ALA J 52 1.98 37.83 -0.52
CA ALA J 52 2.93 38.00 0.56
C ALA J 52 3.32 39.47 0.68
N SER J 53 3.61 39.89 1.91
CA SER J 53 4.02 41.26 2.18
C SER J 53 4.67 41.31 3.55
N GLY J 54 5.42 42.38 3.78
CA GLY J 54 6.12 42.57 5.04
C GLY J 54 7.49 41.94 5.11
N PHE J 55 7.94 41.29 4.04
CA PHE J 55 9.26 40.68 4.02
C PHE J 55 9.68 40.50 2.57
N THR J 56 10.96 40.18 2.38
CA THR J 56 11.53 39.98 1.05
C THR J 56 11.10 38.61 0.54
N PHE J 57 9.96 38.60 -0.16
CA PHE J 57 9.39 37.35 -0.65
C PHE J 57 10.37 36.59 -1.54
N SER J 58 11.09 37.31 -2.41
CA SER J 58 11.98 36.67 -3.37
C SER J 58 13.18 35.98 -2.72
N SER J 59 13.42 36.21 -1.43
CA SER J 59 14.57 35.62 -0.74
C SER J 59 14.23 34.32 -0.02
N TYR J 60 12.96 33.94 0.04
CA TYR J 60 12.50 32.79 0.81
C TYR J 60 11.87 31.75 -0.09
N GLY J 61 12.19 30.50 0.15
CA GLY J 61 11.39 29.41 -0.38
C GLY J 61 10.02 29.38 0.26
N MET J 62 9.07 28.79 -0.45
CA MET J 62 7.67 28.79 -0.02
C MET J 62 7.09 27.40 -0.10
N HIS J 63 6.20 27.10 0.84
CA HIS J 63 5.53 25.82 0.92
C HIS J 63 4.04 25.98 0.73
N TRP J 64 3.40 24.92 0.24
CA TRP J 64 1.97 24.72 0.38
C TRP J 64 1.73 23.56 1.34
N VAL J 65 0.89 23.79 2.34
CA VAL J 65 0.51 22.76 3.31
C VAL J 65 -1.00 22.77 3.42
N ARG J 66 -1.61 21.57 3.43
CA ARG J 66 -3.05 21.46 3.46
C ARG J 66 -3.48 20.66 4.68
N GLN J 67 -4.76 20.82 5.03
CA GLN J 67 -5.32 20.14 6.19
C GLN J 67 -6.78 19.86 5.89
N ALA J 68 -7.11 18.59 5.67
CA ALA J 68 -8.50 18.22 5.47
C ALA J 68 -9.28 18.44 6.77
N PRO J 69 -10.59 18.73 6.67
CA PRO J 69 -11.37 19.00 7.89
C PRO J 69 -11.22 17.92 8.94
N GLY J 70 -10.75 18.30 10.14
CA GLY J 70 -10.60 17.36 11.22
C GLY J 70 -9.39 16.44 11.12
N LYS J 71 -8.53 16.65 10.12
CA LYS J 71 -7.38 15.79 9.89
C LYS J 71 -6.09 16.55 10.19
N GLY J 72 -4.96 15.88 9.98
CA GLY J 72 -3.68 16.47 10.27
C GLY J 72 -3.15 17.31 9.13
N LEU J 73 -1.97 17.88 9.35
CA LEU J 73 -1.30 18.68 8.34
C LEU J 73 -0.61 17.78 7.34
N GLU J 74 -0.68 18.17 6.06
CA GLU J 74 -0.04 17.41 4.98
C GLU J 74 0.71 18.40 4.10
N TRP J 75 2.03 18.24 4.03
CA TRP J 75 2.82 19.04 3.11
C TRP J 75 2.43 18.72 1.67
N VAL J 76 2.35 19.76 0.84
CA VAL J 76 1.90 19.64 -0.55
C VAL J 76 3.04 19.87 -1.52
N ALA J 77 3.69 21.04 -1.45
CA ALA J 77 4.72 21.37 -2.43
C ALA J 77 5.63 22.45 -1.85
N PHE J 78 6.79 22.57 -2.46
CA PHE J 78 7.78 23.57 -2.07
C PHE J 78 8.47 24.09 -3.33
N ILE J 79 8.82 25.37 -3.29
CA ILE J 79 9.51 26.01 -4.40
C ILE J 79 10.64 26.88 -3.84
N ARG J 80 11.81 26.81 -4.48
CA ARG J 80 12.95 27.60 -4.05
C ARG J 80 12.66 29.09 -4.23
N TYR J 81 13.49 29.90 -3.58
CA TYR J 81 13.31 31.36 -3.62
C TYR J 81 13.23 31.88 -5.06
N ASP J 82 14.00 31.30 -5.98
CA ASP J 82 14.06 31.78 -7.35
C ASP J 82 13.22 30.94 -8.31
N GLY J 83 12.52 29.93 -7.83
CA GLY J 83 11.73 29.07 -8.68
C GLY J 83 12.52 28.08 -9.49
N SER J 84 13.82 27.91 -9.20
CA SER J 84 14.66 27.03 -10.00
C SER J 84 14.40 25.56 -9.72
N ASN J 85 13.92 25.23 -8.52
CA ASN J 85 13.61 23.86 -8.16
C ASN J 85 12.27 23.80 -7.43
N LYS J 86 11.52 22.73 -7.67
CA LYS J 86 10.20 22.54 -7.09
C LYS J 86 10.08 21.12 -6.56
N TYR J 87 9.38 20.97 -5.45
CA TYR J 87 9.19 19.69 -4.79
C TYR J 87 7.72 19.45 -4.51
N TYR J 88 7.29 18.20 -4.65
CA TYR J 88 5.88 17.84 -4.51
C TYR J 88 5.78 16.55 -3.69
N ALA J 89 4.67 16.42 -2.97
CA ALA J 89 4.36 15.17 -2.30
C ALA J 89 3.90 14.13 -3.31
N ASP J 90 4.18 12.86 -3.00
CA ASP J 90 3.85 11.79 -3.94
C ASP J 90 2.36 11.77 -4.25
N SER J 91 1.51 12.11 -3.27
CA SER J 91 0.07 12.10 -3.49
C SER J 91 -0.37 13.18 -4.48
N VAL J 92 0.49 14.17 -4.75
CA VAL J 92 0.15 15.26 -5.66
C VAL J 92 1.10 15.36 -6.85
N LYS J 93 2.18 14.58 -6.89
CA LYS J 93 3.13 14.69 -7.98
C LYS J 93 2.44 14.42 -9.30
N GLY J 94 2.71 15.28 -10.29
CA GLY J 94 2.11 15.14 -11.60
C GLY J 94 0.75 15.78 -11.74
N ARG J 95 0.08 16.11 -10.64
CA ARG J 95 -1.25 16.71 -10.68
C ARG J 95 -1.25 18.19 -10.33
N PHE J 96 -0.45 18.60 -9.35
CA PHE J 96 -0.33 19.99 -8.94
C PHE J 96 0.95 20.60 -9.48
N THR J 97 0.95 21.91 -9.66
CA THR J 97 2.13 22.65 -10.09
C THR J 97 2.27 23.88 -9.21
N ILE J 98 3.40 24.02 -8.56
CA ILE J 98 3.69 25.18 -7.74
C ILE J 98 4.49 26.17 -8.58
N SER J 99 4.20 27.46 -8.40
CA SER J 99 4.90 28.50 -9.12
C SER J 99 4.86 29.77 -8.27
N ARG J 100 5.63 30.78 -8.70
CA ARG J 100 5.73 32.02 -7.95
C ARG J 100 6.07 33.15 -8.91
N ASP J 101 5.56 34.34 -8.60
CA ASP J 101 5.83 35.56 -9.34
C ASP J 101 6.43 36.55 -8.35
N ASN J 102 7.76 36.65 -8.34
CA ASN J 102 8.43 37.49 -7.34
C ASN J 102 8.18 38.98 -7.59
N SER J 103 7.89 39.37 -8.83
CA SER J 103 7.60 40.78 -9.10
C SER J 103 6.33 41.24 -8.41
N LYS J 104 5.37 40.33 -8.20
CA LYS J 104 4.13 40.62 -7.51
C LYS J 104 4.11 40.10 -6.08
N ASN J 105 5.15 39.38 -5.65
CA ASN J 105 5.21 38.81 -4.30
C ASN J 105 4.03 37.87 -4.05
N THR J 106 3.79 36.97 -5.00
CA THR J 106 2.67 36.04 -4.92
C THR J 106 3.13 34.63 -5.24
N LEU J 107 2.59 33.67 -4.48
CA LEU J 107 2.82 32.24 -4.71
C LEU J 107 1.55 31.62 -5.26
N TYR J 108 1.72 30.64 -6.15
CA TYR J 108 0.59 30.00 -6.81
C TYR J 108 0.64 28.49 -6.62
N LEU J 109 -0.53 27.87 -6.67
CA LEU J 109 -0.66 26.41 -6.73
C LEU J 109 -1.71 26.09 -7.78
N GLN J 110 -1.26 25.62 -8.93
CA GLN J 110 -2.16 25.18 -9.98
C GLN J 110 -2.57 23.75 -9.69
N MET J 111 -3.88 23.53 -9.51
CA MET J 111 -4.41 22.24 -9.11
C MET J 111 -5.20 21.65 -10.28
N ASN J 112 -4.70 20.56 -10.84
CA ASN J 112 -5.34 19.84 -11.94
C ASN J 112 -5.69 18.42 -11.49
N SER J 113 -6.62 17.81 -12.22
CA SER J 113 -7.05 16.43 -11.93
C SER J 113 -7.43 16.29 -10.45
N LEU J 114 -8.30 17.19 -9.99
CA LEU J 114 -8.68 17.20 -8.59
C LEU J 114 -9.46 15.93 -8.22
N ARG J 115 -9.22 15.45 -7.00
CA ARG J 115 -9.86 14.25 -6.48
C ARG J 115 -10.48 14.55 -5.12
N ALA J 116 -11.29 13.61 -4.63
CA ALA J 116 -11.98 13.80 -3.37
C ALA J 116 -11.00 14.01 -2.21
N GLU J 117 -9.86 13.34 -2.24
CA GLU J 117 -8.89 13.47 -1.16
C GLU J 117 -8.22 14.84 -1.11
N ASP J 118 -8.46 15.69 -2.10
CA ASP J 118 -7.88 17.03 -2.12
C ASP J 118 -8.70 18.05 -1.36
N THR J 119 -9.91 17.71 -0.91
CA THR J 119 -10.70 18.63 -0.10
C THR J 119 -9.93 18.95 1.17
N ALA J 120 -9.63 20.23 1.38
CA ALA J 120 -8.84 20.63 2.53
C ALA J 120 -8.69 22.14 2.54
N VAL J 121 -8.28 22.67 3.70
CA VAL J 121 -7.77 24.03 3.78
C VAL J 121 -6.32 24.02 3.34
N TYR J 122 -5.96 24.93 2.44
CA TYR J 122 -4.61 25.01 1.89
C TYR J 122 -3.91 26.24 2.45
N TYR J 123 -2.81 26.00 3.15
CA TYR J 123 -2.01 27.06 3.76
C TYR J 123 -0.77 27.34 2.93
N CYS J 124 -0.38 28.61 2.89
N CYS J 124 -0.33 28.59 3.01
CA CYS J 124 0.92 28.97 2.32
CA CYS J 124 0.88 29.08 2.37
C CYS J 124 1.85 29.35 3.48
C CYS J 124 1.88 29.43 3.48
N LYS J 125 3.07 28.82 3.43
CA LYS J 125 4.02 28.90 4.53
C LYS J 125 5.40 29.26 4.01
N THR J 126 6.08 30.16 4.73
CA THR J 126 7.45 30.50 4.41
C THR J 126 8.40 29.38 4.84
N HIS J 127 9.54 29.34 4.19
CA HIS J 127 10.56 28.33 4.45
C HIS J 127 11.67 28.94 5.30
N GLY J 128 11.88 28.37 6.47
CA GLY J 128 12.91 28.86 7.37
C GLY J 128 12.65 28.37 8.78
N SER J 129 13.60 28.70 9.66
CA SER J 129 13.45 28.35 11.07
C SER J 129 12.29 29.11 11.70
N HIS J 130 12.24 30.42 11.50
CA HIS J 130 11.13 31.25 11.96
C HIS J 130 10.19 31.44 10.77
N ASP J 131 9.20 30.57 10.65
CA ASP J 131 8.28 30.57 9.52
C ASP J 131 6.99 31.32 9.86
N ASN J 132 6.23 31.62 8.81
CA ASN J 132 4.93 32.27 8.94
C ASN J 132 3.93 31.56 8.04
N TRP J 133 2.69 31.50 8.51
CA TRP J 133 1.59 30.87 7.79
C TRP J 133 0.52 31.89 7.45
N GLY J 134 -0.24 31.61 6.39
CA GLY J 134 -1.45 32.35 6.11
C GLY J 134 -2.65 31.74 6.82
N GLN J 135 -3.79 32.43 6.68
CA GLN J 135 -5.02 31.95 7.29
C GLN J 135 -5.58 30.72 6.59
N GLY J 136 -5.19 30.48 5.35
CA GLY J 136 -5.66 29.33 4.60
C GLY J 136 -6.89 29.63 3.77
N THR J 137 -7.10 28.80 2.75
CA THR J 137 -8.28 28.88 1.90
C THR J 137 -8.85 27.49 1.71
N MET J 138 -10.17 27.37 1.83
CA MET J 138 -10.85 26.08 1.79
C MET J 138 -11.14 25.67 0.35
N VAL J 139 -10.83 24.42 0.03
CA VAL J 139 -11.10 23.84 -1.29
C VAL J 139 -11.99 22.62 -1.09
N THR J 140 -13.11 22.58 -1.79
CA THR J 140 -14.08 21.49 -1.71
C THR J 140 -14.19 20.84 -3.08
N VAL J 141 -13.83 19.56 -3.15
CA VAL J 141 -13.85 18.80 -4.38
C VAL J 141 -15.05 17.87 -4.37
N SER J 142 -16.04 18.15 -5.23
CA SER J 142 -17.25 17.35 -5.29
C SER J 142 -17.88 17.51 -6.65
N SER J 143 -18.40 16.41 -7.20
CA SER J 143 -19.15 16.43 -8.45
C SER J 143 -20.65 16.42 -8.18
N ALA J 144 -21.06 17.16 -7.15
CA ALA J 144 -22.43 17.17 -6.70
C ALA J 144 -23.12 18.47 -7.09
N SER J 145 -24.40 18.36 -7.45
CA SER J 145 -25.24 19.51 -7.72
C SER J 145 -26.27 19.57 -6.61
N THR J 146 -26.92 20.72 -6.47
CA THR J 146 -27.85 20.90 -5.36
C THR J 146 -28.81 19.72 -5.27
N LYS J 147 -28.86 19.10 -4.09
CA LYS J 147 -29.66 17.91 -3.86
C LYS J 147 -30.19 17.95 -2.43
N GLY J 148 -31.48 17.67 -2.29
CA GLY J 148 -32.09 17.61 -0.98
C GLY J 148 -31.74 16.32 -0.28
N PRO J 149 -31.80 16.30 1.06
CA PRO J 149 -31.42 15.10 1.79
C PRO J 149 -32.52 14.07 1.84
N SER J 150 -32.11 12.82 1.97
CA SER J 150 -33.02 11.72 2.28
C SER J 150 -32.91 11.44 3.76
N VAL J 151 -34.01 11.60 4.48
CA VAL J 151 -34.04 11.47 5.93
C VAL J 151 -34.47 10.06 6.29
N PHE J 152 -33.71 9.41 7.16
CA PHE J 152 -34.02 8.07 7.61
C PHE J 152 -34.03 8.03 9.13
N PRO J 153 -34.93 7.25 9.74
CA PRO J 153 -34.99 7.22 11.20
C PRO J 153 -33.94 6.33 11.80
N LEU J 154 -33.41 6.74 12.95
CA LEU J 154 -32.48 5.96 13.75
C LEU J 154 -33.29 5.49 14.97
N ALA J 155 -33.99 4.37 14.79
CA ALA J 155 -34.93 3.92 15.79
C ALA J 155 -34.22 3.49 17.08
N PRO J 156 -34.84 3.71 18.24
CA PRO J 156 -34.26 3.24 19.51
C PRO J 156 -34.50 1.74 19.72
N GLY J 163 -29.13 1.49 31.84
CA GLY J 163 -30.01 2.26 32.69
C GLY J 163 -31.42 2.35 32.16
N GLY J 164 -31.96 3.56 32.13
CA GLY J 164 -33.29 3.80 31.61
C GLY J 164 -33.30 4.94 30.61
N THR J 165 -32.30 4.96 29.73
CA THR J 165 -32.05 6.05 28.79
C THR J 165 -31.78 5.45 27.42
N ALA J 166 -32.66 5.75 26.47
CA ALA J 166 -32.57 5.21 25.13
C ALA J 166 -32.39 6.35 24.15
N ALA J 167 -31.70 6.08 23.05
CA ALA J 167 -31.21 7.10 22.15
C ALA J 167 -31.77 6.86 20.76
N LEU J 168 -32.32 7.92 20.17
CA LEU J 168 -32.92 7.87 18.85
C LEU J 168 -32.52 9.13 18.11
N GLY J 169 -32.59 9.06 16.78
CA GLY J 169 -32.21 10.21 15.98
C GLY J 169 -32.70 10.09 14.56
N CYS J 170 -32.19 10.99 13.73
CA CYS J 170 -32.50 11.01 12.31
C CYS J 170 -31.22 11.12 11.51
N LEU J 171 -31.14 10.35 10.43
CA LEU J 171 -30.01 10.38 9.52
C LEU J 171 -30.38 11.23 8.32
N VAL J 172 -29.70 12.37 8.17
CA VAL J 172 -29.90 13.27 7.04
C VAL J 172 -28.81 12.93 6.03
N LYS J 173 -29.18 12.19 4.97
CA LYS J 173 -28.20 11.55 4.11
C LYS J 173 -28.18 12.18 2.72
N ASP J 174 -26.97 12.38 2.20
CA ASP J 174 -26.75 12.74 0.81
C ASP J 174 -27.48 14.02 0.41
N TYR J 175 -26.91 15.16 0.79
CA TYR J 175 -27.40 16.46 0.35
C TYR J 175 -26.21 17.32 -0.05
N PHE J 176 -26.49 18.38 -0.80
CA PHE J 176 -25.43 19.28 -1.23
C PHE J 176 -26.08 20.57 -1.70
N PRO J 177 -25.54 21.75 -1.36
CA PRO J 177 -24.43 21.98 -0.43
C PRO J 177 -24.92 22.16 1.01
N GLU J 178 -23.99 22.42 1.94
CA GLU J 178 -24.37 22.77 3.29
C GLU J 178 -25.05 24.13 3.29
N PRO J 179 -25.79 24.47 4.36
CA PRO J 179 -26.05 23.70 5.58
C PRO J 179 -27.42 23.03 5.62
N VAL J 180 -27.62 22.23 6.67
CA VAL J 180 -28.91 21.63 6.98
C VAL J 180 -29.28 22.02 8.41
N THR J 181 -30.54 22.39 8.60
CA THR J 181 -31.07 22.71 9.92
C THR J 181 -31.98 21.57 10.39
N VAL J 182 -31.75 21.11 11.61
CA VAL J 182 -32.53 20.01 12.18
C VAL J 182 -33.09 20.45 13.52
N SER J 183 -34.40 20.33 13.69
CA SER J 183 -35.07 20.55 14.96
C SER J 183 -35.92 19.33 15.27
N TRP J 184 -36.37 19.24 16.52
CA TRP J 184 -37.18 18.12 16.99
C TRP J 184 -38.51 18.64 17.52
N ASN J 185 -39.61 18.06 17.02
CA ASN J 185 -40.96 18.45 17.43
C ASN J 185 -41.18 19.94 17.18
N SER J 186 -40.70 20.42 16.04
CA SER J 186 -40.86 21.83 15.65
C SER J 186 -40.27 22.77 16.69
N GLY J 187 -39.19 22.35 17.34
CA GLY J 187 -38.52 23.15 18.35
C GLY J 187 -38.98 22.91 19.77
N ALA J 188 -40.07 22.16 19.97
CA ALA J 188 -40.58 21.91 21.31
C ALA J 188 -39.69 20.95 22.11
N LEU J 189 -38.74 20.28 21.46
CA LEU J 189 -37.86 19.32 22.12
C LEU J 189 -36.42 19.77 21.90
N THR J 190 -35.73 20.12 22.99
CA THR J 190 -34.36 20.59 22.92
C THR J 190 -33.47 19.84 23.91
N SER J 191 -34.05 19.43 25.04
CA SER J 191 -33.27 18.75 26.06
C SER J 191 -32.74 17.43 25.53
N GLY J 192 -31.42 17.23 25.65
CA GLY J 192 -30.80 16.01 25.21
C GLY J 192 -30.54 15.90 23.72
N VAL J 193 -30.73 16.98 22.97
CA VAL J 193 -30.56 16.97 21.53
C VAL J 193 -29.11 17.31 21.20
N HIS J 194 -28.61 16.74 20.10
CA HIS J 194 -27.27 17.05 19.61
C HIS J 194 -27.23 16.79 18.11
N THR J 195 -27.13 17.85 17.32
CA THR J 195 -26.96 17.75 15.88
C THR J 195 -25.48 17.77 15.55
N PHE J 196 -24.99 16.68 14.95
CA PHE J 196 -23.58 16.50 14.67
C PHE J 196 -23.13 17.29 13.44
N PRO J 197 -21.85 17.66 13.37
CA PRO J 197 -21.33 18.27 12.14
C PRO J 197 -21.48 17.32 10.95
N ALA J 198 -21.65 17.91 9.77
CA ALA J 198 -21.85 17.10 8.58
C ALA J 198 -20.56 16.40 8.14
N VAL J 199 -20.73 15.21 7.59
CA VAL J 199 -19.64 14.45 6.98
C VAL J 199 -19.74 14.57 5.47
N LEU J 200 -18.61 14.82 4.81
CA LEU J 200 -18.55 14.87 3.35
C LEU J 200 -18.10 13.49 2.83
N GLN J 201 -19.03 12.75 2.25
CA GLN J 201 -18.75 11.41 1.76
C GLN J 201 -17.96 11.46 0.45
N SER J 202 -17.36 10.31 0.11
CA SER J 202 -16.57 10.20 -1.12
C SER J 202 -17.38 10.60 -2.35
N SER J 203 -18.70 10.38 -2.31
CA SER J 203 -19.56 10.75 -3.43
C SER J 203 -19.67 12.26 -3.63
N GLY J 204 -19.14 13.06 -2.71
CA GLY J 204 -19.27 14.50 -2.80
C GLY J 204 -20.50 15.07 -2.15
N LEU J 205 -21.33 14.23 -1.55
CA LEU J 205 -22.54 14.65 -0.84
C LEU J 205 -22.28 14.69 0.66
N TYR J 206 -23.12 15.44 1.37
CA TYR J 206 -22.99 15.62 2.80
C TYR J 206 -24.01 14.77 3.54
N SER J 207 -23.68 14.42 4.79
CA SER J 207 -24.58 13.67 5.65
C SER J 207 -24.28 14.03 7.10
N LEU J 208 -25.34 14.25 7.88
CA LEU J 208 -25.21 14.49 9.31
C LEU J 208 -26.28 13.69 10.03
N SER J 209 -26.17 13.66 11.35
CA SER J 209 -27.14 12.96 12.19
C SER J 209 -27.50 13.85 13.38
N SER J 210 -28.76 13.78 13.78
CA SER J 210 -29.26 14.47 14.97
C SER J 210 -29.85 13.42 15.89
N VAL J 211 -29.40 13.40 17.13
CA VAL J 211 -29.82 12.39 18.09
C VAL J 211 -30.40 13.07 19.32
N VAL J 212 -31.32 12.37 19.97
CA VAL J 212 -31.91 12.81 21.24
C VAL J 212 -31.91 11.62 22.20
N THR J 213 -31.44 11.87 23.41
CA THR J 213 -31.44 10.87 24.48
C THR J 213 -32.66 11.10 25.35
N VAL J 214 -33.54 10.11 25.41
CA VAL J 214 -34.80 10.24 26.13
C VAL J 214 -34.96 9.04 27.06
N PRO J 215 -35.77 9.17 28.10
CA PRO J 215 -36.00 8.02 28.99
C PRO J 215 -36.72 6.90 28.25
N SER J 216 -36.33 5.66 28.58
CA SER J 216 -36.90 4.50 27.90
C SER J 216 -38.38 4.32 28.18
N SER J 217 -38.90 4.92 29.26
CA SER J 217 -40.30 4.75 29.63
C SER J 217 -41.24 5.59 28.78
N SER J 218 -40.75 6.64 28.14
CA SER J 218 -41.58 7.54 27.35
C SER J 218 -41.53 7.24 25.86
N LEU J 219 -40.84 6.16 25.45
CA LEU J 219 -40.72 5.86 24.03
C LEU J 219 -42.08 5.59 23.39
N GLY J 220 -43.05 5.12 24.17
CA GLY J 220 -44.33 4.71 23.62
C GLY J 220 -45.45 5.71 23.85
N THR J 221 -45.19 6.74 24.65
CA THR J 221 -46.18 7.77 24.93
C THR J 221 -45.89 9.08 24.21
N GLN J 222 -44.64 9.40 23.96
CA GLN J 222 -44.25 10.61 23.26
C GLN J 222 -43.95 10.30 21.80
N THR J 223 -44.22 11.28 20.94
CA THR J 223 -43.94 11.18 19.52
C THR J 223 -42.78 12.10 19.18
N TYR J 224 -41.82 11.58 18.42
CA TYR J 224 -40.59 12.31 18.11
C TYR J 224 -40.49 12.51 16.60
N ILE J 225 -40.55 13.76 16.17
CA ILE J 225 -40.40 14.14 14.77
C ILE J 225 -39.16 15.03 14.65
N CYS J 226 -38.30 14.70 13.70
CA CYS J 226 -37.15 15.52 13.37
C CYS J 226 -37.49 16.36 12.14
N ASN J 227 -37.36 17.67 12.27
CA ASN J 227 -37.70 18.60 11.20
C ASN J 227 -36.40 18.98 10.49
N VAL J 228 -36.23 18.46 9.27
CA VAL J 228 -35.04 18.72 8.47
C VAL J 228 -35.40 19.72 7.39
N ASN J 229 -34.55 20.73 7.20
CA ASN J 229 -34.77 21.73 6.17
C ASN J 229 -33.45 22.00 5.46
N HIS J 230 -33.50 21.95 4.13
CA HIS J 230 -32.33 22.23 3.29
C HIS J 230 -32.73 23.37 2.36
N LYS J 231 -32.43 24.60 2.78
CA LYS J 231 -32.85 25.78 2.04
C LYS J 231 -32.32 25.82 0.61
N PRO J 232 -31.08 25.45 0.32
CA PRO J 232 -30.62 25.51 -1.07
C PRO J 232 -31.48 24.75 -2.04
N SER J 233 -32.09 23.64 -1.61
CA SER J 233 -32.98 22.85 -2.46
C SER J 233 -34.46 23.00 -2.12
N ASN J 234 -34.82 23.85 -1.14
CA ASN J 234 -36.21 24.01 -0.73
C ASN J 234 -36.82 22.68 -0.33
N THR J 235 -36.04 21.89 0.42
CA THR J 235 -36.48 20.59 0.91
C THR J 235 -36.80 20.72 2.40
N LYS J 236 -38.03 20.40 2.77
CA LYS J 236 -38.46 20.35 4.17
C LYS J 236 -39.13 19.01 4.41
N VAL J 237 -38.57 18.22 5.32
CA VAL J 237 -39.05 16.87 5.57
C VAL J 237 -39.31 16.70 7.05
N ASP J 238 -40.40 16.01 7.39
CA ASP J 238 -40.76 15.71 8.77
C ASP J 238 -40.84 14.19 8.90
N LYS J 239 -39.84 13.59 9.54
CA LYS J 239 -39.75 12.14 9.69
C LYS J 239 -40.04 11.75 11.13
N LYS J 240 -40.90 10.76 11.31
CA LYS J 240 -41.24 10.25 12.63
C LYS J 240 -40.33 9.08 12.96
N VAL J 241 -39.75 9.11 14.17
CA VAL J 241 -38.84 8.07 14.63
C VAL J 241 -39.60 7.24 15.66
N GLU J 242 -39.83 5.97 15.33
CA GLU J 242 -40.58 5.05 16.17
C GLU J 242 -39.73 3.85 16.53
N PRO J 243 -40.04 3.18 17.65
CA PRO J 243 -39.25 2.00 18.04
C PRO J 243 -39.31 0.92 16.97
N LYS J 244 -38.20 0.20 16.84
CA LYS J 244 -38.07 -0.79 15.77
C LYS J 244 -38.83 -2.07 16.12
N SER J 245 -39.22 -2.79 15.08
CA SER J 245 -39.93 -4.05 15.24
C SER J 245 -39.06 -5.10 15.90
N SER K 30 -50.16 -22.75 -11.79
CA SER K 30 -51.34 -22.90 -12.62
C SER K 30 -51.01 -22.63 -14.09
N VAL K 31 -51.62 -23.41 -14.98
CA VAL K 31 -51.35 -23.34 -16.41
C VAL K 31 -52.64 -22.95 -17.13
N LEU K 32 -52.51 -22.02 -18.09
CA LEU K 32 -53.61 -21.63 -18.97
C LEU K 32 -53.41 -22.31 -20.33
N THR K 33 -54.27 -23.30 -20.61
CA THR K 33 -54.10 -24.11 -21.81
C THR K 33 -54.64 -23.42 -23.05
N GLN K 34 -53.80 -23.35 -24.08
CA GLN K 34 -54.17 -22.87 -25.41
C GLN K 34 -53.91 -23.96 -26.43
N PRO K 35 -54.61 -23.94 -27.57
CA PRO K 35 -54.28 -24.87 -28.64
C PRO K 35 -52.92 -24.53 -29.24
N PRO K 36 -52.09 -25.53 -29.55
CA PRO K 36 -50.77 -25.21 -30.11
C PRO K 36 -50.84 -24.48 -31.44
N SER K 37 -51.81 -24.83 -32.29
CA SER K 37 -51.87 -24.30 -33.65
C SER K 37 -53.30 -24.03 -34.06
N VAL K 38 -53.52 -22.89 -34.69
CA VAL K 38 -54.78 -22.54 -35.32
C VAL K 38 -54.48 -22.00 -36.71
N SER K 39 -55.36 -22.28 -37.67
CA SER K 39 -55.12 -21.88 -39.04
C SER K 39 -56.43 -21.56 -39.74
N GLY K 40 -56.35 -20.67 -40.72
CA GLY K 40 -57.50 -20.33 -41.54
C GLY K 40 -57.06 -19.56 -42.76
N ALA K 41 -57.91 -19.57 -43.78
CA ALA K 41 -57.64 -18.84 -45.00
C ALA K 41 -57.90 -17.35 -44.81
N PRO K 42 -57.33 -16.51 -45.69
CA PRO K 42 -57.64 -15.08 -45.63
C PRO K 42 -59.14 -14.83 -45.70
N GLY K 43 -59.63 -13.99 -44.79
CA GLY K 43 -61.04 -13.70 -44.71
C GLY K 43 -61.84 -14.62 -43.81
N GLN K 44 -61.25 -15.72 -43.36
CA GLN K 44 -61.93 -16.66 -42.48
C GLN K 44 -61.83 -16.23 -41.02
N ARG K 45 -62.67 -16.85 -40.19
CA ARG K 45 -62.73 -16.57 -38.77
C ARG K 45 -62.10 -17.73 -38.00
N VAL K 46 -61.22 -17.40 -37.06
CA VAL K 46 -60.62 -18.39 -36.17
C VAL K 46 -60.76 -17.89 -34.74
N THR K 47 -60.77 -18.84 -33.80
CA THR K 47 -60.83 -18.56 -32.38
C THR K 47 -59.76 -19.33 -31.64
N ILE K 48 -59.24 -18.73 -30.59
CA ILE K 48 -58.17 -19.30 -29.77
C ILE K 48 -58.70 -19.41 -28.34
N SER K 49 -58.73 -20.64 -27.82
CA SER K 49 -59.24 -20.88 -26.48
C SER K 49 -58.13 -20.73 -25.44
N CYS K 50 -58.55 -20.41 -24.22
CA CYS K 50 -57.61 -20.22 -23.10
C CYS K 50 -58.30 -20.78 -21.86
N SER K 51 -57.94 -22.00 -21.50
CA SER K 51 -58.60 -22.73 -20.41
C SER K 51 -57.80 -22.58 -19.12
N GLY K 52 -58.46 -22.14 -18.06
CA GLY K 52 -57.86 -21.98 -16.76
C GLY K 52 -58.67 -22.68 -15.69
N SER K 53 -58.68 -22.08 -14.51
CA SER K 53 -59.41 -22.61 -13.36
C SER K 53 -60.21 -21.48 -12.71
N ARG K 54 -60.99 -21.85 -11.69
CA ARG K 54 -61.77 -20.84 -10.98
C ARG K 54 -60.88 -19.81 -10.30
N SER K 55 -59.70 -20.23 -9.85
CA SER K 55 -58.83 -19.30 -9.12
C SER K 55 -58.29 -18.20 -10.04
N ASN K 56 -57.89 -18.55 -11.26
CA ASN K 56 -57.26 -17.57 -12.14
C ASN K 56 -58.28 -16.91 -13.07
N ILE K 57 -58.53 -17.50 -14.24
CA ILE K 57 -59.43 -16.86 -15.19
C ILE K 57 -60.82 -16.66 -14.58
N GLY K 58 -61.25 -17.61 -13.75
CA GLY K 58 -62.56 -17.51 -13.13
C GLY K 58 -62.68 -16.35 -12.14
N SER K 59 -61.56 -15.79 -11.69
CA SER K 59 -61.57 -14.74 -10.68
C SER K 59 -60.82 -13.50 -11.10
N ASN K 60 -60.35 -13.43 -12.36
CA ASN K 60 -59.56 -12.31 -12.83
C ASN K 60 -59.91 -12.01 -14.28
N THR K 61 -59.52 -10.83 -14.73
CA THR K 61 -59.69 -10.45 -16.12
C THR K 61 -58.59 -11.10 -16.96
N VAL K 62 -58.79 -11.09 -18.28
CA VAL K 62 -57.90 -11.77 -19.22
C VAL K 62 -57.37 -10.75 -20.22
N LYS K 63 -56.08 -10.85 -20.51
CA LYS K 63 -55.43 -10.12 -21.58
C LYS K 63 -55.02 -11.08 -22.68
N TRP K 64 -54.82 -10.52 -23.88
CA TRP K 64 -54.30 -11.27 -25.01
C TRP K 64 -53.14 -10.49 -25.62
N TYR K 65 -52.08 -11.21 -25.98
CA TYR K 65 -50.90 -10.61 -26.58
C TYR K 65 -50.62 -11.25 -27.93
N GLN K 66 -50.13 -10.43 -28.86
CA GLN K 66 -49.64 -10.89 -30.16
C GLN K 66 -48.13 -10.71 -30.19
N GLN K 67 -47.43 -11.73 -30.66
CA GLN K 67 -45.97 -11.68 -30.77
C GLN K 67 -45.53 -12.12 -32.15
N LEU K 68 -44.86 -11.23 -32.87
CA LEU K 68 -44.21 -11.60 -34.12
C LEU K 68 -42.80 -12.09 -33.85
N PRO K 69 -42.20 -12.81 -34.80
CA PRO K 69 -40.85 -13.36 -34.57
C PRO K 69 -39.85 -12.27 -34.21
N GLY K 70 -39.09 -12.51 -33.14
CA GLY K 70 -38.00 -11.62 -32.77
C GLY K 70 -38.41 -10.30 -32.20
N THR K 71 -39.66 -10.15 -31.77
CA THR K 71 -40.14 -8.90 -31.21
C THR K 71 -40.88 -9.18 -29.90
N ALA K 72 -41.03 -8.13 -29.10
CA ALA K 72 -41.72 -8.28 -27.83
C ALA K 72 -43.22 -8.45 -28.05
N PRO K 73 -43.92 -9.11 -27.12
CA PRO K 73 -45.38 -9.24 -27.25
C PRO K 73 -46.06 -7.89 -27.32
N LYS K 74 -47.23 -7.88 -27.96
CA LYS K 74 -48.02 -6.67 -28.15
C LYS K 74 -49.42 -6.92 -27.61
N LEU K 75 -49.91 -5.99 -26.79
CA LEU K 75 -51.22 -6.13 -26.17
C LEU K 75 -52.31 -5.99 -27.22
N LEU K 76 -53.19 -7.00 -27.31
CA LEU K 76 -54.34 -6.96 -28.20
C LEU K 76 -55.64 -6.68 -27.45
N ILE K 77 -55.85 -7.35 -26.33
CA ILE K 77 -57.09 -7.26 -25.56
C ILE K 77 -56.73 -7.10 -24.09
N TYR K 78 -57.48 -6.24 -23.40
CA TYR K 78 -57.42 -6.15 -21.95
C TYR K 78 -58.84 -6.06 -21.43
N TYR K 79 -59.00 -6.40 -20.14
CA TYR K 79 -60.33 -6.46 -19.53
C TYR K 79 -61.24 -7.38 -20.33
N ASN K 80 -60.71 -8.54 -20.71
CA ASN K 80 -61.47 -9.61 -21.35
C ASN K 80 -61.78 -9.32 -22.82
N ASP K 81 -62.22 -8.09 -23.14
CA ASP K 81 -62.67 -7.83 -24.50
C ASP K 81 -62.46 -6.39 -24.96
N GLN K 82 -61.71 -5.57 -24.25
CA GLN K 82 -61.44 -4.20 -24.66
C GLN K 82 -60.15 -4.13 -25.48
N ARG K 83 -60.18 -3.33 -26.55
CA ARG K 83 -59.02 -3.20 -27.44
C ARG K 83 -58.26 -1.92 -27.13
N PRO K 84 -56.95 -1.97 -26.94
CA PRO K 84 -56.18 -0.72 -26.87
C PRO K 84 -56.26 0.02 -28.20
N SER K 85 -55.91 1.31 -28.15
CA SER K 85 -55.87 2.10 -29.37
C SER K 85 -54.93 1.47 -30.38
N GLY K 86 -55.41 1.30 -31.61
CA GLY K 86 -54.60 0.78 -32.69
C GLY K 86 -54.77 -0.69 -32.98
N VAL K 87 -55.56 -1.42 -32.19
CA VAL K 87 -55.80 -2.83 -32.44
C VAL K 87 -57.02 -2.95 -33.35
N PRO K 88 -56.93 -3.63 -34.50
CA PRO K 88 -58.09 -3.70 -35.39
C PRO K 88 -59.28 -4.38 -34.72
N ASP K 89 -60.47 -3.93 -35.10
CA ASP K 89 -61.70 -4.44 -34.48
C ASP K 89 -62.04 -5.86 -34.91
N ARG K 90 -61.25 -6.47 -35.79
CA ARG K 90 -61.43 -7.89 -36.10
C ARG K 90 -60.92 -8.80 -34.99
N PHE K 91 -60.21 -8.26 -34.01
CA PHE K 91 -59.82 -9.00 -32.82
C PHE K 91 -60.88 -8.82 -31.74
N SER K 92 -61.50 -9.92 -31.32
CA SER K 92 -62.53 -9.89 -30.30
C SER K 92 -62.20 -10.88 -29.19
N GLY K 93 -62.35 -10.44 -27.95
CA GLY K 93 -62.12 -11.28 -26.78
C GLY K 93 -63.41 -11.58 -26.06
N SER K 94 -63.44 -12.71 -25.35
CA SER K 94 -64.59 -13.07 -24.54
C SER K 94 -64.13 -13.93 -23.36
N LYS K 95 -64.97 -13.97 -22.33
CA LYS K 95 -64.66 -14.76 -21.14
C LYS K 95 -65.97 -15.25 -20.54
N SER K 96 -65.95 -16.49 -20.05
CA SER K 96 -67.11 -17.05 -19.37
C SER K 96 -66.64 -18.21 -18.51
N GLY K 97 -66.87 -18.13 -17.21
CA GLY K 97 -66.41 -19.18 -16.32
C GLY K 97 -64.89 -19.23 -16.26
N THR K 98 -64.34 -20.42 -16.50
CA THR K 98 -62.90 -20.64 -16.39
C THR K 98 -62.19 -20.60 -17.74
N SER K 99 -62.84 -20.09 -18.80
CA SER K 99 -62.25 -20.08 -20.12
C SER K 99 -62.38 -18.70 -20.74
N ALA K 100 -61.38 -18.35 -21.55
CA ALA K 100 -61.40 -17.13 -22.35
C ALA K 100 -61.14 -17.51 -23.81
N SER K 101 -61.50 -16.61 -24.71
CA SER K 101 -61.39 -16.87 -26.14
C SER K 101 -60.99 -15.60 -26.88
N LEU K 102 -60.10 -15.76 -27.85
CA LEU K 102 -59.75 -14.70 -28.78
C LEU K 102 -60.22 -15.10 -30.17
N ALA K 103 -61.04 -14.24 -30.79
CA ALA K 103 -61.52 -14.47 -32.14
C ALA K 103 -60.88 -13.47 -33.09
N ILE K 104 -60.46 -13.97 -34.26
CA ILE K 104 -59.93 -13.13 -35.33
C ILE K 104 -60.85 -13.35 -36.54
N THR K 105 -61.67 -12.35 -36.84
CA THR K 105 -62.65 -12.43 -37.92
C THR K 105 -62.10 -11.75 -39.16
N GLY K 106 -61.78 -12.55 -40.18
CA GLY K 106 -61.21 -12.01 -41.40
C GLY K 106 -59.69 -12.00 -41.36
N LEU K 107 -59.10 -13.19 -41.31
CA LEU K 107 -57.65 -13.31 -41.20
C LEU K 107 -56.94 -12.53 -42.31
N GLN K 108 -55.90 -11.81 -41.92
CA GLN K 108 -54.97 -11.17 -42.84
C GLN K 108 -53.56 -11.67 -42.59
N ALA K 109 -52.72 -11.54 -43.61
CA ALA K 109 -51.35 -12.03 -43.52
C ALA K 109 -50.66 -11.53 -42.25
N GLU K 110 -50.92 -10.28 -41.85
CA GLU K 110 -50.30 -9.73 -40.66
C GLU K 110 -50.75 -10.46 -39.39
N ASP K 111 -51.85 -11.20 -39.45
CA ASP K 111 -52.34 -11.92 -38.28
C ASP K 111 -51.59 -13.21 -38.01
N GLU K 112 -50.77 -13.68 -38.95
CA GLU K 112 -49.95 -14.86 -38.74
C GLU K 112 -48.92 -14.54 -37.66
N ALA K 113 -49.08 -15.15 -36.48
CA ALA K 113 -48.24 -14.82 -35.34
C ALA K 113 -48.52 -15.73 -34.16
N ASP K 114 -47.82 -15.52 -33.06
CA ASP K 114 -48.10 -16.22 -31.81
C ASP K 114 -49.01 -15.36 -30.95
N TYR K 115 -49.94 -16.03 -30.25
CA TYR K 115 -50.91 -15.35 -29.41
C TYR K 115 -50.90 -15.97 -28.01
N TYR K 116 -50.85 -15.11 -27.00
CA TYR K 116 -50.80 -15.55 -25.61
C TYR K 116 -51.91 -14.87 -24.83
N CYS K 117 -52.70 -15.66 -24.10
CA CYS K 117 -53.59 -15.11 -23.10
C CYS K 117 -52.82 -14.93 -21.80
N GLN K 118 -53.21 -13.90 -21.04
CA GLN K 118 -52.55 -13.59 -19.79
C GLN K 118 -53.60 -13.24 -18.74
N SER K 119 -53.43 -13.78 -17.54
CA SER K 119 -54.32 -13.52 -16.42
C SER K 119 -53.50 -13.59 -15.14
N TYR K 120 -54.20 -13.60 -14.01
CA TYR K 120 -53.60 -13.72 -12.69
C TYR K 120 -54.24 -14.90 -11.98
N ASP K 121 -53.55 -15.43 -10.98
CA ASP K 121 -54.08 -16.61 -10.28
C ASP K 121 -54.93 -16.22 -9.08
N ARG K 122 -54.36 -15.50 -8.12
CA ARG K 122 -55.07 -15.19 -6.89
C ARG K 122 -55.68 -13.80 -6.95
N TYR K 123 -56.54 -13.53 -5.98
CA TYR K 123 -57.24 -12.25 -5.91
C TYR K 123 -56.26 -11.13 -5.61
N THR K 124 -56.21 -10.14 -6.51
CA THR K 124 -55.31 -8.99 -6.38
C THR K 124 -53.87 -9.46 -6.16
N HIS K 125 -53.39 -10.27 -7.11
CA HIS K 125 -52.06 -10.84 -7.05
C HIS K 125 -51.28 -10.45 -8.30
N PRO K 126 -50.04 -9.99 -8.18
CA PRO K 126 -49.32 -9.49 -9.36
C PRO K 126 -48.68 -10.57 -10.22
N ALA K 127 -48.62 -11.81 -9.75
CA ALA K 127 -48.00 -12.87 -10.55
C ALA K 127 -48.78 -13.09 -11.84
N LEU K 128 -48.07 -13.00 -12.97
CA LEU K 128 -48.69 -13.13 -14.28
C LEU K 128 -48.68 -14.58 -14.73
N LEU K 129 -49.83 -15.06 -15.22
CA LEU K 129 -49.96 -16.38 -15.83
C LEU K 129 -50.12 -16.19 -17.34
N PHE K 130 -49.13 -16.65 -18.10
CA PHE K 130 -49.20 -16.60 -19.56
C PHE K 130 -49.63 -17.97 -20.08
N GLY K 131 -50.49 -17.95 -21.10
CA GLY K 131 -50.90 -19.18 -21.72
C GLY K 131 -49.77 -19.84 -22.48
N THR K 132 -50.00 -21.09 -22.87
CA THR K 132 -48.98 -21.88 -23.56
C THR K 132 -48.68 -21.32 -24.95
N GLY K 133 -49.53 -20.45 -25.49
CA GLY K 133 -49.26 -19.83 -26.76
C GLY K 133 -49.89 -20.56 -27.93
N THR K 134 -50.40 -19.81 -28.91
CA THR K 134 -51.02 -20.40 -30.09
C THR K 134 -50.38 -19.78 -31.32
N LYS K 135 -49.94 -20.63 -32.24
CA LYS K 135 -49.42 -20.17 -33.53
C LYS K 135 -50.58 -20.10 -34.51
N VAL K 136 -50.84 -18.90 -35.04
CA VAL K 136 -51.88 -18.70 -36.04
C VAL K 136 -51.22 -18.69 -37.41
N THR K 137 -51.66 -19.59 -38.29
CA THR K 137 -51.21 -19.63 -39.66
C THR K 137 -52.36 -19.18 -40.56
N VAL K 138 -52.09 -18.20 -41.42
CA VAL K 138 -53.05 -17.75 -42.42
C VAL K 138 -52.73 -18.48 -43.71
N LEU K 139 -53.54 -19.47 -44.07
CA LEU K 139 -53.25 -20.28 -45.25
C LEU K 139 -53.37 -19.36 -46.46
N GLY K 140 -52.22 -18.87 -46.94
CA GLY K 140 -52.18 -17.94 -48.05
C GLY K 140 -51.73 -18.45 -49.39
N GLN K 141 -51.56 -19.76 -49.56
CA GLN K 141 -51.10 -20.28 -50.83
C GLN K 141 -51.47 -21.76 -50.92
N PRO K 142 -51.48 -22.33 -52.12
CA PRO K 142 -51.83 -23.75 -52.25
C PRO K 142 -50.84 -24.66 -51.54
N LYS K 143 -51.31 -25.83 -51.14
CA LYS K 143 -50.43 -26.82 -50.53
C LYS K 143 -49.38 -27.28 -51.54
N ALA K 144 -48.15 -27.43 -51.07
CA ALA K 144 -47.03 -27.80 -51.92
C ALA K 144 -46.25 -28.93 -51.27
N ALA K 145 -45.97 -29.98 -52.03
CA ALA K 145 -45.21 -31.10 -51.49
C ALA K 145 -43.74 -30.72 -51.38
N PRO K 146 -43.03 -31.31 -50.41
CA PRO K 146 -41.63 -30.94 -50.20
C PRO K 146 -40.70 -31.54 -51.24
N SER K 147 -39.66 -30.77 -51.59
CA SER K 147 -38.54 -31.26 -52.37
C SER K 147 -37.42 -31.64 -51.40
N VAL K 148 -37.02 -32.91 -51.45
CA VAL K 148 -36.05 -33.46 -50.49
C VAL K 148 -34.73 -33.69 -51.23
N THR K 149 -33.63 -33.27 -50.58
CA THR K 149 -32.29 -33.52 -51.08
C THR K 149 -31.46 -34.10 -49.95
N LEU K 150 -30.94 -35.31 -50.15
CA LEU K 150 -30.19 -36.02 -49.13
C LEU K 150 -28.72 -36.07 -49.54
N PHE K 151 -27.85 -35.48 -48.70
CA PHE K 151 -26.42 -35.43 -48.99
C PHE K 151 -25.68 -36.48 -48.18
N PRO K 152 -24.75 -37.23 -48.76
CA PRO K 152 -23.93 -38.14 -47.97
C PRO K 152 -22.84 -37.38 -47.25
N PRO K 153 -22.09 -38.02 -46.35
CA PRO K 153 -20.94 -37.34 -45.74
C PRO K 153 -19.90 -37.00 -46.79
N SER K 154 -19.40 -35.77 -46.71
CA SER K 154 -18.39 -35.32 -47.65
C SER K 154 -17.04 -35.95 -47.34
N SER K 155 -16.15 -35.94 -48.34
CA SER K 155 -14.81 -36.49 -48.14
C SER K 155 -14.06 -35.71 -47.06
N GLU K 156 -14.18 -34.38 -47.06
CA GLU K 156 -13.50 -33.59 -46.05
C GLU K 156 -13.92 -34.00 -44.65
N GLU K 157 -15.22 -34.23 -44.44
CA GLU K 157 -15.69 -34.63 -43.11
C GLU K 157 -15.20 -36.03 -42.77
N LEU K 158 -15.30 -36.96 -43.73
CA LEU K 158 -14.78 -38.31 -43.49
C LEU K 158 -13.28 -38.28 -43.24
N GLN K 159 -12.57 -37.35 -43.86
CA GLN K 159 -11.15 -37.19 -43.56
C GLN K 159 -10.94 -36.81 -42.10
N ALA K 160 -11.90 -36.11 -41.51
CA ALA K 160 -11.87 -35.82 -40.08
C ALA K 160 -12.48 -36.94 -39.25
N ASN K 161 -12.75 -38.09 -39.85
CA ASN K 161 -13.29 -39.25 -39.14
C ASN K 161 -14.65 -38.94 -38.52
N LYS K 162 -15.46 -38.19 -39.26
CA LYS K 162 -16.82 -37.86 -38.86
C LYS K 162 -17.75 -38.07 -40.04
N ALA K 163 -19.03 -38.26 -39.73
CA ALA K 163 -20.02 -38.52 -40.77
C ALA K 163 -21.38 -38.00 -40.33
N THR K 164 -21.94 -37.09 -41.13
CA THR K 164 -23.27 -36.55 -40.91
C THR K 164 -24.05 -36.62 -42.22
N LEU K 165 -25.23 -37.21 -42.16
CA LEU K 165 -26.16 -37.20 -43.29
C LEU K 165 -27.07 -35.99 -43.17
N VAL K 166 -27.17 -35.22 -44.24
CA VAL K 166 -27.92 -33.97 -44.26
C VAL K 166 -29.12 -34.17 -45.17
N CYS K 167 -30.32 -34.14 -44.58
CA CYS K 167 -31.57 -34.26 -45.32
C CYS K 167 -32.25 -32.89 -45.29
N LEU K 168 -32.26 -32.21 -46.43
CA LEU K 168 -32.81 -30.87 -46.51
C LEU K 168 -34.14 -30.89 -47.24
N ILE K 169 -35.13 -30.24 -46.64
CA ILE K 169 -36.50 -30.22 -47.13
C ILE K 169 -36.88 -28.77 -47.39
N SER K 170 -37.43 -28.51 -48.57
CA SER K 170 -37.72 -27.15 -48.99
C SER K 170 -38.96 -27.13 -49.86
N ASP K 171 -39.56 -25.95 -49.97
CA ASP K 171 -40.67 -25.69 -50.88
C ASP K 171 -41.90 -26.52 -50.56
N PHE K 172 -42.28 -26.56 -49.28
CA PHE K 172 -43.50 -27.21 -48.85
C PHE K 172 -44.37 -26.23 -48.07
N TYR K 173 -45.69 -26.47 -48.12
CA TYR K 173 -46.64 -25.61 -47.44
C TYR K 173 -47.88 -26.47 -47.18
N PRO K 174 -48.46 -26.42 -45.97
CA PRO K 174 -48.13 -25.72 -44.73
C PRO K 174 -46.81 -26.18 -44.10
N GLY K 175 -46.32 -25.41 -43.14
CA GLY K 175 -45.06 -25.72 -42.48
C GLY K 175 -45.15 -26.79 -41.42
N ALA K 176 -45.46 -28.01 -41.82
CA ALA K 176 -45.57 -29.13 -40.90
C ALA K 176 -45.08 -30.38 -41.60
N VAL K 177 -44.03 -31.00 -41.06
CA VAL K 177 -43.44 -32.19 -41.66
C VAL K 177 -43.02 -33.15 -40.54
N THR K 178 -43.00 -34.43 -40.87
CA THR K 178 -42.45 -35.46 -40.00
C THR K 178 -41.32 -36.18 -40.74
N VAL K 179 -40.14 -36.23 -40.11
CA VAL K 179 -38.95 -36.83 -40.72
C VAL K 179 -38.66 -38.14 -40.01
N ALA K 180 -38.46 -39.20 -40.79
CA ALA K 180 -38.09 -40.50 -40.27
C ALA K 180 -36.87 -41.00 -41.01
N TRP K 181 -35.86 -41.45 -40.25
CA TRP K 181 -34.64 -41.99 -40.84
C TRP K 181 -34.68 -43.51 -40.80
N LYS K 182 -34.16 -44.13 -41.85
CA LYS K 182 -34.13 -45.57 -41.98
C LYS K 182 -32.75 -46.03 -42.45
N ALA K 183 -32.18 -47.00 -41.74
CA ALA K 183 -30.97 -47.69 -42.19
C ALA K 183 -31.41 -48.95 -42.93
N ASP K 184 -31.20 -48.97 -44.24
CA ASP K 184 -31.79 -50.00 -45.09
C ASP K 184 -33.31 -49.96 -44.96
N SER K 185 -33.88 -50.85 -44.16
CA SER K 185 -35.31 -50.85 -43.89
C SER K 185 -35.64 -50.65 -42.41
N SER K 186 -34.64 -50.63 -41.54
CA SER K 186 -34.89 -50.49 -40.10
C SER K 186 -34.88 -49.02 -39.71
N PRO K 187 -35.78 -48.58 -38.83
CA PRO K 187 -35.80 -47.18 -38.42
C PRO K 187 -34.61 -46.82 -37.55
N VAL K 188 -34.17 -45.57 -37.67
CA VAL K 188 -33.05 -45.03 -36.90
C VAL K 188 -33.58 -43.92 -36.01
N LYS K 189 -33.32 -44.04 -34.70
CA LYS K 189 -33.78 -43.05 -33.73
C LYS K 189 -32.65 -42.26 -33.09
N ALA K 190 -31.48 -42.87 -32.89
CA ALA K 190 -30.37 -42.19 -32.27
C ALA K 190 -29.60 -41.35 -33.30
N GLY K 191 -29.05 -40.23 -32.83
CA GLY K 191 -28.28 -39.36 -33.68
C GLY K 191 -29.08 -38.48 -34.62
N VAL K 192 -30.40 -38.45 -34.49
CA VAL K 192 -31.26 -37.67 -35.36
C VAL K 192 -31.55 -36.34 -34.68
N GLU K 193 -31.36 -35.24 -35.40
CA GLU K 193 -31.69 -33.91 -34.92
C GLU K 193 -32.33 -33.13 -36.06
N THR K 194 -33.57 -32.69 -35.87
CA THR K 194 -34.34 -32.03 -36.91
C THR K 194 -34.79 -30.66 -36.45
N THR K 195 -34.68 -29.68 -37.34
CA THR K 195 -35.13 -28.33 -37.04
C THR K 195 -36.62 -28.19 -37.31
N THR K 196 -37.23 -27.17 -36.71
CA THR K 196 -38.62 -26.86 -36.99
C THR K 196 -38.73 -26.11 -38.32
N PRO K 197 -39.81 -26.32 -39.08
CA PRO K 197 -39.94 -25.65 -40.38
C PRO K 197 -39.83 -24.13 -40.24
N SER K 198 -39.12 -23.52 -41.18
CA SER K 198 -38.96 -22.07 -41.24
C SER K 198 -39.28 -21.60 -42.65
N LYS K 199 -39.94 -20.44 -42.76
CA LYS K 199 -40.33 -19.94 -44.06
C LYS K 199 -39.14 -19.42 -44.86
N GLN K 200 -39.13 -19.79 -46.14
CA GLN K 200 -38.12 -19.35 -47.08
C GLN K 200 -38.45 -17.93 -47.55
N SER K 201 -37.64 -17.42 -48.48
CA SER K 201 -37.91 -16.11 -49.06
C SER K 201 -39.16 -16.13 -49.93
N ASN K 202 -39.46 -17.26 -50.57
CA ASN K 202 -40.66 -17.38 -51.41
C ASN K 202 -41.91 -17.74 -50.60
N ASN K 203 -41.87 -17.62 -49.27
CA ASN K 203 -43.02 -17.85 -48.40
C ASN K 203 -43.41 -19.32 -48.30
N LYS K 204 -42.64 -20.22 -48.89
CA LYS K 204 -42.77 -21.64 -48.60
C LYS K 204 -41.92 -21.99 -47.38
N TYR K 205 -41.96 -23.23 -46.96
CA TYR K 205 -41.28 -23.66 -45.74
C TYR K 205 -40.10 -24.57 -46.08
N ALA K 206 -39.10 -24.56 -45.20
CA ALA K 206 -37.93 -25.39 -45.33
C ALA K 206 -37.59 -25.98 -43.97
N ALA K 207 -36.97 -27.15 -43.98
CA ALA K 207 -36.52 -27.79 -42.76
C ALA K 207 -35.31 -28.65 -43.08
N SER K 208 -34.55 -28.99 -42.04
CA SER K 208 -33.35 -29.80 -42.20
C SER K 208 -33.29 -30.84 -41.09
N SER K 209 -32.81 -32.03 -41.44
CA SER K 209 -32.64 -33.12 -40.50
C SER K 209 -31.24 -33.68 -40.64
N TYR K 210 -30.58 -33.92 -39.51
CA TYR K 210 -29.21 -34.39 -39.49
C TYR K 210 -29.17 -35.75 -38.78
N LEU K 211 -28.48 -36.70 -39.40
CA LEU K 211 -28.23 -38.01 -38.79
C LEU K 211 -26.72 -38.12 -38.59
N SER K 212 -26.28 -38.03 -37.33
CA SER K 212 -24.86 -38.08 -37.02
C SER K 212 -24.41 -39.53 -36.93
N LEU K 213 -23.40 -39.89 -37.72
CA LEU K 213 -22.88 -41.24 -37.78
C LEU K 213 -21.37 -41.21 -37.64
N THR K 214 -20.81 -42.36 -37.27
CA THR K 214 -19.37 -42.56 -37.35
C THR K 214 -18.99 -43.04 -38.74
N PRO K 215 -17.75 -42.81 -39.17
CA PRO K 215 -17.34 -43.32 -40.49
C PRO K 215 -17.57 -44.81 -40.69
N GLU K 216 -17.48 -45.61 -39.63
CA GLU K 216 -17.63 -47.06 -39.79
C GLU K 216 -19.09 -47.46 -39.99
N GLN K 217 -20.01 -46.91 -39.18
CA GLN K 217 -21.42 -47.22 -39.36
C GLN K 217 -21.94 -46.69 -40.69
N TRP K 218 -21.44 -45.53 -41.14
CA TRP K 218 -21.86 -45.01 -42.43
C TRP K 218 -21.49 -45.96 -43.56
N LYS K 219 -20.47 -46.79 -43.36
CA LYS K 219 -20.05 -47.76 -44.36
C LYS K 219 -20.48 -49.17 -44.02
N SER K 220 -21.18 -49.37 -42.90
CA SER K 220 -21.62 -50.69 -42.48
C SER K 220 -22.99 -51.06 -43.02
N HIS K 221 -23.65 -50.16 -43.75
CA HIS K 221 -24.97 -50.41 -44.30
C HIS K 221 -24.92 -50.11 -45.78
N ARG K 222 -25.79 -50.78 -46.54
CA ARG K 222 -25.79 -50.59 -47.99
C ARG K 222 -26.38 -49.25 -48.40
N SER K 223 -27.30 -48.70 -47.59
CA SER K 223 -27.96 -47.45 -47.96
C SER K 223 -28.61 -46.85 -46.72
N TYR K 224 -28.84 -45.54 -46.79
CA TYR K 224 -29.59 -44.80 -45.79
C TYR K 224 -30.69 -44.01 -46.49
N SER K 225 -31.83 -43.87 -45.81
CA SER K 225 -33.01 -43.23 -46.39
C SER K 225 -33.56 -42.16 -45.45
N CYS K 226 -33.97 -41.04 -46.03
CA CYS K 226 -34.65 -39.97 -45.32
C CYS K 226 -36.10 -39.92 -45.79
N GLN K 227 -37.03 -40.20 -44.87
CA GLN K 227 -38.45 -40.21 -45.18
C GLN K 227 -39.12 -38.93 -44.66
N VAL K 228 -39.70 -38.17 -45.56
CA VAL K 228 -40.35 -36.90 -45.25
C VAL K 228 -41.84 -37.06 -45.52
N THR K 229 -42.65 -36.98 -44.46
CA THR K 229 -44.10 -37.07 -44.56
C THR K 229 -44.69 -35.67 -44.48
N HIS K 230 -45.50 -35.31 -45.48
CA HIS K 230 -46.14 -34.00 -45.53
C HIS K 230 -47.58 -34.18 -45.96
N GLU K 231 -48.51 -33.83 -45.07
CA GLU K 231 -49.94 -33.93 -45.35
C GLU K 231 -50.31 -35.33 -45.83
N GLY K 232 -49.81 -36.34 -45.10
CA GLY K 232 -50.12 -37.73 -45.38
C GLY K 232 -49.30 -38.36 -46.48
N SER K 233 -48.62 -37.57 -47.30
CA SER K 233 -47.80 -38.10 -48.38
C SER K 233 -46.33 -38.08 -47.98
N THR K 234 -45.63 -39.17 -48.31
CA THR K 234 -44.23 -39.33 -47.94
C THR K 234 -43.34 -39.18 -49.17
N VAL K 235 -42.24 -38.44 -49.00
CA VAL K 235 -41.21 -38.28 -50.02
C VAL K 235 -39.92 -38.87 -49.47
N GLU K 236 -39.36 -39.86 -50.16
CA GLU K 236 -38.20 -40.59 -49.69
C GLU K 236 -37.00 -40.32 -50.60
N LYS K 237 -35.83 -40.15 -49.97
CA LYS K 237 -34.56 -40.01 -50.65
C LYS K 237 -33.55 -40.97 -50.03
N THR K 238 -32.81 -41.68 -50.88
CA THR K 238 -31.88 -42.70 -50.45
C THR K 238 -30.48 -42.36 -50.94
N VAL K 239 -29.48 -42.67 -50.14
CA VAL K 239 -28.08 -42.44 -50.48
C VAL K 239 -27.28 -43.68 -50.09
N ALA K 240 -26.24 -43.98 -50.87
CA ALA K 240 -25.43 -45.16 -50.64
C ALA K 240 -23.96 -44.78 -50.56
N PRO K 241 -23.17 -45.53 -49.78
CA PRO K 241 -21.72 -45.23 -49.72
C PRO K 241 -20.97 -45.56 -50.99
N THR K 242 -21.50 -46.45 -51.84
CA THR K 242 -20.79 -46.85 -53.04
C THR K 242 -20.77 -45.75 -54.10
N GLU K 243 -21.91 -45.09 -54.30
CA GLU K 243 -22.01 -44.04 -55.31
C GLU K 243 -20.98 -42.94 -55.06
N GLN L 29 -43.74 7.50 -26.17
CA GLN L 29 -42.41 7.98 -25.73
C GLN L 29 -41.84 7.05 -24.65
N VAL L 30 -42.71 6.27 -24.02
CA VAL L 30 -42.26 5.24 -23.10
C VAL L 30 -41.19 4.40 -23.76
N GLN L 31 -40.13 4.11 -23.01
CA GLN L 31 -38.99 3.38 -23.56
C GLN L 31 -38.39 2.51 -22.47
N LEU L 32 -38.22 1.22 -22.77
CA LEU L 32 -37.61 0.26 -21.87
C LEU L 32 -36.51 -0.46 -22.62
N VAL L 33 -35.31 -0.48 -22.05
CA VAL L 33 -34.13 -1.05 -22.71
C VAL L 33 -33.47 -2.02 -21.75
N GLU L 34 -33.52 -3.31 -22.07
CA GLU L 34 -32.82 -4.30 -21.28
C GLU L 34 -31.36 -4.38 -21.70
N SER L 35 -30.50 -4.75 -20.75
CA SER L 35 -29.08 -4.94 -21.02
C SER L 35 -28.52 -5.88 -19.96
N GLY L 36 -27.27 -6.30 -20.17
CA GLY L 36 -26.60 -7.19 -19.26
C GLY L 36 -26.63 -8.64 -19.67
N GLY L 37 -27.32 -8.99 -20.75
CA GLY L 37 -27.35 -10.37 -21.18
C GLY L 37 -26.06 -10.77 -21.86
N GLY L 38 -25.95 -12.07 -22.12
CA GLY L 38 -24.76 -12.61 -22.75
C GLY L 38 -24.62 -14.09 -22.43
N VAL L 39 -23.40 -14.59 -22.61
CA VAL L 39 -23.07 -15.99 -22.39
C VAL L 39 -22.48 -16.11 -20.98
N VAL L 40 -22.97 -17.09 -20.22
CA VAL L 40 -22.55 -17.31 -18.85
C VAL L 40 -22.55 -18.82 -18.60
N GLN L 41 -21.58 -19.28 -17.82
CA GLN L 41 -21.46 -20.69 -17.49
C GLN L 41 -22.45 -21.08 -16.38
N PRO L 42 -22.90 -22.33 -16.38
CA PRO L 42 -23.82 -22.77 -15.32
C PRO L 42 -23.21 -22.56 -13.94
N GLY L 43 -24.08 -22.26 -12.98
CA GLY L 43 -23.63 -22.02 -11.62
C GLY L 43 -23.16 -20.62 -11.36
N ARG L 44 -22.94 -19.80 -12.39
CA ARG L 44 -22.45 -18.45 -12.22
C ARG L 44 -23.61 -17.47 -12.21
N SER L 45 -23.28 -16.21 -11.93
CA SER L 45 -24.28 -15.17 -11.74
C SER L 45 -24.28 -14.20 -12.91
N LEU L 46 -25.43 -13.55 -13.11
CA LEU L 46 -25.58 -12.53 -14.14
C LEU L 46 -26.61 -11.52 -13.64
N ARG L 47 -26.36 -10.25 -13.93
CA ARG L 47 -27.20 -9.15 -13.47
C ARG L 47 -27.74 -8.40 -14.68
N LEU L 48 -29.06 -8.41 -14.83
CA LEU L 48 -29.74 -7.71 -15.90
C LEU L 48 -30.19 -6.33 -15.43
N SER L 49 -30.27 -5.40 -16.37
CA SER L 49 -30.71 -4.04 -16.11
C SER L 49 -31.76 -3.64 -17.13
N CYS L 50 -32.64 -2.71 -16.73
CA CYS L 50 -33.69 -2.19 -17.61
C CYS L 50 -33.79 -0.70 -17.36
N ALA L 51 -33.28 0.09 -18.31
CA ALA L 51 -33.34 1.55 -18.21
C ALA L 51 -34.70 2.03 -18.72
N ALA L 52 -35.43 2.77 -17.90
CA ALA L 52 -36.76 3.25 -18.24
C ALA L 52 -36.74 4.74 -18.47
N SER L 53 -37.63 5.20 -19.35
CA SER L 53 -37.75 6.62 -19.66
C SER L 53 -39.09 6.85 -20.34
N GLY L 54 -39.50 8.11 -20.36
CA GLY L 54 -40.76 8.48 -20.98
C GLY L 54 -41.97 8.37 -20.08
N PHE L 55 -41.79 7.97 -18.82
CA PHE L 55 -42.90 7.84 -17.89
C PHE L 55 -42.34 7.88 -16.48
N THR L 56 -43.23 8.05 -15.51
CA THR L 56 -42.86 8.11 -14.10
C THR L 56 -42.57 6.70 -13.62
N PHE L 57 -41.31 6.29 -13.74
CA PHE L 57 -40.92 4.93 -13.39
C PHE L 57 -41.30 4.60 -11.95
N SER L 58 -41.08 5.53 -11.03
CA SER L 58 -41.31 5.26 -9.61
C SER L 58 -42.77 5.01 -9.27
N SER L 59 -43.70 5.28 -10.19
CA SER L 59 -45.12 5.11 -9.94
C SER L 59 -45.66 3.77 -10.42
N TYR L 60 -44.85 2.96 -11.11
CA TYR L 60 -45.30 1.72 -11.71
C TYR L 60 -44.54 0.54 -11.14
N GLY L 61 -45.28 -0.53 -10.85
CA GLY L 61 -44.65 -1.81 -10.63
C GLY L 61 -44.06 -2.35 -11.91
N MET L 62 -43.06 -3.22 -11.76
CA MET L 62 -42.29 -3.71 -12.90
C MET L 62 -42.17 -5.22 -12.83
N HIS L 63 -42.18 -5.85 -14.01
CA HIS L 63 -42.06 -7.28 -14.14
C HIS L 63 -40.81 -7.65 -14.92
N TRP L 64 -40.31 -8.84 -14.67
CA TRP L 64 -39.40 -9.53 -15.57
C TRP L 64 -40.15 -10.71 -16.17
N VAL L 65 -40.12 -10.81 -17.49
CA VAL L 65 -40.73 -11.92 -18.21
C VAL L 65 -39.68 -12.44 -19.20
N ARG L 66 -39.54 -13.76 -19.27
CA ARG L 66 -38.53 -14.37 -20.13
C ARG L 66 -39.19 -15.33 -21.11
N GLN L 67 -38.45 -15.67 -22.15
CA GLN L 67 -38.94 -16.53 -23.22
C GLN L 67 -37.77 -17.34 -23.75
N ALA L 68 -37.75 -18.64 -23.48
CA ALA L 68 -36.72 -19.49 -24.03
C ALA L 68 -36.89 -19.60 -25.55
N PRO L 69 -35.80 -19.82 -26.29
CA PRO L 69 -35.90 -19.88 -27.75
C PRO L 69 -36.96 -20.86 -28.23
N GLY L 70 -37.93 -20.36 -29.00
CA GLY L 70 -38.99 -21.18 -29.55
C GLY L 70 -40.09 -21.57 -28.59
N LYS L 71 -40.06 -21.09 -27.35
CA LYS L 71 -41.05 -21.44 -26.34
C LYS L 71 -41.88 -20.21 -25.97
N GLY L 72 -42.80 -20.42 -25.03
CA GLY L 72 -43.73 -19.38 -24.62
C GLY L 72 -43.18 -18.43 -23.59
N LEU L 73 -44.01 -17.47 -23.21
CA LEU L 73 -43.65 -16.47 -22.22
C LEU L 73 -43.78 -17.07 -20.82
N GLU L 74 -42.82 -16.71 -19.96
CA GLU L 74 -42.80 -17.18 -18.59
C GLU L 74 -42.54 -16.00 -17.67
N TRP L 75 -43.52 -15.70 -16.81
CA TRP L 75 -43.32 -14.65 -15.81
C TRP L 75 -42.19 -15.06 -14.86
N VAL L 76 -41.34 -14.09 -14.52
CA VAL L 76 -40.15 -14.33 -13.71
C VAL L 76 -40.29 -13.71 -12.32
N ALA L 77 -40.50 -12.39 -12.27
CA ALA L 77 -40.52 -11.70 -10.98
C ALA L 77 -41.27 -10.38 -11.13
N PHE L 78 -41.68 -9.84 -9.98
CA PHE L 78 -42.38 -8.58 -9.90
C PHE L 78 -41.92 -7.83 -8.67
N ILE L 79 -41.87 -6.50 -8.78
CA ILE L 79 -41.50 -5.64 -7.67
C ILE L 79 -42.46 -4.45 -7.65
N ARG L 80 -42.92 -4.09 -6.45
CA ARG L 80 -43.84 -2.97 -6.32
C ARG L 80 -43.19 -1.67 -6.77
N TYR L 81 -44.04 -0.67 -7.00
CA TYR L 81 -43.57 0.63 -7.47
C TYR L 81 -42.49 1.19 -6.56
N ASP L 82 -42.63 0.99 -5.26
CA ASP L 82 -41.69 1.53 -4.28
C ASP L 82 -40.69 0.50 -3.78
N GLY L 83 -40.71 -0.71 -4.32
CA GLY L 83 -39.79 -1.75 -3.88
C GLY L 83 -40.15 -2.39 -2.56
N SER L 84 -41.36 -2.18 -2.06
CA SER L 84 -41.73 -2.68 -0.74
C SER L 84 -42.01 -4.18 -0.73
N ASN L 85 -42.44 -4.75 -1.86
CA ASN L 85 -42.76 -6.17 -1.94
C ASN L 85 -42.22 -6.73 -3.25
N LYS L 86 -41.79 -7.98 -3.20
CA LYS L 86 -41.22 -8.66 -4.36
C LYS L 86 -41.85 -10.03 -4.51
N TYR L 87 -42.07 -10.44 -5.75
CA TYR L 87 -42.70 -11.71 -6.08
C TYR L 87 -41.86 -12.44 -7.12
N TYR L 88 -41.80 -13.76 -6.99
CA TYR L 88 -40.97 -14.58 -7.85
C TYR L 88 -41.73 -15.81 -8.30
N ALA L 89 -41.40 -16.28 -9.50
CA ALA L 89 -41.90 -17.57 -9.94
C ALA L 89 -41.14 -18.69 -9.23
N ASP L 90 -41.83 -19.82 -9.02
CA ASP L 90 -41.24 -20.93 -8.29
C ASP L 90 -39.96 -21.42 -8.95
N SER L 91 -39.86 -21.33 -10.28
CA SER L 91 -38.69 -21.84 -10.98
C SER L 91 -37.43 -21.04 -10.70
N VAL L 92 -37.56 -19.80 -10.22
CA VAL L 92 -36.41 -18.96 -9.94
C VAL L 92 -36.34 -18.50 -8.49
N LYS L 93 -37.36 -18.79 -7.68
CA LYS L 93 -37.37 -18.31 -6.31
C LYS L 93 -36.15 -18.79 -5.55
N GLY L 94 -35.53 -17.88 -4.79
CA GLY L 94 -34.34 -18.18 -4.04
C GLY L 94 -33.05 -18.01 -4.80
N ARG L 95 -33.09 -17.98 -6.13
CA ARG L 95 -31.90 -17.78 -6.96
C ARG L 95 -31.84 -16.40 -7.59
N PHE L 96 -32.98 -15.84 -7.97
CA PHE L 96 -33.03 -14.51 -8.56
C PHE L 96 -33.47 -13.50 -7.50
N THR L 97 -33.02 -12.25 -7.68
CA THR L 97 -33.40 -11.15 -6.81
C THR L 97 -33.75 -9.96 -7.68
N ILE L 98 -34.96 -9.45 -7.54
CA ILE L 98 -35.41 -8.27 -8.28
C ILE L 98 -35.21 -7.05 -7.40
N SER L 99 -34.80 -5.95 -8.02
CA SER L 99 -34.61 -4.68 -7.32
C SER L 99 -34.78 -3.55 -8.31
N ARG L 100 -34.82 -2.32 -7.78
CA ARG L 100 -35.00 -1.14 -8.60
C ARG L 100 -34.34 0.04 -7.91
N ASP L 101 -33.84 0.97 -8.72
CA ASP L 101 -33.28 2.23 -8.25
C ASP L 101 -34.08 3.36 -8.90
N ASN L 102 -35.05 3.89 -8.15
CA ASN L 102 -35.95 4.89 -8.72
C ASN L 102 -35.24 6.21 -9.00
N SER L 103 -34.13 6.49 -8.31
CA SER L 103 -33.40 7.72 -8.58
C SER L 103 -32.79 7.72 -9.98
N LYS L 104 -32.43 6.54 -10.50
CA LYS L 104 -31.90 6.40 -11.85
C LYS L 104 -32.92 5.84 -12.84
N ASN L 105 -34.11 5.45 -12.37
CA ASN L 105 -35.15 4.88 -13.22
C ASN L 105 -34.67 3.60 -13.90
N THR L 106 -34.13 2.68 -13.09
CA THR L 106 -33.60 1.42 -13.60
C THR L 106 -34.11 0.25 -12.78
N LEU L 107 -34.43 -0.85 -13.46
CA LEU L 107 -34.84 -2.10 -12.84
C LEU L 107 -33.72 -3.13 -12.98
N TYR L 108 -33.55 -3.96 -11.97
CA TYR L 108 -32.46 -4.93 -11.95
C TYR L 108 -32.99 -6.33 -11.71
N LEU L 109 -32.25 -7.32 -12.22
CA LEU L 109 -32.51 -8.73 -11.92
C LEU L 109 -31.18 -9.42 -11.69
N GLN L 110 -30.85 -9.69 -10.43
CA GLN L 110 -29.67 -10.46 -10.08
C GLN L 110 -30.00 -11.94 -10.17
N MET L 111 -29.32 -12.65 -11.07
CA MET L 111 -29.56 -14.08 -11.31
C MET L 111 -28.36 -14.87 -10.84
N ASN L 112 -28.58 -15.76 -9.88
CA ASN L 112 -27.52 -16.60 -9.34
C ASN L 112 -27.77 -18.07 -9.66
N SER L 113 -26.69 -18.85 -9.63
CA SER L 113 -26.74 -20.29 -9.92
C SER L 113 -27.52 -20.56 -11.20
N LEU L 114 -27.12 -19.89 -12.27
CA LEU L 114 -27.83 -20.02 -13.53
C LEU L 114 -27.73 -21.45 -14.05
N ARG L 115 -28.79 -21.90 -14.70
CA ARG L 115 -28.89 -23.25 -15.25
C ARG L 115 -29.23 -23.16 -16.72
N ALA L 116 -29.13 -24.30 -17.42
CA ALA L 116 -29.45 -24.33 -18.84
C ALA L 116 -30.89 -23.91 -19.09
N GLU L 117 -31.80 -24.24 -18.18
CA GLU L 117 -33.20 -23.87 -18.34
C GLU L 117 -33.44 -22.38 -18.19
N ASP L 118 -32.44 -21.62 -17.76
CA ASP L 118 -32.55 -20.17 -17.67
C ASP L 118 -32.20 -19.47 -18.98
N THR L 119 -31.70 -20.20 -19.97
CA THR L 119 -31.43 -19.61 -21.27
C THR L 119 -32.73 -19.07 -21.86
N ALA L 120 -32.75 -17.77 -22.15
CA ALA L 120 -33.96 -17.13 -22.64
C ALA L 120 -33.69 -15.67 -22.92
N VAL L 121 -34.59 -15.06 -23.68
CA VAL L 121 -34.67 -13.61 -23.79
C VAL L 121 -35.43 -13.09 -22.57
N TYR L 122 -34.88 -12.09 -21.91
CA TYR L 122 -35.47 -11.53 -20.69
C TYR L 122 -36.05 -10.16 -21.00
N TYR L 123 -37.37 -10.03 -20.81
CA TYR L 123 -38.08 -8.78 -21.06
C TYR L 123 -38.39 -8.09 -19.74
N CYS L 124 -38.27 -6.77 -19.73
N CYS L 124 -38.38 -6.77 -19.79
CA CYS L 124 -38.76 -5.97 -18.61
CA CYS L 124 -38.73 -5.89 -18.68
C CYS L 124 -40.06 -5.31 -19.03
C CYS L 124 -40.05 -5.22 -19.01
N LYS L 125 -41.06 -5.39 -18.14
CA LYS L 125 -42.42 -5.01 -18.45
C LYS L 125 -43.03 -4.20 -17.32
N THR L 126 -43.78 -3.16 -17.68
CA THR L 126 -44.50 -2.36 -16.70
C THR L 126 -45.74 -3.11 -16.21
N HIS L 127 -46.19 -2.73 -15.02
CA HIS L 127 -47.36 -3.34 -14.39
C HIS L 127 -48.55 -2.40 -14.56
N GLY L 128 -49.58 -2.88 -15.24
CA GLY L 128 -50.77 -2.08 -15.46
C GLY L 128 -51.59 -2.66 -16.59
N SER L 129 -52.75 -2.03 -16.80
CA SER L 129 -53.62 -2.44 -17.89
C SER L 129 -52.98 -2.17 -19.25
N HIS L 130 -52.50 -0.95 -19.45
CA HIS L 130 -51.75 -0.58 -20.66
C HIS L 130 -50.27 -0.67 -20.34
N ASP L 131 -49.69 -1.84 -20.59
CA ASP L 131 -48.29 -2.10 -20.26
C ASP L 131 -47.39 -1.88 -21.46
N ASN L 132 -46.09 -1.82 -21.19
CA ASN L 132 -45.07 -1.68 -22.22
C ASN L 132 -43.94 -2.66 -21.96
N TRP L 133 -43.34 -3.14 -23.03
CA TRP L 133 -42.24 -4.09 -22.97
C TRP L 133 -40.99 -3.46 -23.56
N GLY L 134 -39.84 -3.97 -23.11
CA GLY L 134 -38.58 -3.67 -23.75
C GLY L 134 -38.31 -4.63 -24.90
N GLN L 135 -37.20 -4.37 -25.59
CA GLN L 135 -36.81 -5.24 -26.70
C GLN L 135 -36.28 -6.58 -26.22
N GLY L 136 -35.86 -6.68 -24.96
CA GLY L 136 -35.35 -7.91 -24.41
C GLY L 136 -33.83 -8.02 -24.53
N THR L 137 -33.27 -8.86 -23.67
CA THR L 137 -31.83 -9.16 -23.69
C THR L 137 -31.65 -10.67 -23.59
N MET L 138 -30.76 -11.21 -24.43
CA MET L 138 -30.58 -12.65 -24.52
C MET L 138 -29.59 -13.14 -23.48
N VAL L 139 -29.94 -14.22 -22.79
CA VAL L 139 -29.09 -14.86 -21.79
C VAL L 139 -28.88 -16.31 -22.22
N THR L 140 -27.62 -16.71 -22.35
CA THR L 140 -27.26 -18.06 -22.77
C THR L 140 -26.46 -18.72 -21.65
N VAL L 141 -27.03 -19.77 -21.05
CA VAL L 141 -26.39 -20.51 -19.98
C VAL L 141 -25.94 -21.85 -20.56
N SER L 142 -24.62 -22.01 -20.70
CA SER L 142 -24.07 -23.20 -21.34
C SER L 142 -22.65 -23.41 -20.85
N SER L 143 -22.26 -24.67 -20.67
CA SER L 143 -20.89 -25.02 -20.29
C SER L 143 -20.04 -25.36 -21.51
N ALA L 144 -20.24 -24.58 -22.57
CA ALA L 144 -19.54 -24.72 -23.83
C ALA L 144 -18.53 -23.58 -23.94
N SER L 145 -17.41 -23.84 -24.61
CA SER L 145 -16.40 -22.80 -24.79
C SER L 145 -16.40 -22.34 -26.24
N THR L 146 -15.93 -21.11 -26.45
CA THR L 146 -15.91 -20.51 -27.77
C THR L 146 -15.17 -21.40 -28.76
N LYS L 147 -15.83 -21.73 -29.87
CA LYS L 147 -15.27 -22.62 -30.87
C LYS L 147 -15.75 -22.20 -32.25
N GLY L 148 -14.82 -22.13 -33.20
CA GLY L 148 -15.16 -21.82 -34.57
C GLY L 148 -15.72 -23.04 -35.26
N PRO L 149 -16.52 -22.83 -36.31
CA PRO L 149 -17.15 -23.96 -37.00
C PRO L 149 -16.20 -24.65 -37.97
N SER L 150 -16.47 -25.93 -38.19
CA SER L 150 -15.84 -26.70 -39.26
C SER L 150 -16.79 -26.76 -40.43
N VAL L 151 -16.39 -26.20 -41.57
CA VAL L 151 -17.24 -26.09 -42.74
C VAL L 151 -16.91 -27.23 -43.69
N PHE L 152 -17.95 -27.94 -44.15
CA PHE L 152 -17.80 -29.03 -45.09
C PHE L 152 -18.75 -28.82 -46.26
N PRO L 153 -18.34 -29.14 -47.48
CA PRO L 153 -19.21 -28.89 -48.64
C PRO L 153 -20.26 -29.98 -48.81
N LEU L 154 -21.45 -29.55 -49.22
CA LEU L 154 -22.55 -30.44 -49.57
C LEU L 154 -22.65 -30.43 -51.10
N ALA L 155 -21.87 -31.28 -51.74
CA ALA L 155 -21.75 -31.23 -53.19
C ALA L 155 -23.09 -31.59 -53.85
N PRO L 156 -23.40 -30.98 -54.99
CA PRO L 156 -24.62 -31.35 -55.71
C PRO L 156 -24.46 -32.67 -56.46
N SER L 157 -25.56 -33.41 -56.53
CA SER L 157 -25.59 -34.69 -57.21
C SER L 157 -26.26 -34.57 -58.58
N GLY L 164 -33.85 -28.39 -65.01
CA GLY L 164 -32.48 -28.37 -64.56
C GLY L 164 -32.28 -27.52 -63.32
N THR L 165 -32.39 -28.15 -62.16
CA THR L 165 -32.30 -27.45 -60.87
C THR L 165 -31.64 -28.39 -59.87
N ALA L 166 -30.45 -28.02 -59.43
CA ALA L 166 -29.67 -28.84 -58.50
C ALA L 166 -29.35 -28.01 -57.27
N ALA L 167 -29.22 -28.70 -56.14
CA ALA L 167 -29.15 -28.06 -54.83
C ALA L 167 -27.85 -28.42 -54.15
N LEU L 168 -27.14 -27.40 -53.68
CA LEU L 168 -25.84 -27.58 -53.06
C LEU L 168 -25.76 -26.64 -51.86
N GLY L 169 -24.86 -26.97 -50.94
CA GLY L 169 -24.69 -26.18 -49.75
C GLY L 169 -23.39 -26.52 -49.05
N CYS L 170 -23.23 -25.96 -47.86
CA CYS L 170 -22.06 -26.24 -47.04
C CYS L 170 -22.51 -26.39 -45.58
N LEU L 171 -21.93 -27.38 -44.91
CA LEU L 171 -22.32 -27.74 -43.55
C LEU L 171 -21.43 -26.99 -42.55
N VAL L 172 -22.06 -26.13 -41.76
CA VAL L 172 -21.36 -25.36 -40.72
C VAL L 172 -21.54 -26.14 -39.42
N LYS L 173 -20.49 -26.84 -39.01
CA LYS L 173 -20.57 -27.85 -37.96
C LYS L 173 -19.82 -27.41 -36.71
N ASP L 174 -20.44 -27.62 -35.55
CA ASP L 174 -19.78 -27.50 -34.26
C ASP L 174 -19.16 -26.13 -34.01
N TYR L 175 -19.98 -25.15 -33.63
CA TYR L 175 -19.48 -23.85 -33.21
C TYR L 175 -20.21 -23.40 -31.95
N PHE L 176 -19.62 -22.41 -31.28
CA PHE L 176 -20.22 -21.86 -30.08
C PHE L 176 -19.59 -20.51 -29.78
N PRO L 177 -20.36 -19.47 -29.40
CA PRO L 177 -21.83 -19.43 -29.35
C PRO L 177 -22.43 -18.94 -30.65
N GLU L 178 -23.75 -18.81 -30.70
CA GLU L 178 -24.39 -18.18 -31.83
C GLU L 178 -24.05 -16.69 -31.86
N PRO L 179 -24.21 -16.03 -33.02
CA PRO L 179 -24.69 -16.56 -34.30
C PRO L 179 -23.58 -16.83 -35.31
N VAL L 180 -23.97 -17.41 -36.43
CA VAL L 180 -23.10 -17.59 -37.59
C VAL L 180 -23.78 -16.94 -38.79
N THR L 181 -23.01 -16.20 -39.57
CA THR L 181 -23.48 -15.57 -40.79
C THR L 181 -22.92 -16.33 -41.99
N VAL L 182 -23.78 -16.69 -42.93
CA VAL L 182 -23.39 -17.43 -44.12
C VAL L 182 -23.88 -16.67 -45.34
N SER L 183 -22.97 -16.34 -46.24
CA SER L 183 -23.30 -15.75 -47.53
C SER L 183 -22.68 -16.60 -48.63
N TRP L 184 -23.11 -16.38 -49.86
CA TRP L 184 -22.64 -17.13 -51.01
C TRP L 184 -22.05 -16.18 -52.04
N ASN L 185 -20.83 -16.47 -52.48
CA ASN L 185 -20.14 -15.63 -53.47
C ASN L 185 -20.03 -14.19 -52.98
N SER L 186 -19.70 -14.03 -51.70
CA SER L 186 -19.53 -12.71 -51.10
C SER L 186 -20.79 -11.86 -51.23
N GLY L 187 -21.96 -12.51 -51.19
CA GLY L 187 -23.22 -11.82 -51.28
C GLY L 187 -23.78 -11.70 -52.68
N ALA L 188 -22.98 -11.97 -53.71
CA ALA L 188 -23.46 -11.87 -55.09
C ALA L 188 -24.52 -12.92 -55.42
N LEU L 189 -24.70 -13.93 -54.57
CA LEU L 189 -25.66 -15.00 -54.81
C LEU L 189 -26.63 -15.03 -53.64
N THR L 190 -27.85 -14.55 -53.88
CA THR L 190 -28.90 -14.51 -52.86
C THR L 190 -30.16 -15.27 -53.24
N SER L 191 -30.49 -15.35 -54.53
CA SER L 191 -31.68 -16.09 -54.94
C SER L 191 -31.48 -17.58 -54.70
N GLY L 192 -32.48 -18.22 -54.10
CA GLY L 192 -32.40 -19.62 -53.76
C GLY L 192 -31.66 -19.93 -52.49
N VAL L 193 -31.05 -18.93 -51.86
CA VAL L 193 -30.29 -19.16 -50.63
C VAL L 193 -31.26 -19.38 -49.47
N HIS L 194 -30.92 -20.32 -48.60
CA HIS L 194 -31.68 -20.53 -47.37
C HIS L 194 -30.74 -21.05 -46.29
N THR L 195 -30.45 -20.21 -45.31
CA THR L 195 -29.66 -20.59 -44.15
C THR L 195 -30.61 -21.09 -43.07
N PHE L 196 -30.48 -22.36 -42.70
CA PHE L 196 -31.39 -22.97 -41.76
C PHE L 196 -31.06 -22.55 -40.33
N PRO L 197 -32.04 -22.54 -39.43
CA PRO L 197 -31.74 -22.28 -38.02
C PRO L 197 -30.77 -23.33 -37.49
N ALA L 198 -29.92 -22.91 -36.56
CA ALA L 198 -28.94 -23.82 -36.00
C ALA L 198 -29.61 -24.81 -35.06
N VAL L 199 -29.06 -26.01 -35.00
CA VAL L 199 -29.48 -27.04 -34.06
C VAL L 199 -28.48 -27.05 -32.90
N LEU L 200 -28.98 -27.08 -31.67
CA LEU L 200 -28.13 -27.09 -30.49
C LEU L 200 -27.87 -28.54 -30.10
N GLN L 201 -26.62 -28.97 -30.29
CA GLN L 201 -26.25 -30.36 -30.12
C GLN L 201 -26.14 -30.73 -28.64
N SER L 202 -26.19 -32.04 -28.39
CA SER L 202 -26.07 -32.54 -27.02
C SER L 202 -24.75 -32.10 -26.41
N SER L 203 -23.70 -31.97 -27.23
CA SER L 203 -22.40 -31.50 -26.78
C SER L 203 -22.41 -30.02 -26.39
N GLY L 204 -23.50 -29.31 -26.68
CA GLY L 204 -23.58 -27.89 -26.41
C GLY L 204 -23.09 -27.00 -27.54
N LEU L 205 -22.68 -27.58 -28.66
CA LEU L 205 -22.21 -26.83 -29.82
C LEU L 205 -23.34 -26.70 -30.83
N TYR L 206 -23.21 -25.71 -31.71
CA TYR L 206 -24.19 -25.43 -32.73
C TYR L 206 -23.71 -25.91 -34.10
N SER L 207 -24.67 -26.21 -34.96
CA SER L 207 -24.38 -26.58 -36.34
C SER L 207 -25.57 -26.22 -37.21
N LEU L 208 -25.32 -25.59 -38.35
CA LEU L 208 -26.37 -25.24 -39.30
C LEU L 208 -25.91 -25.57 -40.71
N SER L 209 -26.84 -25.45 -41.65
CA SER L 209 -26.57 -25.68 -43.06
C SER L 209 -27.18 -24.56 -43.89
N SER L 210 -26.45 -24.15 -44.93
CA SER L 210 -26.93 -23.16 -45.88
C SER L 210 -26.87 -23.76 -47.27
N VAL L 211 -27.99 -23.68 -47.99
CA VAL L 211 -28.09 -24.27 -49.32
C VAL L 211 -28.56 -23.24 -50.33
N VAL L 212 -28.20 -23.50 -51.57
CA VAL L 212 -28.60 -22.70 -52.72
C VAL L 212 -29.10 -23.63 -53.81
N THR L 213 -30.26 -23.30 -54.37
CA THR L 213 -30.83 -24.06 -55.48
C THR L 213 -30.46 -23.33 -56.78
N VAL L 214 -29.63 -23.98 -57.58
CA VAL L 214 -29.04 -23.34 -58.76
C VAL L 214 -29.37 -24.21 -59.97
N PRO L 215 -29.31 -23.63 -61.17
CA PRO L 215 -29.52 -24.44 -62.38
C PRO L 215 -28.36 -25.41 -62.60
N SER L 216 -28.73 -26.62 -63.02
CA SER L 216 -27.74 -27.68 -63.21
C SER L 216 -26.75 -27.35 -64.33
N SER L 217 -27.13 -26.48 -65.27
CA SER L 217 -26.26 -26.17 -66.40
C SER L 217 -25.04 -25.36 -65.98
N SER L 218 -25.12 -24.63 -64.87
CA SER L 218 -24.04 -23.75 -64.44
C SER L 218 -23.06 -24.42 -63.49
N LEU L 219 -23.26 -25.70 -63.15
CA LEU L 219 -22.37 -26.37 -62.21
C LEU L 219 -20.95 -26.48 -62.76
N GLY L 220 -20.80 -26.67 -64.07
CA GLY L 220 -19.48 -26.84 -64.65
C GLY L 220 -18.75 -25.54 -64.92
N THR L 221 -19.47 -24.43 -65.01
CA THR L 221 -18.84 -23.15 -65.35
C THR L 221 -18.77 -22.19 -64.18
N GLN L 222 -19.84 -22.04 -63.41
CA GLN L 222 -19.84 -21.11 -62.29
C GLN L 222 -19.26 -21.76 -61.03
N THR L 223 -18.67 -20.92 -60.18
CA THR L 223 -18.02 -21.36 -58.95
C THR L 223 -18.84 -20.90 -57.75
N TYR L 224 -19.04 -21.80 -56.79
CA TYR L 224 -19.87 -21.55 -55.62
C TYR L 224 -19.04 -21.64 -54.35
N ILE L 225 -18.88 -20.51 -53.66
CA ILE L 225 -18.22 -20.42 -52.37
C ILE L 225 -19.22 -19.89 -51.35
N CYS L 226 -19.35 -20.60 -50.22
CA CYS L 226 -20.15 -20.15 -49.10
C CYS L 226 -19.23 -19.48 -48.09
N ASN L 227 -19.52 -18.21 -47.79
CA ASN L 227 -18.69 -17.43 -46.88
C ASN L 227 -19.29 -17.51 -45.48
N VAL L 228 -18.63 -18.23 -44.58
CA VAL L 228 -19.08 -18.41 -43.21
C VAL L 228 -18.23 -17.54 -42.31
N ASN L 229 -18.88 -16.83 -41.39
CA ASN L 229 -18.20 -15.95 -40.44
C ASN L 229 -18.76 -16.19 -39.05
N HIS L 230 -17.87 -16.45 -38.10
CA HIS L 230 -18.24 -16.63 -36.70
C HIS L 230 -17.43 -15.60 -35.90
N LYS L 231 -18.05 -14.44 -35.68
CA LYS L 231 -17.35 -13.35 -35.02
C LYS L 231 -16.89 -13.70 -33.60
N PRO L 232 -17.67 -14.41 -32.78
CA PRO L 232 -17.19 -14.71 -31.41
C PRO L 232 -15.83 -15.37 -31.40
N SER L 233 -15.49 -16.17 -32.40
CA SER L 233 -14.17 -16.77 -32.52
C SER L 233 -13.33 -16.10 -33.60
N ASN L 234 -13.86 -15.08 -34.26
CA ASN L 234 -13.15 -14.37 -35.33
C ASN L 234 -12.72 -15.35 -36.42
N THR L 235 -13.60 -16.29 -36.75
CA THR L 235 -13.32 -17.31 -37.76
C THR L 235 -14.02 -16.92 -39.05
N LYS L 236 -13.24 -16.80 -40.13
CA LYS L 236 -13.78 -16.54 -41.46
C LYS L 236 -13.20 -17.59 -42.41
N VAL L 237 -14.07 -18.41 -42.98
CA VAL L 237 -13.66 -19.51 -43.85
C VAL L 237 -14.47 -19.43 -45.14
N ASP L 238 -13.81 -19.71 -46.25
CA ASP L 238 -14.43 -19.75 -47.57
C ASP L 238 -14.24 -21.15 -48.14
N LYS L 239 -15.32 -21.92 -48.18
CA LYS L 239 -15.29 -23.31 -48.61
C LYS L 239 -15.89 -23.43 -50.00
N LYS L 240 -15.20 -24.13 -50.89
CA LYS L 240 -15.65 -24.33 -52.25
C LYS L 240 -16.47 -25.61 -52.35
N VAL L 241 -17.63 -25.51 -52.99
CA VAL L 241 -18.54 -26.64 -53.17
C VAL L 241 -18.45 -27.06 -54.64
N GLU L 242 -17.93 -28.26 -54.88
CA GLU L 242 -17.76 -28.76 -56.23
C GLU L 242 -18.53 -30.07 -56.41
N PRO L 243 -18.95 -30.40 -57.64
CA PRO L 243 -19.69 -31.65 -57.87
C PRO L 243 -18.86 -32.88 -57.52
N SER M 30 28.44 34.67 -1.08
CA SER M 30 28.98 34.86 0.26
C SER M 30 30.35 34.21 0.41
N VAL M 31 31.25 34.88 1.13
CA VAL M 31 32.62 34.42 1.30
C VAL M 31 32.87 34.18 2.78
N LEU M 32 33.52 33.06 3.09
CA LEU M 32 33.98 32.76 4.44
C LEU M 32 35.48 33.04 4.48
N THR M 33 35.86 34.13 5.14
CA THR M 33 37.24 34.60 5.12
C THR M 33 38.07 33.85 6.15
N GLN M 34 39.20 33.30 5.70
CA GLN M 34 40.18 32.65 6.54
C GLN M 34 41.52 33.37 6.41
N PRO M 35 42.38 33.30 7.41
CA PRO M 35 43.73 33.83 7.25
C PRO M 35 44.50 33.02 6.23
N PRO M 36 45.27 33.66 5.34
CA PRO M 36 45.99 32.88 4.33
C PRO M 36 47.00 31.91 4.91
N SER M 37 47.70 32.29 5.98
CA SER M 37 48.80 31.49 6.51
C SER M 37 48.82 31.52 8.03
N VAL M 38 49.03 30.35 8.62
CA VAL M 38 49.27 30.20 10.04
C VAL M 38 50.45 29.26 10.21
N SER M 39 51.25 29.50 11.26
CA SER M 39 52.46 28.70 11.47
C SER M 39 52.73 28.55 12.96
N GLY M 40 53.37 27.45 13.31
CA GLY M 40 53.77 27.20 14.67
C GLY M 40 54.76 26.06 14.74
N ALA M 41 55.51 26.03 15.84
CA ALA M 41 56.48 24.96 16.04
C ALA M 41 55.77 23.68 16.50
N PRO M 42 56.43 22.53 16.35
CA PRO M 42 55.84 21.29 16.86
C PRO M 42 55.52 21.41 18.35
N GLY M 43 54.32 20.98 18.72
CA GLY M 43 53.86 21.07 20.09
C GLY M 43 53.14 22.35 20.44
N GLN M 44 53.15 23.33 19.56
CA GLN M 44 52.46 24.59 19.82
C GLN M 44 51.00 24.51 19.39
N ARG M 45 50.21 25.47 19.86
CA ARG M 45 48.79 25.55 19.57
C ARG M 45 48.56 26.67 18.56
N VAL M 46 47.80 26.37 17.51
CA VAL M 46 47.41 27.37 16.53
C VAL M 46 45.90 27.30 16.34
N THR M 47 45.32 28.43 15.93
CA THR M 47 43.91 28.52 15.63
C THR M 47 43.70 29.19 14.28
N ILE M 48 42.65 28.76 13.60
CA ILE M 48 42.29 29.24 12.26
C ILE M 48 40.88 29.81 12.34
N SER M 49 40.74 31.09 12.02
CA SER M 49 39.44 31.74 12.06
C SER M 49 38.71 31.57 10.73
N CYS M 50 37.39 31.64 10.79
CA CYS M 50 36.53 31.50 9.61
C CYS M 50 35.37 32.47 9.80
N SER M 51 35.46 33.64 9.16
CA SER M 51 34.50 34.71 9.35
C SER M 51 33.46 34.69 8.24
N GLY M 52 32.19 34.68 8.62
CA GLY M 52 31.09 34.69 7.69
C GLY M 52 30.09 35.78 8.04
N SER M 53 28.82 35.48 7.80
CA SER M 53 27.73 36.41 8.05
C SER M 53 26.63 35.69 8.82
N ARG M 54 25.59 36.44 9.18
CA ARG M 54 24.45 35.85 9.88
C ARG M 54 23.75 34.80 9.02
N SER M 55 23.74 34.99 7.71
CA SER M 55 23.01 34.06 6.84
C SER M 55 23.68 32.70 6.80
N ASN M 56 25.01 32.64 6.76
CA ASN M 56 25.69 31.36 6.64
C ASN M 56 26.14 30.82 8.00
N ILE M 57 27.34 31.21 8.46
CA ILE M 57 27.87 30.66 9.71
C ILE M 57 26.94 30.97 10.87
N GLY M 58 26.32 32.15 10.86
CA GLY M 58 25.42 32.53 11.93
C GLY M 58 24.16 31.69 12.02
N SER M 59 23.81 30.97 10.95
CA SER M 59 22.56 30.22 10.89
C SER M 59 22.75 28.76 10.54
N ASN M 60 23.99 28.28 10.43
CA ASN M 60 24.23 26.91 10.01
C ASN M 60 25.44 26.35 10.75
N THR M 61 25.57 25.03 10.70
CA THR M 61 26.73 24.37 11.28
C THR M 61 27.92 24.51 10.34
N VAL M 62 29.11 24.24 10.86
CA VAL M 62 30.35 24.43 10.15
C VAL M 62 31.11 23.12 10.10
N LYS M 63 31.71 22.85 8.94
CA LYS M 63 32.64 21.76 8.74
C LYS M 63 34.04 22.32 8.54
N TRP M 64 35.04 21.49 8.80
CA TRP M 64 36.42 21.81 8.50
C TRP M 64 37.05 20.66 7.73
N TYR M 65 37.83 20.99 6.70
CA TYR M 65 38.49 20.00 5.86
C TYR M 65 39.99 20.22 5.90
N GLN M 66 40.72 19.12 5.85
CA GLN M 66 42.17 19.13 5.72
C GLN M 66 42.54 18.61 4.34
N GLN M 67 43.46 19.30 3.67
CA GLN M 67 43.93 18.91 2.35
C GLN M 67 45.45 18.89 2.34
N LEU M 68 46.03 17.72 2.09
CA LEU M 68 47.46 17.60 1.87
C LEU M 68 47.78 17.83 0.40
N PRO M 69 49.04 18.14 0.08
CA PRO M 69 49.38 18.41 -1.33
C PRO M 69 49.01 17.24 -2.23
N GLY M 70 48.32 17.57 -3.32
CA GLY M 70 48.01 16.58 -4.34
C GLY M 70 46.97 15.56 -3.95
N THR M 71 46.20 15.82 -2.90
CA THR M 71 45.17 14.89 -2.45
C THR M 71 43.88 15.65 -2.21
N ALA M 72 42.78 14.89 -2.16
CA ALA M 72 41.47 15.48 -1.96
C ALA M 72 41.29 15.94 -0.52
N PRO M 73 40.43 16.92 -0.28
CA PRO M 73 40.16 17.32 1.11
C PRO M 73 39.65 16.16 1.95
N LYS M 74 39.91 16.25 3.25
CA LYS M 74 39.53 15.23 4.21
C LYS M 74 38.74 15.89 5.34
N LEU M 75 37.60 15.32 5.69
CA LEU M 75 36.76 15.89 6.74
C LEU M 75 37.44 15.76 8.09
N LEU M 76 37.62 16.89 8.77
CA LEU M 76 38.15 16.92 10.14
C LEU M 76 37.07 17.16 11.17
N ILE M 77 36.18 18.13 10.92
CA ILE M 77 35.17 18.54 11.88
C ILE M 77 33.84 18.66 11.15
N TYR M 78 32.77 18.21 11.81
CA TYR M 78 31.41 18.45 11.34
C TYR M 78 30.58 18.86 12.55
N TYR M 79 29.42 19.46 12.27
CA TYR M 79 28.55 19.98 13.32
C TYR M 79 29.33 20.87 14.29
N ASN M 80 30.14 21.76 13.72
CA ASN M 80 30.90 22.75 14.47
C ASN M 80 32.11 22.17 15.19
N ASP M 81 31.95 21.03 15.88
CA ASP M 81 33.03 20.54 16.72
C ASP M 81 33.07 19.02 16.88
N GLN M 82 32.34 18.26 16.09
CA GLN M 82 32.37 16.81 16.18
C GLN M 82 33.42 16.25 15.22
N ARG M 83 34.19 15.26 15.71
CA ARG M 83 35.25 14.65 14.93
C ARG M 83 34.82 13.32 14.34
N PRO M 84 34.99 13.10 13.04
CA PRO M 84 34.77 11.75 12.50
C PRO M 84 35.76 10.76 13.11
N SER M 85 35.45 9.48 12.95
CA SER M 85 36.37 8.44 13.39
C SER M 85 37.71 8.59 12.68
N GLY M 86 38.79 8.58 13.46
CA GLY M 86 40.12 8.65 12.92
C GLY M 86 40.76 10.03 12.93
N VAL M 87 40.03 11.06 13.35
CA VAL M 87 40.59 12.41 13.43
C VAL M 87 41.18 12.57 14.83
N PRO M 88 42.45 12.94 14.97
CA PRO M 88 43.03 13.08 16.31
C PRO M 88 42.30 14.14 17.13
N ASP M 89 42.24 13.92 18.44
CA ASP M 89 41.53 14.84 19.31
C ASP M 89 42.26 16.16 19.52
N ARG M 90 43.44 16.35 18.92
CA ARG M 90 44.08 17.66 18.96
C ARG M 90 43.42 18.67 18.02
N PHE M 91 42.51 18.21 17.15
CA PHE M 91 41.70 19.11 16.34
C PHE M 91 40.38 19.38 17.06
N SER M 92 40.15 20.64 17.40
CA SER M 92 38.93 21.06 18.09
C SER M 92 38.31 22.22 17.33
N GLY M 93 37.00 22.16 17.13
CA GLY M 93 36.26 23.20 16.43
C GLY M 93 35.37 23.98 17.39
N SER M 94 35.08 25.22 17.03
CA SER M 94 34.18 26.05 17.82
C SER M 94 33.50 27.03 16.89
N LYS M 95 32.38 27.58 17.36
CA LYS M 95 31.60 28.54 16.60
C LYS M 95 30.96 29.53 17.57
N SER M 96 30.91 30.80 17.17
CA SER M 96 30.31 31.84 18.00
C SER M 96 29.88 32.97 17.09
N GLY M 97 28.59 33.28 17.10
CA GLY M 97 28.09 34.34 16.24
C GLY M 97 28.27 33.95 14.78
N THR M 98 28.91 34.84 14.02
CA THR M 98 29.12 34.66 12.59
C THR M 98 30.51 34.13 12.26
N SER M 99 31.23 33.59 13.26
CA SER M 99 32.58 33.11 13.07
C SER M 99 32.74 31.71 13.65
N ALA M 100 33.61 30.93 13.00
CA ALA M 100 34.00 29.61 13.47
C ALA M 100 35.51 29.57 13.60
N SER M 101 36.01 28.58 14.35
CA SER M 101 37.43 28.48 14.63
C SER M 101 37.85 27.02 14.69
N LEU M 102 39.01 26.73 14.10
CA LEU M 102 39.66 25.43 14.22
C LEU M 102 40.95 25.60 15.01
N ALA M 103 41.08 24.84 16.09
CA ALA M 103 42.29 24.86 16.91
C ALA M 103 43.04 23.55 16.74
N ILE M 104 44.36 23.64 16.61
CA ILE M 104 45.25 22.49 16.56
C ILE M 104 46.21 22.61 17.72
N THR M 105 46.02 21.76 18.74
CA THR M 105 46.82 21.81 19.97
C THR M 105 47.91 20.74 19.90
N GLY M 106 49.15 21.18 19.76
CA GLY M 106 50.27 20.25 19.66
C GLY M 106 50.58 19.89 18.21
N LEU M 107 51.00 20.88 17.43
CA LEU M 107 51.27 20.67 16.03
C LEU M 107 52.24 19.52 15.80
N GLN M 108 51.92 18.68 14.83
CA GLN M 108 52.78 17.62 14.35
C GLN M 108 53.05 17.83 12.87
N ALA M 109 54.16 17.25 12.40
CA ALA M 109 54.54 17.42 11.01
C ALA M 109 53.38 17.10 10.07
N GLU M 110 52.59 16.08 10.39
CA GLU M 110 51.47 15.70 9.54
C GLU M 110 50.40 16.78 9.48
N ASP M 111 50.40 17.73 10.41
CA ASP M 111 49.38 18.77 10.43
C ASP M 111 49.66 19.88 9.42
N GLU M 112 50.85 19.93 8.82
CA GLU M 112 51.15 20.90 7.79
C GLU M 112 50.30 20.62 6.56
N ALA M 113 49.36 21.51 6.26
CA ALA M 113 48.40 21.26 5.20
C ALA M 113 47.55 22.51 4.99
N ASP M 114 46.64 22.43 4.03
CA ASP M 114 45.63 23.46 3.82
C ASP M 114 44.35 23.08 4.56
N TYR M 115 43.69 24.08 5.14
CA TYR M 115 42.48 23.85 5.92
C TYR M 115 41.37 24.77 5.42
N TYR M 116 40.19 24.19 5.21
CA TYR M 116 39.05 24.93 4.69
C TYR M 116 37.86 24.72 5.61
N CYS M 117 37.22 25.82 6.01
CA CYS M 117 35.92 25.70 6.64
C CYS M 117 34.85 25.60 5.55
N GLN M 118 33.73 25.00 5.91
CA GLN M 118 32.62 24.87 4.97
C GLN M 118 31.31 25.00 5.73
N SER M 119 30.38 25.75 5.15
CA SER M 119 29.07 25.95 5.76
C SER M 119 28.04 26.09 4.64
N TYR M 120 26.82 26.49 5.02
CA TYR M 120 25.73 26.70 4.08
C TYR M 120 25.21 28.12 4.27
N ASP M 121 24.30 28.53 3.38
CA ASP M 121 23.72 29.86 3.45
C ASP M 121 22.21 29.78 3.70
N ARG M 122 21.43 29.40 2.69
CA ARG M 122 19.98 29.38 2.83
C ARG M 122 19.54 28.14 3.61
N TYR M 123 18.33 28.23 4.15
CA TYR M 123 17.79 27.17 5.00
C TYR M 123 17.61 25.88 4.20
N THR M 124 18.28 24.82 4.66
CA THR M 124 18.22 23.50 4.02
C THR M 124 18.45 23.63 2.51
N HIS M 125 19.53 24.30 2.15
CA HIS M 125 19.93 24.46 0.76
C HIS M 125 21.25 23.74 0.52
N PRO M 126 21.39 22.97 -0.55
CA PRO M 126 22.58 22.10 -0.69
C PRO M 126 23.83 22.81 -1.17
N ALA M 127 23.76 24.07 -1.57
CA ALA M 127 24.95 24.78 -2.03
C ALA M 127 25.98 24.88 -0.91
N LEU M 128 27.22 24.52 -1.23
CA LEU M 128 28.31 24.50 -0.26
C LEU M 128 29.11 25.79 -0.35
N LEU M 129 29.40 26.40 0.81
CA LEU M 129 30.26 27.57 0.90
C LEU M 129 31.59 27.14 1.53
N PHE M 130 32.66 27.22 0.76
CA PHE M 130 33.99 26.89 1.26
C PHE M 130 34.75 28.16 1.62
N GLY M 131 35.51 28.09 2.71
CA GLY M 131 36.36 29.19 3.10
C GLY M 131 37.53 29.38 2.13
N THR M 132 38.19 30.53 2.28
CA THR M 132 39.29 30.88 1.39
C THR M 132 40.51 29.98 1.59
N GLY M 133 40.58 29.24 2.68
CA GLY M 133 41.68 28.31 2.89
C GLY M 133 42.80 28.91 3.71
N THR M 134 43.41 28.10 4.57
CA THR M 134 44.51 28.54 5.42
C THR M 134 45.68 27.60 5.23
N LYS M 135 46.86 28.17 5.00
CA LYS M 135 48.10 27.41 4.90
C LYS M 135 48.70 27.27 6.29
N VAL M 136 48.78 26.03 6.80
CA VAL M 136 49.38 25.75 8.09
C VAL M 136 50.79 25.22 7.86
N THR M 137 51.79 25.92 8.40
CA THR M 137 53.17 25.50 8.35
C THR M 137 53.61 25.09 9.75
N VAL M 138 54.15 23.88 9.88
CA VAL M 138 54.74 23.40 11.12
C VAL M 138 56.24 23.62 11.02
N LEU M 139 56.76 24.63 11.71
CA LEU M 139 58.18 24.96 11.62
C LEU M 139 58.93 23.79 12.22
N GLY M 140 59.45 22.91 11.36
CA GLY M 140 60.13 21.71 11.80
C GLY M 140 61.64 21.68 11.70
N GLN M 141 62.28 22.79 11.37
CA GLN M 141 63.74 22.79 11.27
C GLN M 141 64.24 24.21 11.36
N PRO M 142 65.52 24.41 11.64
CA PRO M 142 66.07 25.76 11.76
C PRO M 142 65.95 26.53 10.46
N LYS M 143 65.91 27.86 10.58
CA LYS M 143 65.87 28.71 9.41
C LYS M 143 67.15 28.54 8.59
N ALA M 144 66.99 28.50 7.27
CA ALA M 144 68.10 28.28 6.34
C ALA M 144 68.04 29.33 5.25
N ALA M 145 69.16 30.01 5.01
CA ALA M 145 69.21 31.01 3.96
C ALA M 145 69.30 30.35 2.59
N PRO M 146 68.76 31.00 1.55
CA PRO M 146 68.76 30.38 0.22
C PRO M 146 70.12 30.43 -0.45
N SER M 147 70.41 29.39 -1.21
CA SER M 147 71.56 29.35 -2.11
C SER M 147 71.07 29.76 -3.49
N VAL M 148 71.65 30.83 -4.05
CA VAL M 148 71.21 31.40 -5.31
C VAL M 148 72.26 31.10 -6.36
N THR M 149 71.79 30.66 -7.54
CA THR M 149 72.66 30.43 -8.70
C THR M 149 72.00 31.12 -9.89
N LEU M 150 72.71 32.07 -10.49
CA LEU M 150 72.20 32.86 -11.60
C LEU M 150 72.94 32.46 -12.87
N PHE M 151 72.18 31.96 -13.86
CA PHE M 151 72.76 31.53 -15.13
C PHE M 151 72.53 32.60 -16.19
N PRO M 152 73.52 32.95 -16.99
CA PRO M 152 73.28 33.89 -18.10
C PRO M 152 72.60 33.18 -19.25
N PRO M 153 72.18 33.92 -20.28
CA PRO M 153 71.64 33.25 -21.47
C PRO M 153 72.70 32.42 -22.17
N SER M 154 72.32 31.21 -22.57
CA SER M 154 73.24 30.32 -23.25
C SER M 154 73.49 30.79 -24.68
N SER M 155 74.59 30.33 -25.25
CA SER M 155 74.94 30.71 -26.62
C SER M 155 73.87 30.25 -27.61
N GLU M 156 73.39 29.01 -27.46
CA GLU M 156 72.37 28.50 -28.37
C GLU M 156 71.11 29.37 -28.32
N GLU M 157 70.71 29.79 -27.11
CA GLU M 157 69.51 30.59 -27.00
C GLU M 157 69.67 31.95 -27.66
N LEU M 158 70.82 32.60 -27.45
CA LEU M 158 71.08 33.87 -28.12
C LEU M 158 71.10 33.71 -29.63
N GLN M 159 71.54 32.55 -30.12
CA GLN M 159 71.47 32.27 -31.56
C GLN M 159 70.03 32.24 -32.04
N ALA M 160 69.09 31.86 -31.16
CA ALA M 160 67.67 31.86 -31.48
C ALA M 160 67.03 33.23 -31.25
N ASN M 161 67.83 34.27 -31.04
CA ASN M 161 67.31 35.63 -30.85
C ASN M 161 66.45 35.71 -29.59
N LYS M 162 66.85 34.97 -28.56
CA LYS M 162 66.16 34.97 -27.27
C LYS M 162 67.19 35.03 -26.16
N ALA M 163 66.76 35.50 -24.99
CA ALA M 163 67.65 35.63 -23.84
C ALA M 163 66.83 35.48 -22.56
N THR M 164 67.18 34.49 -21.74
CA THR M 164 66.53 34.27 -20.45
C THR M 164 67.58 34.13 -19.37
N LEU M 165 67.44 34.92 -18.32
CA LEU M 165 68.24 34.78 -17.12
C LEU M 165 67.52 33.84 -16.17
N VAL M 166 68.22 32.82 -15.69
CA VAL M 166 67.63 31.79 -14.84
C VAL M 166 68.22 31.94 -13.45
N CYS M 167 67.37 32.29 -12.49
CA CYS M 167 67.76 32.44 -11.10
C CYS M 167 67.14 31.29 -10.32
N LEU M 168 67.98 30.36 -9.88
CA LEU M 168 67.53 29.16 -9.18
C LEU M 168 67.79 29.32 -7.69
N ILE M 169 66.76 29.07 -6.90
CA ILE M 169 66.79 29.29 -5.45
C ILE M 169 66.52 27.96 -4.77
N SER M 170 67.39 27.57 -3.85
CA SER M 170 67.29 26.25 -3.24
C SER M 170 67.79 26.28 -1.81
N ASP M 171 67.37 25.27 -1.05
CA ASP M 171 67.88 25.01 0.30
C ASP M 171 67.58 26.17 1.26
N PHE M 172 66.34 26.64 1.23
CA PHE M 172 65.89 27.67 2.16
C PHE M 172 64.66 27.17 2.92
N TYR M 173 64.52 27.65 4.15
CA TYR M 173 63.40 27.29 5.00
C TYR M 173 63.19 28.41 6.01
N PRO M 174 61.95 28.87 6.25
CA PRO M 174 60.67 28.46 5.66
C PRO M 174 60.57 28.71 4.16
N GLY M 175 59.58 28.08 3.52
CA GLY M 175 59.41 28.19 2.09
C GLY M 175 58.71 29.47 1.67
N ALA M 176 59.35 30.61 1.91
CA ALA M 176 58.79 31.90 1.54
C ALA M 176 59.93 32.83 1.15
N VAL M 177 59.90 33.31 -0.09
CA VAL M 177 60.93 34.20 -0.60
C VAL M 177 60.27 35.25 -1.50
N THR M 178 60.92 36.41 -1.59
CA THR M 178 60.53 37.45 -2.53
C THR M 178 61.73 37.70 -3.44
N VAL M 179 61.49 37.65 -4.75
CA VAL M 179 62.54 37.78 -5.75
C VAL M 179 62.44 39.15 -6.40
N ALA M 180 63.57 39.87 -6.46
CA ALA M 180 63.64 41.17 -7.10
C ALA M 180 64.78 41.14 -8.11
N TRP M 181 64.49 41.58 -9.33
CA TRP M 181 65.47 41.65 -10.40
C TRP M 181 65.97 43.08 -10.57
N LYS M 182 67.25 43.22 -10.90
CA LYS M 182 67.88 44.53 -11.07
C LYS M 182 68.63 44.55 -12.39
N ALA M 183 68.37 45.57 -13.20
CA ALA M 183 69.14 45.85 -14.40
C ALA M 183 70.22 46.86 -14.04
N ASP M 184 71.48 46.41 -14.05
CA ASP M 184 72.57 47.20 -13.49
C ASP M 184 72.26 47.47 -12.01
N SER M 185 71.77 48.67 -11.71
CA SER M 185 71.32 48.98 -10.35
C SER M 185 69.84 49.36 -10.29
N SER M 186 69.18 49.57 -11.43
CA SER M 186 67.77 49.94 -11.41
C SER M 186 66.90 48.69 -11.53
N PRO M 187 65.81 48.58 -10.79
CA PRO M 187 64.95 47.40 -10.92
C PRO M 187 64.15 47.41 -12.21
N VAL M 188 63.95 46.22 -12.76
CA VAL M 188 63.17 46.04 -13.99
C VAL M 188 62.00 45.13 -13.63
N LYS M 189 60.80 45.71 -13.53
CA LYS M 189 59.63 44.92 -13.13
C LYS M 189 59.19 43.99 -14.24
N ALA M 190 59.25 44.45 -15.49
CA ALA M 190 58.75 43.66 -16.61
C ALA M 190 59.65 42.47 -16.91
N GLY M 191 59.04 41.38 -17.36
CA GLY M 191 59.77 40.22 -17.81
C GLY M 191 60.08 39.19 -16.74
N VAL M 192 59.54 39.36 -15.53
CA VAL M 192 59.84 38.46 -14.41
C VAL M 192 58.69 37.48 -14.24
N GLU M 193 59.03 36.20 -14.12
CA GLU M 193 58.06 35.15 -13.83
C GLU M 193 58.68 34.23 -12.79
N THR M 194 58.05 34.12 -11.62
CA THR M 194 58.60 33.39 -10.49
C THR M 194 57.63 32.30 -10.07
N THR M 195 58.18 31.12 -9.79
CA THR M 195 57.37 30.02 -9.30
C THR M 195 57.17 30.12 -7.79
N THR M 196 56.14 29.45 -7.30
CA THR M 196 55.93 29.36 -5.87
C THR M 196 56.89 28.33 -5.27
N PRO M 197 57.35 28.55 -4.04
CA PRO M 197 58.29 27.59 -3.43
C PRO M 197 57.72 26.18 -3.41
N SER M 198 58.60 25.21 -3.69
CA SER M 198 58.23 23.80 -3.70
C SER M 198 59.24 23.02 -2.85
N LYS M 199 58.73 22.03 -2.12
CA LYS M 199 59.58 21.28 -1.20
C LYS M 199 60.53 20.38 -1.99
N GLN M 200 61.81 20.42 -1.59
CA GLN M 200 62.82 19.57 -2.21
C GLN M 200 62.75 18.16 -1.64
N SER M 201 63.65 17.29 -2.10
CA SER M 201 63.75 15.96 -1.54
C SER M 201 64.33 15.99 -0.12
N ASN M 202 65.20 16.94 0.17
CA ASN M 202 65.78 17.10 1.50
C ASN M 202 64.88 17.89 2.44
N ASN M 203 63.62 18.12 2.07
CA ASN M 203 62.61 18.76 2.88
C ASN M 203 62.84 20.26 3.06
N LYS M 204 63.85 20.83 2.39
CA LYS M 204 63.96 22.28 2.27
C LYS M 204 63.17 22.72 1.04
N TYR M 205 63.13 24.03 0.81
CA TYR M 205 62.29 24.59 -0.24
C TYR M 205 63.16 25.16 -1.37
N ALA M 206 62.61 25.14 -2.57
CA ALA M 206 63.27 25.66 -3.75
C ALA M 206 62.28 26.47 -4.58
N ALA M 207 62.82 27.42 -5.33
CA ALA M 207 62.03 28.22 -6.24
C ALA M 207 62.91 28.65 -7.41
N SER M 208 62.27 29.07 -8.49
CA SER M 208 62.98 29.52 -9.67
C SER M 208 62.31 30.77 -10.21
N SER M 209 63.13 31.69 -10.70
CA SER M 209 62.65 32.93 -11.29
C SER M 209 63.31 33.11 -12.64
N TYR M 210 62.53 33.49 -13.63
CA TYR M 210 63.00 33.65 -15.00
C TYR M 210 62.82 35.10 -15.41
N LEU M 211 63.86 35.68 -15.99
CA LEU M 211 63.79 37.03 -16.55
C LEU M 211 64.01 36.92 -18.05
N SER M 212 62.95 37.12 -18.82
CA SER M 212 63.02 37.02 -20.27
C SER M 212 63.50 38.35 -20.83
N LEU M 213 64.58 38.30 -21.61
CA LEU M 213 65.18 39.49 -22.20
C LEU M 213 65.39 39.25 -23.68
N THR M 214 65.56 40.35 -24.40
CA THR M 214 66.02 40.23 -25.78
C THR M 214 67.54 40.16 -25.81
N PRO M 215 68.13 39.57 -26.85
CA PRO M 215 69.59 39.53 -26.93
C PRO M 215 70.23 40.90 -26.82
N GLU M 216 69.53 41.95 -27.28
CA GLU M 216 70.11 43.28 -27.27
C GLU M 216 70.11 43.88 -25.86
N GLN M 217 69.02 43.71 -25.12
CA GLN M 217 69.00 44.20 -23.74
C GLN M 217 70.05 43.50 -22.89
N TRP M 218 70.26 42.20 -23.14
CA TRP M 218 71.23 41.45 -22.35
C TRP M 218 72.64 41.98 -22.53
N LYS M 219 72.93 42.63 -23.65
CA LYS M 219 74.23 43.23 -23.91
C LYS M 219 74.23 44.75 -23.71
N SER M 220 73.09 45.32 -23.34
CA SER M 220 72.95 46.76 -23.20
C SER M 220 73.22 47.28 -21.79
N HIS M 221 73.45 46.39 -20.82
CA HIS M 221 73.76 46.80 -19.46
C HIS M 221 75.02 46.09 -18.98
N ARG M 222 75.69 46.71 -18.01
CA ARG M 222 76.95 46.18 -17.52
C ARG M 222 76.75 44.93 -16.67
N SER M 223 75.61 44.79 -16.01
CA SER M 223 75.39 43.63 -15.16
C SER M 223 73.90 43.48 -14.85
N TYR M 224 73.51 42.25 -14.52
CA TYR M 224 72.18 41.93 -14.02
C TYR M 224 72.30 41.14 -12.72
N SER M 225 71.39 41.39 -11.78
CA SER M 225 71.45 40.77 -10.46
C SER M 225 70.09 40.20 -10.07
N CYS M 226 70.11 39.06 -9.40
CA CYS M 226 68.92 38.43 -8.82
C CYS M 226 69.01 38.53 -7.30
N GLN M 227 68.10 39.29 -6.69
CA GLN M 227 68.07 39.47 -5.24
C GLN M 227 66.95 38.65 -4.64
N VAL M 228 67.30 37.73 -3.73
CA VAL M 228 66.34 36.85 -3.08
C VAL M 228 66.32 37.23 -1.60
N THR M 229 65.17 37.73 -1.14
CA THR M 229 65.00 38.12 0.26
C THR M 229 64.26 37.00 1.00
N HIS M 230 64.84 36.55 2.10
CA HIS M 230 64.28 35.47 2.91
C HIS M 230 64.37 35.86 4.37
N GLU M 231 63.22 36.02 5.02
CA GLU M 231 63.15 36.39 6.43
C GLU M 231 63.96 37.67 6.69
N GLY M 232 63.75 38.67 5.82
CA GLY M 232 64.39 39.95 5.96
C GLY M 232 65.81 40.03 5.44
N SER M 233 66.46 38.90 5.20
CA SER M 233 67.83 38.89 4.70
C SER M 233 67.83 38.62 3.20
N THR M 234 68.67 39.37 2.49
CA THR M 234 68.76 39.29 1.04
C THR M 234 70.05 38.60 0.62
N VAL M 235 69.94 37.69 -0.35
CA VAL M 235 71.09 37.05 -0.98
C VAL M 235 71.11 37.46 -2.44
N GLU M 236 72.18 38.09 -2.87
CA GLU M 236 72.28 38.66 -4.21
C GLU M 236 73.34 37.93 -5.02
N LYS M 237 73.02 37.67 -6.29
CA LYS M 237 73.95 37.13 -7.27
C LYS M 237 73.87 37.98 -8.53
N THR M 238 75.03 38.32 -9.08
CA THR M 238 75.15 39.20 -10.23
C THR M 238 75.85 38.49 -11.36
N VAL M 239 75.42 38.79 -12.59
CA VAL M 239 76.03 38.23 -13.79
C VAL M 239 76.21 39.36 -14.80
N ALA M 240 77.28 39.27 -15.59
CA ALA M 240 77.61 40.29 -16.56
C ALA M 240 77.82 39.67 -17.93
N PRO M 241 77.52 40.40 -19.02
CA PRO M 241 77.76 39.84 -20.36
C PRO M 241 79.24 39.72 -20.68
N GLN N 29 33.93 -0.49 1.70
CA GLN N 29 34.99 0.52 1.45
C GLN N 29 34.55 1.54 0.40
N VAL N 30 34.14 2.72 0.87
CA VAL N 30 33.71 3.77 -0.04
C VAL N 30 34.85 4.14 -0.98
N GLN N 31 34.53 4.28 -2.26
CA GLN N 31 35.52 4.59 -3.27
C GLN N 31 34.87 5.42 -4.37
N LEU N 32 35.48 6.55 -4.70
CA LEU N 32 35.02 7.43 -5.77
C LEU N 32 36.19 7.71 -6.70
N VAL N 33 35.98 7.50 -8.00
CA VAL N 33 37.04 7.65 -9.00
C VAL N 33 36.52 8.55 -10.10
N GLU N 34 37.08 9.75 -10.20
CA GLU N 34 36.74 10.66 -11.27
C GLU N 34 37.53 10.32 -12.53
N SER N 35 36.94 10.63 -13.68
CA SER N 35 37.60 10.42 -14.95
C SER N 35 36.96 11.35 -15.98
N GLY N 36 37.59 11.41 -17.16
CA GLY N 36 37.11 12.25 -18.24
C GLY N 36 37.82 13.58 -18.34
N GLY N 37 38.68 13.92 -17.39
CA GLY N 37 39.40 15.17 -17.44
C GLY N 37 40.50 15.14 -18.48
N GLY N 38 41.09 16.30 -18.73
CA GLY N 38 42.16 16.41 -19.70
C GLY N 38 42.28 17.83 -20.21
N VAL N 39 42.94 17.96 -21.36
CA VAL N 39 43.18 19.24 -21.99
C VAL N 39 42.11 19.47 -23.04
N VAL N 40 41.66 20.72 -23.15
CA VAL N 40 40.56 21.08 -24.04
C VAL N 40 40.72 22.54 -24.43
N GLN N 41 40.31 22.85 -25.63
CA GLN N 41 40.35 24.24 -26.07
C GLN N 41 39.04 24.94 -25.71
N PRO N 42 39.08 26.25 -25.49
CA PRO N 42 37.84 26.97 -25.16
C PRO N 42 36.76 26.76 -26.21
N GLY N 43 35.51 26.77 -25.74
CA GLY N 43 34.36 26.59 -26.58
C GLY N 43 33.92 25.16 -26.80
N ARG N 44 34.77 24.18 -26.50
CA ARG N 44 34.38 22.79 -26.66
C ARG N 44 33.90 22.20 -25.34
N SER N 45 33.40 20.97 -25.43
CA SER N 45 32.72 20.32 -24.32
C SER N 45 33.58 19.20 -23.76
N LEU N 46 33.31 18.87 -22.49
CA LEU N 46 33.99 17.78 -21.82
C LEU N 46 33.01 17.17 -20.83
N ARG N 47 33.04 15.86 -20.70
CA ARG N 47 32.12 15.13 -19.85
C ARG N 47 32.91 14.38 -18.80
N LEU N 48 32.71 14.73 -17.53
CA LEU N 48 33.36 14.07 -16.42
C LEU N 48 32.48 12.96 -15.88
N SER N 49 33.14 11.94 -15.33
CA SER N 49 32.46 10.79 -14.74
C SER N 49 33.05 10.52 -13.36
N CYS N 50 32.22 9.93 -12.50
CA CYS N 50 32.64 9.56 -11.15
C CYS N 50 32.06 8.19 -10.85
N ALA N 51 32.90 7.16 -10.87
CA ALA N 51 32.46 5.81 -10.56
C ALA N 51 32.49 5.60 -9.06
N ALA N 52 31.35 5.21 -8.49
CA ALA N 52 31.21 5.04 -7.06
C ALA N 52 31.07 3.56 -6.72
N SER N 53 31.55 3.19 -5.54
CA SER N 53 31.47 1.81 -5.07
C SER N 53 31.67 1.78 -3.58
N GLY N 54 31.29 0.66 -2.96
CA GLY N 54 31.43 0.49 -1.53
C GLY N 54 30.29 1.05 -0.70
N PHE N 55 29.26 1.61 -1.33
CA PHE N 55 28.12 2.15 -0.60
C PHE N 55 26.94 2.23 -1.56
N THR N 56 25.76 2.47 -0.99
CA THR N 56 24.53 2.57 -1.78
C THR N 56 24.53 3.94 -2.46
N PHE N 57 25.08 3.98 -3.67
CA PHE N 57 25.21 5.24 -4.41
C PHE N 57 23.85 5.90 -4.59
N SER N 58 22.82 5.11 -4.90
CA SER N 58 21.50 5.66 -5.21
C SER N 58 20.85 6.34 -4.00
N SER N 59 21.38 6.15 -2.79
CA SER N 59 20.78 6.72 -1.59
C SER N 59 21.39 8.06 -1.19
N TYR N 60 22.44 8.51 -1.86
CA TYR N 60 23.15 9.72 -1.47
C TYR N 60 23.09 10.76 -2.57
N GLY N 61 22.85 12.00 -2.18
CA GLY N 61 23.12 13.11 -3.07
C GLY N 61 24.61 13.26 -3.33
N MET N 62 24.94 13.88 -4.46
CA MET N 62 26.31 13.97 -4.91
C MET N 62 26.64 15.40 -5.29
N HIS N 63 27.87 15.80 -5.02
CA HIS N 63 28.38 17.13 -5.35
C HIS N 63 29.52 17.01 -6.34
N TRP N 64 29.70 18.07 -7.14
CA TRP N 64 30.95 18.33 -7.83
C TRP N 64 31.59 19.56 -7.19
N VAL N 65 32.87 19.43 -6.86
CA VAL N 65 33.67 20.51 -6.29
C VAL N 65 34.95 20.60 -7.08
N ARG N 66 35.38 21.82 -7.41
CA ARG N 66 36.58 22.03 -8.20
C ARG N 66 37.57 22.91 -7.45
N GLN N 67 38.83 22.86 -7.89
CA GLN N 67 39.89 23.62 -7.25
C GLN N 67 40.91 24.00 -8.32
N ALA N 68 40.99 25.28 -8.64
CA ALA N 68 41.99 25.74 -9.58
C ALA N 68 43.39 25.59 -8.98
N PRO N 69 44.42 25.39 -9.81
CA PRO N 69 45.78 25.21 -9.26
C PRO N 69 46.19 26.31 -8.30
N GLY N 70 46.51 25.96 -7.06
CA GLY N 70 46.94 26.93 -6.07
C GLY N 70 45.82 27.74 -5.45
N LYS N 71 44.56 27.42 -5.76
CA LYS N 71 43.40 28.16 -5.28
C LYS N 71 42.59 27.30 -4.31
N GLY N 72 41.50 27.88 -3.81
CA GLY N 72 40.65 27.22 -2.86
C GLY N 72 39.59 26.34 -3.52
N LEU N 73 38.78 25.71 -2.66
CA LEU N 73 37.69 24.87 -3.13
C LEU N 73 36.50 25.73 -3.56
N GLU N 74 35.85 25.31 -4.64
CA GLU N 74 34.67 26.00 -5.17
C GLU N 74 33.60 24.97 -5.49
N TRP N 75 32.46 25.06 -4.82
CA TRP N 75 31.34 24.19 -5.12
C TRP N 75 30.84 24.45 -6.54
N VAL N 76 30.52 23.37 -7.26
CA VAL N 76 30.13 23.44 -8.66
C VAL N 76 28.65 23.09 -8.84
N ALA N 77 28.23 21.92 -8.39
CA ALA N 77 26.87 21.48 -8.64
C ALA N 77 26.49 20.40 -7.64
N PHE N 78 25.19 20.16 -7.52
CA PHE N 78 24.64 19.14 -6.64
C PHE N 78 23.45 18.49 -7.33
N ILE N 79 23.28 17.19 -7.10
CA ILE N 79 22.16 16.44 -7.65
C ILE N 79 21.59 15.55 -6.56
N ARG N 80 20.27 15.48 -6.47
CA ARG N 80 19.62 14.66 -5.46
C ARG N 80 19.94 13.20 -5.68
N TYR N 81 19.69 12.40 -4.63
CA TYR N 81 20.00 10.97 -4.68
C TYR N 81 19.36 10.30 -5.90
N ASP N 82 18.15 10.73 -6.26
CA ASP N 82 17.41 10.13 -7.37
C ASP N 82 17.50 10.94 -8.65
N GLY N 83 18.27 12.03 -8.67
CA GLY N 83 18.38 12.87 -9.84
C GLY N 83 17.18 13.76 -10.10
N SER N 84 16.28 13.89 -9.12
CA SER N 84 15.05 14.65 -9.32
C SER N 84 15.28 16.16 -9.33
N ASN N 85 16.31 16.64 -8.63
CA ASN N 85 16.59 18.06 -8.56
C ASN N 85 18.09 18.30 -8.73
N LYS N 86 18.44 19.40 -9.38
CA LYS N 86 19.83 19.74 -9.66
C LYS N 86 20.10 21.19 -9.29
N TYR N 87 21.29 21.43 -8.75
CA TYR N 87 21.71 22.74 -8.29
C TYR N 87 23.07 23.07 -8.85
N TYR N 88 23.28 24.35 -9.17
CA TYR N 88 24.51 24.79 -9.82
C TYR N 88 25.01 26.07 -9.17
N ALA N 89 26.33 26.24 -9.19
CA ALA N 89 26.93 27.51 -8.84
C ALA N 89 26.72 28.50 -9.97
N ASP N 90 26.64 29.79 -9.61
CA ASP N 90 26.37 30.83 -10.60
C ASP N 90 27.42 30.85 -11.72
N SER N 91 28.67 30.53 -11.39
CA SER N 91 29.74 30.59 -12.39
C SER N 91 29.57 29.53 -13.48
N VAL N 92 28.79 28.49 -13.24
CA VAL N 92 28.61 27.42 -14.21
C VAL N 92 27.15 27.22 -14.61
N LYS N 93 26.21 27.90 -13.98
CA LYS N 93 24.80 27.67 -14.27
C LYS N 93 24.51 27.95 -15.74
N GLY N 94 23.76 27.04 -16.36
CA GLY N 94 23.44 27.15 -17.76
C GLY N 94 24.48 26.57 -18.70
N ARG N 95 25.70 26.35 -18.22
CA ARG N 95 26.80 25.81 -19.01
C ARG N 95 27.12 24.37 -18.65
N PHE N 96 27.06 24.03 -17.37
CA PHE N 96 27.31 22.68 -16.89
C PHE N 96 25.98 21.99 -16.60
N THR N 97 25.98 20.67 -16.72
CA THR N 97 24.81 19.86 -16.42
C THR N 97 25.28 18.66 -15.60
N ILE N 98 24.71 18.49 -14.41
CA ILE N 98 25.00 17.35 -13.55
C ILE N 98 23.92 16.29 -13.79
N SER N 99 24.32 15.04 -13.81
CA SER N 99 23.40 13.93 -14.00
C SER N 99 23.99 12.68 -13.34
N ARG N 100 23.18 11.64 -13.26
CA ARG N 100 23.61 10.42 -12.60
C ARG N 100 22.85 9.23 -13.17
N ASP N 101 23.53 8.08 -13.21
CA ASP N 101 22.93 6.82 -13.63
C ASP N 101 23.08 5.84 -12.46
N ASN N 102 22.01 5.71 -11.67
CA ASN N 102 22.10 4.89 -10.46
C ASN N 102 22.25 3.41 -10.79
N SER N 103 21.75 2.97 -11.95
CA SER N 103 21.98 1.58 -12.35
C SER N 103 23.45 1.30 -12.60
N LYS N 104 24.21 2.33 -12.96
CA LYS N 104 25.64 2.17 -13.23
C LYS N 104 26.50 2.67 -12.08
N ASN N 105 25.88 3.30 -11.08
CA ASN N 105 26.60 3.87 -9.94
C ASN N 105 27.66 4.88 -10.41
N THR N 106 27.26 5.77 -11.31
CA THR N 106 28.16 6.77 -11.87
C THR N 106 27.50 8.14 -11.85
N LEU N 107 28.29 9.15 -11.51
CA LEU N 107 27.88 10.54 -11.55
C LEU N 107 28.55 11.23 -12.72
N TYR N 108 27.85 12.16 -13.36
CA TYR N 108 28.36 12.83 -14.55
C TYR N 108 28.32 14.34 -14.37
N LEU N 109 29.23 15.02 -15.09
CA LEU N 109 29.21 16.48 -15.20
C LEU N 109 29.47 16.82 -16.67
N GLN N 110 28.42 17.22 -17.38
CA GLN N 110 28.57 17.67 -18.76
C GLN N 110 29.00 19.13 -18.75
N MET N 111 30.16 19.40 -19.32
CA MET N 111 30.77 20.73 -19.30
C MET N 111 30.78 21.27 -20.73
N ASN N 112 30.03 22.35 -20.97
CA ASN N 112 29.97 22.98 -22.27
C ASN N 112 30.53 24.39 -22.19
N SER N 113 30.95 24.90 -23.35
CA SER N 113 31.51 26.25 -23.46
C SER N 113 32.57 26.49 -22.39
N LEU N 114 33.54 25.59 -22.33
CA LEU N 114 34.56 25.67 -21.30
C LEU N 114 35.38 26.94 -21.47
N ARG N 115 35.81 27.51 -20.34
CA ARG N 115 36.57 28.75 -20.31
C ARG N 115 37.87 28.51 -19.55
N ALA N 116 38.79 29.47 -19.67
CA ALA N 116 40.07 29.36 -18.98
C ALA N 116 39.84 29.29 -17.47
N GLU N 117 38.85 30.02 -16.97
CA GLU N 117 38.56 30.04 -15.54
C GLU N 117 38.00 28.71 -15.04
N ASP N 118 37.69 27.77 -15.93
CA ASP N 118 37.24 26.44 -15.52
C ASP N 118 38.39 25.48 -15.27
N THR N 119 39.62 25.87 -15.59
CA THR N 119 40.78 25.03 -15.32
C THR N 119 40.86 24.73 -13.83
N ALA N 120 40.82 23.44 -13.49
CA ALA N 120 40.80 23.04 -12.09
C ALA N 120 40.79 21.53 -12.01
N VAL N 121 41.12 21.02 -10.83
CA VAL N 121 40.83 19.64 -10.48
C VAL N 121 39.38 19.57 -10.04
N TYR N 122 38.63 18.61 -10.59
CA TYR N 122 37.21 18.46 -10.28
C TYR N 122 37.02 17.23 -9.41
N TYR N 123 36.49 17.44 -8.21
CA TYR N 123 36.25 16.37 -7.25
C TYR N 123 34.77 16.01 -7.21
N CYS N 124 34.49 14.71 -7.12
N CYS N 124 34.52 14.72 -7.02
CA CYS N 124 33.12 14.25 -6.85
CA CYS N 124 33.18 14.16 -6.84
C CYS N 124 33.02 13.89 -5.39
C CYS N 124 33.00 13.81 -5.37
N LYS N 125 31.94 14.34 -4.76
CA LYS N 125 31.78 14.28 -3.31
C LYS N 125 30.37 13.84 -2.94
N THR N 126 30.27 12.98 -1.93
CA THR N 126 28.96 12.56 -1.42
C THR N 126 28.35 13.66 -0.56
N HIS N 127 27.03 13.61 -0.47
CA HIS N 127 26.26 14.58 0.30
C HIS N 127 25.88 13.97 1.64
N GLY N 128 26.33 14.60 2.72
CA GLY N 128 26.02 14.10 4.04
C GLY N 128 26.97 14.68 5.07
N SER N 129 26.69 14.34 6.33
CA SER N 129 27.56 14.77 7.43
C SER N 129 28.93 14.13 7.32
N HIS N 130 28.98 12.81 7.13
CA HIS N 130 30.21 12.07 6.88
C HIS N 130 30.34 11.87 5.38
N ASP N 131 31.04 12.78 4.71
CA ASP N 131 31.16 12.75 3.26
C ASP N 131 32.49 12.10 2.85
N ASN N 132 32.56 11.75 1.57
CA ASN N 132 33.76 11.18 0.98
C ASN N 132 34.04 11.85 -0.35
N TRP N 133 35.33 11.99 -0.66
CA TRP N 133 35.77 12.63 -1.90
C TRP N 133 36.52 11.61 -2.75
N GLY N 134 36.52 11.85 -4.06
CA GLY N 134 37.40 11.13 -4.96
C GLY N 134 38.76 11.80 -5.04
N GLN N 135 39.66 11.16 -5.79
CA GLN N 135 41.00 11.72 -5.98
C GLN N 135 40.99 12.95 -6.89
N GLY N 136 39.95 13.12 -7.70
CA GLY N 136 39.85 14.26 -8.59
C GLY N 136 40.41 13.97 -9.97
N THR N 137 39.97 14.76 -10.93
CA THR N 137 40.46 14.70 -12.30
C THR N 137 40.75 16.11 -12.80
N MET N 138 41.88 16.27 -13.47
CA MET N 138 42.35 17.59 -13.89
C MET N 138 41.73 17.97 -15.23
N VAL N 139 41.23 19.21 -15.30
CA VAL N 139 40.68 19.79 -16.52
C VAL N 139 41.48 21.05 -16.81
N THR N 140 42.05 21.13 -18.02
CA THR N 140 42.86 22.28 -18.43
C THR N 140 42.21 22.91 -19.65
N VAL N 141 41.73 24.15 -19.49
CA VAL N 141 41.12 24.93 -20.57
C VAL N 141 42.12 26.02 -20.95
N SER N 142 42.66 25.95 -22.16
CA SER N 142 43.69 26.88 -22.59
C SER N 142 43.64 26.97 -24.11
N SER N 143 43.92 28.17 -24.64
CA SER N 143 43.95 28.39 -26.09
C SER N 143 45.36 28.22 -26.64
N ALA N 144 46.07 27.22 -26.12
CA ALA N 144 47.43 26.89 -26.50
C ALA N 144 47.40 25.60 -27.31
N SER N 145 48.31 25.48 -28.27
CA SER N 145 48.40 24.27 -29.07
C SER N 145 49.65 23.50 -28.69
N THR N 146 49.55 22.18 -28.74
CA THR N 146 50.66 21.30 -28.35
C THR N 146 51.94 21.66 -29.07
N LYS N 147 53.01 21.87 -28.30
CA LYS N 147 54.30 22.27 -28.86
C LYS N 147 55.39 21.64 -28.01
N GLY N 148 56.39 21.06 -28.68
CA GLY N 148 57.51 20.48 -27.98
C GLY N 148 58.47 21.54 -27.48
N PRO N 149 59.24 21.23 -26.44
CA PRO N 149 60.14 22.21 -25.86
C PRO N 149 61.45 22.35 -26.63
N SER N 150 62.03 23.54 -26.53
CA SER N 150 63.39 23.80 -26.98
C SER N 150 64.31 23.76 -25.77
N VAL N 151 65.28 22.85 -25.79
CA VAL N 151 66.17 22.61 -24.66
C VAL N 151 67.46 23.40 -24.86
N PHE N 152 67.87 24.14 -23.84
CA PHE N 152 69.09 24.91 -23.86
C PHE N 152 69.93 24.56 -22.63
N PRO N 153 71.26 24.50 -22.78
CA PRO N 153 72.10 24.13 -21.64
C PRO N 153 72.36 25.29 -20.70
N LEU N 154 72.40 24.98 -19.40
CA LEU N 154 72.76 25.95 -18.36
C LEU N 154 74.16 25.56 -17.90
N ALA N 155 75.16 26.08 -18.59
CA ALA N 155 76.53 25.67 -18.37
C ALA N 155 77.01 26.08 -16.97
N PRO N 156 77.86 25.28 -16.34
CA PRO N 156 78.41 25.67 -15.04
C PRO N 156 79.51 26.71 -15.19
N SER N 157 79.60 27.59 -14.20
CA SER N 157 80.59 28.65 -14.19
C SER N 157 81.71 28.32 -13.21
N GLY N 164 84.20 22.49 -3.24
CA GLY N 164 84.21 22.43 -4.69
C GLY N 164 82.95 21.79 -5.25
N THR N 165 81.91 22.61 -5.43
CA THR N 165 80.61 22.13 -5.88
C THR N 165 80.05 23.14 -6.87
N ALA N 166 79.78 22.69 -8.08
CA ALA N 166 79.30 23.55 -9.16
C ALA N 166 77.97 23.01 -9.66
N ALA N 167 77.12 23.92 -10.14
CA ALA N 167 75.73 23.62 -10.44
C ALA N 167 75.47 23.88 -11.92
N LEU N 168 74.89 22.90 -12.58
CA LEU N 168 74.61 22.97 -14.01
C LEU N 168 73.23 22.36 -14.26
N GLY N 169 72.65 22.74 -15.39
CA GLY N 169 71.33 22.26 -15.74
C GLY N 169 71.03 22.49 -17.20
N CYS N 170 69.76 22.33 -17.54
CA CYS N 170 69.29 22.58 -18.89
C CYS N 170 67.90 23.22 -18.80
N LEU N 171 67.62 24.13 -19.72
CA LEU N 171 66.40 24.93 -19.71
C LEU N 171 65.40 24.34 -20.70
N VAL N 172 64.27 23.87 -20.19
CA VAL N 172 63.19 23.32 -21.01
C VAL N 172 62.18 24.45 -21.22
N LYS N 173 62.20 25.05 -22.40
CA LYS N 173 61.51 26.30 -22.65
C LYS N 173 60.35 26.11 -23.62
N ASP N 174 59.21 26.73 -23.30
CA ASP N 174 58.08 26.84 -24.22
C ASP N 174 57.55 25.50 -24.69
N TYR N 175 56.76 24.82 -23.86
CA TYR N 175 56.06 23.61 -24.26
C TYR N 175 54.61 23.66 -23.77
N PHE N 176 53.78 22.79 -24.35
CA PHE N 176 52.38 22.69 -23.97
C PHE N 176 51.87 21.36 -24.47
N PRO N 177 51.07 20.61 -23.69
CA PRO N 177 50.68 20.80 -22.28
C PRO N 177 51.62 20.07 -21.33
N GLU N 178 51.31 20.10 -20.04
CA GLU N 178 52.04 19.29 -19.08
C GLU N 178 51.78 17.80 -19.35
N PRO N 179 52.66 16.92 -18.86
CA PRO N 179 53.89 17.16 -18.11
C PRO N 179 55.15 16.96 -18.95
N VAL N 180 56.29 17.30 -18.38
CA VAL N 180 57.59 17.00 -18.97
C VAL N 180 58.41 16.23 -17.95
N THR N 181 59.08 15.18 -18.42
CA THR N 181 59.97 14.37 -17.59
C THR N 181 61.42 14.71 -17.93
N VAL N 182 62.22 14.97 -16.90
CA VAL N 182 63.63 15.30 -17.07
C VAL N 182 64.45 14.33 -16.24
N SER N 183 65.38 13.63 -16.88
CA SER N 183 66.35 12.79 -16.21
C SER N 183 67.75 13.20 -16.66
N TRP N 184 68.75 12.72 -15.94
CA TRP N 184 70.14 13.03 -16.24
C TRP N 184 70.91 11.73 -16.47
N ASN N 185 71.62 11.68 -17.60
CA ASN N 185 72.40 10.50 -17.97
C ASN N 185 71.51 9.26 -18.04
N SER N 186 70.32 9.42 -18.63
CA SER N 186 69.37 8.32 -18.79
C SER N 186 68.99 7.71 -17.45
N GLY N 187 68.86 8.57 -16.43
CA GLY N 187 68.45 8.13 -15.11
C GLY N 187 69.58 7.66 -14.22
N ALA N 188 70.78 7.48 -14.75
CA ALA N 188 71.90 7.01 -13.93
C ALA N 188 72.34 8.04 -12.91
N LEU N 189 72.02 9.32 -13.13
CA LEU N 189 72.42 10.41 -12.24
C LEU N 189 71.18 10.94 -11.53
N THR N 190 71.09 10.70 -10.22
CA THR N 190 69.99 11.18 -9.41
C THR N 190 70.43 12.00 -8.21
N SER N 191 71.68 11.87 -7.76
CA SER N 191 72.16 12.65 -6.63
C SER N 191 72.31 14.12 -7.03
N GLY N 192 71.75 15.01 -6.22
CA GLY N 192 71.84 16.43 -6.46
C GLY N 192 70.92 16.96 -7.54
N VAL N 193 70.11 16.11 -8.16
CA VAL N 193 69.19 16.55 -9.21
C VAL N 193 68.00 17.24 -8.58
N HIS N 194 67.53 18.31 -9.22
CA HIS N 194 66.34 19.01 -8.77
C HIS N 194 65.61 19.55 -9.99
N THR N 195 64.46 18.95 -10.32
CA THR N 195 63.61 19.43 -11.40
C THR N 195 62.56 20.38 -10.84
N PHE N 196 62.62 21.65 -11.26
CA PHE N 196 61.73 22.68 -10.73
C PHE N 196 60.33 22.59 -11.37
N PRO N 197 59.30 23.00 -10.64
CA PRO N 197 57.98 23.09 -11.25
C PRO N 197 57.97 24.08 -12.41
N ALA N 198 57.13 23.79 -13.41
CA ALA N 198 57.05 24.65 -14.58
C ALA N 198 56.36 25.97 -14.25
N VAL N 199 56.78 27.03 -14.92
CA VAL N 199 56.14 28.33 -14.82
C VAL N 199 55.24 28.53 -16.04
N LEU N 200 54.02 29.00 -15.80
CA LEU N 200 53.08 29.29 -16.89
C LEU N 200 53.23 30.76 -17.26
N GLN N 201 53.87 31.02 -18.39
CA GLN N 201 54.09 32.40 -18.83
C GLN N 201 52.80 32.97 -19.43
N SER N 202 52.78 34.30 -19.55
CA SER N 202 51.59 34.98 -20.06
C SER N 202 51.17 34.46 -21.43
N SER N 203 52.12 34.00 -22.25
CA SER N 203 51.77 33.46 -23.56
C SER N 203 51.00 32.16 -23.49
N GLY N 204 50.87 31.55 -22.31
CA GLY N 204 50.19 30.28 -22.17
C GLY N 204 51.07 29.06 -22.33
N LEU N 205 52.37 29.24 -22.52
CA LEU N 205 53.31 28.15 -22.67
C LEU N 205 53.98 27.82 -21.34
N TYR N 206 54.53 26.63 -21.25
CA TYR N 206 55.20 26.17 -20.04
C TYR N 206 56.72 26.19 -20.22
N SER N 207 57.43 26.38 -19.10
CA SER N 207 58.89 26.32 -19.11
C SER N 207 59.36 25.91 -17.72
N LEU N 208 60.31 24.98 -17.66
CA LEU N 208 60.91 24.57 -16.40
C LEU N 208 62.42 24.47 -16.58
N SER N 209 63.11 24.27 -15.45
CA SER N 209 64.55 24.09 -15.44
C SER N 209 64.88 22.93 -14.50
N SER N 210 65.88 22.14 -14.90
CA SER N 210 66.38 21.04 -14.09
C SER N 210 67.87 21.26 -13.87
N VAL N 211 68.29 21.26 -12.60
CA VAL N 211 69.67 21.53 -12.24
C VAL N 211 70.22 20.37 -11.43
N VAL N 212 71.52 20.17 -11.54
CA VAL N 212 72.25 19.17 -10.77
C VAL N 212 73.49 19.82 -10.18
N THR N 213 73.71 19.59 -8.88
CA THR N 213 74.87 20.10 -8.16
C THR N 213 75.92 19.01 -8.12
N VAL N 214 77.02 19.22 -8.84
CA VAL N 214 78.05 18.19 -8.99
C VAL N 214 79.36 18.79 -8.49
N PRO N 215 80.34 17.95 -8.17
CA PRO N 215 81.64 18.47 -7.76
C PRO N 215 82.39 19.11 -8.93
N SER N 216 83.02 20.24 -8.65
CA SER N 216 83.72 20.98 -9.70
C SER N 216 84.87 20.19 -10.31
N SER N 217 85.42 19.21 -9.59
CA SER N 217 86.54 18.44 -10.11
C SER N 217 86.14 17.51 -11.23
N SER N 218 84.87 17.12 -11.31
CA SER N 218 84.39 16.18 -12.32
C SER N 218 83.83 16.87 -13.56
N LEU N 219 83.98 18.20 -13.67
CA LEU N 219 83.43 18.91 -14.82
C LEU N 219 84.20 18.60 -16.10
N GLY N 220 85.50 18.36 -15.99
CA GLY N 220 86.31 18.10 -17.16
C GLY N 220 86.33 16.65 -17.59
N THR N 221 86.04 15.73 -16.66
CA THR N 221 86.06 14.30 -16.94
C THR N 221 84.69 13.73 -17.21
N GLN N 222 83.71 14.05 -16.37
CA GLN N 222 82.37 13.49 -16.51
C GLN N 222 81.56 14.28 -17.53
N THR N 223 80.66 13.59 -18.21
CA THR N 223 79.76 14.19 -19.20
C THR N 223 78.34 14.20 -18.63
N TYR N 224 77.66 15.34 -18.77
CA TYR N 224 76.33 15.52 -18.19
C TYR N 224 75.34 15.83 -19.31
N ILE N 225 74.41 14.91 -19.54
CA ILE N 225 73.34 15.08 -20.50
C ILE N 225 72.00 15.02 -19.77
N CYS N 226 71.10 15.93 -20.11
CA CYS N 226 69.76 15.95 -19.53
C CYS N 226 68.77 15.43 -20.57
N ASN N 227 68.00 14.42 -20.18
CA ASN N 227 67.03 13.78 -21.06
C ASN N 227 65.66 14.39 -20.78
N VAL N 228 65.15 15.15 -21.75
CA VAL N 228 63.86 15.83 -21.63
C VAL N 228 62.83 15.03 -22.41
N ASN N 229 61.65 14.86 -21.82
CA ASN N 229 60.59 14.08 -22.44
C ASN N 229 59.29 14.86 -22.38
N HIS N 230 58.66 15.06 -23.55
CA HIS N 230 57.35 15.71 -23.65
C HIS N 230 56.47 14.74 -24.42
N LYS N 231 55.76 13.88 -23.68
CA LYS N 231 54.96 12.84 -24.33
C LYS N 231 53.85 13.41 -25.22
N PRO N 232 53.12 14.45 -24.83
CA PRO N 232 52.05 14.95 -25.70
C PRO N 232 52.52 15.30 -27.11
N SER N 233 53.76 15.75 -27.26
CA SER N 233 54.32 16.05 -28.58
C SER N 233 55.29 14.98 -29.06
N ASN N 234 55.48 13.91 -28.30
CA ASN N 234 56.40 12.83 -28.67
C ASN N 234 57.80 13.39 -28.94
N THR N 235 58.22 14.33 -28.10
CA THR N 235 59.51 15.00 -28.25
C THR N 235 60.49 14.45 -27.24
N LYS N 236 61.64 13.99 -27.73
CA LYS N 236 62.73 13.52 -26.89
C LYS N 236 64.01 14.23 -27.32
N VAL N 237 64.61 14.98 -26.40
CA VAL N 237 65.79 15.77 -26.68
C VAL N 237 66.85 15.42 -25.64
N ASP N 238 68.10 15.28 -26.09
CA ASP N 238 69.24 15.01 -25.23
C ASP N 238 70.26 16.13 -25.41
N LYS N 239 70.38 17.01 -24.43
CA LYS N 239 71.25 18.16 -24.52
C LYS N 239 72.44 17.96 -23.59
N LYS N 240 73.64 18.17 -24.11
CA LYS N 240 74.87 18.06 -23.34
C LYS N 240 75.23 19.42 -22.76
N VAL N 241 75.55 19.44 -21.47
CA VAL N 241 75.88 20.67 -20.75
C VAL N 241 77.39 20.67 -20.53
N GLU N 242 78.08 21.62 -21.16
CA GLU N 242 79.53 21.73 -21.09
C GLU N 242 79.93 23.08 -20.51
N PRO N 243 81.10 23.18 -19.88
CA PRO N 243 81.55 24.46 -19.31
C PRO N 243 81.69 25.56 -20.36
N GLN O 29 -32.18 -48.98 -4.18
CA GLN O 29 -30.93 -48.24 -4.48
C GLN O 29 -31.04 -46.79 -4.05
N VAL O 30 -30.62 -46.49 -2.82
CA VAL O 30 -30.67 -45.13 -2.31
C VAL O 30 -29.77 -44.24 -3.16
N GLN O 31 -30.27 -43.06 -3.50
CA GLN O 31 -29.54 -42.13 -4.34
C GLN O 31 -29.91 -40.70 -3.95
N LEU O 32 -28.90 -39.87 -3.68
CA LEU O 32 -29.10 -38.47 -3.35
C LEU O 32 -28.21 -37.63 -4.25
N VAL O 33 -28.80 -36.64 -4.92
CA VAL O 33 -28.09 -35.82 -5.89
C VAL O 33 -28.34 -34.36 -5.55
N GLU O 34 -27.30 -33.67 -5.09
CA GLU O 34 -27.38 -32.25 -4.80
C GLU O 34 -27.17 -31.41 -6.06
N SER O 35 -27.77 -30.22 -6.07
CA SER O 35 -27.61 -29.27 -7.16
C SER O 35 -27.91 -27.88 -6.63
N GLY O 36 -27.65 -26.87 -7.46
CA GLY O 36 -27.88 -25.49 -7.11
C GLY O 36 -26.65 -24.73 -6.66
N GLY O 37 -25.50 -25.40 -6.54
CA GLY O 37 -24.27 -24.75 -6.17
C GLY O 37 -23.65 -23.96 -7.32
N GLY O 38 -22.57 -23.25 -7.00
CA GLY O 38 -21.86 -22.48 -8.01
C GLY O 38 -21.06 -21.37 -7.35
N VAL O 39 -20.66 -20.40 -8.17
CA VAL O 39 -19.88 -19.25 -7.70
C VAL O 39 -20.83 -18.05 -7.57
N VAL O 40 -20.84 -17.44 -6.39
CA VAL O 40 -21.73 -16.32 -6.12
C VAL O 40 -21.01 -15.34 -5.21
N GLN O 41 -21.31 -14.05 -5.38
CA GLN O 41 -20.69 -13.05 -4.53
C GLN O 41 -21.34 -13.02 -3.15
N PRO O 42 -20.59 -12.59 -2.12
CA PRO O 42 -21.17 -12.48 -0.78
C PRO O 42 -22.39 -11.57 -0.76
N GLY O 43 -23.31 -11.88 0.15
CA GLY O 43 -24.52 -11.10 0.30
C GLY O 43 -25.67 -11.52 -0.60
N ARG O 44 -25.42 -12.36 -1.59
CA ARG O 44 -26.43 -12.80 -2.54
C ARG O 44 -27.05 -14.12 -2.09
N SER O 45 -28.08 -14.56 -2.84
CA SER O 45 -28.87 -15.71 -2.45
C SER O 45 -28.61 -16.89 -3.37
N LEU O 46 -28.84 -18.09 -2.82
CA LEU O 46 -28.62 -19.32 -3.56
C LEU O 46 -29.60 -20.37 -3.01
N ARG O 47 -30.13 -21.22 -3.88
CA ARG O 47 -31.09 -22.25 -3.47
C ARG O 47 -30.57 -23.62 -3.87
N LEU O 48 -30.29 -24.46 -2.87
CA LEU O 48 -29.82 -25.82 -3.13
C LEU O 48 -30.98 -26.80 -3.14
N SER O 49 -30.82 -27.88 -3.91
CA SER O 49 -31.80 -28.94 -4.04
C SER O 49 -31.11 -30.28 -3.89
N CYS O 50 -31.85 -31.27 -3.42
CA CYS O 50 -31.34 -32.63 -3.25
C CYS O 50 -32.45 -33.58 -3.71
N ALA O 51 -32.27 -34.18 -4.88
CA ALA O 51 -33.24 -35.12 -5.41
C ALA O 51 -32.97 -36.51 -4.81
N ALA O 52 -33.99 -37.09 -4.21
CA ALA O 52 -33.89 -38.39 -3.55
C ALA O 52 -34.66 -39.45 -4.32
N SER O 53 -34.16 -40.69 -4.26
CA SER O 53 -34.82 -41.80 -4.93
C SER O 53 -34.31 -43.10 -4.32
N GLY O 54 -35.06 -44.17 -4.55
CA GLY O 54 -34.70 -45.47 -4.04
C GLY O 54 -35.17 -45.78 -2.63
N PHE O 55 -35.88 -44.85 -1.98
CA PHE O 55 -36.38 -45.08 -0.64
C PHE O 55 -37.54 -44.13 -0.40
N THR O 56 -38.27 -44.39 0.68
CA THR O 56 -39.44 -43.59 1.04
C THR O 56 -38.95 -42.29 1.66
N PHE O 57 -38.75 -41.28 0.80
CA PHE O 57 -38.19 -40.00 1.23
C PHE O 57 -39.02 -39.38 2.34
N SER O 58 -40.35 -39.44 2.24
CA SER O 58 -41.23 -38.78 3.19
C SER O 58 -41.16 -39.39 4.59
N SER O 59 -40.53 -40.56 4.75
CA SER O 59 -40.46 -41.21 6.04
C SER O 59 -39.21 -40.88 6.82
N TYR O 60 -38.27 -40.15 6.23
CA TYR O 60 -36.98 -39.88 6.86
C TYR O 60 -36.79 -38.38 7.07
N GLY O 61 -36.29 -38.02 8.24
CA GLY O 61 -35.74 -36.69 8.41
C GLY O 61 -34.49 -36.52 7.57
N MET O 62 -34.18 -35.28 7.25
CA MET O 62 -33.08 -34.98 6.33
C MET O 62 -32.18 -33.91 6.92
N HIS O 63 -30.88 -34.04 6.65
CA HIS O 63 -29.87 -33.09 7.09
C HIS O 63 -29.20 -32.43 5.90
N TRP O 64 -28.72 -31.21 6.10
CA TRP O 64 -27.70 -30.60 5.27
C TRP O 64 -26.42 -30.51 6.09
N VAL O 65 -25.32 -31.00 5.52
CA VAL O 65 -24.01 -30.96 6.15
C VAL O 65 -23.03 -30.41 5.13
N ARG O 66 -22.15 -29.50 5.58
CA ARG O 66 -21.20 -28.86 4.69
C ARG O 66 -19.77 -29.11 5.18
N GLN O 67 -18.83 -28.89 4.26
CA GLN O 67 -17.41 -29.13 4.53
C GLN O 67 -16.62 -28.14 3.68
N ALA O 68 -16.00 -27.17 4.34
CA ALA O 68 -15.14 -26.24 3.62
C ALA O 68 -13.90 -26.98 3.12
N PRO O 69 -13.32 -26.53 2.00
CA PRO O 69 -12.14 -27.24 1.45
C PRO O 69 -11.04 -27.45 2.46
N GLY O 70 -10.67 -28.71 2.68
CA GLY O 70 -9.60 -29.05 3.60
C GLY O 70 -9.97 -28.97 5.07
N LYS O 71 -11.23 -28.70 5.40
CA LYS O 71 -11.66 -28.54 6.78
C LYS O 71 -12.61 -29.67 7.14
N GLY O 72 -13.13 -29.64 8.37
CA GLY O 72 -13.98 -30.69 8.86
C GLY O 72 -15.44 -30.55 8.46
N LEU O 73 -16.22 -31.54 8.87
CA LEU O 73 -17.66 -31.54 8.61
C LEU O 73 -18.38 -30.62 9.58
N GLU O 74 -19.37 -29.88 9.07
CA GLU O 74 -20.15 -28.96 9.89
C GLU O 74 -21.63 -29.18 9.58
N TRP O 75 -22.39 -29.59 10.58
CA TRP O 75 -23.83 -29.71 10.43
C TRP O 75 -24.44 -28.34 10.16
N VAL O 76 -25.41 -28.29 9.26
CA VAL O 76 -26.05 -27.05 8.83
C VAL O 76 -27.49 -26.96 9.33
N ALA O 77 -28.32 -27.93 8.96
CA ALA O 77 -29.74 -27.85 9.28
C ALA O 77 -30.35 -29.23 9.23
N PHE O 78 -31.54 -29.34 9.83
CA PHE O 78 -32.29 -30.59 9.85
C PHE O 78 -33.78 -30.29 9.73
N ILE O 79 -34.50 -31.19 9.07
CA ILE O 79 -35.94 -31.06 8.90
C ILE O 79 -36.58 -32.43 9.14
N ARG O 80 -37.68 -32.43 9.87
CA ARG O 80 -38.38 -33.67 10.18
C ARG O 80 -38.94 -34.31 8.91
N TYR O 81 -39.30 -35.58 9.03
CA TYR O 81 -39.80 -36.34 7.89
C TYR O 81 -40.97 -35.64 7.21
N ASP O 82 -41.83 -35.00 8.00
CA ASP O 82 -43.04 -34.35 7.48
C ASP O 82 -42.90 -32.84 7.34
N GLY O 83 -41.72 -32.29 7.62
CA GLY O 83 -41.51 -30.86 7.55
C GLY O 83 -42.10 -30.05 8.68
N SER O 84 -42.54 -30.71 9.76
CA SER O 84 -43.21 -30.01 10.85
C SER O 84 -42.25 -29.21 11.72
N ASN O 85 -41.00 -29.63 11.81
CA ASN O 85 -40.02 -28.95 12.65
C ASN O 85 -38.70 -28.83 11.90
N LYS O 86 -38.00 -27.72 12.13
CA LYS O 86 -36.74 -27.43 11.47
C LYS O 86 -35.72 -26.98 12.51
N TYR O 87 -34.47 -27.38 12.30
CA TYR O 87 -33.38 -27.04 13.20
C TYR O 87 -32.22 -26.48 12.39
N TYR O 88 -31.53 -25.49 12.96
CA TYR O 88 -30.46 -24.81 12.26
C TYR O 88 -29.27 -24.63 13.20
N ALA O 89 -28.08 -24.63 12.60
CA ALA O 89 -26.88 -24.26 13.32
C ALA O 89 -26.84 -22.74 13.53
N ASP O 90 -26.21 -22.32 14.61
CA ASP O 90 -26.18 -20.90 14.94
C ASP O 90 -25.54 -20.08 13.82
N SER O 91 -24.57 -20.66 13.11
CA SER O 91 -23.88 -19.92 12.05
C SER O 91 -24.78 -19.60 10.86
N VAL O 92 -25.90 -20.31 10.71
CA VAL O 92 -26.81 -20.09 9.59
C VAL O 92 -28.21 -19.67 10.03
N LYS O 93 -28.49 -19.64 11.33
CA LYS O 93 -29.82 -19.31 11.79
C LYS O 93 -30.21 -17.92 11.31
N GLY O 94 -31.43 -17.79 10.80
CA GLY O 94 -31.93 -16.53 10.27
C GLY O 94 -31.55 -16.24 8.84
N ARG O 95 -30.55 -16.93 8.30
CA ARG O 95 -30.11 -16.75 6.93
C ARG O 95 -30.49 -17.89 6.02
N PHE O 96 -30.39 -19.13 6.49
CA PHE O 96 -30.75 -20.30 5.71
C PHE O 96 -32.12 -20.81 6.11
N THR O 97 -32.80 -21.44 5.16
CA THR O 97 -34.10 -22.05 5.41
C THR O 97 -34.11 -23.42 4.77
N ILE O 98 -34.37 -24.46 5.57
CA ILE O 98 -34.49 -25.81 5.07
C ILE O 98 -35.98 -26.09 4.83
N SER O 99 -36.26 -26.80 3.74
CA SER O 99 -37.62 -27.18 3.40
C SER O 99 -37.58 -28.45 2.57
N ARG O 100 -38.75 -29.04 2.33
CA ARG O 100 -38.83 -30.30 1.61
C ARG O 100 -40.17 -30.39 0.93
N ASP O 101 -40.18 -31.04 -0.23
CA ASP O 101 -41.39 -31.31 -1.01
C ASP O 101 -41.47 -32.82 -1.16
N ASN O 102 -42.27 -33.46 -0.30
CA ASN O 102 -42.34 -34.91 -0.30
C ASN O 102 -43.02 -35.44 -1.56
N SER O 103 -43.89 -34.65 -2.19
CA SER O 103 -44.49 -35.08 -3.45
C SER O 103 -43.44 -35.17 -4.55
N LYS O 104 -42.36 -34.39 -4.46
CA LYS O 104 -41.29 -34.43 -5.44
C LYS O 104 -40.07 -35.21 -4.95
N ASN O 105 -40.06 -35.67 -3.70
CA ASN O 105 -38.90 -36.38 -3.14
C ASN O 105 -37.65 -35.51 -3.25
N THR O 106 -37.78 -34.24 -2.88
CA THR O 106 -36.70 -33.29 -2.98
C THR O 106 -36.57 -32.49 -1.69
N LEU O 107 -35.33 -32.27 -1.28
CA LEU O 107 -34.98 -31.44 -0.14
C LEU O 107 -34.37 -30.15 -0.65
N TYR O 108 -34.64 -29.04 0.05
CA TYR O 108 -34.17 -27.73 -0.36
C TYR O 108 -33.42 -27.07 0.77
N LEU O 109 -32.49 -26.19 0.41
CA LEU O 109 -31.82 -25.32 1.37
C LEU O 109 -31.75 -23.94 0.74
N GLN O 110 -32.58 -23.02 1.22
CA GLN O 110 -32.52 -21.64 0.78
C GLN O 110 -31.43 -20.92 1.55
N MET O 111 -30.43 -20.41 0.84
CA MET O 111 -29.28 -19.76 1.45
C MET O 111 -29.29 -18.28 1.06
N ASN O 112 -29.51 -17.42 2.04
CA ASN O 112 -29.52 -15.97 1.86
C ASN O 112 -28.37 -15.35 2.63
N SER O 113 -28.02 -14.12 2.27
CA SER O 113 -26.95 -13.38 2.93
C SER O 113 -25.69 -14.23 3.03
N LEU O 114 -25.27 -14.77 1.89
CA LEU O 114 -24.11 -15.65 1.87
C LEU O 114 -22.84 -14.91 2.25
N ARG O 115 -21.94 -15.63 2.91
CA ARG O 115 -20.68 -15.09 3.38
C ARG O 115 -19.54 -15.94 2.82
N ALA O 116 -18.32 -15.41 2.93
CA ALA O 116 -17.16 -16.16 2.45
C ALA O 116 -17.02 -17.47 3.22
N GLU O 117 -17.34 -17.46 4.51
CA GLU O 117 -17.23 -18.65 5.35
C GLU O 117 -18.25 -19.72 5.00
N ASP O 118 -19.20 -19.43 4.11
CA ASP O 118 -20.14 -20.44 3.64
C ASP O 118 -19.58 -21.26 2.49
N THR O 119 -18.42 -20.89 1.95
CA THR O 119 -17.80 -21.68 0.90
C THR O 119 -17.54 -23.09 1.40
N ALA O 120 -18.13 -24.06 0.71
CA ALA O 120 -18.03 -25.44 1.16
C ALA O 120 -18.75 -26.34 0.17
N VAL O 121 -18.45 -27.63 0.24
CA VAL O 121 -19.30 -28.64 -0.38
C VAL O 121 -20.47 -28.90 0.55
N TYR O 122 -21.68 -28.87 0.00
CA TYR O 122 -22.89 -29.04 0.79
C TYR O 122 -23.46 -30.42 0.47
N TYR O 123 -23.55 -31.25 1.51
CA TYR O 123 -24.06 -32.61 1.39
C TYR O 123 -25.47 -32.68 1.95
N CYS O 124 -26.33 -33.45 1.29
N CYS O 124 -26.25 -33.58 1.36
CA CYS O 124 -27.61 -33.82 1.88
CA CYS O 124 -27.60 -33.90 1.78
C CYS O 124 -27.49 -35.22 2.45
C CYS O 124 -27.61 -35.30 2.38
N LYS O 125 -28.15 -35.45 3.58
CA LYS O 125 -27.99 -36.67 4.34
C LYS O 125 -29.30 -37.08 4.99
N THR O 126 -29.58 -38.38 4.96
CA THR O 126 -30.76 -38.91 5.64
C THR O 126 -30.52 -38.98 7.14
N HIS O 127 -31.63 -38.99 7.89
CA HIS O 127 -31.58 -39.04 9.34
C HIS O 127 -31.87 -40.47 9.79
N GLY O 128 -30.90 -41.06 10.47
CA GLY O 128 -31.04 -42.42 10.98
C GLY O 128 -29.69 -43.00 11.29
N SER O 129 -29.72 -44.20 11.87
CA SER O 129 -28.48 -44.92 12.14
C SER O 129 -27.77 -45.31 10.86
N HIS O 130 -28.50 -45.92 9.93
CA HIS O 130 -27.97 -46.26 8.61
C HIS O 130 -28.36 -45.13 7.66
N ASP O 131 -27.48 -44.14 7.56
CA ASP O 131 -27.72 -42.96 6.76
C ASP O 131 -27.06 -43.06 5.40
N ASN O 132 -27.45 -42.16 4.51
CA ASN O 132 -26.89 -42.07 3.17
C ASN O 132 -26.58 -40.61 2.87
N TRP O 133 -25.49 -40.40 2.12
CA TRP O 133 -25.06 -39.07 1.74
C TRP O 133 -25.12 -38.94 0.22
N GLY O 134 -25.26 -37.70 -0.26
CA GLY O 134 -25.07 -37.41 -1.66
C GLY O 134 -23.62 -37.13 -1.97
N GLN O 135 -23.34 -36.93 -3.26
CA GLN O 135 -21.98 -36.61 -3.68
C GLN O 135 -21.58 -35.20 -3.29
N GLY O 136 -22.56 -34.34 -2.98
CA GLY O 136 -22.29 -32.96 -2.60
C GLY O 136 -22.31 -32.02 -3.79
N THR O 137 -22.54 -30.74 -3.48
CA THR O 137 -22.51 -29.69 -4.49
C THR O 137 -21.67 -28.54 -3.92
N MET O 138 -20.77 -28.03 -4.74
CA MET O 138 -19.81 -27.02 -4.30
C MET O 138 -20.43 -25.63 -4.37
N VAL O 139 -20.27 -24.87 -3.30
CA VAL O 139 -20.70 -23.47 -3.25
C VAL O 139 -19.47 -22.63 -2.95
N THR O 140 -19.19 -21.66 -3.81
CA THR O 140 -18.07 -20.76 -3.65
C THR O 140 -18.61 -19.34 -3.52
N VAL O 141 -18.39 -18.73 -2.35
CA VAL O 141 -18.82 -17.36 -2.10
C VAL O 141 -17.59 -16.48 -2.16
N SER O 142 -17.44 -15.73 -3.24
CA SER O 142 -16.26 -14.90 -3.44
C SER O 142 -16.58 -13.79 -4.43
N SER O 143 -16.07 -12.59 -4.14
CA SER O 143 -16.16 -11.45 -5.04
C SER O 143 -14.86 -11.22 -5.80
N ALA O 144 -14.22 -12.27 -6.29
CA ALA O 144 -12.91 -12.15 -6.93
C ALA O 144 -13.03 -12.24 -8.45
N SER O 145 -12.32 -11.35 -9.14
CA SER O 145 -12.25 -11.28 -10.59
C SER O 145 -10.82 -11.49 -11.04
N THR O 146 -10.65 -11.71 -12.36
CA THR O 146 -9.34 -11.91 -12.94
C THR O 146 -8.37 -10.83 -12.50
N LYS O 147 -7.25 -11.24 -11.92
CA LYS O 147 -6.25 -10.29 -11.42
C LYS O 147 -4.86 -10.90 -11.56
N GLY O 148 -3.92 -10.11 -12.06
CA GLY O 148 -2.54 -10.54 -12.17
C GLY O 148 -1.82 -10.50 -10.83
N PRO O 149 -0.77 -11.29 -10.68
CA PRO O 149 -0.06 -11.33 -9.40
C PRO O 149 0.92 -10.18 -9.22
N SER O 150 1.15 -9.85 -7.95
CA SER O 150 2.23 -8.95 -7.56
C SER O 150 3.39 -9.82 -7.07
N VAL O 151 4.53 -9.75 -7.77
CA VAL O 151 5.69 -10.58 -7.47
C VAL O 151 6.65 -9.80 -6.60
N PHE O 152 7.10 -10.41 -5.51
CA PHE O 152 8.05 -9.80 -4.61
C PHE O 152 9.21 -10.75 -4.37
N PRO O 153 10.45 -10.25 -4.27
CA PRO O 153 11.59 -11.13 -4.07
C PRO O 153 11.74 -11.55 -2.61
N LEU O 154 12.13 -12.80 -2.41
CA LEU O 154 12.44 -13.34 -1.09
C LEU O 154 13.96 -13.46 -1.00
N ALA O 155 14.61 -12.37 -0.60
CA ALA O 155 16.06 -12.30 -0.64
C ALA O 155 16.68 -13.28 0.34
N PRO O 156 17.84 -13.85 0.01
CA PRO O 156 18.52 -14.74 0.96
C PRO O 156 19.24 -13.97 2.05
N SER O 157 19.27 -14.57 3.23
CA SER O 157 19.92 -13.97 4.39
C SER O 157 21.18 -14.76 4.77
N THR O 165 24.93 -23.17 1.37
CA THR O 165 23.57 -23.35 0.87
C THR O 165 22.62 -22.33 1.50
N ALA O 166 22.14 -21.41 0.67
CA ALA O 166 21.25 -20.35 1.08
C ALA O 166 20.00 -20.39 0.22
N ALA O 167 18.88 -19.96 0.79
CA ALA O 167 17.57 -20.16 0.18
C ALA O 167 16.91 -18.81 -0.08
N LEU O 168 16.47 -18.63 -1.32
CA LEU O 168 15.83 -17.40 -1.77
C LEU O 168 14.69 -17.78 -2.70
N GLY O 169 13.74 -16.86 -2.86
CA GLY O 169 12.60 -17.14 -3.70
C GLY O 169 11.86 -15.89 -4.10
N CYS O 170 10.67 -16.11 -4.67
CA CYS O 170 9.79 -15.03 -5.09
C CYS O 170 8.39 -15.30 -4.56
N LEU O 171 7.73 -14.22 -4.12
CA LEU O 171 6.38 -14.31 -3.58
C LEU O 171 5.40 -13.85 -4.65
N VAL O 172 4.55 -14.76 -5.11
CA VAL O 172 3.52 -14.47 -6.10
C VAL O 172 2.23 -14.26 -5.31
N LYS O 173 1.84 -12.99 -5.16
CA LYS O 173 0.80 -12.60 -4.21
C LYS O 173 -0.45 -12.11 -4.95
N ASP O 174 -1.62 -12.58 -4.49
CA ASP O 174 -2.91 -12.04 -4.91
C ASP O 174 -3.11 -12.06 -6.42
N TYR O 175 -3.47 -13.23 -6.96
CA TYR O 175 -3.83 -13.34 -8.36
C TYR O 175 -5.07 -14.21 -8.49
N PHE O 176 -5.72 -14.14 -9.66
CA PHE O 176 -6.91 -14.93 -9.90
C PHE O 176 -7.17 -14.99 -11.39
N PRO O 177 -7.54 -16.16 -11.96
CA PRO O 177 -7.59 -17.47 -11.31
C PRO O 177 -6.27 -18.21 -11.48
N GLU O 178 -6.18 -19.43 -10.95
CA GLU O 178 -5.06 -20.29 -11.24
C GLU O 178 -5.09 -20.71 -12.71
N PRO O 179 -3.96 -21.16 -13.28
CA PRO O 179 -2.67 -21.34 -12.63
C PRO O 179 -1.65 -20.25 -12.91
N VAL O 180 -0.52 -20.35 -12.22
CA VAL O 180 0.66 -19.52 -12.45
C VAL O 180 1.83 -20.44 -12.68
N THR O 181 2.63 -20.13 -13.69
CA THR O 181 3.85 -20.86 -14.00
C THR O 181 5.05 -20.01 -13.57
N VAL O 182 5.97 -20.62 -12.83
CA VAL O 182 7.15 -19.94 -12.34
C VAL O 182 8.38 -20.73 -12.77
N SER O 183 9.30 -20.06 -13.45
CA SER O 183 10.60 -20.61 -13.79
C SER O 183 11.67 -19.67 -13.27
N TRP O 184 12.91 -20.16 -13.24
CA TRP O 184 14.04 -19.40 -12.75
C TRP O 184 15.09 -19.29 -13.85
N ASN O 185 15.53 -18.07 -14.12
CA ASN O 185 16.54 -17.82 -15.16
C ASN O 185 16.06 -18.35 -16.50
N SER O 186 14.78 -18.13 -16.81
CA SER O 186 14.18 -18.55 -18.07
C SER O 186 14.33 -20.06 -18.29
N GLY O 187 14.30 -20.84 -17.22
CA GLY O 187 14.41 -22.28 -17.30
C GLY O 187 15.81 -22.83 -17.18
N ALA O 188 16.84 -21.98 -17.19
CA ALA O 188 18.21 -22.44 -17.07
C ALA O 188 18.56 -22.92 -15.67
N LEU O 189 17.68 -22.70 -14.69
CA LEU O 189 17.90 -23.11 -13.31
C LEU O 189 16.75 -24.00 -12.87
N THR O 190 17.02 -25.30 -12.73
CA THR O 190 16.01 -26.26 -12.34
C THR O 190 16.41 -27.14 -11.17
N SER O 191 17.64 -27.06 -10.68
CA SER O 191 18.08 -27.85 -9.54
C SER O 191 17.80 -27.09 -8.26
N GLY O 192 17.11 -27.75 -7.34
CA GLY O 192 16.76 -27.15 -6.06
C GLY O 192 15.54 -26.26 -6.08
N VAL O 193 14.89 -26.10 -7.23
CA VAL O 193 13.70 -25.26 -7.32
C VAL O 193 12.51 -26.00 -6.71
N HIS O 194 11.68 -25.27 -5.98
CA HIS O 194 10.49 -25.84 -5.35
C HIS O 194 9.39 -24.79 -5.40
N THR O 195 8.42 -24.99 -6.28
CA THR O 195 7.25 -24.11 -6.36
C THR O 195 6.14 -24.71 -5.51
N PHE O 196 5.76 -24.01 -4.45
CA PHE O 196 4.75 -24.53 -3.55
C PHE O 196 3.35 -24.31 -4.12
N PRO O 197 2.39 -25.16 -3.79
CA PRO O 197 1.01 -24.91 -4.21
C PRO O 197 0.49 -23.60 -3.63
N ALA O 198 -0.38 -22.95 -4.39
CA ALA O 198 -0.92 -21.67 -3.98
C ALA O 198 -1.89 -21.86 -2.81
N VAL O 199 -1.98 -20.83 -1.97
CA VAL O 199 -2.94 -20.78 -0.88
C VAL O 199 -4.14 -20.00 -1.36
N LEU O 200 -5.34 -20.53 -1.10
CA LEU O 200 -6.58 -19.87 -1.47
C LEU O 200 -7.05 -19.03 -0.28
N GLN O 201 -6.92 -17.72 -0.41
CA GLN O 201 -7.30 -16.81 0.66
C GLN O 201 -8.82 -16.70 0.75
N SER O 202 -9.30 -16.26 1.92
CA SER O 202 -10.74 -16.07 2.07
C SER O 202 -11.29 -15.08 1.06
N SER O 203 -10.48 -14.10 0.63
CA SER O 203 -10.93 -13.16 -0.38
C SER O 203 -11.13 -13.81 -1.74
N GLY O 204 -10.73 -15.07 -1.90
CA GLY O 204 -10.85 -15.75 -3.18
C GLY O 204 -9.65 -15.59 -4.09
N LEU O 205 -8.59 -14.92 -3.64
CA LEU O 205 -7.38 -14.73 -4.43
C LEU O 205 -6.34 -15.78 -4.03
N TYR O 206 -5.41 -16.02 -4.94
CA TYR O 206 -4.37 -17.02 -4.76
C TYR O 206 -3.02 -16.36 -4.48
N SER O 207 -2.16 -17.10 -3.79
CA SER O 207 -0.80 -16.67 -3.53
C SER O 207 0.07 -17.92 -3.36
N LEU O 208 1.24 -17.92 -4.02
CA LEU O 208 2.19 -19.01 -3.89
C LEU O 208 3.59 -18.44 -3.75
N SER O 209 4.54 -19.32 -3.44
CA SER O 209 5.94 -18.94 -3.32
C SER O 209 6.80 -19.97 -4.03
N SER O 210 7.85 -19.51 -4.69
CA SER O 210 8.82 -20.37 -5.34
C SER O 210 10.20 -20.07 -4.76
N VAL O 211 10.89 -21.09 -4.29
CA VAL O 211 12.18 -20.95 -3.64
C VAL O 211 13.21 -21.80 -4.36
N VAL O 212 14.47 -21.37 -4.27
CA VAL O 212 15.59 -22.10 -4.84
C VAL O 212 16.69 -22.19 -3.79
N THR O 213 17.22 -23.39 -3.61
CA THR O 213 18.32 -23.65 -2.68
C THR O 213 19.61 -23.64 -3.49
N VAL O 214 20.43 -22.62 -3.27
CA VAL O 214 21.68 -22.44 -4.03
C VAL O 214 22.86 -22.32 -3.07
N PRO O 215 24.08 -22.69 -3.49
CA PRO O 215 25.23 -22.56 -2.59
C PRO O 215 25.54 -21.11 -2.27
N SER O 216 25.89 -20.86 -1.01
CA SER O 216 26.21 -19.51 -0.56
C SER O 216 27.38 -18.93 -1.34
N LEU O 219 26.80 -16.50 -4.26
CA LEU O 219 25.65 -15.64 -4.04
C LEU O 219 25.87 -14.27 -4.66
N GLY O 220 27.09 -13.76 -4.55
CA GLY O 220 27.44 -12.47 -5.10
C GLY O 220 27.86 -12.48 -6.56
N THR O 221 27.97 -13.67 -7.16
CA THR O 221 28.37 -13.80 -8.56
C THR O 221 27.19 -14.11 -9.48
N GLN O 222 26.38 -15.10 -9.12
CA GLN O 222 25.24 -15.49 -9.95
C GLN O 222 24.06 -14.57 -9.70
N THR O 223 23.27 -14.36 -10.76
CA THR O 223 22.06 -13.55 -10.71
C THR O 223 20.85 -14.46 -10.85
N TYR O 224 19.84 -14.24 -10.01
CA TYR O 224 18.67 -15.11 -9.94
C TYR O 224 17.42 -14.33 -10.29
N ILE O 225 16.78 -14.69 -11.40
CA ILE O 225 15.53 -14.10 -11.85
C ILE O 225 14.46 -15.18 -11.85
N CYS O 226 13.29 -14.84 -11.33
CA CYS O 226 12.12 -15.72 -11.32
C CYS O 226 11.14 -15.22 -12.36
N ASN O 227 10.80 -16.08 -13.32
CA ASN O 227 9.91 -15.72 -14.43
C ASN O 227 8.51 -16.20 -14.10
N VAL O 228 7.61 -15.27 -13.80
CA VAL O 228 6.23 -15.58 -13.44
C VAL O 228 5.35 -15.24 -14.64
N ASN O 229 4.42 -16.14 -14.95
CA ASN O 229 3.49 -15.95 -16.05
C ASN O 229 2.08 -16.32 -15.60
N HIS O 230 1.15 -15.39 -15.80
CA HIS O 230 -0.26 -15.60 -15.48
C HIS O 230 -1.04 -15.33 -16.77
N LYS O 231 -1.29 -16.40 -17.52
CA LYS O 231 -1.94 -16.24 -18.82
C LYS O 231 -3.32 -15.61 -18.73
N PRO O 232 -4.18 -15.95 -17.76
CA PRO O 232 -5.52 -15.34 -17.73
C PRO O 232 -5.50 -13.82 -17.73
N SER O 233 -4.50 -13.20 -17.11
CA SER O 233 -4.37 -11.75 -17.12
C SER O 233 -3.30 -11.25 -18.08
N ASN O 234 -2.67 -12.15 -18.84
CA ASN O 234 -1.60 -11.78 -19.77
C ASN O 234 -0.48 -11.04 -19.03
N THR O 235 -0.16 -11.50 -17.83
CA THR O 235 0.86 -10.90 -16.99
C THR O 235 2.11 -11.77 -17.02
N LYS O 236 3.23 -11.18 -17.43
CA LYS O 236 4.53 -11.85 -17.38
C LYS O 236 5.53 -10.92 -16.71
N VAL O 237 6.10 -11.37 -15.60
CA VAL O 237 6.99 -10.58 -14.77
C VAL O 237 8.29 -11.31 -14.55
N ASP O 238 9.40 -10.57 -14.60
CA ASP O 238 10.73 -11.09 -14.31
C ASP O 238 11.31 -10.27 -13.16
N LYS O 239 11.37 -10.88 -11.98
CA LYS O 239 11.81 -10.19 -10.77
C LYS O 239 13.19 -10.69 -10.38
N LYS O 240 14.09 -9.76 -10.09
CA LYS O 240 15.45 -10.09 -9.69
C LYS O 240 15.51 -10.20 -8.17
N VAL O 241 16.12 -11.28 -7.69
CA VAL O 241 16.27 -11.55 -6.26
C VAL O 241 17.73 -11.32 -5.90
N GLU O 242 17.98 -10.30 -5.07
CA GLU O 242 19.34 -9.96 -4.68
C GLU O 242 19.49 -10.06 -3.16
N PRO O 243 20.70 -10.31 -2.67
CA PRO O 243 20.89 -10.39 -1.21
C PRO O 243 20.55 -9.07 -0.55
N LYS O 244 19.90 -9.15 0.61
CA LYS O 244 19.52 -7.96 1.37
C LYS O 244 19.64 -8.21 2.87
N GLN P 29 -21.70 -25.19 18.95
CA GLN P 29 -21.01 -24.65 20.15
C GLN P 29 -20.11 -25.70 20.78
N SER P 30 -20.66 -26.87 21.08
CA SER P 30 -19.87 -27.94 21.67
C SER P 30 -18.96 -28.55 20.63
N VAL P 31 -17.74 -28.90 21.05
CA VAL P 31 -16.71 -29.44 20.17
C VAL P 31 -16.35 -30.84 20.65
N LEU P 32 -16.23 -31.77 19.69
CA LEU P 32 -15.72 -33.11 19.96
C LEU P 32 -14.27 -33.15 19.45
N THR P 33 -13.32 -33.15 20.38
CA THR P 33 -11.92 -33.02 20.01
C THR P 33 -11.36 -34.38 19.61
N GLN P 34 -10.73 -34.42 18.45
CA GLN P 34 -10.00 -35.58 17.94
C GLN P 34 -8.54 -35.19 17.71
N PRO P 35 -7.62 -36.15 17.74
CA PRO P 35 -6.23 -35.85 17.39
C PRO P 35 -6.11 -35.49 15.91
N PRO P 36 -5.31 -34.47 15.57
CA PRO P 36 -5.21 -34.10 14.14
C PRO P 36 -4.66 -35.21 13.27
N SER P 37 -3.70 -35.99 13.77
CA SER P 37 -2.99 -36.96 12.95
C SER P 37 -2.74 -38.23 13.75
N VAL P 38 -2.96 -39.37 13.10
CA VAL P 38 -2.60 -40.68 13.63
C VAL P 38 -1.92 -41.45 12.51
N SER P 39 -0.94 -42.28 12.88
CA SER P 39 -0.18 -43.00 11.87
C SER P 39 0.23 -44.36 12.39
N GLY P 40 0.38 -45.30 11.46
CA GLY P 40 0.88 -46.61 11.79
C GLY P 40 1.26 -47.35 10.52
N ALA P 41 2.12 -48.34 10.68
CA ALA P 41 2.52 -49.17 9.56
C ALA P 41 1.42 -50.17 9.24
N PRO P 42 1.44 -50.73 8.03
CA PRO P 42 0.48 -51.80 7.71
C PRO P 42 0.58 -52.92 8.73
N GLY P 43 -0.58 -53.36 9.23
CA GLY P 43 -0.64 -54.40 10.22
C GLY P 43 -0.60 -53.93 11.66
N GLN P 44 -0.31 -52.66 11.90
CA GLN P 44 -0.26 -52.11 13.24
C GLN P 44 -1.65 -51.64 13.68
N ARG P 45 -1.78 -51.40 14.98
CA ARG P 45 -3.04 -50.97 15.59
C ARG P 45 -2.94 -49.49 15.94
N VAL P 46 -3.98 -48.73 15.57
CA VAL P 46 -4.08 -47.32 15.93
C VAL P 46 -5.44 -47.08 16.55
N THR P 47 -5.51 -46.04 17.37
CA THR P 47 -6.75 -45.61 18.00
C THR P 47 -6.94 -44.12 17.81
N ILE P 48 -8.20 -43.72 17.68
CA ILE P 48 -8.58 -42.32 17.46
C ILE P 48 -9.52 -41.93 18.60
N SER P 49 -9.11 -40.93 19.38
CA SER P 49 -9.93 -40.47 20.50
C SER P 49 -10.90 -39.40 20.05
N CYS P 50 -12.01 -39.29 20.77
CA CYS P 50 -13.05 -38.31 20.50
C CYS P 50 -13.55 -37.81 21.85
N SER P 51 -13.05 -36.65 22.28
CA SER P 51 -13.31 -36.12 23.61
C SER P 51 -14.44 -35.09 23.54
N GLY P 52 -15.45 -35.28 24.39
CA GLY P 52 -16.59 -34.38 24.46
C GLY P 52 -16.85 -33.95 25.89
N SER P 53 -18.14 -33.80 26.21
CA SER P 53 -18.59 -33.38 27.53
C SER P 53 -19.70 -34.32 27.99
N ARG P 54 -20.16 -34.09 29.22
CA ARG P 54 -21.25 -34.91 29.76
C ARG P 54 -22.53 -34.75 28.95
N SER P 55 -22.77 -33.55 28.41
CA SER P 55 -24.01 -33.31 27.69
C SER P 55 -24.10 -34.12 26.40
N ASN P 56 -23.00 -34.22 25.66
CA ASN P 56 -23.05 -34.90 24.37
C ASN P 56 -22.64 -36.37 24.47
N ILE P 57 -21.34 -36.66 24.35
CA ILE P 57 -20.89 -38.05 24.32
C ILE P 57 -21.31 -38.78 25.59
N GLY P 58 -21.27 -38.08 26.72
CA GLY P 58 -21.66 -38.71 27.97
C GLY P 58 -23.13 -39.09 28.05
N SER P 59 -23.96 -38.51 27.18
CA SER P 59 -25.40 -38.72 27.24
C SER P 59 -25.99 -39.18 25.90
N ASN P 60 -25.16 -39.45 24.89
CA ASN P 60 -25.65 -39.81 23.58
C ASN P 60 -24.72 -40.85 22.95
N THR P 61 -25.24 -41.50 21.92
CA THR P 61 -24.45 -42.46 21.17
C THR P 61 -23.52 -41.73 20.20
N VAL P 62 -22.53 -42.48 19.69
CA VAL P 62 -21.49 -41.93 18.83
C VAL P 62 -21.46 -42.71 17.53
N LYS P 63 -21.28 -41.99 16.43
CA LYS P 63 -21.01 -42.57 15.13
C LYS P 63 -19.58 -42.24 14.71
N TRP P 64 -19.05 -43.06 13.80
CA TRP P 64 -17.76 -42.80 13.19
C TRP P 64 -17.89 -42.88 11.68
N TYR P 65 -17.29 -41.93 10.99
CA TYR P 65 -17.33 -41.86 9.53
C TYR P 65 -15.92 -41.90 8.97
N GLN P 66 -15.79 -42.54 7.81
CA GLN P 66 -14.56 -42.53 7.02
C GLN P 66 -14.80 -41.70 5.78
N GLN P 67 -13.87 -40.81 5.47
CA GLN P 67 -13.97 -39.96 4.28
C GLN P 67 -12.68 -40.05 3.49
N LEU P 68 -12.77 -40.54 2.27
CA LEU P 68 -11.67 -40.54 1.33
C LEU P 68 -11.64 -39.23 0.56
N PRO P 69 -10.51 -38.89 -0.06
CA PRO P 69 -10.43 -37.62 -0.80
C PRO P 69 -11.50 -37.52 -1.87
N GLY P 70 -12.21 -36.40 -1.87
CA GLY P 70 -13.16 -36.11 -2.92
C GLY P 70 -14.44 -36.92 -2.89
N THR P 71 -14.74 -37.57 -1.77
CA THR P 71 -15.95 -38.38 -1.64
C THR P 71 -16.67 -38.03 -0.35
N ALA P 72 -17.94 -38.40 -0.30
CA ALA P 72 -18.74 -38.12 0.88
C ALA P 72 -18.34 -39.05 2.02
N PRO P 73 -18.55 -38.64 3.27
CA PRO P 73 -18.25 -39.53 4.39
C PRO P 73 -19.01 -40.84 4.28
N LYS P 74 -18.42 -41.89 4.84
CA LYS P 74 -18.98 -43.23 4.82
C LYS P 74 -19.09 -43.71 6.26
N LEU P 75 -20.26 -44.25 6.61
CA LEU P 75 -20.50 -44.70 7.98
C LEU P 75 -19.67 -45.94 8.28
N LEU P 76 -18.87 -45.88 9.34
CA LEU P 76 -18.11 -47.03 9.83
C LEU P 76 -18.74 -47.63 11.07
N ILE P 77 -19.11 -46.80 12.03
CA ILE P 77 -19.64 -47.26 13.31
C ILE P 77 -20.87 -46.43 13.66
N TYR P 78 -21.89 -47.10 14.19
CA TYR P 78 -23.05 -46.42 14.76
C TYR P 78 -23.38 -47.06 16.10
N TYR P 79 -24.15 -46.34 16.91
CA TYR P 79 -24.47 -46.79 18.26
C TYR P 79 -23.20 -47.18 19.02
N ASN P 80 -22.20 -46.31 18.93
CA ASN P 80 -20.95 -46.44 19.69
C ASN P 80 -20.04 -47.53 19.14
N ASP P 81 -20.58 -48.70 18.81
CA ASP P 81 -19.73 -49.82 18.42
C ASP P 81 -20.38 -50.77 17.42
N GLN P 82 -21.47 -50.40 16.77
CA GLN P 82 -22.10 -51.28 15.79
C GLN P 82 -21.51 -51.02 14.40
N ARG P 83 -21.21 -52.10 13.69
CA ARG P 83 -20.68 -51.98 12.34
C ARG P 83 -21.77 -52.23 11.33
N PRO P 84 -21.98 -51.33 10.36
CA PRO P 84 -22.90 -51.64 9.26
C PRO P 84 -22.39 -52.82 8.45
N SER P 85 -23.29 -53.41 7.67
CA SER P 85 -22.92 -54.49 6.77
C SER P 85 -21.84 -54.01 5.80
N GLY P 86 -20.77 -54.79 5.69
CA GLY P 86 -19.70 -54.51 4.76
C GLY P 86 -18.51 -53.79 5.35
N VAL P 87 -18.58 -53.37 6.60
CA VAL P 87 -17.46 -52.71 7.27
C VAL P 87 -16.60 -53.80 7.92
N PRO P 88 -15.30 -53.86 7.63
CA PRO P 88 -14.48 -54.92 8.23
C PRO P 88 -14.43 -54.79 9.75
N ASP P 89 -14.32 -55.94 10.41
CA ASP P 89 -14.33 -55.96 11.87
C ASP P 89 -13.04 -55.42 12.48
N ARG P 90 -12.07 -55.02 11.66
CA ARG P 90 -10.88 -54.37 12.22
C ARG P 90 -11.17 -52.94 12.65
N PHE P 91 -12.33 -52.40 12.30
CA PHE P 91 -12.80 -51.12 12.83
C PHE P 91 -13.67 -51.40 14.04
N SER P 92 -13.23 -50.94 15.21
CA SER P 92 -13.94 -51.18 16.45
C SER P 92 -14.14 -49.86 17.18
N GLY P 93 -15.37 -49.62 17.65
CA GLY P 93 -15.71 -48.41 18.36
C GLY P 93 -15.96 -48.70 19.83
N SER P 94 -15.74 -47.69 20.67
CA SER P 94 -15.99 -47.81 22.09
C SER P 94 -16.31 -46.43 22.64
N LYS P 95 -16.93 -46.42 23.82
CA LYS P 95 -17.30 -45.17 24.47
C LYS P 95 -17.19 -45.37 25.97
N SER P 96 -16.73 -44.34 26.67
CA SER P 96 -16.61 -44.39 28.12
C SER P 96 -16.61 -42.98 28.65
N GLY P 97 -17.57 -42.67 29.52
CA GLY P 97 -17.63 -41.33 30.07
C GLY P 97 -17.93 -40.32 28.99
N THR P 98 -17.09 -39.29 28.91
CA THR P 98 -17.25 -38.22 27.95
C THR P 98 -16.37 -38.39 26.72
N SER P 99 -15.81 -39.58 26.50
CA SER P 99 -14.92 -39.82 25.39
C SER P 99 -15.32 -41.09 24.65
N ALA P 100 -15.08 -41.09 23.34
CA ALA P 100 -15.27 -42.25 22.49
C ALA P 100 -13.96 -42.54 21.76
N SER P 101 -13.85 -43.76 21.25
CA SER P 101 -12.61 -44.20 20.60
C SER P 101 -12.93 -45.10 19.42
N LEU P 102 -12.19 -44.90 18.33
CA LEU P 102 -12.21 -45.80 17.18
C LEU P 102 -10.85 -46.46 17.11
N ALA P 103 -10.85 -47.79 17.11
CA ALA P 103 -9.62 -48.57 16.97
C ALA P 103 -9.61 -49.24 15.60
N ILE P 104 -8.46 -49.20 14.94
CA ILE P 104 -8.24 -49.89 13.67
C ILE P 104 -7.11 -50.88 13.91
N THR P 105 -7.45 -52.17 13.99
CA THR P 105 -6.49 -53.21 14.31
C THR P 105 -6.02 -53.87 13.02
N GLY P 106 -4.77 -53.64 12.66
CA GLY P 106 -4.23 -54.19 11.42
C GLY P 106 -4.44 -53.23 10.28
N LEU P 107 -3.81 -52.06 10.36
CA LEU P 107 -3.96 -51.05 9.33
C LEU P 107 -3.67 -51.62 7.95
N GLN P 108 -4.51 -51.25 6.99
CA GLN P 108 -4.27 -51.56 5.60
C GLN P 108 -4.17 -50.24 4.83
N ALA P 109 -3.44 -50.29 3.70
CA ALA P 109 -3.21 -49.09 2.92
C ALA P 109 -4.52 -48.34 2.64
N GLU P 110 -5.58 -49.07 2.36
CA GLU P 110 -6.88 -48.47 2.06
C GLU P 110 -7.46 -47.68 3.24
N ASP P 111 -6.93 -47.89 4.45
CA ASP P 111 -7.45 -47.20 5.63
C ASP P 111 -6.93 -45.78 5.75
N GLU P 112 -5.96 -45.38 4.93
CA GLU P 112 -5.48 -44.00 4.95
C GLU P 112 -6.60 -43.08 4.52
N ALA P 113 -7.10 -42.26 5.44
CA ALA P 113 -8.26 -41.41 5.17
C ALA P 113 -8.48 -40.51 6.38
N ASP P 114 -9.50 -39.66 6.27
CA ASP P 114 -9.95 -38.84 7.38
C ASP P 114 -11.08 -39.56 8.12
N TYR P 115 -11.09 -39.43 9.44
CA TYR P 115 -12.08 -40.08 10.28
C TYR P 115 -12.73 -39.05 11.20
N TYR P 116 -14.05 -39.09 11.28
CA TYR P 116 -14.83 -38.16 12.07
C TYR P 116 -15.75 -38.93 13.01
N CYS P 117 -15.75 -38.56 14.29
CA CYS P 117 -16.79 -39.02 15.19
C CYS P 117 -17.99 -38.07 15.09
N GLN P 118 -19.16 -38.58 15.46
CA GLN P 118 -20.37 -37.78 15.43
C GLN P 118 -21.28 -38.21 16.57
N SER P 119 -21.85 -37.22 17.27
CA SER P 119 -22.76 -37.47 18.37
C SER P 119 -23.79 -36.35 18.41
N TYR P 120 -24.56 -36.29 19.50
CA TYR P 120 -25.57 -35.26 19.69
C TYR P 120 -25.32 -34.57 21.03
N ASP P 121 -25.90 -33.39 21.19
CA ASP P 121 -25.63 -32.55 22.36
C ASP P 121 -26.69 -32.65 23.45
N ARG P 122 -27.89 -33.10 23.14
CA ARG P 122 -28.98 -33.10 24.10
C ARG P 122 -29.80 -34.37 23.96
N TYR P 123 -30.70 -34.56 24.92
CA TYR P 123 -31.56 -35.73 24.93
C TYR P 123 -32.50 -35.73 23.73
N THR P 124 -32.33 -36.72 22.85
CA THR P 124 -33.14 -36.87 21.65
C THR P 124 -33.18 -35.56 20.84
N HIS P 125 -32.00 -35.04 20.53
CA HIS P 125 -31.87 -33.84 19.72
C HIS P 125 -31.29 -34.20 18.36
N PRO P 126 -31.81 -33.61 17.27
CA PRO P 126 -31.34 -34.02 15.93
C PRO P 126 -30.07 -33.33 15.46
N ALA P 127 -29.69 -32.21 16.06
CA ALA P 127 -28.50 -31.50 15.62
C ALA P 127 -27.27 -32.39 15.74
N LEU P 128 -26.48 -32.46 14.67
CA LEU P 128 -25.33 -33.33 14.63
C LEU P 128 -24.08 -32.58 15.08
N LEU P 129 -23.31 -33.20 15.96
CA LEU P 129 -22.01 -32.69 16.38
C LEU P 129 -20.94 -33.59 15.76
N PHE P 130 -20.14 -33.04 14.86
CA PHE P 130 -19.04 -33.76 14.24
C PHE P 130 -17.74 -33.41 14.93
N GLY P 131 -16.88 -34.41 15.10
CA GLY P 131 -15.56 -34.17 15.63
C GLY P 131 -14.69 -33.38 14.69
N THR P 132 -13.56 -32.91 15.23
CA THR P 132 -12.64 -32.10 14.45
C THR P 132 -11.95 -32.89 13.34
N GLY P 133 -12.00 -34.22 13.39
CA GLY P 133 -11.46 -35.04 12.32
C GLY P 133 -10.03 -35.49 12.56
N THR P 134 -9.71 -36.71 12.16
CA THR P 134 -8.37 -37.26 12.30
C THR P 134 -7.93 -37.83 10.96
N LYS P 135 -6.74 -37.44 10.51
CA LYS P 135 -6.14 -38.02 9.32
C LYS P 135 -5.29 -39.22 9.73
N VAL P 136 -5.65 -40.39 9.22
CA VAL P 136 -4.91 -41.63 9.47
C VAL P 136 -3.97 -41.86 8.31
N THR P 137 -2.68 -41.99 8.61
CA THR P 137 -1.66 -42.28 7.61
C THR P 137 -1.17 -43.70 7.81
N VAL P 138 -1.17 -44.47 6.73
CA VAL P 138 -0.57 -45.80 6.72
C VAL P 138 0.85 -45.63 6.21
N LEU P 139 1.82 -45.76 7.12
CA LEU P 139 3.21 -45.43 6.84
C LEU P 139 3.82 -46.27 5.73
N GLY P 140 4.05 -45.65 4.58
CA GLY P 140 4.71 -46.28 3.45
C GLY P 140 6.16 -45.87 3.27
N GLN P 141 6.71 -45.08 4.19
CA GLN P 141 8.09 -44.66 4.14
C GLN P 141 8.47 -44.14 5.52
N PRO P 142 9.78 -44.01 5.81
CA PRO P 142 10.18 -43.53 7.13
C PRO P 142 9.65 -42.13 7.39
N LYS P 143 9.42 -41.84 8.67
CA LYS P 143 8.98 -40.51 9.07
C LYS P 143 10.09 -39.50 8.80
N ALA P 144 9.68 -38.33 8.31
CA ALA P 144 10.63 -37.27 7.95
C ALA P 144 10.16 -35.97 8.58
N ALA P 145 11.07 -35.29 9.28
CA ALA P 145 10.75 -34.01 9.89
C ALA P 145 10.73 -32.91 8.83
N PRO P 146 9.94 -31.86 9.05
CA PRO P 146 9.83 -30.80 8.05
C PRO P 146 11.05 -29.88 8.03
N SER P 147 11.37 -29.42 6.82
CA SER P 147 12.35 -28.36 6.65
C SER P 147 11.59 -27.04 6.55
N VAL P 148 11.89 -26.12 7.48
CA VAL P 148 11.17 -24.86 7.59
C VAL P 148 12.09 -23.74 7.12
N THR P 149 11.56 -22.85 6.28
CA THR P 149 12.27 -21.66 5.83
C THR P 149 11.34 -20.47 5.99
N LEU P 150 11.76 -19.50 6.81
CA LEU P 150 10.94 -18.34 7.11
C LEU P 150 11.58 -17.10 6.47
N PHE P 151 10.84 -16.47 5.55
CA PHE P 151 11.31 -15.27 4.88
C PHE P 151 10.63 -14.03 5.44
N PRO P 152 11.35 -12.94 5.70
CA PRO P 152 10.70 -11.71 6.16
C PRO P 152 10.05 -10.98 5.00
N PRO P 153 9.28 -9.92 5.27
CA PRO P 153 8.76 -9.11 4.18
C PRO P 153 9.88 -8.41 3.42
N SER P 154 9.79 -8.46 2.09
CA SER P 154 10.80 -7.84 1.26
C SER P 154 10.67 -6.31 1.29
N SER P 155 11.76 -5.64 0.89
CA SER P 155 11.76 -4.18 0.85
C SER P 155 10.71 -3.68 -0.14
N GLU P 156 10.61 -4.30 -1.31
CA GLU P 156 9.62 -3.88 -2.30
C GLU P 156 8.21 -3.94 -1.74
N GLU P 157 7.89 -5.01 -1.00
CA GLU P 157 6.54 -5.16 -0.46
C GLU P 157 6.24 -4.08 0.58
N LEU P 158 7.18 -3.86 1.51
CA LEU P 158 6.98 -2.80 2.50
C LEU P 158 6.90 -1.43 1.84
N GLN P 159 7.61 -1.22 0.74
CA GLN P 159 7.46 0.03 0.00
C GLN P 159 6.04 0.19 -0.53
N ALA P 160 5.36 -0.92 -0.82
CA ALA P 160 3.97 -0.91 -1.22
C ALA P 160 3.01 -0.91 -0.04
N ASN P 161 3.52 -0.67 1.17
CA ASN P 161 2.69 -0.60 2.38
C ASN P 161 2.03 -1.95 2.67
N LYS P 162 2.75 -3.04 2.43
CA LYS P 162 2.27 -4.37 2.73
C LYS P 162 3.40 -5.18 3.37
N ALA P 163 3.01 -6.21 4.13
CA ALA P 163 3.98 -7.05 4.83
C ALA P 163 3.38 -8.44 5.00
N THR P 164 4.06 -9.45 4.44
CA THR P 164 3.65 -10.85 4.58
C THR P 164 4.85 -11.68 4.97
N LEU P 165 4.71 -12.46 6.03
CA LEU P 165 5.71 -13.44 6.43
C LEU P 165 5.41 -14.78 5.76
N VAL P 166 6.42 -15.35 5.12
CA VAL P 166 6.28 -16.59 4.35
C VAL P 166 7.03 -17.68 5.09
N CYS P 167 6.27 -18.67 5.60
CA CYS P 167 6.84 -19.83 6.28
C CYS P 167 6.61 -21.04 5.39
N LEU P 168 7.69 -21.57 4.82
CA LEU P 168 7.61 -22.67 3.87
C LEU P 168 8.04 -23.97 4.53
N ILE P 169 7.20 -25.00 4.40
CA ILE P 169 7.38 -26.28 5.06
C ILE P 169 7.42 -27.36 4.00
N SER P 170 8.46 -28.19 4.02
CA SER P 170 8.66 -29.17 2.95
C SER P 170 9.33 -30.42 3.49
N ASP P 171 9.18 -31.51 2.74
CA ASP P 171 9.89 -32.76 2.97
C ASP P 171 9.57 -33.36 4.34
N PHE P 172 8.28 -33.42 4.66
CA PHE P 172 7.82 -34.06 5.88
C PHE P 172 6.84 -35.17 5.56
N TYR P 173 6.82 -36.19 6.43
CA TYR P 173 5.97 -37.35 6.31
C TYR P 173 5.76 -37.90 7.72
N PRO P 174 4.52 -38.23 8.12
CA PRO P 174 3.25 -38.11 7.38
C PRO P 174 2.90 -36.67 7.05
N GLY P 175 1.96 -36.49 6.12
CA GLY P 175 1.56 -35.17 5.67
C GLY P 175 0.57 -34.49 6.59
N ALA P 176 0.99 -34.22 7.82
CA ALA P 176 0.12 -33.58 8.81
C ALA P 176 1.00 -32.72 9.72
N VAL P 177 0.74 -31.43 9.74
CA VAL P 177 1.49 -30.49 10.56
C VAL P 177 0.52 -29.47 11.14
N THR P 178 0.89 -28.91 12.28
CA THR P 178 0.18 -27.79 12.89
C THR P 178 1.14 -26.62 13.00
N VAL P 179 0.73 -25.47 12.48
CA VAL P 179 1.57 -24.28 12.42
C VAL P 179 1.07 -23.28 13.45
N ALA P 180 1.99 -22.76 14.25
CA ALA P 180 1.68 -21.74 15.24
C ALA P 180 2.62 -20.56 15.01
N TRP P 181 2.05 -19.36 14.92
CA TRP P 181 2.82 -18.14 14.73
C TRP P 181 2.97 -17.41 16.04
N LYS P 182 4.13 -16.77 16.22
CA LYS P 182 4.43 -16.03 17.43
C LYS P 182 4.94 -14.65 17.05
N ALA P 183 4.34 -13.62 17.61
CA ALA P 183 4.86 -12.26 17.53
C ALA P 183 5.70 -12.02 18.78
N ASP P 184 7.01 -11.91 18.61
CA ASP P 184 7.93 -11.95 19.73
C ASP P 184 7.73 -13.28 20.47
N SER P 185 6.98 -13.25 21.58
CA SER P 185 6.64 -14.45 22.31
C SER P 185 5.14 -14.72 22.39
N SER P 186 4.30 -13.79 21.93
CA SER P 186 2.85 -13.94 22.05
C SER P 186 2.29 -14.66 20.81
N PRO P 187 1.31 -15.54 20.98
CA PRO P 187 0.72 -16.23 19.82
C PRO P 187 -0.11 -15.29 18.98
N VAL P 188 -0.14 -15.58 17.67
CA VAL P 188 -0.89 -14.77 16.72
C VAL P 188 -2.01 -15.61 16.11
N VAL P 192 -3.18 -15.10 9.70
CA VAL P 192 -2.60 -16.41 9.41
C VAL P 192 -3.40 -17.09 8.29
N GLU P 193 -2.68 -17.58 7.29
CA GLU P 193 -3.26 -18.37 6.20
C GLU P 193 -2.33 -19.54 5.92
N THR P 194 -2.85 -20.75 6.10
CA THR P 194 -2.06 -21.98 5.99
C THR P 194 -2.69 -22.91 4.98
N THR P 195 -1.85 -23.49 4.13
CA THR P 195 -2.32 -24.47 3.15
C THR P 195 -2.41 -25.85 3.79
N THR P 196 -3.20 -26.70 3.19
CA THR P 196 -3.22 -28.10 3.60
C THR P 196 -2.02 -28.82 3.00
N PRO P 197 -1.44 -29.79 3.71
CA PRO P 197 -0.28 -30.50 3.15
C PRO P 197 -0.61 -31.10 1.79
N SER P 198 0.35 -31.00 0.87
CA SER P 198 0.22 -31.55 -0.46
C SER P 198 1.45 -32.37 -0.80
N LYS P 199 1.25 -33.49 -1.48
CA LYS P 199 2.35 -34.39 -1.78
C LYS P 199 3.26 -33.77 -2.84
N GLN P 200 4.57 -33.81 -2.58
CA GLN P 200 5.57 -33.29 -3.49
C GLN P 200 5.82 -34.30 -4.61
N SER P 201 6.74 -33.95 -5.50
CA SER P 201 7.15 -34.89 -6.54
C SER P 201 7.95 -36.05 -5.96
N ASN P 202 8.71 -35.81 -4.90
CA ASN P 202 9.45 -36.87 -4.23
C ASN P 202 8.61 -37.65 -3.23
N ASN P 203 7.29 -37.49 -3.25
CA ASN P 203 6.34 -38.24 -2.43
C ASN P 203 6.38 -37.84 -0.96
N LYS P 204 7.15 -36.83 -0.59
CA LYS P 204 7.00 -36.20 0.72
C LYS P 204 5.96 -35.09 0.60
N TYR P 205 5.67 -34.43 1.71
CA TYR P 205 4.61 -33.44 1.76
C TYR P 205 5.17 -32.06 2.00
N ALA P 206 4.45 -31.05 1.51
CA ALA P 206 4.83 -29.66 1.66
C ALA P 206 3.62 -28.83 2.05
N ALA P 207 3.88 -27.74 2.76
CA ALA P 207 2.84 -26.79 3.14
C ALA P 207 3.49 -25.43 3.31
N SER P 208 2.66 -24.39 3.27
CA SER P 208 3.11 -23.02 3.43
C SER P 208 2.13 -22.27 4.31
N SER P 209 2.65 -21.37 5.14
CA SER P 209 1.82 -20.56 6.02
C SER P 209 2.22 -19.10 5.85
N TYR P 210 1.22 -18.23 5.74
CA TYR P 210 1.44 -16.81 5.52
C TYR P 210 0.81 -16.03 6.67
N LEU P 211 1.56 -15.07 7.21
CA LEU P 211 1.07 -14.16 8.23
C LEU P 211 1.04 -12.75 7.63
N SER P 212 -0.17 -12.25 7.37
CA SER P 212 -0.33 -10.94 6.76
C SER P 212 -0.24 -9.85 7.83
N LEU P 213 0.67 -8.91 7.64
CA LEU P 213 0.89 -7.83 8.59
C LEU P 213 0.92 -6.50 7.86
N THR P 214 0.73 -5.42 8.63
CA THR P 214 0.98 -4.08 8.14
C THR P 214 2.44 -3.73 8.35
N PRO P 215 2.99 -2.80 7.56
CA PRO P 215 4.39 -2.41 7.76
C PRO P 215 4.73 -1.98 9.16
N GLU P 216 3.81 -1.34 9.88
CA GLU P 216 4.11 -0.86 11.23
C GLU P 216 4.13 -2.00 12.23
N GLN P 217 3.15 -2.91 12.17
CA GLN P 217 3.17 -4.03 13.10
C GLN P 217 4.37 -4.94 12.84
N TRP P 218 4.79 -5.09 11.58
CA TRP P 218 5.99 -5.88 11.30
C TRP P 218 7.21 -5.26 11.97
N LYS P 219 7.17 -3.96 12.22
CA LYS P 219 8.22 -3.24 12.92
C LYS P 219 7.85 -2.98 14.37
N SER P 220 6.70 -3.49 14.82
CA SER P 220 6.18 -3.31 16.16
C SER P 220 6.64 -4.39 17.13
N HIS P 221 7.33 -5.41 16.64
CA HIS P 221 7.83 -6.49 17.49
C HIS P 221 9.31 -6.76 17.21
N ARG P 222 9.98 -7.30 18.23
CA ARG P 222 11.40 -7.58 18.13
C ARG P 222 11.68 -8.76 17.22
N SER P 223 10.74 -9.70 17.13
CA SER P 223 10.95 -10.89 16.31
C SER P 223 9.61 -11.56 16.05
N TYR P 224 9.59 -12.37 14.98
CA TYR P 224 8.46 -13.23 14.66
C TYR P 224 8.97 -14.65 14.47
N SER P 225 8.16 -15.63 14.90
CA SER P 225 8.56 -17.02 14.85
C SER P 225 7.46 -17.85 14.22
N CYS P 226 7.86 -18.82 13.39
CA CYS P 226 6.96 -19.80 12.80
C CYS P 226 7.25 -21.14 13.45
N GLN P 227 6.29 -21.66 14.21
CA GLN P 227 6.42 -22.93 14.90
C GLN P 227 5.64 -24.00 14.16
N VAL P 228 6.34 -25.03 13.70
CA VAL P 228 5.76 -26.13 12.94
C VAL P 228 5.91 -27.38 13.80
N THR P 229 4.79 -27.94 14.24
CA THR P 229 4.78 -29.16 15.04
C THR P 229 4.46 -30.34 14.13
N HIS P 230 5.32 -31.35 14.15
CA HIS P 230 5.16 -32.53 13.33
C HIS P 230 5.47 -33.77 14.17
N GLU P 231 4.46 -34.62 14.36
CA GLU P 231 4.61 -35.86 15.12
C GLU P 231 5.20 -35.59 16.50
N GLY P 232 4.65 -34.58 17.18
CA GLY P 232 5.06 -34.24 18.53
C GLY P 232 6.30 -33.39 18.63
N SER P 233 7.10 -33.29 17.57
CA SER P 233 8.31 -32.49 17.57
C SER P 233 8.06 -31.17 16.86
N THR P 234 8.58 -30.09 17.43
CA THR P 234 8.39 -28.74 16.90
C THR P 234 9.67 -28.23 16.28
N VAL P 235 9.54 -27.62 15.10
CA VAL P 235 10.64 -26.96 14.41
C VAL P 235 10.28 -25.48 14.31
N GLU P 236 11.13 -24.63 14.88
CA GLU P 236 10.85 -23.20 14.99
C GLU P 236 11.84 -22.42 14.13
N LYS P 237 11.32 -21.39 13.46
CA LYS P 237 12.15 -20.47 12.69
C LYS P 237 11.78 -19.05 13.08
N THR P 238 12.78 -18.22 13.33
CA THR P 238 12.56 -16.86 13.79
C THR P 238 13.20 -15.87 12.81
N VAL P 239 12.55 -14.73 12.62
CA VAL P 239 13.04 -13.67 11.76
C VAL P 239 12.83 -12.34 12.46
N ALA P 240 13.74 -11.40 12.22
CA ALA P 240 13.70 -10.10 12.86
C ALA P 240 13.74 -9.00 11.82
N PRO P 241 13.12 -7.84 12.10
CA PRO P 241 13.18 -6.73 11.13
C PRO P 241 14.57 -6.11 11.04
#